data_4QIJ
#
_entry.id   4QIJ
#
_cell.length_a   91.498
_cell.length_b   148.315
_cell.length_c   140.999
_cell.angle_alpha   90.00
_cell.angle_beta   103.47
_cell.angle_gamma   90.00
#
_symmetry.space_group_name_H-M   'P 1 21 1'
#
loop_
_entity.id
_entity.type
_entity.pdbx_description
1 polymer '1,4-Dihydroxy-2-naphthoyl-CoA synthase'
2 non-polymer 1-hydroxy-2-naphthoyl-CoA
3 water water
#
_entity_poly.entity_id   1
_entity_poly.type   'polypeptide(L)'
_entity_poly.pdbx_seq_one_letter_code
;MGSSHHHHHHSSGLVPRGSHMVAPAGEQGRSSTALSDNPFDAKAWRLVDGFDDLTDITYHRHVDDATVRVAFNRPEVRNA
FRPHTVDELYRVLDHARMSPDVGVVLLTGNGPSPKDGGWAFCSGGDQRIRGRSGYQYASGDTADTVDVARAGRLHILEVQ
RLIRFMPKVVICLVNGWAAGGGHSLHVVCDLTLASREYARFKQTDADVGSFDGGYGSAYLARQVGQKFAREIFFLGRTYT
AEQMHQMGAVNAVAEHAELETVGLQWAAEINAKSPQAQRMLKFAFNLLDDGLVGQQLFAGEATRLAYMTDEAVEGRDAFL
QKRPPDWSPFPRYF
;
_entity_poly.pdbx_strand_id   A,B,C,D,E,F,G,H,I,J,K,L
#
# COMPACT_ATOMS: atom_id res chain seq x y z
N ALA A 34 85.87 0.84 -11.49
CA ALA A 34 85.21 0.15 -10.38
C ALA A 34 83.83 0.72 -10.07
N LEU A 35 83.68 2.05 -10.08
CA LEU A 35 82.37 2.63 -9.75
C LEU A 35 81.37 2.33 -10.85
N SER A 36 80.34 1.56 -10.52
CA SER A 36 79.35 1.17 -11.52
C SER A 36 78.36 2.29 -11.82
N ASP A 37 78.08 2.51 -13.10
CA ASP A 37 77.03 3.43 -13.48
C ASP A 37 75.67 2.75 -13.33
N ASN A 38 75.66 1.44 -13.10
CA ASN A 38 74.38 0.70 -13.01
C ASN A 38 74.03 0.21 -11.60
N PRO A 39 72.84 0.55 -11.10
CA PRO A 39 72.37 0.11 -9.78
C PRO A 39 72.11 -1.41 -9.73
N PHE A 40 71.93 -2.03 -10.89
CA PHE A 40 71.56 -3.44 -10.97
C PHE A 40 72.75 -4.36 -10.73
N ASP A 41 72.62 -5.26 -9.77
CA ASP A 41 73.66 -6.28 -9.48
C ASP A 41 73.17 -7.65 -9.97
N ALA A 42 73.62 -8.06 -11.16
CA ALA A 42 73.08 -9.26 -11.79
C ALA A 42 73.24 -10.52 -10.92
N LYS A 43 74.27 -10.56 -10.08
CA LYS A 43 74.48 -11.73 -9.22
C LYS A 43 73.43 -11.89 -8.12
N ALA A 44 72.73 -10.82 -7.79
CA ALA A 44 71.82 -10.82 -6.65
C ALA A 44 70.41 -11.28 -6.99
N TRP A 45 70.14 -11.45 -8.29
CA TRP A 45 68.77 -11.63 -8.78
C TRP A 45 68.57 -12.86 -9.68
N ARG A 46 67.41 -13.50 -9.57
CA ARG A 46 67.08 -14.61 -10.44
C ARG A 46 65.75 -14.29 -11.12
N LEU A 47 65.62 -14.70 -12.39
CA LEU A 47 64.37 -14.52 -13.12
C LEU A 47 63.27 -15.35 -12.44
N VAL A 48 62.02 -14.92 -12.61
CA VAL A 48 60.91 -15.65 -12.02
C VAL A 48 60.35 -16.58 -13.07
N ASP A 49 60.10 -17.83 -12.69
CA ASP A 49 59.56 -18.85 -13.60
C ASP A 49 58.21 -18.42 -14.18
N GLY A 50 58.04 -18.60 -15.49
CA GLY A 50 56.76 -18.33 -16.14
C GLY A 50 56.63 -16.99 -16.82
N PHE A 51 57.71 -16.23 -16.84
CA PHE A 51 57.70 -14.86 -17.34
C PHE A 51 58.71 -14.65 -18.46
N ASP A 52 58.95 -15.72 -19.20
CA ASP A 52 59.88 -15.74 -20.33
C ASP A 52 59.45 -14.83 -21.46
N ASP A 53 58.15 -14.57 -21.54
CA ASP A 53 57.58 -13.81 -22.63
C ASP A 53 57.56 -12.30 -22.41
N LEU A 54 58.05 -11.82 -21.26
CA LEU A 54 58.03 -10.38 -20.95
C LEU A 54 58.95 -9.60 -21.89
N THR A 55 58.45 -8.49 -22.42
CA THR A 55 59.22 -7.66 -23.33
C THR A 55 59.44 -6.21 -22.83
N ASP A 56 58.46 -5.62 -22.15
CA ASP A 56 58.53 -4.20 -21.74
C ASP A 56 58.91 -4.02 -20.26
N ILE A 57 58.99 -5.13 -19.54
CA ILE A 57 59.12 -5.18 -18.09
C ILE A 57 60.10 -6.30 -17.74
N THR A 58 60.93 -6.14 -16.71
CA THR A 58 61.66 -7.27 -16.16
C THR A 58 61.20 -7.58 -14.75
N TYR A 59 61.36 -8.85 -14.36
CA TYR A 59 60.84 -9.36 -13.11
C TYR A 59 61.84 -10.34 -12.52
N HIS A 60 62.43 -9.98 -11.39
CA HIS A 60 63.38 -10.86 -10.72
C HIS A 60 62.98 -11.07 -9.27
N ARG A 61 63.40 -12.21 -8.73
CA ARG A 61 63.32 -12.48 -7.31
C ARG A 61 64.74 -12.49 -6.75
N HIS A 62 64.96 -11.89 -5.60
CA HIS A 62 66.29 -11.89 -5.00
C HIS A 62 66.75 -13.30 -4.64
N VAL A 63 68.05 -13.56 -4.74
CA VAL A 63 68.53 -14.92 -4.50
C VAL A 63 68.35 -15.41 -3.06
N ASP A 64 68.35 -14.49 -2.09
CA ASP A 64 68.18 -14.85 -0.68
C ASP A 64 66.92 -14.24 -0.03
N ASP A 65 66.58 -12.99 -0.36
CA ASP A 65 65.56 -12.21 0.36
C ASP A 65 64.13 -12.37 -0.17
N ALA A 66 63.16 -12.11 0.71
CA ALA A 66 61.74 -12.10 0.33
C ALA A 66 61.38 -10.80 -0.38
N THR A 67 62.10 -10.53 -1.48
CA THR A 67 62.03 -9.25 -2.16
C THR A 67 62.10 -9.48 -3.67
N VAL A 68 61.25 -8.79 -4.43
CA VAL A 68 61.32 -8.87 -5.88
C VAL A 68 61.65 -7.51 -6.47
N ARG A 69 62.12 -7.55 -7.72
CA ARG A 69 62.48 -6.35 -8.46
C ARG A 69 61.64 -6.28 -9.73
N VAL A 70 60.87 -5.22 -9.85
CA VAL A 70 60.00 -5.06 -11.00
C VAL A 70 60.43 -3.79 -11.69
N ALA A 71 60.75 -3.87 -12.97
CA ALA A 71 61.36 -2.73 -13.65
C ALA A 71 60.86 -2.47 -15.07
N PHE A 72 60.65 -1.19 -15.39
CA PHE A 72 60.39 -0.79 -16.76
C PHE A 72 61.58 -1.11 -17.64
N ASN A 73 61.30 -1.57 -18.85
CA ASN A 73 62.36 -2.04 -19.72
C ASN A 73 62.28 -1.46 -21.12
N ARG A 74 62.02 -0.14 -21.21
CA ARG A 74 62.05 0.56 -22.49
C ARG A 74 62.93 1.81 -22.41
N PRO A 75 64.22 1.63 -22.04
CA PRO A 75 65.04 2.81 -21.75
C PRO A 75 65.29 3.69 -22.98
N GLU A 76 65.04 3.18 -24.18
CA GLU A 76 65.23 3.96 -25.40
C GLU A 76 64.23 5.11 -25.49
N VAL A 77 63.10 5.00 -24.80
CA VAL A 77 62.15 6.11 -24.70
C VAL A 77 61.93 6.52 -23.24
N ARG A 78 63.01 6.49 -22.47
CA ARG A 78 62.98 6.88 -21.06
C ARG A 78 61.94 6.08 -20.26
N ASN A 79 61.78 4.82 -20.62
CA ASN A 79 60.88 3.90 -19.94
C ASN A 79 59.42 4.38 -19.92
N ALA A 80 58.99 5.01 -21.00
CA ALA A 80 57.58 5.34 -21.22
C ALA A 80 56.75 4.06 -21.36
N PHE A 81 55.54 4.04 -20.79
CA PHE A 81 54.72 2.84 -20.91
C PHE A 81 53.65 2.97 -21.99
N ARG A 82 53.45 1.87 -22.70
CA ARG A 82 52.38 1.70 -23.66
C ARG A 82 51.41 0.71 -23.05
N PRO A 83 50.25 0.49 -23.70
CA PRO A 83 49.28 -0.42 -23.08
C PRO A 83 49.81 -1.81 -22.80
N HIS A 84 50.64 -2.35 -23.70
CA HIS A 84 51.22 -3.65 -23.43
C HIS A 84 52.13 -3.63 -22.18
N THR A 85 52.87 -2.54 -22.00
CA THR A 85 53.68 -2.38 -20.80
C THR A 85 52.80 -2.45 -19.54
N VAL A 86 51.67 -1.77 -19.60
CA VAL A 86 50.77 -1.73 -18.46
C VAL A 86 50.25 -3.14 -18.14
N ASP A 87 49.88 -3.88 -19.17
CA ASP A 87 49.39 -5.24 -18.98
C ASP A 87 50.43 -6.12 -18.29
N GLU A 88 51.68 -6.02 -18.76
CA GLU A 88 52.77 -6.81 -18.18
C GLU A 88 53.04 -6.41 -16.75
N LEU A 89 53.03 -5.11 -16.49
CA LEU A 89 53.28 -4.57 -15.15
C LEU A 89 52.22 -5.08 -14.17
N TYR A 90 50.95 -5.03 -14.60
CA TYR A 90 49.85 -5.50 -13.76
C TYR A 90 50.02 -6.99 -13.44
N ARG A 91 50.33 -7.76 -14.48
CA ARG A 91 50.52 -9.21 -14.35
C ARG A 91 51.64 -9.54 -13.36
N VAL A 92 52.77 -8.83 -13.50
CA VAL A 92 53.92 -9.06 -12.65
C VAL A 92 53.65 -8.64 -11.18
N LEU A 93 53.05 -7.47 -10.99
CA LEU A 93 52.70 -7.02 -9.64
C LEU A 93 51.65 -7.92 -8.99
N ASP A 94 50.70 -8.39 -9.78
CA ASP A 94 49.65 -9.29 -9.29
C ASP A 94 50.27 -10.63 -8.82
N HIS A 95 51.23 -11.13 -9.59
CA HIS A 95 51.95 -12.35 -9.22
C HIS A 95 52.73 -12.17 -7.91
N ALA A 96 53.39 -11.02 -7.75
CA ALA A 96 54.11 -10.70 -6.52
C ALA A 96 53.16 -10.63 -5.33
N ARG A 97 52.00 -10.03 -5.56
CA ARG A 97 50.95 -9.92 -4.55
C ARG A 97 50.55 -11.32 -4.02
N MET A 98 50.49 -12.29 -4.92
CA MET A 98 50.04 -13.63 -4.59
C MET A 98 51.17 -14.58 -4.20
N SER A 99 52.40 -14.09 -4.14
CA SER A 99 53.53 -14.95 -3.76
C SER A 99 53.76 -14.87 -2.25
N PRO A 100 53.48 -15.96 -1.53
CA PRO A 100 53.52 -15.93 -0.06
C PRO A 100 54.92 -15.67 0.49
N ASP A 101 55.95 -15.98 -0.30
CA ASP A 101 57.33 -15.81 0.15
C ASP A 101 57.94 -14.46 -0.26
N VAL A 102 57.11 -13.55 -0.73
CA VAL A 102 57.59 -12.22 -1.07
C VAL A 102 56.95 -11.19 -0.14
N GLY A 103 57.77 -10.38 0.50
CA GLY A 103 57.27 -9.36 1.41
C GLY A 103 57.32 -7.94 0.84
N VAL A 104 58.32 -7.67 -0.01
CA VAL A 104 58.53 -6.32 -0.51
C VAL A 104 58.75 -6.31 -2.02
N VAL A 105 58.18 -5.33 -2.69
CA VAL A 105 58.42 -5.13 -4.11
C VAL A 105 59.27 -3.91 -4.33
N LEU A 106 60.38 -4.06 -5.06
CA LEU A 106 61.15 -2.90 -5.50
C LEU A 106 60.76 -2.56 -6.94
N LEU A 107 60.24 -1.35 -7.14
CA LEU A 107 59.79 -0.92 -8.45
C LEU A 107 60.73 0.13 -9.03
N THR A 108 61.27 -0.13 -10.21
CA THR A 108 62.30 0.77 -10.72
C THR A 108 62.33 0.72 -12.25
N GLY A 109 63.36 1.33 -12.83
CA GLY A 109 63.52 1.34 -14.28
C GLY A 109 64.90 0.84 -14.67
N ASN A 110 64.97 0.08 -15.76
CA ASN A 110 66.24 -0.36 -16.31
C ASN A 110 66.85 0.73 -17.19
N GLY A 111 68.15 0.65 -17.40
CA GLY A 111 68.83 1.61 -18.25
C GLY A 111 70.32 1.28 -18.35
N PRO A 112 71.11 2.20 -18.92
CA PRO A 112 70.59 3.47 -19.44
C PRO A 112 70.04 3.30 -20.85
N SER A 113 69.58 4.40 -21.45
CA SER A 113 69.26 4.37 -22.87
C SER A 113 70.49 3.95 -23.66
N PRO A 114 70.35 2.95 -24.53
CA PRO A 114 71.50 2.59 -25.37
C PRO A 114 71.81 3.67 -26.39
N LYS A 115 70.88 4.59 -26.59
CA LYS A 115 71.07 5.67 -27.56
C LYS A 115 71.93 6.83 -27.03
N ASP A 116 71.67 7.31 -25.83
CA ASP A 116 72.45 8.46 -25.34
C ASP A 116 72.95 8.30 -23.90
N GLY A 117 72.78 7.12 -23.31
CA GLY A 117 73.22 6.88 -21.95
C GLY A 117 72.37 7.56 -20.89
N GLY A 118 71.22 8.11 -21.30
CA GLY A 118 70.32 8.78 -20.36
C GLY A 118 69.58 7.81 -19.45
N TRP A 119 69.40 8.19 -18.19
CA TRP A 119 68.73 7.36 -17.19
C TRP A 119 67.28 7.74 -16.90
N ALA A 120 66.42 6.74 -16.80
CA ALA A 120 65.02 7.01 -16.47
C ALA A 120 64.40 5.95 -15.54
N PHE A 121 63.59 6.41 -14.59
CA PHE A 121 62.67 5.49 -13.92
C PHE A 121 61.53 5.19 -14.89
N CYS A 122 60.79 6.24 -15.26
CA CYS A 122 59.63 6.11 -16.12
C CYS A 122 59.16 7.50 -16.57
N SER A 123 58.93 7.66 -17.88
CA SER A 123 58.52 8.97 -18.41
C SER A 123 57.02 9.02 -18.70
N GLY A 124 56.25 8.10 -18.12
CA GLY A 124 54.81 8.13 -18.27
C GLY A 124 54.31 7.50 -19.57
N GLY A 125 53.11 7.86 -19.98
CA GLY A 125 52.49 7.28 -21.16
C GLY A 125 53.28 7.56 -22.43
N ASP A 126 53.43 6.54 -23.27
CA ASP A 126 54.12 6.66 -24.54
C ASP A 126 53.33 7.56 -25.51
N GLN A 127 53.82 8.78 -25.70
CA GLN A 127 53.08 9.77 -26.48
C GLN A 127 52.91 9.36 -27.94
N ARG A 128 53.79 8.51 -28.42
CA ARG A 128 53.73 8.05 -29.81
C ARG A 128 52.44 7.32 -30.15
N ILE A 129 51.86 6.61 -29.18
CA ILE A 129 50.66 5.83 -29.48
C ILE A 129 49.46 6.38 -28.70
N ARG A 130 49.59 7.61 -28.24
CA ARG A 130 48.47 8.32 -27.62
C ARG A 130 47.54 8.88 -28.68
N GLY A 131 46.26 8.54 -28.56
CA GLY A 131 45.23 8.98 -29.47
C GLY A 131 44.15 9.73 -28.72
N ARG A 132 43.07 10.09 -29.42
CA ARG A 132 42.00 10.87 -28.81
C ARG A 132 41.23 10.07 -27.76
N SER A 133 41.26 8.73 -27.87
CA SER A 133 40.58 7.88 -26.87
C SER A 133 41.53 7.32 -25.80
N GLY A 134 42.77 7.79 -25.77
CA GLY A 134 43.76 7.32 -24.81
C GLY A 134 44.96 6.62 -25.46
N TYR A 135 45.71 5.85 -24.66
CA TYR A 135 46.89 5.13 -25.16
C TYR A 135 46.43 3.84 -25.89
N GLN A 136 46.95 3.62 -27.09
CA GLN A 136 46.44 2.57 -27.96
C GLN A 136 47.44 1.45 -28.25
N TYR A 137 46.92 0.23 -28.30
CA TYR A 137 47.70 -0.93 -28.71
C TYR A 137 48.15 -0.75 -30.16
N ALA A 138 49.40 -1.10 -30.42
CA ALA A 138 50.01 -1.01 -31.75
C ALA A 138 50.93 -2.21 -31.95
N SER A 139 51.09 -2.65 -33.18
CA SER A 139 51.97 -3.80 -33.44
C SER A 139 53.43 -3.41 -33.40
N GLY A 140 53.72 -2.15 -33.70
CA GLY A 140 55.10 -1.66 -33.67
C GLY A 140 55.27 -0.57 -32.63
N ASP A 141 56.28 0.28 -32.81
CA ASP A 141 56.60 1.30 -31.81
C ASP A 141 55.98 2.67 -32.05
N THR A 142 55.48 2.89 -33.27
CA THR A 142 55.04 4.21 -33.69
C THR A 142 53.55 4.23 -34.03
N ALA A 143 53.03 5.43 -34.21
CA ALA A 143 51.59 5.65 -34.40
C ALA A 143 50.99 4.96 -35.65
N ASP A 144 51.78 4.78 -36.69
CA ASP A 144 51.23 4.19 -37.92
C ASP A 144 50.87 2.69 -37.76
N THR A 145 51.37 2.02 -36.72
CA THR A 145 51.04 0.61 -36.53
C THR A 145 49.94 0.45 -35.48
N VAL A 146 49.30 1.55 -35.11
CA VAL A 146 48.18 1.54 -34.17
C VAL A 146 46.98 0.81 -34.75
N ASP A 147 46.39 -0.09 -33.95
CA ASP A 147 45.12 -0.71 -34.30
C ASP A 147 43.97 0.27 -34.14
N VAL A 148 43.53 0.88 -35.24
CA VAL A 148 42.51 1.92 -35.19
C VAL A 148 41.12 1.40 -34.76
N ALA A 149 40.89 0.10 -34.89
CA ALA A 149 39.60 -0.50 -34.54
C ALA A 149 39.42 -0.68 -33.03
N ARG A 150 40.48 -0.44 -32.28
CA ARG A 150 40.54 -0.74 -30.86
C ARG A 150 40.68 0.55 -30.06
N ALA A 151 39.72 0.80 -29.17
CA ALA A 151 39.71 2.03 -28.38
C ALA A 151 40.91 2.12 -27.45
N GLY A 152 41.32 3.34 -27.16
CA GLY A 152 42.43 3.60 -26.26
C GLY A 152 42.07 3.38 -24.80
N ARG A 153 43.08 3.25 -23.95
CA ARG A 153 42.86 3.03 -22.53
C ARG A 153 43.77 3.91 -21.67
N LEU A 154 43.40 4.08 -20.41
CA LEU A 154 44.21 4.82 -19.46
C LEU A 154 44.46 3.93 -18.24
N HIS A 155 44.74 2.66 -18.45
CA HIS A 155 44.64 1.72 -17.34
C HIS A 155 45.94 1.56 -16.51
N ILE A 156 46.87 2.52 -16.62
CA ILE A 156 47.89 2.63 -15.58
C ILE A 156 47.17 2.88 -14.24
N LEU A 157 45.95 3.42 -14.31
CA LEU A 157 45.14 3.62 -13.11
C LEU A 157 44.88 2.30 -12.38
N GLU A 158 44.74 1.21 -13.14
CA GLU A 158 44.56 -0.11 -12.55
C GLU A 158 45.85 -0.59 -11.86
N VAL A 159 46.99 -0.24 -12.43
CA VAL A 159 48.24 -0.56 -11.75
C VAL A 159 48.39 0.27 -10.47
N GLN A 160 48.02 1.54 -10.52
CA GLN A 160 48.05 2.37 -9.31
C GLN A 160 47.25 1.76 -8.15
N ARG A 161 46.03 1.29 -8.42
CA ARG A 161 45.19 0.69 -7.38
C ARG A 161 45.79 -0.64 -6.88
N LEU A 162 46.40 -1.40 -7.79
CA LEU A 162 47.04 -2.66 -7.42
C LEU A 162 48.17 -2.42 -6.42
N ILE A 163 48.98 -1.40 -6.69
CA ILE A 163 50.06 -1.02 -5.78
C ILE A 163 49.49 -0.56 -4.45
N ARG A 164 48.45 0.27 -4.54
CA ARG A 164 47.80 0.83 -3.37
C ARG A 164 47.18 -0.25 -2.49
N PHE A 165 46.51 -1.22 -3.12
CA PHE A 165 45.70 -2.18 -2.37
C PHE A 165 46.45 -3.45 -1.99
N MET A 166 47.65 -3.65 -2.52
CA MET A 166 48.27 -4.94 -2.23
C MET A 166 48.85 -4.88 -0.80
N PRO A 167 48.72 -5.99 -0.06
CA PRO A 167 49.06 -6.04 1.36
C PRO A 167 50.56 -6.19 1.61
N LYS A 168 51.37 -5.53 0.79
CA LYS A 168 52.83 -5.60 0.88
C LYS A 168 53.38 -4.23 0.58
N VAL A 169 54.54 -3.92 1.13
CA VAL A 169 55.14 -2.61 0.92
C VAL A 169 55.76 -2.55 -0.47
N VAL A 170 55.42 -1.49 -1.21
CA VAL A 170 56.04 -1.27 -2.51
C VAL A 170 56.96 -0.05 -2.40
N ILE A 171 58.24 -0.28 -2.68
CA ILE A 171 59.23 0.79 -2.63
C ILE A 171 59.61 1.17 -4.05
N CYS A 172 59.47 2.46 -4.37
CA CYS A 172 59.91 2.96 -5.67
C CYS A 172 61.39 3.38 -5.63
N LEU A 173 62.18 2.84 -6.54
CA LEU A 173 63.58 3.27 -6.65
C LEU A 173 63.72 4.17 -7.87
N VAL A 174 63.75 5.47 -7.64
CA VAL A 174 63.83 6.42 -8.73
C VAL A 174 65.28 6.59 -9.14
N ASN A 175 65.64 5.93 -10.23
CA ASN A 175 67.01 5.81 -10.70
C ASN A 175 67.34 6.78 -11.82
N GLY A 176 66.39 7.67 -12.15
CA GLY A 176 66.56 8.59 -13.25
C GLY A 176 65.35 9.48 -13.35
N TRP A 177 65.04 9.97 -14.55
CA TRP A 177 63.84 10.78 -14.78
C TRP A 177 62.58 10.08 -14.27
N ALA A 178 61.75 10.83 -13.56
CA ALA A 178 60.40 10.39 -13.20
C ALA A 178 59.46 11.50 -13.61
N ALA A 179 58.76 11.30 -14.72
CA ALA A 179 58.00 12.37 -15.33
C ALA A 179 56.60 11.92 -15.70
N GLY A 180 55.65 12.85 -15.68
CA GLY A 180 54.27 12.53 -16.03
C GLY A 180 53.73 11.38 -15.22
N GLY A 181 53.15 10.40 -15.91
CA GLY A 181 52.63 9.19 -15.30
C GLY A 181 53.69 8.42 -14.52
N GLY A 182 54.95 8.62 -14.90
CA GLY A 182 56.07 8.03 -14.18
C GLY A 182 56.22 8.67 -12.83
N HIS A 183 56.04 10.00 -12.78
CA HIS A 183 56.06 10.70 -11.50
C HIS A 183 54.92 10.23 -10.59
N SER A 184 53.74 10.03 -11.17
CA SER A 184 52.57 9.61 -10.37
C SER A 184 52.68 8.18 -9.81
N LEU A 185 53.35 7.29 -10.53
CA LEU A 185 53.59 5.93 -10.02
C LEU A 185 54.44 5.97 -8.76
N HIS A 186 55.48 6.79 -8.81
CA HIS A 186 56.30 7.05 -7.64
C HIS A 186 55.47 7.58 -6.47
N VAL A 187 54.55 8.50 -6.75
CA VAL A 187 53.75 9.11 -5.71
C VAL A 187 52.91 8.06 -4.97
N VAL A 188 52.36 7.11 -5.70
CA VAL A 188 51.43 6.16 -5.10
C VAL A 188 52.14 5.01 -4.36
N CYS A 189 53.42 4.77 -4.62
CA CYS A 189 54.17 3.77 -3.86
C CYS A 189 54.26 4.14 -2.38
N ASP A 190 54.41 3.13 -1.52
CA ASP A 190 54.46 3.38 -0.08
C ASP A 190 55.68 4.18 0.32
N LEU A 191 56.83 3.86 -0.31
CA LEU A 191 58.09 4.51 0.01
C LEU A 191 58.83 4.81 -1.30
N THR A 192 59.67 5.84 -1.31
CA THR A 192 60.50 6.19 -2.46
C THR A 192 61.94 6.46 -2.02
N LEU A 193 62.88 5.77 -2.67
CA LEU A 193 64.31 6.06 -2.56
C LEU A 193 64.77 6.58 -3.91
N ALA A 194 65.69 7.54 -3.92
CA ALA A 194 66.05 8.21 -5.17
C ALA A 194 67.55 8.34 -5.36
N SER A 195 68.00 8.18 -6.60
CA SER A 195 69.40 8.31 -6.98
C SER A 195 69.88 9.77 -6.89
N ARG A 196 70.91 10.02 -6.07
CA ARG A 196 71.43 11.38 -5.93
C ARG A 196 71.80 12.01 -7.28
N GLU A 197 72.56 11.28 -8.09
CA GLU A 197 73.12 11.83 -9.31
C GLU A 197 72.10 11.93 -10.44
N TYR A 198 71.21 10.94 -10.54
CA TYR A 198 70.37 10.82 -11.71
C TYR A 198 68.86 11.02 -11.52
N ALA A 199 68.34 10.97 -10.30
CA ALA A 199 66.91 11.20 -10.12
C ALA A 199 66.59 12.63 -10.53
N ARG A 200 65.53 12.77 -11.32
CA ARG A 200 65.01 14.08 -11.71
C ARG A 200 63.50 13.95 -11.71
N PHE A 201 62.83 14.73 -10.87
CA PHE A 201 61.38 14.69 -10.77
C PHE A 201 60.77 15.85 -11.53
N LYS A 202 59.88 15.55 -12.48
CA LYS A 202 59.30 16.61 -13.28
C LYS A 202 57.90 16.22 -13.67
N GLN A 203 56.92 16.93 -13.11
CA GLN A 203 55.53 16.62 -13.45
C GLN A 203 55.14 17.38 -14.70
N THR A 204 55.26 16.72 -15.86
CA THR A 204 55.05 17.36 -17.15
C THR A 204 53.62 17.27 -17.73
N ASP A 205 52.68 16.68 -16.98
CA ASP A 205 51.31 16.47 -17.44
C ASP A 205 50.73 17.65 -18.23
N ALA A 206 50.72 18.81 -17.61
CA ALA A 206 50.07 19.96 -18.21
C ALA A 206 50.83 20.47 -19.45
N ASP A 207 52.10 20.08 -19.59
CA ASP A 207 52.86 20.47 -20.78
C ASP A 207 52.32 19.84 -22.04
N VAL A 208 51.80 18.62 -21.90
CA VAL A 208 51.31 17.89 -23.06
C VAL A 208 49.79 17.76 -23.01
N GLY A 209 49.16 18.65 -22.25
CA GLY A 209 47.69 18.71 -22.20
C GLY A 209 47.02 17.59 -21.40
N SER A 210 47.80 16.90 -20.58
CA SER A 210 47.25 15.83 -19.77
C SER A 210 47.17 16.24 -18.31
N PHE A 211 46.54 15.39 -17.50
CA PHE A 211 46.55 15.59 -16.05
C PHE A 211 46.19 14.30 -15.33
N ASP A 212 46.90 14.02 -14.25
CA ASP A 212 46.51 12.97 -13.33
C ASP A 212 45.77 13.66 -12.20
N GLY A 213 44.44 13.55 -12.22
CA GLY A 213 43.60 14.21 -11.24
C GLY A 213 43.28 13.31 -10.06
N GLY A 214 44.00 12.20 -9.93
CA GLY A 214 43.76 11.28 -8.84
C GLY A 214 44.88 11.22 -7.83
N TYR A 215 45.53 10.06 -7.73
CA TYR A 215 46.65 9.89 -6.81
C TYR A 215 47.86 10.74 -7.19
N GLY A 216 48.06 10.98 -8.47
CA GLY A 216 49.22 11.73 -8.92
C GLY A 216 49.31 13.11 -8.32
N SER A 217 48.16 13.73 -8.12
CA SER A 217 48.10 15.11 -7.65
C SER A 217 47.58 15.21 -6.22
N ALA A 218 46.36 14.76 -5.98
CA ALA A 218 45.74 14.88 -4.65
C ALA A 218 46.52 14.11 -3.59
N TYR A 219 47.04 12.93 -3.93
CA TYR A 219 47.77 12.15 -2.94
C TYR A 219 49.18 12.71 -2.73
N LEU A 220 49.77 13.29 -3.78
CA LEU A 220 51.02 14.02 -3.61
C LEU A 220 50.88 15.13 -2.53
N ALA A 221 49.73 15.81 -2.53
CA ALA A 221 49.46 16.83 -1.52
C ALA A 221 49.47 16.28 -0.08
N ARG A 222 49.23 14.99 0.08
CA ARG A 222 49.23 14.38 1.40
C ARG A 222 50.62 13.89 1.78
N GLN A 223 51.60 14.23 0.95
CA GLN A 223 52.99 13.96 1.23
C GLN A 223 53.78 15.25 1.45
N VAL A 224 53.63 16.22 0.56
CA VAL A 224 54.43 17.44 0.62
C VAL A 224 53.62 18.67 0.97
N GLY A 225 52.31 18.49 1.17
CA GLY A 225 51.42 19.61 1.45
C GLY A 225 50.88 20.25 0.18
N GLN A 226 49.77 20.99 0.32
CA GLN A 226 49.08 21.54 -0.83
C GLN A 226 49.87 22.58 -1.61
N LYS A 227 50.66 23.41 -0.93
CA LYS A 227 51.41 24.45 -1.64
C LYS A 227 52.46 23.84 -2.57
N PHE A 228 53.31 22.95 -2.04
CA PHE A 228 54.35 22.29 -2.85
C PHE A 228 53.73 21.41 -3.94
N ALA A 229 52.64 20.75 -3.62
CA ALA A 229 52.02 19.86 -4.61
C ALA A 229 51.49 20.66 -5.79
N ARG A 230 50.85 21.79 -5.49
CA ARG A 230 50.34 22.64 -6.56
C ARG A 230 51.50 23.21 -7.38
N GLU A 231 52.58 23.62 -6.72
CA GLU A 231 53.77 24.13 -7.42
C GLU A 231 54.35 23.09 -8.40
N ILE A 232 54.46 21.86 -7.94
CA ILE A 232 55.04 20.78 -8.74
C ILE A 232 54.28 20.59 -10.06
N PHE A 233 52.95 20.63 -9.97
CA PHE A 233 52.08 20.45 -11.15
C PHE A 233 51.90 21.72 -11.98
N PHE A 234 51.66 22.86 -11.34
CA PHE A 234 51.34 24.08 -12.07
C PHE A 234 52.55 24.61 -12.84
N LEU A 235 53.76 24.42 -12.30
CA LEU A 235 54.97 24.92 -12.97
C LEU A 235 55.76 23.83 -13.68
N GLY A 236 55.63 22.58 -13.24
CA GLY A 236 56.30 21.50 -13.92
C GLY A 236 57.81 21.64 -14.00
N ARG A 237 58.42 22.19 -12.95
CA ARG A 237 59.86 22.31 -12.88
C ARG A 237 60.50 20.94 -12.60
N THR A 238 61.80 20.86 -12.84
CA THR A 238 62.57 19.66 -12.54
C THR A 238 63.13 19.76 -11.11
N TYR A 239 62.94 18.72 -10.30
CA TYR A 239 63.46 18.73 -8.93
C TYR A 239 64.50 17.63 -8.72
N THR A 240 65.49 17.88 -7.87
CA THR A 240 66.48 16.88 -7.53
C THR A 240 65.94 15.94 -6.45
N ALA A 241 66.66 14.84 -6.21
CA ALA A 241 66.32 13.90 -5.14
C ALA A 241 66.28 14.62 -3.80
N GLU A 242 67.29 15.45 -3.56
CA GLU A 242 67.40 16.16 -2.29
C GLU A 242 66.23 17.15 -2.10
N GLN A 243 65.86 17.85 -3.16
CA GLN A 243 64.71 18.76 -3.07
C GLN A 243 63.39 18.05 -2.76
N MET A 244 63.15 16.93 -3.45
CA MET A 244 61.94 16.15 -3.19
C MET A 244 61.95 15.54 -1.80
N HIS A 245 63.14 15.19 -1.34
CA HIS A 245 63.30 14.69 0.03
C HIS A 245 62.96 15.77 1.05
N GLN A 246 63.47 16.98 0.82
CA GLN A 246 63.16 18.13 1.69
C GLN A 246 61.66 18.44 1.73
N MET A 247 60.99 18.26 0.59
CA MET A 247 59.55 18.54 0.54
C MET A 247 58.69 17.41 1.16
N GLY A 248 59.22 16.19 1.19
CA GLY A 248 58.54 15.07 1.83
C GLY A 248 58.03 13.94 0.93
N ALA A 249 58.42 13.94 -0.35
CA ALA A 249 57.95 12.90 -1.26
C ALA A 249 58.97 11.79 -1.48
N VAL A 250 60.19 12.02 -1.05
CA VAL A 250 61.25 11.04 -1.16
C VAL A 250 61.77 10.73 0.24
N ASN A 251 61.78 9.46 0.59
CA ASN A 251 62.17 9.04 1.92
C ASN A 251 63.65 9.19 2.19
N ALA A 252 64.47 8.82 1.21
CA ALA A 252 65.91 8.94 1.35
C ALA A 252 66.60 9.06 0.00
N VAL A 253 67.78 9.68 0.01
CA VAL A 253 68.63 9.80 -1.15
C VAL A 253 69.76 8.77 -1.02
N ALA A 254 70.09 8.09 -2.12
CA ALA A 254 71.19 7.14 -2.14
C ALA A 254 72.09 7.39 -3.35
N GLU A 255 73.36 6.98 -3.24
CA GLU A 255 74.25 6.97 -4.39
C GLU A 255 73.69 6.06 -5.46
N HIS A 256 73.76 6.51 -6.72
CA HIS A 256 73.23 5.74 -7.86
C HIS A 256 73.70 4.26 -7.84
N ALA A 257 74.99 4.03 -7.72
CA ALA A 257 75.51 2.65 -7.72
C ALA A 257 74.95 1.82 -6.56
N GLU A 258 74.54 2.48 -5.48
CA GLU A 258 74.03 1.79 -4.30
C GLU A 258 72.50 1.80 -4.16
N LEU A 259 71.78 2.32 -5.15
CA LEU A 259 70.34 2.53 -4.99
C LEU A 259 69.58 1.24 -4.67
N GLU A 260 69.91 0.14 -5.37
CA GLU A 260 69.19 -1.11 -5.16
C GLU A 260 69.68 -1.84 -3.91
N THR A 261 70.97 -1.68 -3.61
CA THR A 261 71.53 -2.16 -2.35
C THR A 261 70.82 -1.52 -1.16
N VAL A 262 70.61 -0.21 -1.22
CA VAL A 262 69.86 0.45 -0.16
C VAL A 262 68.41 -0.01 -0.21
N GLY A 263 67.86 -0.16 -1.41
CA GLY A 263 66.51 -0.69 -1.52
C GLY A 263 66.37 -2.04 -0.82
N LEU A 264 67.35 -2.91 -1.03
CA LEU A 264 67.34 -4.23 -0.42
C LEU A 264 67.47 -4.15 1.11
N GLN A 265 68.26 -3.18 1.60
CA GLN A 265 68.41 -2.99 3.04
C GLN A 265 67.09 -2.55 3.68
N TRP A 266 66.40 -1.60 3.04
CA TRP A 266 65.09 -1.16 3.51
C TRP A 266 64.09 -2.32 3.51
N ALA A 267 64.06 -3.10 2.44
CA ALA A 267 63.17 -4.28 2.36
C ALA A 267 63.45 -5.29 3.48
N ALA A 268 64.72 -5.51 3.76
CA ALA A 268 65.11 -6.45 4.81
C ALA A 268 64.63 -5.97 6.18
N GLU A 269 64.69 -4.66 6.43
CA GLU A 269 64.19 -4.14 7.70
C GLU A 269 62.68 -4.32 7.79
N ILE A 270 62.00 -4.10 6.67
CA ILE A 270 60.57 -4.32 6.62
C ILE A 270 60.21 -5.79 6.80
N ASN A 271 60.96 -6.66 6.15
CA ASN A 271 60.68 -8.10 6.17
C ASN A 271 61.04 -8.77 7.49
N ALA A 272 61.74 -8.04 8.37
CA ALA A 272 62.14 -8.57 9.69
C ALA A 272 61.09 -8.30 10.80
N LYS A 273 59.99 -7.64 10.46
CA LYS A 273 58.94 -7.36 11.45
C LYS A 273 57.77 -8.32 11.29
N SER A 274 56.82 -8.25 12.21
CA SER A 274 55.60 -9.05 12.13
C SER A 274 54.90 -8.77 10.80
N PRO A 275 54.81 -9.79 9.93
CA PRO A 275 54.13 -9.61 8.63
C PRO A 275 52.66 -9.24 8.80
N GLN A 276 52.00 -9.85 9.78
CA GLN A 276 50.63 -9.50 10.10
C GLN A 276 50.48 -8.02 10.50
N ALA A 277 51.38 -7.52 11.34
CA ALA A 277 51.30 -6.11 11.75
C ALA A 277 51.57 -5.16 10.59
N GLN A 278 52.55 -5.51 9.75
CA GLN A 278 52.90 -4.67 8.61
C GLN A 278 51.73 -4.54 7.66
N ARG A 279 51.03 -5.64 7.43
CA ARG A 279 49.84 -5.67 6.58
C ARG A 279 48.74 -4.72 7.10
N MET A 280 48.40 -4.87 8.38
CA MET A 280 47.37 -4.03 9.00
C MET A 280 47.78 -2.57 8.93
N LEU A 281 49.06 -2.29 9.14
CA LEU A 281 49.54 -0.92 9.15
C LEU A 281 49.37 -0.25 7.77
N LYS A 282 49.67 -0.96 6.69
CA LYS A 282 49.51 -0.34 5.36
C LYS A 282 48.05 0.07 5.10
N PHE A 283 47.13 -0.83 5.40
CA PHE A 283 45.72 -0.52 5.21
C PHE A 283 45.25 0.53 6.23
N ALA A 284 45.89 0.60 7.39
CA ALA A 284 45.55 1.68 8.33
C ALA A 284 45.94 3.05 7.76
N PHE A 285 47.10 3.13 7.11
CA PHE A 285 47.54 4.38 6.47
C PHE A 285 46.65 4.77 5.28
N ASN A 286 46.15 3.76 4.56
CA ASN A 286 45.28 3.99 3.40
C ASN A 286 43.87 4.43 3.76
N LEU A 287 43.40 3.96 4.90
CA LEU A 287 41.96 3.82 5.18
C LEU A 287 41.14 5.07 4.88
N LEU A 288 41.32 6.12 5.66
CA LEU A 288 40.44 7.28 5.58
C LEU A 288 40.56 8.00 4.24
N ASP A 289 41.79 8.11 3.74
CA ASP A 289 42.04 8.72 2.44
C ASP A 289 41.26 7.99 1.33
N ASP A 290 41.06 6.69 1.48
CA ASP A 290 40.37 5.89 0.46
C ASP A 290 38.89 5.62 0.77
N GLY A 291 38.31 6.33 1.76
CA GLY A 291 36.88 6.21 2.05
C GLY A 291 36.42 4.78 2.29
N LEU A 292 35.30 4.39 1.70
CA LEU A 292 34.73 3.05 1.84
C LEU A 292 35.66 1.97 1.31
N VAL A 293 36.46 2.31 0.31
CA VAL A 293 37.40 1.34 -0.25
C VAL A 293 38.47 1.03 0.81
N GLY A 294 38.99 2.09 1.42
CA GLY A 294 39.93 1.97 2.52
C GLY A 294 39.35 1.17 3.69
N GLN A 295 38.11 1.49 4.06
CA GLN A 295 37.45 0.74 5.13
C GLN A 295 37.27 -0.70 4.72
N GLN A 296 36.85 -0.93 3.48
CA GLN A 296 36.69 -2.29 3.00
C GLN A 296 37.98 -3.12 3.16
N LEU A 297 39.12 -2.55 2.77
CA LEU A 297 40.38 -3.29 2.82
C LEU A 297 40.84 -3.54 4.25
N PHE A 298 40.78 -2.52 5.09
CA PHE A 298 41.21 -2.70 6.47
C PHE A 298 40.25 -3.64 7.21
N ALA A 299 38.94 -3.45 7.02
CA ALA A 299 37.95 -4.30 7.69
C ALA A 299 38.04 -5.77 7.25
N GLY A 300 38.41 -5.98 5.99
CA GLY A 300 38.58 -7.32 5.45
C GLY A 300 39.64 -8.07 6.22
N GLU A 301 40.74 -7.40 6.51
CA GLU A 301 41.81 -8.00 7.30
C GLU A 301 41.36 -8.24 8.72
N ALA A 302 40.52 -7.35 9.26
CA ALA A 302 39.98 -7.57 10.62
C ALA A 302 39.08 -8.80 10.63
N THR A 303 38.31 -9.00 9.57
CA THR A 303 37.49 -10.20 9.45
C THR A 303 38.33 -11.49 9.44
N ARG A 304 39.45 -11.48 8.71
CA ARG A 304 40.35 -12.64 8.70
C ARG A 304 40.87 -12.92 10.10
N LEU A 305 41.23 -11.88 10.84
CA LEU A 305 41.69 -12.04 12.22
C LEU A 305 40.60 -12.66 13.07
N ALA A 306 39.35 -12.23 12.87
CA ALA A 306 38.25 -12.78 13.65
C ALA A 306 38.04 -14.27 13.33
N TYR A 307 38.23 -14.64 12.06
CA TYR A 307 38.07 -16.02 11.61
C TYR A 307 39.04 -16.99 12.28
N MET A 308 40.15 -16.46 12.77
CA MET A 308 41.17 -17.28 13.44
C MET A 308 40.73 -17.71 14.84
N THR A 309 39.73 -17.01 15.39
CA THR A 309 39.34 -17.19 16.79
C THR A 309 38.42 -18.40 17.00
N ASP A 310 38.47 -18.97 18.20
CA ASP A 310 37.58 -20.03 18.60
C ASP A 310 36.12 -19.61 18.48
N GLU A 311 35.85 -18.34 18.77
CA GLU A 311 34.49 -17.82 18.69
C GLU A 311 33.93 -17.94 17.27
N ALA A 312 34.72 -17.55 16.28
CA ALA A 312 34.26 -17.64 14.90
C ALA A 312 34.06 -19.10 14.48
N VAL A 313 34.95 -19.96 14.95
CA VAL A 313 34.86 -21.38 14.63
C VAL A 313 33.59 -21.98 15.27
N GLU A 314 33.24 -21.51 16.45
CA GLU A 314 32.00 -21.95 17.07
C GLU A 314 30.80 -21.55 16.21
N GLY A 315 30.86 -20.35 15.61
CA GLY A 315 29.83 -19.91 14.69
C GLY A 315 29.69 -20.80 13.46
N ARG A 316 30.81 -21.13 12.84
CA ARG A 316 30.83 -22.01 11.69
C ARG A 316 30.30 -23.40 12.05
N ASP A 317 30.84 -23.98 13.13
CA ASP A 317 30.48 -25.34 13.53
C ASP A 317 29.00 -25.46 13.88
N ALA A 318 28.47 -24.47 14.58
CA ALA A 318 27.06 -24.51 14.97
C ALA A 318 26.19 -24.52 13.70
N PHE A 319 26.52 -23.71 12.71
CA PHE A 319 25.74 -23.72 11.48
C PHE A 319 25.83 -25.09 10.79
N LEU A 320 27.04 -25.63 10.67
CA LEU A 320 27.24 -26.91 9.98
C LEU A 320 26.56 -28.06 10.72
N GLN A 321 26.54 -27.98 12.06
CA GLN A 321 25.94 -29.04 12.85
C GLN A 321 24.47 -28.77 13.10
N LYS A 322 23.95 -27.70 12.51
CA LYS A 322 22.54 -27.33 12.61
C LYS A 322 22.03 -27.27 14.05
N ARG A 323 22.76 -26.55 14.88
CA ARG A 323 22.40 -26.36 16.29
C ARG A 323 22.63 -24.90 16.64
N PRO A 324 22.02 -24.41 17.73
CA PRO A 324 22.32 -23.03 18.14
C PRO A 324 23.77 -22.88 18.63
N PRO A 325 24.39 -21.75 18.31
CA PRO A 325 25.75 -21.47 18.79
C PRO A 325 25.75 -21.20 20.28
N ASP A 326 26.85 -21.53 20.94
CA ASP A 326 27.02 -21.23 22.36
C ASP A 326 28.12 -20.19 22.53
N TRP A 327 27.74 -18.96 22.85
CA TRP A 327 28.72 -17.88 22.96
C TRP A 327 29.23 -17.70 24.40
N SER A 328 28.72 -18.52 25.33
CA SER A 328 29.04 -18.32 26.74
C SER A 328 30.55 -18.39 27.10
N PRO A 329 31.37 -19.19 26.36
CA PRO A 329 32.78 -19.12 26.71
C PRO A 329 33.50 -17.82 26.29
N PHE A 330 32.85 -16.94 25.54
CA PHE A 330 33.55 -15.79 24.93
C PHE A 330 33.14 -14.46 25.54
N PRO A 331 34.08 -13.85 26.27
CA PRO A 331 33.86 -12.61 27.03
C PRO A 331 33.61 -11.40 26.16
N ARG A 332 32.79 -10.49 26.67
CA ARG A 332 32.65 -9.19 26.07
C ARG A 332 33.84 -8.34 26.50
N TYR A 333 34.57 -7.78 25.55
CA TYR A 333 35.66 -6.88 25.88
C TYR A 333 35.21 -5.43 25.79
N PHE A 334 35.87 -4.55 26.54
CA PHE A 334 35.63 -3.13 26.46
C PHE A 334 36.92 -2.33 26.62
N ALA B 34 70.15 52.65 -6.63
CA ALA B 34 69.72 51.71 -7.66
C ALA B 34 68.82 50.61 -7.07
N LEU B 35 69.16 50.10 -5.87
CA LEU B 35 68.33 49.02 -5.28
C LEU B 35 66.99 49.58 -4.83
N SER B 36 65.92 49.12 -5.48
CA SER B 36 64.61 49.64 -5.14
C SER B 36 64.08 49.01 -3.86
N ASP B 37 63.53 49.84 -2.97
CA ASP B 37 62.83 49.34 -1.81
C ASP B 37 61.43 48.85 -2.19
N ASN B 38 61.01 49.15 -3.42
CA ASN B 38 59.66 48.80 -3.88
C ASN B 38 59.63 47.69 -4.96
N PRO B 39 58.85 46.61 -4.72
CA PRO B 39 58.73 45.53 -5.71
C PRO B 39 57.99 45.97 -6.99
N PHE B 40 57.23 47.05 -6.90
CA PHE B 40 56.37 47.47 -8.00
C PHE B 40 57.13 48.19 -9.11
N ASP B 41 57.02 47.66 -10.33
CA ASP B 41 57.61 48.25 -11.51
C ASP B 41 56.51 48.89 -12.36
N ALA B 42 56.34 50.21 -12.21
CA ALA B 42 55.22 50.89 -12.82
C ALA B 42 55.17 50.76 -14.36
N LYS B 43 56.34 50.63 -14.99
CA LYS B 43 56.39 50.54 -16.45
C LYS B 43 55.82 49.22 -16.96
N ALA B 44 55.69 48.22 -16.09
CA ALA B 44 55.27 46.89 -16.53
C ALA B 44 53.76 46.70 -16.49
N TRP B 45 53.05 47.65 -15.90
CA TRP B 45 51.65 47.46 -15.55
C TRP B 45 50.77 48.58 -16.07
N ARG B 46 49.54 48.26 -16.45
CA ARG B 46 48.57 49.27 -16.88
C ARG B 46 47.31 49.13 -16.05
N LEU B 47 46.64 50.24 -15.76
CA LEU B 47 45.38 50.21 -15.03
C LEU B 47 44.31 49.50 -15.86
N VAL B 48 43.32 48.90 -15.21
CA VAL B 48 42.28 48.19 -15.96
C VAL B 48 41.08 49.10 -16.11
N ASP B 49 40.52 49.13 -17.31
CA ASP B 49 39.36 49.97 -17.63
C ASP B 49 38.15 49.69 -16.75
N GLY B 50 37.51 50.76 -16.29
CA GLY B 50 36.27 50.62 -15.55
C GLY B 50 36.46 50.63 -14.03
N PHE B 51 37.70 50.83 -13.59
CA PHE B 51 38.03 50.67 -12.18
C PHE B 51 38.54 51.98 -11.59
N ASP B 52 37.99 53.05 -12.18
CA ASP B 52 38.03 54.46 -11.75
C ASP B 52 38.18 54.68 -10.28
N ASP B 53 37.10 54.19 -9.66
CA ASP B 53 36.63 54.47 -8.33
C ASP B 53 37.24 53.66 -7.21
N LEU B 54 38.20 52.79 -7.53
CA LEU B 54 38.83 51.98 -6.50
C LEU B 54 39.59 52.88 -5.52
N THR B 55 39.40 52.66 -4.22
CA THR B 55 40.09 53.44 -3.19
C THR B 55 40.99 52.60 -2.28
N ASP B 56 40.55 51.37 -1.96
CA ASP B 56 41.26 50.55 -0.98
C ASP B 56 42.14 49.49 -1.65
N ILE B 57 42.03 49.39 -2.96
CA ILE B 57 42.62 48.30 -3.74
C ILE B 57 43.16 48.86 -5.05
N THR B 58 44.28 48.33 -5.56
CA THR B 58 44.67 48.63 -6.94
C THR B 58 44.61 47.40 -7.84
N TYR B 59 44.42 47.64 -9.14
CA TYR B 59 44.15 46.60 -10.11
C TYR B 59 44.87 46.94 -11.40
N HIS B 60 45.87 46.14 -11.76
CA HIS B 60 46.60 46.36 -13.00
C HIS B 60 46.63 45.09 -13.86
N ARG B 61 46.76 45.29 -15.16
CA ARG B 61 47.02 44.21 -16.08
C ARG B 61 48.46 44.38 -16.59
N HIS B 62 49.21 43.28 -16.70
CA HIS B 62 50.59 43.39 -17.21
C HIS B 62 50.56 43.88 -18.67
N VAL B 63 51.59 44.62 -19.08
CA VAL B 63 51.60 45.18 -20.43
C VAL B 63 51.72 44.11 -21.53
N ASP B 64 52.35 42.98 -21.22
CA ASP B 64 52.51 41.92 -22.21
C ASP B 64 51.85 40.61 -21.81
N ASP B 65 51.93 40.26 -20.52
CA ASP B 65 51.55 38.92 -20.05
C ASP B 65 50.08 38.78 -19.66
N ALA B 66 49.59 37.54 -19.70
CA ALA B 66 48.25 37.21 -19.24
C ALA B 66 48.20 37.14 -17.72
N THR B 67 48.58 38.25 -17.07
CA THR B 67 48.76 38.25 -15.62
C THR B 67 48.23 39.58 -15.08
N VAL B 68 47.49 39.54 -13.98
CA VAL B 68 47.07 40.78 -13.35
C VAL B 68 47.66 40.93 -11.96
N ARG B 69 47.65 42.16 -11.46
CA ARG B 69 48.16 42.48 -10.13
C ARG B 69 47.05 43.10 -9.30
N VAL B 70 46.71 42.44 -8.19
CA VAL B 70 45.65 42.90 -7.30
C VAL B 70 46.30 43.20 -5.96
N ALA B 71 46.13 44.42 -5.45
CA ALA B 71 46.88 44.78 -4.25
C ALA B 71 46.07 45.59 -3.25
N PHE B 72 46.25 45.25 -1.98
CA PHE B 72 45.73 46.10 -0.92
C PHE B 72 46.38 47.46 -1.00
N ASN B 73 45.59 48.49 -0.76
CA ASN B 73 46.06 49.86 -0.90
C ASN B 73 45.75 50.72 0.32
N ARG B 74 45.97 50.17 1.51
CA ARG B 74 45.85 50.95 2.75
C ARG B 74 47.10 50.82 3.61
N PRO B 75 48.26 51.20 3.07
CA PRO B 75 49.53 50.89 3.75
C PRO B 75 49.67 51.63 5.07
N GLU B 76 48.89 52.69 5.29
CA GLU B 76 48.95 53.45 6.54
C GLU B 76 48.43 52.63 7.72
N VAL B 77 47.65 51.60 7.47
CA VAL B 77 47.25 50.70 8.56
C VAL B 77 47.68 49.28 8.26
N ARG B 78 48.87 49.16 7.68
CA ARG B 78 49.45 47.86 7.36
C ARG B 78 48.50 47.04 6.50
N ASN B 79 47.79 47.74 5.62
CA ASN B 79 46.87 47.14 4.65
C ASN B 79 45.76 46.30 5.26
N ALA B 80 45.25 46.75 6.40
CA ALA B 80 44.05 46.16 6.99
C ALA B 80 42.84 46.39 6.09
N PHE B 81 41.95 45.41 5.98
CA PHE B 81 40.77 45.57 5.15
C PHE B 81 39.53 45.89 6.00
N ARG B 82 38.69 46.77 5.46
CA ARG B 82 37.37 47.06 6.01
C ARG B 82 36.34 46.50 5.03
N PRO B 83 35.03 46.50 5.40
CA PRO B 83 34.08 45.87 4.48
C PRO B 83 34.13 46.42 3.06
N HIS B 84 34.36 47.73 2.92
CA HIS B 84 34.51 48.32 1.59
C HIS B 84 35.72 47.77 0.84
N THR B 85 36.81 47.52 1.56
CA THR B 85 37.98 46.88 0.98
C THR B 85 37.63 45.50 0.41
N VAL B 86 36.88 44.73 1.20
CA VAL B 86 36.48 43.38 0.80
C VAL B 86 35.62 43.41 -0.48
N ASP B 87 34.70 44.37 -0.55
CA ASP B 87 33.85 44.54 -1.74
C ASP B 87 34.65 44.87 -2.99
N GLU B 88 35.62 45.76 -2.88
CA GLU B 88 36.45 46.11 -4.02
C GLU B 88 37.29 44.92 -4.43
N LEU B 89 37.86 44.22 -3.45
CA LEU B 89 38.69 43.05 -3.69
C LEU B 89 37.92 41.95 -4.42
N TYR B 90 36.71 41.68 -3.96
CA TYR B 90 35.85 40.69 -4.59
C TYR B 90 35.55 41.08 -6.03
N ARG B 91 35.18 42.34 -6.23
CA ARG B 91 34.76 42.82 -7.55
C ARG B 91 35.93 42.68 -8.53
N VAL B 92 37.11 43.08 -8.07
CA VAL B 92 38.31 43.00 -8.89
C VAL B 92 38.72 41.53 -9.16
N LEU B 93 38.69 40.67 -8.14
CA LEU B 93 39.04 39.26 -8.38
C LEU B 93 38.02 38.60 -9.31
N ASP B 94 36.76 38.99 -9.17
CA ASP B 94 35.68 38.48 -10.00
C ASP B 94 35.87 38.88 -11.47
N HIS B 95 36.26 40.13 -11.69
CA HIS B 95 36.55 40.60 -13.04
C HIS B 95 37.71 39.81 -13.65
N ALA B 96 38.76 39.57 -12.85
CA ALA B 96 39.89 38.77 -13.31
C ALA B 96 39.44 37.35 -13.67
N ARG B 97 38.56 36.79 -12.84
CA ARG B 97 38.03 35.44 -13.08
C ARG B 97 37.36 35.35 -14.45
N MET B 98 36.63 36.41 -14.81
CA MET B 98 35.84 36.42 -16.03
C MET B 98 36.59 36.97 -17.25
N SER B 99 37.87 37.32 -17.07
CA SER B 99 38.68 37.84 -18.19
C SER B 99 39.41 36.69 -18.89
N PRO B 100 38.98 36.31 -20.11
CA PRO B 100 39.55 35.13 -20.79
C PRO B 100 41.04 35.30 -21.13
N ASP B 101 41.49 36.54 -21.22
CA ASP B 101 42.88 36.79 -21.57
C ASP B 101 43.77 36.88 -20.32
N VAL B 102 43.23 36.53 -19.16
CA VAL B 102 44.04 36.51 -17.95
C VAL B 102 44.17 35.08 -17.41
N GLY B 103 45.41 34.63 -17.20
CA GLY B 103 45.66 33.30 -16.72
C GLY B 103 46.04 33.24 -15.25
N VAL B 104 46.71 34.28 -14.74
CA VAL B 104 47.23 34.23 -13.39
C VAL B 104 46.96 35.52 -12.64
N VAL B 105 46.58 35.40 -11.36
CA VAL B 105 46.42 36.56 -10.48
C VAL B 105 47.55 36.63 -9.48
N LEU B 106 48.21 37.79 -9.41
CA LEU B 106 49.19 38.06 -8.36
C LEU B 106 48.51 38.90 -7.30
N LEU B 107 48.40 38.37 -6.09
CA LEU B 107 47.74 39.08 -5.00
C LEU B 107 48.78 39.60 -4.00
N THR B 108 48.79 40.90 -3.75
CA THR B 108 49.87 41.45 -2.94
C THR B 108 49.42 42.70 -2.18
N GLY B 109 50.37 43.41 -1.58
CA GLY B 109 50.07 44.64 -0.87
C GLY B 109 50.96 45.79 -1.35
N ASN B 110 50.37 46.97 -1.45
CA ASN B 110 51.14 48.16 -1.79
C ASN B 110 51.78 48.76 -0.54
N GLY B 111 52.84 49.55 -0.75
CA GLY B 111 53.50 50.21 0.37
C GLY B 111 54.67 51.04 -0.09
N PRO B 112 55.51 51.50 0.87
CA PRO B 112 55.35 51.21 2.30
C PRO B 112 54.38 52.19 2.96
N SER B 113 54.24 52.09 4.26
CA SER B 113 53.49 53.09 5.00
C SER B 113 54.16 54.44 4.81
N PRO B 114 53.39 55.45 4.38
CA PRO B 114 53.98 56.80 4.29
C PRO B 114 54.26 57.37 5.69
N LYS B 115 53.67 56.77 6.71
CA LYS B 115 53.92 57.23 8.08
C LYS B 115 55.25 56.73 8.63
N ASP B 116 55.59 55.45 8.42
CA ASP B 116 56.83 54.96 9.04
C ASP B 116 57.69 54.09 8.12
N GLY B 117 57.34 53.98 6.85
CA GLY B 117 58.12 53.16 5.93
C GLY B 117 58.00 51.65 6.15
N GLY B 118 57.05 51.23 7.00
CA GLY B 118 56.79 49.82 7.26
C GLY B 118 56.07 49.11 6.11
N TRP B 119 56.46 47.86 5.86
CA TRP B 119 55.87 47.07 4.77
C TRP B 119 54.83 46.05 5.21
N ALA B 120 53.74 45.95 4.46
CA ALA B 120 52.71 44.96 4.75
C ALA B 120 52.07 44.38 3.51
N PHE B 121 51.83 43.07 3.56
CA PHE B 121 50.93 42.46 2.64
C PHE B 121 49.50 42.81 3.10
N CYS B 122 49.15 42.38 4.30
CA CYS B 122 47.80 42.59 4.81
C CYS B 122 47.74 42.20 6.29
N SER B 123 47.18 43.06 7.12
CA SER B 123 47.12 42.82 8.56
C SER B 123 45.73 42.34 9.06
N GLY B 124 44.89 41.88 8.13
CA GLY B 124 43.59 41.35 8.49
C GLY B 124 42.54 42.42 8.63
N GLY B 125 41.48 42.12 9.36
CA GLY B 125 40.36 43.04 9.52
C GLY B 125 40.77 44.31 10.26
N ASP B 126 40.26 45.44 9.76
CA ASP B 126 40.48 46.74 10.36
C ASP B 126 39.80 46.80 11.73
N GLN B 127 40.60 46.74 12.78
CA GLN B 127 40.09 46.66 14.15
C GLN B 127 39.31 47.91 14.56
N ARG B 128 39.60 49.04 13.91
CA ARG B 128 38.93 50.30 14.22
C ARG B 128 37.41 50.23 13.98
N ILE B 129 36.97 49.42 13.01
CA ILE B 129 35.55 49.36 12.71
C ILE B 129 34.96 47.98 13.01
N ARG B 130 35.69 47.21 13.81
CA ARG B 130 35.21 45.94 14.29
C ARG B 130 34.22 46.12 15.45
N GLY B 131 33.04 45.54 15.29
CA GLY B 131 32.00 45.65 16.30
C GLY B 131 31.64 44.27 16.82
N ARG B 132 30.59 44.20 17.63
CA ARG B 132 30.18 42.93 18.22
C ARG B 132 29.61 41.96 17.20
N SER B 133 29.11 42.47 16.07
CA SER B 133 28.56 41.59 15.04
C SER B 133 29.51 41.37 13.85
N GLY B 134 30.76 41.82 13.98
CA GLY B 134 31.74 41.72 12.91
C GLY B 134 32.22 43.09 12.44
N TYR B 135 32.83 43.14 11.25
CA TYR B 135 33.38 44.38 10.70
C TYR B 135 32.27 45.22 10.07
N GLN B 136 32.23 46.50 10.41
CA GLN B 136 31.09 47.32 10.03
C GLN B 136 31.45 48.43 9.06
N TYR B 137 30.58 48.66 8.09
CA TYR B 137 30.70 49.77 7.16
C TYR B 137 30.67 51.09 7.93
N ALA B 138 31.52 52.01 7.50
CA ALA B 138 31.60 53.34 8.10
C ALA B 138 31.86 54.38 7.01
N SER B 139 31.40 55.61 7.21
CA SER B 139 31.60 56.66 6.21
C SER B 139 33.03 57.18 6.28
N GLY B 140 33.67 57.04 7.44
CA GLY B 140 35.06 57.44 7.61
C GLY B 140 35.99 56.28 7.96
N ASP B 141 37.13 56.60 8.59
CA ASP B 141 38.12 55.59 8.96
C ASP B 141 38.01 55.05 10.39
N THR B 142 37.25 55.73 11.25
CA THR B 142 37.26 55.40 12.68
C THR B 142 35.89 54.88 13.14
N ALA B 143 35.85 54.34 14.35
CA ALA B 143 34.66 53.69 14.90
C ALA B 143 33.45 54.62 15.04
N ASP B 144 33.70 55.92 15.19
CA ASP B 144 32.64 56.90 15.37
C ASP B 144 31.77 57.12 14.13
N THR B 145 32.28 56.75 12.97
CA THR B 145 31.54 56.97 11.74
C THR B 145 30.86 55.69 11.28
N VAL B 146 30.81 54.70 12.17
CA VAL B 146 30.14 53.44 11.87
C VAL B 146 28.63 53.66 11.67
N ASP B 147 28.09 53.09 10.60
CA ASP B 147 26.65 53.08 10.40
C ASP B 147 26.02 52.07 11.37
N VAL B 148 25.49 52.57 12.48
CA VAL B 148 24.97 51.70 13.55
C VAL B 148 23.72 50.92 13.15
N ALA B 149 23.05 51.38 12.09
CA ALA B 149 21.84 50.73 11.59
C ALA B 149 22.16 49.48 10.76
N ARG B 150 23.44 49.28 10.48
CA ARG B 150 23.87 48.26 9.54
C ARG B 150 24.70 47.17 10.24
N ALA B 151 24.25 45.92 10.15
CA ALA B 151 24.93 44.82 10.84
C ALA B 151 26.34 44.56 10.30
N GLY B 152 27.22 44.05 11.18
CA GLY B 152 28.59 43.75 10.79
C GLY B 152 28.67 42.54 9.87
N ARG B 153 29.80 42.40 9.17
CA ARG B 153 30.00 41.29 8.27
C ARG B 153 31.37 40.66 8.45
N LEU B 154 31.49 39.41 8.03
CA LEU B 154 32.75 38.69 8.04
C LEU B 154 33.03 38.17 6.65
N HIS B 155 32.73 38.97 5.63
CA HIS B 155 32.67 38.39 4.29
C HIS B 155 34.01 38.40 3.53
N ILE B 156 35.13 38.57 4.23
CA ILE B 156 36.42 38.21 3.61
C ILE B 156 36.36 36.70 3.25
N LEU B 157 35.52 35.96 3.96
CA LEU B 157 35.30 34.54 3.68
C LEU B 157 34.81 34.31 2.26
N GLU B 158 34.03 35.26 1.73
CA GLU B 158 33.56 35.19 0.33
C GLU B 158 34.72 35.37 -0.65
N VAL B 159 35.68 36.21 -0.28
CA VAL B 159 36.87 36.38 -1.09
C VAL B 159 37.70 35.10 -1.05
N GLN B 160 37.78 34.48 0.12
CA GLN B 160 38.47 33.20 0.26
C GLN B 160 37.91 32.17 -0.71
N ARG B 161 36.58 32.07 -0.78
CA ARG B 161 35.93 31.10 -1.67
C ARG B 161 36.14 31.48 -3.15
N LEU B 162 36.09 32.77 -3.45
CA LEU B 162 36.33 33.23 -4.81
C LEU B 162 37.75 32.85 -5.27
N ILE B 163 38.74 33.05 -4.42
CA ILE B 163 40.11 32.64 -4.72
C ILE B 163 40.19 31.12 -4.89
N ARG B 164 39.57 30.42 -3.97
CA ARG B 164 39.56 28.98 -3.93
C ARG B 164 38.93 28.35 -5.18
N PHE B 165 37.79 28.91 -5.60
CA PHE B 165 36.96 28.34 -6.66
C PHE B 165 37.29 28.87 -8.05
N MET B 166 38.12 29.90 -8.17
CA MET B 166 38.30 30.43 -9.52
C MET B 166 39.25 29.51 -10.30
N PRO B 167 38.93 29.28 -11.59
CA PRO B 167 39.66 28.31 -12.40
C PRO B 167 40.98 28.87 -12.90
N LYS B 168 41.68 29.64 -12.07
CA LYS B 168 42.96 30.26 -12.44
C LYS B 168 43.87 30.23 -11.23
N VAL B 169 45.18 30.19 -11.45
CA VAL B 169 46.09 30.15 -10.33
C VAL B 169 46.21 31.55 -9.71
N VAL B 170 46.04 31.60 -8.40
CA VAL B 170 46.26 32.83 -7.64
C VAL B 170 47.54 32.69 -6.81
N ILE B 171 48.50 33.57 -7.07
CA ILE B 171 49.77 33.56 -6.37
C ILE B 171 49.81 34.71 -5.40
N CYS B 172 50.04 34.38 -4.13
CA CYS B 172 50.20 35.42 -3.12
C CYS B 172 51.66 35.85 -3.05
N LEU B 173 51.91 37.15 -3.19
CA LEU B 173 53.26 37.70 -3.02
C LEU B 173 53.32 38.42 -1.67
N VAL B 174 53.90 37.77 -0.66
CA VAL B 174 53.94 38.39 0.66
C VAL B 174 55.12 39.35 0.76
N ASN B 175 54.79 40.64 0.68
CA ASN B 175 55.80 41.71 0.59
C ASN B 175 56.08 42.37 1.93
N GLY B 176 55.49 41.84 3.00
CA GLY B 176 55.64 42.44 4.31
C GLY B 176 54.86 41.62 5.32
N TRP B 177 54.43 42.29 6.38
CA TRP B 177 53.58 41.65 7.37
C TRP B 177 52.39 40.94 6.75
N ALA B 178 52.19 39.70 7.19
CA ALA B 178 50.99 38.96 6.88
C ALA B 178 50.44 38.46 8.22
N ALA B 179 49.40 39.13 8.70
CA ALA B 179 48.89 38.89 10.04
C ALA B 179 47.40 38.72 10.06
N GLY B 180 46.90 37.94 11.02
CA GLY B 180 45.47 37.71 11.15
C GLY B 180 44.84 37.21 9.87
N GLY B 181 43.73 37.84 9.48
CA GLY B 181 43.03 37.51 8.25
C GLY B 181 43.92 37.66 7.01
N GLY B 182 44.95 38.50 7.13
CA GLY B 182 45.92 38.66 6.07
C GLY B 182 46.76 37.40 5.93
N HIS B 183 47.12 36.81 7.06
CA HIS B 183 47.83 35.54 7.06
C HIS B 183 46.97 34.45 6.39
N SER B 184 45.68 34.45 6.74
CA SER B 184 44.76 33.45 6.22
C SER B 184 44.50 33.59 4.72
N LEU B 185 44.52 34.82 4.20
CA LEU B 185 44.41 35.03 2.77
C LEU B 185 45.57 34.36 2.04
N HIS B 186 46.77 34.55 2.57
CA HIS B 186 47.95 33.89 2.04
C HIS B 186 47.79 32.36 1.99
N VAL B 187 47.28 31.79 3.08
CA VAL B 187 47.12 30.35 3.21
C VAL B 187 46.24 29.78 2.11
N VAL B 188 45.18 30.49 1.78
CA VAL B 188 44.20 29.97 0.84
C VAL B 188 44.62 30.13 -0.63
N CYS B 189 45.57 31.01 -0.92
CA CYS B 189 46.07 31.12 -2.29
C CYS B 189 46.73 29.81 -2.72
N ASP B 190 46.76 29.55 -4.02
CA ASP B 190 47.34 28.33 -4.56
C ASP B 190 48.85 28.28 -4.29
N LEU B 191 49.52 29.42 -4.47
CA LEU B 191 50.96 29.51 -4.31
C LEU B 191 51.32 30.77 -3.53
N THR B 192 52.44 30.74 -2.81
CA THR B 192 52.93 31.91 -2.08
C THR B 192 54.43 32.14 -2.29
N LEU B 193 54.79 33.36 -2.71
CA LEU B 193 56.17 33.80 -2.77
C LEU B 193 56.33 34.90 -1.74
N ALA B 194 57.47 34.95 -1.05
CA ALA B 194 57.61 35.88 0.06
C ALA B 194 58.92 36.64 -0.01
N SER B 195 58.86 37.92 0.35
CA SER B 195 60.01 38.80 0.41
C SER B 195 60.98 38.40 1.52
N ARG B 196 62.23 38.11 1.17
CA ARG B 196 63.22 37.72 2.16
C ARG B 196 63.36 38.71 3.31
N GLU B 197 63.52 39.99 2.96
CA GLU B 197 63.82 41.02 3.95
C GLU B 197 62.58 41.40 4.76
N TYR B 198 61.42 41.46 4.11
CA TYR B 198 60.28 42.11 4.74
C TYR B 198 59.10 41.20 5.11
N ALA B 199 59.02 40.00 4.55
CA ALA B 199 57.93 39.13 4.93
C ALA B 199 58.06 38.75 6.39
N ARG B 200 56.94 38.84 7.10
CA ARG B 200 56.83 38.41 8.50
C ARG B 200 55.45 37.77 8.61
N PHE B 201 55.41 36.49 8.95
CA PHE B 201 54.13 35.78 9.09
C PHE B 201 53.78 35.69 10.56
N LYS B 202 52.60 36.17 10.93
CA LYS B 202 52.23 36.19 12.34
C LYS B 202 50.74 36.02 12.51
N GLN B 203 50.32 34.89 13.05
CA GLN B 203 48.90 34.64 13.22
C GLN B 203 48.44 35.19 14.58
N THR B 204 47.95 36.43 14.54
CA THR B 204 47.60 37.18 15.74
C THR B 204 46.13 37.01 16.17
N ASP B 205 45.36 36.17 15.49
CA ASP B 205 43.93 35.99 15.78
C ASP B 205 43.60 35.92 17.29
N ALA B 206 44.19 34.96 18.00
CA ALA B 206 43.82 34.71 19.39
C ALA B 206 44.26 35.85 20.31
N ASP B 207 45.21 36.66 19.86
CA ASP B 207 45.66 37.86 20.57
C ASP B 207 44.56 38.93 20.70
N VAL B 208 43.67 39.00 19.70
CA VAL B 208 42.59 39.99 19.73
C VAL B 208 41.23 39.30 19.91
N GLY B 209 41.26 38.07 20.42
CA GLY B 209 40.04 37.34 20.73
C GLY B 209 39.33 36.81 19.50
N SER B 210 40.04 36.75 18.37
CA SER B 210 39.45 36.26 17.11
C SER B 210 40.01 34.90 16.71
N PHE B 211 39.44 34.30 15.66
CA PHE B 211 40.00 33.08 15.09
C PHE B 211 39.42 32.83 13.71
N ASP B 212 40.26 32.35 12.79
CA ASP B 212 39.79 31.81 11.51
C ASP B 212 39.71 30.31 11.69
N GLY B 213 38.50 29.80 11.86
CA GLY B 213 38.29 28.39 12.09
C GLY B 213 38.02 27.59 10.82
N GLY B 214 38.25 28.21 9.66
CA GLY B 214 38.05 27.56 8.37
C GLY B 214 39.36 27.30 7.64
N TYR B 215 39.54 27.96 6.49
CA TYR B 215 40.76 27.81 5.69
C TYR B 215 42.02 28.34 6.40
N GLY B 216 41.89 29.36 7.23
CA GLY B 216 43.03 29.95 7.90
C GLY B 216 43.79 28.95 8.75
N SER B 217 43.07 28.02 9.37
CA SER B 217 43.64 27.07 10.31
C SER B 217 43.71 25.65 9.77
N ALA B 218 42.54 25.08 9.46
CA ALA B 218 42.45 23.69 8.99
C ALA B 218 43.22 23.46 7.69
N TYR B 219 43.18 24.44 6.80
CA TYR B 219 43.84 24.30 5.51
C TYR B 219 45.35 24.55 5.63
N LEU B 220 45.75 25.41 6.56
CA LEU B 220 47.16 25.56 6.88
C LEU B 220 47.77 24.20 7.29
N ALA B 221 47.01 23.44 8.07
CA ALA B 221 47.44 22.12 8.53
C ALA B 221 47.71 21.15 7.38
N ARG B 222 47.07 21.38 6.24
CA ARG B 222 47.24 20.56 5.06
C ARG B 222 48.38 21.06 4.16
N GLN B 223 49.11 22.05 4.66
CA GLN B 223 50.32 22.55 4.01
C GLN B 223 51.54 22.25 4.88
N VAL B 224 51.45 22.54 6.18
CA VAL B 224 52.61 22.38 7.06
C VAL B 224 52.44 21.24 8.07
N GLY B 225 51.31 20.54 8.01
CA GLY B 225 51.06 19.48 8.97
C GLY B 225 50.43 20.04 10.23
N GLN B 226 49.79 19.16 11.00
CA GLN B 226 49.01 19.56 12.16
C GLN B 226 49.84 20.16 13.30
N LYS B 227 51.05 19.67 13.55
CA LYS B 227 51.84 20.20 14.68
C LYS B 227 52.25 21.66 14.45
N PHE B 228 52.83 21.95 13.29
CA PHE B 228 53.26 23.32 12.96
C PHE B 228 52.08 24.28 12.85
N ALA B 229 50.98 23.81 12.27
CA ALA B 229 49.81 24.67 12.12
C ALA B 229 49.27 25.06 13.51
N ARG B 230 49.21 24.12 14.43
CA ARG B 230 48.76 24.40 15.79
C ARG B 230 49.71 25.38 16.49
N GLU B 231 51.01 25.18 16.29
CA GLU B 231 52.01 26.08 16.85
C GLU B 231 51.81 27.51 16.37
N ILE B 232 51.64 27.67 15.06
CA ILE B 232 51.52 28.97 14.45
C ILE B 232 50.35 29.76 15.07
N PHE B 233 49.21 29.09 15.28
CA PHE B 233 48.04 29.73 15.88
C PHE B 233 48.11 29.86 17.41
N PHE B 234 48.49 28.78 18.10
CA PHE B 234 48.45 28.78 19.56
C PHE B 234 49.46 29.74 20.16
N LEU B 235 50.62 29.91 19.53
CA LEU B 235 51.65 30.78 20.11
C LEU B 235 51.73 32.13 19.41
N GLY B 236 51.28 32.19 18.17
CA GLY B 236 51.26 33.46 17.45
C GLY B 236 52.61 34.14 17.31
N ARG B 237 53.67 33.36 17.14
CA ARG B 237 55.00 33.92 16.91
C ARG B 237 55.14 34.48 15.50
N THR B 238 56.16 35.31 15.31
CA THR B 238 56.48 35.87 14.01
C THR B 238 57.45 34.95 13.30
N TYR B 239 57.15 34.59 12.05
CA TYR B 239 58.04 33.72 11.29
C TYR B 239 58.59 34.45 10.06
N THR B 240 59.83 34.12 9.68
CA THR B 240 60.45 34.66 8.48
C THR B 240 59.95 33.90 7.25
N ALA B 241 60.25 34.44 6.07
CA ALA B 241 59.95 33.75 4.81
C ALA B 241 60.60 32.38 4.76
N GLU B 242 61.87 32.33 5.13
CA GLU B 242 62.64 31.08 5.10
C GLU B 242 62.06 30.04 6.05
N GLN B 243 61.64 30.46 7.25
CA GLN B 243 61.00 29.54 8.20
C GLN B 243 59.68 28.97 7.66
N MET B 244 58.86 29.84 7.09
CA MET B 244 57.61 29.38 6.51
C MET B 244 57.85 28.48 5.29
N HIS B 245 58.91 28.76 4.55
CA HIS B 245 59.26 27.92 3.40
C HIS B 245 59.66 26.52 3.87
N GLN B 246 60.46 26.45 4.92
CA GLN B 246 60.86 25.18 5.53
C GLN B 246 59.68 24.40 6.08
N MET B 247 58.68 25.07 6.64
CA MET B 247 57.53 24.36 7.16
C MET B 247 56.58 23.91 6.04
N GLY B 248 56.59 24.64 4.92
CA GLY B 248 55.79 24.23 3.77
C GLY B 248 54.63 25.13 3.35
N ALA B 249 54.54 26.34 3.90
CA ALA B 249 53.44 27.25 3.56
C ALA B 249 53.85 28.29 2.53
N VAL B 250 55.16 28.40 2.31
CA VAL B 250 55.71 29.33 1.32
C VAL B 250 56.50 28.56 0.27
N ASN B 251 56.18 28.77 -1.00
CA ASN B 251 56.81 28.03 -2.08
C ASN B 251 58.26 28.44 -2.33
N ALA B 252 58.54 29.74 -2.32
CA ALA B 252 59.89 30.24 -2.53
C ALA B 252 60.10 31.62 -1.91
N VAL B 253 61.34 31.89 -1.57
CA VAL B 253 61.74 33.18 -1.02
C VAL B 253 62.41 33.98 -2.15
N ALA B 254 62.08 35.26 -2.22
CA ALA B 254 62.68 36.14 -3.23
C ALA B 254 63.17 37.43 -2.60
N GLU B 255 64.17 38.05 -3.23
CA GLU B 255 64.58 39.39 -2.84
C GLU B 255 63.39 40.34 -2.95
N HIS B 256 63.23 41.23 -1.97
CA HIS B 256 62.13 42.18 -1.97
C HIS B 256 61.95 42.88 -3.32
N ALA B 257 63.04 43.46 -3.85
CA ALA B 257 63.01 44.19 -5.12
C ALA B 257 62.61 43.33 -6.32
N GLU B 258 62.82 42.02 -6.22
CA GLU B 258 62.51 41.12 -7.34
C GLU B 258 61.23 40.34 -7.13
N LEU B 259 60.50 40.64 -6.05
CA LEU B 259 59.37 39.77 -5.67
C LEU B 259 58.33 39.67 -6.79
N GLU B 260 58.00 40.79 -7.41
CA GLU B 260 56.96 40.76 -8.45
C GLU B 260 57.56 40.23 -9.75
N THR B 261 58.85 40.51 -9.97
CA THR B 261 59.58 39.95 -11.11
C THR B 261 59.56 38.41 -11.03
N VAL B 262 59.83 37.86 -9.85
CA VAL B 262 59.77 36.42 -9.67
C VAL B 262 58.32 35.95 -9.82
N GLY B 263 57.39 36.70 -9.25
CA GLY B 263 55.98 36.41 -9.39
C GLY B 263 55.56 36.30 -10.86
N LEU B 264 56.04 37.24 -11.67
CA LEU B 264 55.72 37.25 -13.10
C LEU B 264 56.35 36.07 -13.84
N GLN B 265 57.55 35.67 -13.42
CA GLN B 265 58.21 34.50 -14.00
C GLN B 265 57.42 33.22 -13.68
N TRP B 266 56.98 33.08 -12.43
CA TRP B 266 56.13 31.95 -12.04
C TRP B 266 54.83 31.97 -12.85
N ALA B 267 54.21 33.14 -12.98
CA ALA B 267 52.99 33.27 -13.79
C ALA B 267 53.23 32.87 -15.23
N ALA B 268 54.37 33.25 -15.79
CA ALA B 268 54.69 32.93 -17.20
C ALA B 268 54.84 31.43 -17.43
N GLU B 269 55.45 30.74 -16.47
CA GLU B 269 55.57 29.30 -16.54
C GLU B 269 54.21 28.61 -16.43
N ILE B 270 53.35 29.14 -15.58
CA ILE B 270 51.99 28.61 -15.48
C ILE B 270 51.24 28.85 -16.79
N ASN B 271 51.40 30.04 -17.36
CA ASN B 271 50.66 30.39 -18.58
C ASN B 271 51.17 29.70 -19.82
N ALA B 272 52.32 29.02 -19.74
CA ALA B 272 52.88 28.32 -20.89
C ALA B 272 52.37 26.87 -21.01
N LYS B 273 51.51 26.45 -20.10
CA LYS B 273 50.97 25.08 -20.16
C LYS B 273 49.55 25.06 -20.69
N SER B 274 49.00 23.88 -20.95
CA SER B 274 47.60 23.73 -21.36
C SER B 274 46.66 24.39 -20.35
N PRO B 275 45.93 25.45 -20.77
CA PRO B 275 45.00 26.11 -19.83
C PRO B 275 43.91 25.15 -19.34
N GLN B 276 43.44 24.28 -20.23
CA GLN B 276 42.50 23.24 -19.87
C GLN B 276 43.04 22.29 -18.78
N ALA B 277 44.29 21.84 -18.92
CA ALA B 277 44.88 20.96 -17.91
C ALA B 277 45.06 21.68 -16.57
N GLN B 278 45.52 22.93 -16.62
CA GLN B 278 45.74 23.73 -15.40
C GLN B 278 44.43 23.91 -14.66
N ARG B 279 43.36 24.15 -15.39
CA ARG B 279 42.02 24.30 -14.80
C ARG B 279 41.56 23.04 -14.04
N MET B 280 41.61 21.89 -14.71
CA MET B 280 41.26 20.60 -14.13
C MET B 280 42.16 20.24 -12.93
N LEU B 281 43.45 20.53 -13.05
CA LEU B 281 44.38 20.23 -11.96
C LEU B 281 44.05 21.02 -10.68
N LYS B 282 43.73 22.30 -10.82
CA LYS B 282 43.38 23.08 -9.64
C LYS B 282 42.15 22.48 -8.94
N PHE B 283 41.11 22.15 -9.71
CA PHE B 283 39.92 21.59 -9.10
C PHE B 283 40.19 20.19 -8.56
N ALA B 284 41.15 19.47 -9.16
CA ALA B 284 41.57 18.16 -8.63
C ALA B 284 42.23 18.30 -7.24
N PHE B 285 43.06 19.32 -7.05
CA PHE B 285 43.69 19.57 -5.75
C PHE B 285 42.65 19.98 -4.70
N ASN B 286 41.64 20.74 -5.13
CA ASN B 286 40.59 21.19 -4.21
C ASN B 286 39.63 20.08 -3.74
N LEU B 287 39.41 19.09 -4.61
CA LEU B 287 38.20 18.29 -4.60
C LEU B 287 37.81 17.69 -3.24
N LEU B 288 38.58 16.71 -2.76
CA LEU B 288 38.18 15.96 -1.57
C LEU B 288 38.17 16.86 -0.34
N ASP B 289 39.17 17.73 -0.23
CA ASP B 289 39.21 18.67 0.88
C ASP B 289 37.91 19.48 0.92
N ASP B 290 37.33 19.78 -0.25
CA ASP B 290 36.12 20.60 -0.27
C ASP B 290 34.81 19.80 -0.42
N GLY B 291 34.88 18.48 -0.22
CA GLY B 291 33.68 17.64 -0.24
C GLY B 291 32.83 17.81 -1.49
N LEU B 292 31.51 17.92 -1.30
CA LEU B 292 30.56 18.10 -2.38
C LEU B 292 30.79 19.37 -3.19
N VAL B 293 31.28 20.41 -2.53
CA VAL B 293 31.58 21.65 -3.23
C VAL B 293 32.74 21.40 -4.18
N GLY B 294 33.78 20.74 -3.68
CA GLY B 294 34.91 20.33 -4.49
C GLY B 294 34.51 19.45 -5.65
N GLN B 295 33.66 18.47 -5.39
CA GLN B 295 33.18 17.62 -6.47
C GLN B 295 32.36 18.44 -7.49
N GLN B 296 31.53 19.34 -6.99
CA GLN B 296 30.73 20.17 -7.88
C GLN B 296 31.57 20.92 -8.89
N LEU B 297 32.67 21.51 -8.44
CA LEU B 297 33.50 22.32 -9.32
C LEU B 297 34.21 21.45 -10.32
N PHE B 298 34.78 20.34 -9.86
CA PHE B 298 35.50 19.45 -10.77
C PHE B 298 34.54 18.77 -11.77
N ALA B 299 33.41 18.27 -11.29
CA ALA B 299 32.44 17.60 -12.16
C ALA B 299 31.85 18.59 -13.16
N GLY B 300 31.71 19.85 -12.74
CA GLY B 300 31.23 20.90 -13.62
C GLY B 300 32.11 21.03 -14.84
N GLU B 301 33.43 21.02 -14.62
CA GLU B 301 34.39 21.07 -15.73
C GLU B 301 34.37 19.78 -16.55
N ALA B 302 34.11 18.64 -15.91
CA ALA B 302 33.95 17.39 -16.66
C ALA B 302 32.73 17.45 -17.57
N THR B 303 31.65 18.08 -17.09
CA THR B 303 30.46 18.26 -17.91
C THR B 303 30.76 19.09 -19.15
N ARG B 304 31.54 20.16 -18.98
CA ARG B 304 31.93 20.96 -20.14
C ARG B 304 32.69 20.12 -21.16
N LEU B 305 33.59 19.25 -20.69
CA LEU B 305 34.34 18.37 -21.60
C LEU B 305 33.40 17.44 -22.36
N ALA B 306 32.37 16.93 -21.69
CA ALA B 306 31.40 16.07 -22.34
C ALA B 306 30.61 16.82 -23.43
N TYR B 307 30.29 18.08 -23.17
CA TYR B 307 29.54 18.93 -24.10
C TYR B 307 30.27 19.15 -25.42
N MET B 308 31.59 19.03 -25.41
CA MET B 308 32.40 19.22 -26.60
C MET B 308 32.28 18.05 -27.56
N THR B 309 31.80 16.91 -27.07
CA THR B 309 31.79 15.68 -27.86
C THR B 309 30.59 15.58 -28.80
N ASP B 310 30.78 14.85 -29.89
CA ASP B 310 29.69 14.54 -30.82
C ASP B 310 28.53 13.84 -30.13
N GLU B 311 28.84 12.96 -29.18
CA GLU B 311 27.82 12.21 -28.46
C GLU B 311 26.89 13.18 -27.74
N ALA B 312 27.45 14.16 -27.04
CA ALA B 312 26.61 15.14 -26.35
C ALA B 312 25.83 15.98 -27.35
N VAL B 313 26.43 16.30 -28.48
CA VAL B 313 25.71 17.06 -29.51
C VAL B 313 24.55 16.22 -30.04
N GLU B 314 24.74 14.91 -30.18
CA GLU B 314 23.64 14.05 -30.63
C GLU B 314 22.47 14.05 -29.65
N GLY B 315 22.75 14.06 -28.35
CA GLY B 315 21.72 14.14 -27.33
C GLY B 315 20.90 15.41 -27.40
N ARG B 316 21.57 16.53 -27.55
CA ARG B 316 20.88 17.81 -27.69
C ARG B 316 20.01 17.80 -28.96
N ASP B 317 20.60 17.43 -30.08
CA ASP B 317 19.86 17.50 -31.35
C ASP B 317 18.65 16.59 -31.37
N ALA B 318 18.77 15.39 -30.80
CA ALA B 318 17.67 14.44 -30.76
C ALA B 318 16.51 15.06 -29.99
N PHE B 319 16.80 15.70 -28.85
CA PHE B 319 15.73 16.36 -28.10
C PHE B 319 15.10 17.50 -28.89
N LEU B 320 15.92 18.34 -29.50
CA LEU B 320 15.41 19.48 -30.25
C LEU B 320 14.61 19.01 -31.47
N GLN B 321 15.00 17.87 -32.06
CA GLN B 321 14.30 17.38 -33.25
C GLN B 321 13.16 16.44 -32.85
N LYS B 322 12.95 16.27 -31.54
CA LYS B 322 11.88 15.41 -31.02
C LYS B 322 11.93 14.00 -31.62
N ARG B 323 13.10 13.37 -31.57
CA ARG B 323 13.28 12.01 -32.07
C ARG B 323 14.14 11.27 -31.04
N PRO B 324 14.14 9.93 -31.09
CA PRO B 324 15.05 9.19 -30.19
C PRO B 324 16.51 9.41 -30.58
N PRO B 325 17.40 9.48 -29.59
CA PRO B 325 18.84 9.62 -29.90
C PRO B 325 19.39 8.32 -30.47
N ASP B 326 20.41 8.41 -31.30
CA ASP B 326 21.11 7.23 -31.79
C ASP B 326 22.54 7.21 -31.23
N TRP B 327 22.80 6.30 -30.29
CA TRP B 327 24.09 6.24 -29.63
C TRP B 327 25.04 5.26 -30.31
N SER B 328 24.58 4.58 -31.35
CA SER B 328 25.39 3.53 -31.98
C SER B 328 26.77 4.02 -32.53
N PRO B 329 26.91 5.30 -32.95
CA PRO B 329 28.26 5.68 -33.38
C PRO B 329 29.28 5.86 -32.26
N PHE B 330 28.87 5.82 -30.99
CA PHE B 330 29.78 6.18 -29.90
C PHE B 330 30.12 4.98 -29.00
N PRO B 331 31.34 4.47 -29.11
CA PRO B 331 31.78 3.28 -28.37
C PRO B 331 31.87 3.47 -26.87
N ARG B 332 31.64 2.40 -26.13
CA ARG B 332 31.88 2.35 -24.69
C ARG B 332 33.36 2.17 -24.39
N TYR B 333 33.91 3.04 -23.55
CA TYR B 333 35.30 2.89 -23.12
C TYR B 333 35.41 2.24 -21.74
N PHE B 334 36.52 1.58 -21.47
CA PHE B 334 36.76 1.03 -20.15
C PHE B 334 38.23 1.17 -19.73
N ALA C 34 76.92 21.90 37.78
CA ALA C 34 75.82 22.84 37.64
C ALA C 34 74.84 22.42 36.54
N LEU C 35 75.34 21.81 35.44
CA LEU C 35 74.42 21.36 34.39
C LEU C 35 73.61 20.17 34.90
N SER C 36 72.32 20.36 35.04
CA SER C 36 71.45 19.30 35.54
C SER C 36 71.19 18.24 34.47
N ASP C 37 71.25 16.97 34.87
CA ASP C 37 70.81 15.89 33.98
C ASP C 37 69.28 15.77 34.00
N ASN C 38 68.62 16.44 34.94
CA ASN C 38 67.18 16.33 35.09
C ASN C 38 66.42 17.60 34.68
N PRO C 39 65.44 17.48 33.77
CA PRO C 39 64.66 18.65 33.34
C PRO C 39 63.77 19.21 34.45
N PHE C 40 63.47 18.39 35.46
CA PHE C 40 62.52 18.75 36.51
C PHE C 40 63.13 19.69 37.56
N ASP C 41 62.45 20.82 37.76
CA ASP C 41 62.83 21.79 38.78
C ASP C 41 61.84 21.76 39.97
N ALA C 42 62.20 21.07 41.04
CA ALA C 42 61.26 20.83 42.15
C ALA C 42 60.72 22.13 42.76
N LYS C 43 61.50 23.21 42.70
CA LYS C 43 61.05 24.47 43.28
C LYS C 43 59.89 25.10 42.52
N ALA C 44 59.71 24.72 41.27
CA ALA C 44 58.70 25.38 40.45
C ALA C 44 57.33 24.71 40.53
N TRP C 45 57.26 23.57 41.20
CA TRP C 45 56.08 22.70 41.14
C TRP C 45 55.53 22.32 42.52
N ARG C 46 54.20 22.20 42.62
CA ARG C 46 53.54 21.74 43.84
C ARG C 46 52.62 20.55 43.56
N LEU C 47 52.53 19.62 44.52
CA LEU C 47 51.60 18.50 44.37
C LEU C 47 50.17 19.01 44.34
N VAL C 48 49.28 18.25 43.70
CA VAL C 48 47.88 18.65 43.62
C VAL C 48 47.11 17.89 44.71
N ASP C 49 46.23 18.60 45.41
CA ASP C 49 45.44 18.02 46.49
C ASP C 49 44.61 16.83 46.01
N GLY C 50 44.58 15.75 46.78
CA GLY C 50 43.69 14.63 46.46
C GLY C 50 44.36 13.53 45.66
N PHE C 51 45.64 13.69 45.40
CA PHE C 51 46.35 12.76 44.52
C PHE C 51 47.55 12.09 45.20
N ASP C 52 47.48 11.95 46.52
CA ASP C 52 48.50 11.23 47.30
C ASP C 52 48.62 9.75 46.99
N ASP C 53 47.57 9.15 46.45
CA ASP C 53 47.57 7.71 46.23
C ASP C 53 48.20 7.32 44.88
N LEU C 54 48.70 8.31 44.13
CA LEU C 54 49.29 8.02 42.81
C LEU C 54 50.59 7.21 42.92
N THR C 55 50.71 6.15 42.12
CA THR C 55 51.91 5.29 42.11
C THR C 55 52.66 5.25 40.78
N ASP C 56 51.93 5.25 39.67
CA ASP C 56 52.54 5.08 38.34
C ASP C 56 52.73 6.41 37.61
N ILE C 57 52.19 7.48 38.19
CA ILE C 57 52.05 8.79 37.55
C ILE C 57 52.33 9.90 38.57
N THR C 58 52.97 11.00 38.16
CA THR C 58 53.00 12.20 39.01
C THR C 58 52.23 13.35 38.37
N TYR C 59 51.77 14.25 39.23
CA TYR C 59 50.89 15.34 38.87
C TYR C 59 51.27 16.58 39.68
N HIS C 60 51.76 17.62 39.02
CA HIS C 60 52.10 18.86 39.71
C HIS C 60 51.41 20.05 39.09
N ARG C 61 51.18 21.07 39.89
CA ARG C 61 50.73 22.34 39.39
C ARG C 61 51.87 23.35 39.57
N HIS C 62 52.10 24.20 38.59
CA HIS C 62 53.16 25.19 38.68
C HIS C 62 52.85 26.20 39.80
N VAL C 63 53.89 26.70 40.46
CA VAL C 63 53.70 27.61 41.59
C VAL C 63 53.06 28.93 41.18
N ASP C 64 53.32 29.38 39.94
CA ASP C 64 52.77 30.66 39.48
C ASP C 64 51.84 30.54 38.27
N ASP C 65 52.16 29.65 37.35
CA ASP C 65 51.49 29.60 36.05
C ASP C 65 50.24 28.71 36.02
N ALA C 66 49.35 28.99 35.08
CA ALA C 66 48.20 28.15 34.81
C ALA C 66 48.58 26.91 34.00
N THR C 67 49.50 26.12 34.55
CA THR C 67 50.12 25.01 33.82
C THR C 67 50.33 23.83 34.75
N VAL C 68 50.02 22.62 34.27
CA VAL C 68 50.31 21.44 35.07
C VAL C 68 51.30 20.52 34.39
N ARG C 69 51.90 19.66 35.19
CA ARG C 69 52.87 18.69 34.72
C ARG C 69 52.38 17.28 35.06
N VAL C 70 52.17 16.47 34.02
CA VAL C 70 51.71 15.10 34.17
C VAL C 70 52.80 14.20 33.61
N ALA C 71 53.30 13.25 34.40
CA ALA C 71 54.47 12.47 33.97
C ALA C 71 54.37 10.99 34.31
N PHE C 72 54.81 10.14 33.38
CA PHE C 72 54.95 8.72 33.67
C PHE C 72 55.99 8.53 34.75
N ASN C 73 55.75 7.58 35.66
CA ASN C 73 56.63 7.41 36.83
C ASN C 73 57.05 5.95 37.02
N ARG C 74 57.42 5.28 35.93
CA ARG C 74 57.97 3.93 36.03
C ARG C 74 59.29 3.84 35.25
N PRO C 75 60.28 4.68 35.62
CA PRO C 75 61.48 4.78 34.77
C PRO C 75 62.31 3.50 34.72
N GLU C 76 62.08 2.57 35.64
CA GLU C 76 62.82 1.31 35.65
C GLU C 76 62.44 0.43 34.44
N VAL C 77 61.27 0.68 33.85
CA VAL C 77 60.89 -0.01 32.61
C VAL C 77 60.64 1.00 31.48
N ARG C 78 61.47 2.05 31.46
CA ARG C 78 61.39 3.07 30.42
C ARG C 78 59.98 3.66 30.34
N ASN C 79 59.35 3.80 31.50
CA ASN C 79 58.02 4.40 31.63
C ASN C 79 56.92 3.72 30.81
N ALA C 80 57.03 2.40 30.67
CA ALA C 80 55.96 1.59 30.08
C ALA C 80 54.70 1.67 30.93
N PHE C 81 53.53 1.75 30.30
CA PHE C 81 52.29 1.85 31.06
C PHE C 81 51.58 0.50 31.16
N ARG C 82 50.99 0.24 32.32
CA ARG C 82 50.12 -0.90 32.55
C ARG C 82 48.69 -0.39 32.76
N PRO C 83 47.68 -1.28 32.81
CA PRO C 83 46.30 -0.76 32.91
C PRO C 83 46.06 0.21 34.07
N HIS C 84 46.66 -0.05 35.23
CA HIS C 84 46.57 0.89 36.33
C HIS C 84 47.22 2.25 36.01
N THR C 85 48.33 2.24 35.26
CA THR C 85 48.94 3.48 34.80
C THR C 85 47.96 4.30 33.97
N VAL C 86 47.29 3.63 33.02
CA VAL C 86 46.34 4.31 32.14
C VAL C 86 45.20 4.93 32.97
N ASP C 87 44.72 4.20 33.97
CA ASP C 87 43.66 4.70 34.85
C ASP C 87 44.10 5.98 35.58
N GLU C 88 45.32 5.99 36.12
CA GLU C 88 45.82 7.17 36.83
C GLU C 88 46.00 8.35 35.88
N LEU C 89 46.54 8.07 34.69
CA LEU C 89 46.77 9.09 33.69
C LEU C 89 45.43 9.72 33.27
N TYR C 90 44.42 8.87 33.05
CA TYR C 90 43.09 9.37 32.71
C TYR C 90 42.55 10.26 33.81
N ARG C 91 42.69 9.81 35.06
CA ARG C 91 42.11 10.51 36.20
C ARG C 91 42.74 11.91 36.31
N VAL C 92 44.05 11.93 36.20
CA VAL C 92 44.81 13.16 36.29
C VAL C 92 44.52 14.12 35.13
N LEU C 93 44.50 13.61 33.90
CA LEU C 93 44.22 14.48 32.77
C LEU C 93 42.79 15.03 32.84
N ASP C 94 41.87 14.19 33.31
CA ASP C 94 40.48 14.61 33.44
C ASP C 94 40.36 15.71 34.50
N HIS C 95 41.10 15.57 35.61
CA HIS C 95 41.12 16.59 36.63
C HIS C 95 41.67 17.92 36.09
N ALA C 96 42.75 17.86 35.31
CA ALA C 96 43.28 19.05 34.68
C ALA C 96 42.26 19.66 33.71
N ARG C 97 41.54 18.81 32.97
CA ARG C 97 40.50 19.29 32.05
C ARG C 97 39.45 20.13 32.79
N MET C 98 39.10 19.70 33.99
CA MET C 98 38.03 20.34 34.76
C MET C 98 38.52 21.44 35.71
N SER C 99 39.81 21.76 35.66
CA SER C 99 40.39 22.84 36.48
C SER C 99 40.40 24.17 35.72
N PRO C 100 39.51 25.11 36.09
CA PRO C 100 39.35 26.36 35.33
C PRO C 100 40.60 27.25 35.34
N ASP C 101 41.47 27.08 36.33
CA ASP C 101 42.66 27.90 36.43
C ASP C 101 43.87 27.25 35.77
N VAL C 102 43.64 26.18 35.00
CA VAL C 102 44.71 25.53 34.25
C VAL C 102 44.46 25.69 32.76
N GLY C 103 45.43 26.23 32.03
CA GLY C 103 45.30 26.44 30.60
C GLY C 103 46.07 25.43 29.75
N VAL C 104 47.19 24.92 30.29
CA VAL C 104 48.07 24.04 29.51
C VAL C 104 48.54 22.82 30.29
N VAL C 105 48.56 21.67 29.63
CA VAL C 105 49.12 20.45 30.21
C VAL C 105 50.47 20.11 29.59
N LEU C 106 51.47 19.93 30.43
CA LEU C 106 52.75 19.39 29.97
C LEU C 106 52.79 17.90 30.29
N LEU C 107 52.86 17.08 29.25
CA LEU C 107 52.88 15.65 29.41
C LEU C 107 54.30 15.12 29.16
N THR C 108 54.88 14.43 30.15
CA THR C 108 56.27 14.04 30.02
C THR C 108 56.55 12.73 30.77
N GLY C 109 57.83 12.37 30.91
CA GLY C 109 58.21 11.19 31.66
C GLY C 109 59.25 11.51 32.72
N ASN C 110 59.12 10.88 33.88
CA ASN C 110 60.13 11.05 34.94
C ASN C 110 61.31 10.13 34.73
N GLY C 111 62.44 10.46 35.34
CA GLY C 111 63.62 9.62 35.24
C GLY C 111 64.81 10.18 35.98
N PRO C 112 66.01 9.62 35.74
CA PRO C 112 66.22 8.51 34.80
C PRO C 112 65.95 7.18 35.47
N SER C 113 66.17 6.08 34.75
CA SER C 113 66.11 4.77 35.36
C SER C 113 67.13 4.72 36.49
N PRO C 114 66.69 4.32 37.70
CA PRO C 114 67.67 4.20 38.79
C PRO C 114 68.65 3.04 38.55
N LYS C 115 68.31 2.15 37.63
CA LYS C 115 69.14 1.00 37.30
C LYS C 115 70.30 1.33 36.36
N ASP C 116 70.06 2.05 35.27
CA ASP C 116 71.14 2.28 34.31
C ASP C 116 71.26 3.73 33.85
N GLY C 117 70.51 4.63 34.50
CA GLY C 117 70.58 6.04 34.14
C GLY C 117 69.96 6.39 32.79
N GLY C 118 69.28 5.43 32.16
CA GLY C 118 68.62 5.66 30.88
C GLY C 118 67.35 6.51 30.99
N TRP C 119 67.14 7.39 30.01
CA TRP C 119 66.00 8.31 29.95
C TRP C 119 64.86 7.89 29.02
N ALA C 120 63.63 8.03 29.49
CA ALA C 120 62.47 7.69 28.67
C ALA C 120 61.28 8.64 28.87
N PHE C 121 60.63 8.98 27.77
CA PHE C 121 59.29 9.58 27.87
C PHE C 121 58.31 8.46 28.22
N CYS C 122 58.19 7.49 27.32
CA CYS C 122 57.26 6.38 27.49
C CYS C 122 57.54 5.31 26.46
N SER C 123 57.68 4.06 26.90
CA SER C 123 58.01 2.96 26.00
C SER C 123 56.79 2.14 25.61
N GLY C 124 55.61 2.71 25.81
CA GLY C 124 54.39 2.04 25.39
C GLY C 124 53.86 1.04 26.41
N GLY C 125 53.05 0.09 25.94
CA GLY C 125 52.42 -0.89 26.81
C GLY C 125 53.43 -1.81 27.49
N ASP C 126 53.20 -2.06 28.78
CA ASP C 126 54.08 -2.96 29.56
C ASP C 126 53.94 -4.40 29.06
N GLN C 127 54.95 -4.86 28.32
CA GLN C 127 54.90 -6.17 27.66
C GLN C 127 54.79 -7.33 28.65
N ARG C 128 55.25 -7.12 29.87
CA ARG C 128 55.21 -8.16 30.89
C ARG C 128 53.80 -8.63 31.21
N ILE C 129 52.83 -7.74 31.09
CA ILE C 129 51.47 -8.11 31.47
C ILE C 129 50.53 -8.06 30.28
N ARG C 130 51.11 -8.08 29.09
CA ARG C 130 50.34 -8.22 27.86
C ARG C 130 49.92 -9.67 27.63
N GLY C 131 48.63 -9.86 27.41
CA GLY C 131 48.09 -11.19 27.14
C GLY C 131 47.40 -11.23 25.79
N ARG C 132 46.71 -12.35 25.53
CA ARG C 132 46.05 -12.53 24.25
C ARG C 132 44.87 -11.59 24.08
N SER C 133 44.31 -11.09 25.18
CA SER C 133 43.19 -10.15 25.08
C SER C 133 43.57 -8.68 25.27
N GLY C 134 44.86 -8.38 25.36
CA GLY C 134 45.34 -7.03 25.64
C GLY C 134 46.13 -6.93 26.94
N TYR C 135 46.30 -5.71 27.45
CA TYR C 135 47.08 -5.48 28.68
C TYR C 135 46.22 -5.76 29.90
N GLN C 136 46.75 -6.54 30.84
CA GLN C 136 45.94 -7.06 31.93
C GLN C 136 46.35 -6.51 33.29
N TYR C 137 45.34 -6.26 34.12
CA TYR C 137 45.56 -5.89 35.50
C TYR C 137 46.25 -7.05 36.23
N ALA C 138 47.20 -6.69 37.09
CA ALA C 138 47.96 -7.66 37.86
C ALA C 138 48.22 -7.11 39.26
N SER C 139 48.37 -8.00 40.23
CA SER C 139 48.59 -7.57 41.61
C SER C 139 50.04 -7.11 41.84
N GLY C 140 50.97 -7.63 41.04
CA GLY C 140 52.36 -7.20 41.09
C GLY C 140 52.80 -6.63 39.76
N ASP C 141 54.10 -6.65 39.50
CA ASP C 141 54.66 -6.10 38.27
C ASP C 141 54.85 -7.15 37.18
N THR C 142 54.73 -8.43 37.51
CA THR C 142 55.08 -9.46 36.54
C THR C 142 53.89 -10.29 36.11
N ALA C 143 54.09 -11.06 35.05
CA ALA C 143 53.03 -11.82 34.39
C ALA C 143 52.36 -12.83 35.31
N ASP C 144 53.11 -13.36 36.26
CA ASP C 144 52.57 -14.38 37.15
C ASP C 144 51.48 -13.85 38.06
N THR C 145 51.42 -12.52 38.24
CA THR C 145 50.43 -11.96 39.16
C THR C 145 49.21 -11.40 38.42
N VAL C 146 49.12 -11.70 37.13
CA VAL C 146 47.98 -11.28 36.32
C VAL C 146 46.71 -11.96 36.81
N ASP C 147 45.65 -11.17 36.96
CA ASP C 147 44.33 -11.71 37.28
C ASP C 147 43.78 -12.41 36.02
N VAL C 148 43.86 -13.74 35.96
CA VAL C 148 43.46 -14.44 34.74
C VAL C 148 41.95 -14.37 34.47
N ALA C 149 41.17 -14.05 35.50
CA ALA C 149 39.71 -13.95 35.38
C ALA C 149 39.26 -12.65 34.72
N ARG C 150 40.19 -11.72 34.52
CA ARG C 150 39.87 -10.37 34.07
C ARG C 150 40.44 -10.11 32.69
N ALA C 151 39.56 -9.82 31.74
CA ALA C 151 39.96 -9.62 30.35
C ALA C 151 40.86 -8.42 30.20
N GLY C 152 41.76 -8.49 29.22
CA GLY C 152 42.69 -7.42 28.92
C GLY C 152 42.01 -6.22 28.28
N ARG C 153 42.70 -5.09 28.31
CA ARG C 153 42.18 -3.84 27.76
C ARG C 153 43.22 -3.13 26.92
N LEU C 154 42.75 -2.24 26.05
CA LEU C 154 43.61 -1.41 25.23
C LEU C 154 43.26 0.06 25.45
N HIS C 155 42.99 0.44 26.69
CA HIS C 155 42.32 1.72 26.90
C HIS C 155 43.26 2.93 27.06
N ILE C 156 44.52 2.80 26.63
CA ILE C 156 45.32 4.00 26.36
C ILE C 156 44.60 4.80 25.27
N LEU C 157 43.79 4.11 24.47
CA LEU C 157 42.98 4.75 23.45
C LEU C 157 42.02 5.77 24.07
N GLU C 158 41.52 5.50 25.28
CA GLU C 158 40.67 6.46 25.98
C GLU C 158 41.47 7.69 26.40
N VAL C 159 42.72 7.50 26.78
CA VAL C 159 43.59 8.63 27.11
C VAL C 159 43.87 9.46 25.85
N GLN C 160 44.07 8.79 24.73
CA GLN C 160 44.26 9.49 23.47
C GLN C 160 43.09 10.43 23.15
N ARG C 161 41.87 9.92 23.30
CA ARG C 161 40.67 10.72 23.02
C ARG C 161 40.54 11.87 24.01
N LEU C 162 40.89 11.61 25.26
CA LEU C 162 40.82 12.64 26.30
C LEU C 162 41.76 13.79 25.99
N ILE C 163 42.99 13.46 25.60
CA ILE C 163 43.95 14.46 25.18
C ILE C 163 43.43 15.22 23.96
N ARG C 164 42.91 14.47 22.99
CA ARG C 164 42.39 15.02 21.74
C ARG C 164 41.21 15.98 21.97
N PHE C 165 40.29 15.58 22.87
CA PHE C 165 39.02 16.30 23.04
C PHE C 165 39.06 17.39 24.12
N MET C 166 40.11 17.47 24.91
CA MET C 166 40.04 18.42 26.00
C MET C 166 40.30 19.83 25.45
N PRO C 167 39.53 20.82 25.97
CA PRO C 167 39.59 22.17 25.41
C PRO C 167 40.81 22.95 25.90
N LYS C 168 41.94 22.26 26.02
CA LYS C 168 43.19 22.84 26.49
C LYS C 168 44.32 22.27 25.69
N VAL C 169 45.37 23.05 25.53
CA VAL C 169 46.51 22.57 24.77
C VAL C 169 47.34 21.59 25.59
N VAL C 170 47.60 20.43 25.02
CA VAL C 170 48.49 19.45 25.65
C VAL C 170 49.83 19.44 24.89
N ILE C 171 50.91 19.76 25.60
CA ILE C 171 52.24 19.77 25.01
C ILE C 171 53.00 18.56 25.50
N CYS C 172 53.47 17.74 24.58
CA CYS C 172 54.30 16.60 24.95
C CYS C 172 55.76 17.02 25.05
N LEU C 173 56.40 16.74 26.19
CA LEU C 173 57.83 17.00 26.34
C LEU C 173 58.59 15.69 26.26
N VAL C 174 59.19 15.40 25.11
CA VAL C 174 59.86 14.11 24.95
C VAL C 174 61.28 14.21 25.49
N ASN C 175 61.46 13.64 26.67
CA ASN C 175 62.69 13.73 27.45
C ASN C 175 63.57 12.51 27.32
N GLY C 176 63.20 11.59 26.44
CA GLY C 176 63.93 10.34 26.30
C GLY C 176 63.30 9.52 25.19
N TRP C 177 63.43 8.21 25.29
CA TRP C 177 62.78 7.30 24.37
C TRP C 177 61.28 7.53 24.28
N ALA C 178 60.77 7.55 23.06
CA ALA C 178 59.34 7.51 22.82
C ALA C 178 59.09 6.39 21.83
N ALA C 179 58.61 5.26 22.34
CA ALA C 179 58.49 4.04 21.54
C ALA C 179 57.12 3.39 21.69
N GLY C 180 56.67 2.70 20.64
CA GLY C 180 55.38 2.03 20.64
C GLY C 180 54.28 3.01 20.98
N GLY C 181 53.39 2.63 21.91
CA GLY C 181 52.30 3.48 22.35
C GLY C 181 52.76 4.82 22.93
N GLY C 182 54.00 4.87 23.42
CA GLY C 182 54.58 6.12 23.90
C GLY C 182 54.84 7.06 22.75
N HIS C 183 55.31 6.51 21.62
CA HIS C 183 55.46 7.31 20.41
C HIS C 183 54.09 7.85 19.95
N SER C 184 53.08 6.98 19.97
CA SER C 184 51.76 7.39 19.52
C SER C 184 51.12 8.45 20.43
N LEU C 185 51.44 8.41 21.71
CA LEU C 185 50.98 9.46 22.62
C LEU C 185 51.55 10.83 22.26
N HIS C 186 52.85 10.92 21.95
CA HIS C 186 53.39 12.21 21.54
C HIS C 186 52.68 12.68 20.26
N VAL C 187 52.40 11.74 19.35
CA VAL C 187 51.74 12.07 18.08
C VAL C 187 50.40 12.75 18.31
N VAL C 188 49.62 12.27 19.29
CA VAL C 188 48.28 12.81 19.44
C VAL C 188 48.24 14.16 20.18
N CYS C 189 49.30 14.49 20.92
CA CYS C 189 49.36 15.79 21.59
C CYS C 189 49.33 16.94 20.60
N ASP C 190 48.87 18.10 21.04
CA ASP C 190 48.75 19.27 20.17
C ASP C 190 50.12 19.74 19.70
N LEU C 191 51.09 19.72 20.62
CA LEU C 191 52.44 20.19 20.34
C LEU C 191 53.45 19.23 20.94
N THR C 192 54.65 19.19 20.37
CA THR C 192 55.72 18.39 20.95
C THR C 192 57.05 19.14 21.02
N LEU C 193 57.66 19.17 22.20
CA LEU C 193 59.03 19.67 22.36
C LEU C 193 59.92 18.50 22.72
N ALA C 194 61.15 18.47 22.23
CA ALA C 194 61.98 17.28 22.44
C ALA C 194 63.40 17.62 22.90
N SER C 195 63.90 16.79 23.83
CA SER C 195 65.25 16.91 24.37
C SER C 195 66.31 16.62 23.30
N ARG C 196 67.20 17.58 23.03
CA ARG C 196 68.24 17.36 22.01
C ARG C 196 69.06 16.12 22.28
N GLU C 197 69.55 15.97 23.51
CA GLU C 197 70.48 14.90 23.82
C GLU C 197 69.81 13.55 23.98
N TYR C 198 68.62 13.51 24.58
CA TYR C 198 68.06 12.23 24.99
C TYR C 198 66.80 11.77 24.27
N ALA C 199 66.11 12.66 23.56
CA ALA C 199 64.91 12.23 22.83
C ALA C 199 65.31 11.22 21.75
N ARG C 200 64.56 10.13 21.70
CA ARG C 200 64.73 9.11 20.67
C ARG C 200 63.34 8.62 20.27
N PHE C 201 62.99 8.80 19.00
CA PHE C 201 61.67 8.38 18.50
C PHE C 201 61.79 7.06 17.75
N LYS C 202 61.05 6.06 18.18
CA LYS C 202 61.17 4.74 17.59
C LYS C 202 59.85 4.00 17.63
N GLN C 203 59.24 3.82 16.47
CA GLN C 203 57.96 3.15 16.42
C GLN C 203 58.17 1.64 16.33
N THR C 204 58.17 0.98 17.48
CA THR C 204 58.50 -0.43 17.60
C THR C 204 57.32 -1.40 17.48
N ASP C 205 56.12 -0.86 17.25
CA ASP C 205 54.90 -1.67 17.18
C ASP C 205 55.06 -3.00 16.45
N ALA C 206 55.45 -2.93 15.17
CA ALA C 206 55.47 -4.12 14.33
C ALA C 206 56.58 -5.08 14.78
N ASP C 207 57.55 -4.58 15.53
CA ASP C 207 58.61 -5.43 16.10
C ASP C 207 58.06 -6.46 17.10
N VAL C 208 57.02 -6.09 17.84
CA VAL C 208 56.44 -6.98 18.82
C VAL C 208 55.04 -7.44 18.40
N GLY C 209 54.76 -7.34 17.11
CA GLY C 209 53.50 -7.85 16.56
C GLY C 209 52.28 -7.02 16.88
N SER C 210 52.50 -5.76 17.27
CA SER C 210 51.43 -4.85 17.60
C SER C 210 51.28 -3.79 16.52
N PHE C 211 50.25 -2.96 16.62
CA PHE C 211 50.14 -1.81 15.73
C PHE C 211 49.13 -0.83 16.28
N ASP C 212 49.45 0.46 16.19
CA ASP C 212 48.46 1.48 16.46
C ASP C 212 47.88 1.88 15.11
N GLY C 213 46.67 1.40 14.84
CA GLY C 213 46.06 1.67 13.56
C GLY C 213 45.19 2.91 13.57
N GLY C 214 45.28 3.72 14.63
CA GLY C 214 44.45 4.92 14.74
C GLY C 214 45.23 6.23 14.65
N TYR C 215 45.22 7.00 15.73
CA TYR C 215 45.96 8.26 15.77
C TYR C 215 47.47 8.05 15.63
N GLY C 216 47.97 6.93 16.14
CA GLY C 216 49.40 6.69 16.13
C GLY C 216 50.01 6.69 14.74
N SER C 217 49.25 6.18 13.77
CA SER C 217 49.73 6.03 12.41
C SER C 217 49.08 7.03 11.45
N ALA C 218 47.77 6.98 11.31
CA ALA C 218 47.07 7.84 10.35
C ALA C 218 47.25 9.32 10.67
N TYR C 219 47.23 9.67 11.95
CA TYR C 219 47.35 11.07 12.31
C TYR C 219 48.81 11.56 12.18
N LEU C 220 49.77 10.65 12.39
CA LEU C 220 51.18 10.95 12.12
C LEU C 220 51.35 11.39 10.68
N ALA C 221 50.64 10.74 9.76
CA ALA C 221 50.68 11.09 8.34
C ALA C 221 50.18 12.51 8.09
N ARG C 222 49.35 13.04 8.99
CA ARG C 222 48.85 14.41 8.85
C ARG C 222 49.78 15.44 9.52
N GLN C 223 50.94 14.98 9.99
CA GLN C 223 51.97 15.85 10.51
C GLN C 223 53.18 15.80 9.60
N VAL C 224 53.62 14.60 9.23
CA VAL C 224 54.85 14.45 8.43
C VAL C 224 54.63 14.00 6.99
N GLY C 225 53.38 13.79 6.61
CA GLY C 225 53.07 13.30 5.27
C GLY C 225 53.10 11.80 5.21
N GLN C 226 52.47 11.23 4.18
CA GLN C 226 52.28 9.78 4.07
C GLN C 226 53.56 8.98 3.88
N LYS C 227 54.53 9.52 3.16
CA LYS C 227 55.79 8.79 2.93
C LYS C 227 56.60 8.60 4.20
N PHE C 228 56.84 9.70 4.92
CA PHE C 228 57.62 9.65 6.16
C PHE C 228 56.89 8.82 7.22
N ALA C 229 55.57 8.97 7.25
CA ALA C 229 54.81 8.24 8.25
C ALA C 229 54.91 6.73 8.01
N ARG C 230 54.82 6.31 6.76
CA ARG C 230 54.94 4.91 6.42
C ARG C 230 56.38 4.40 6.74
N GLU C 231 57.39 5.21 6.47
CA GLU C 231 58.78 4.85 6.79
C GLU C 231 58.96 4.59 8.29
N ILE C 232 58.45 5.51 9.09
CA ILE C 232 58.58 5.45 10.52
C ILE C 232 58.03 4.14 11.08
N PHE C 233 56.85 3.73 10.60
CA PHE C 233 56.22 2.50 11.08
C PHE C 233 56.79 1.23 10.43
N PHE C 234 56.95 1.25 9.11
CA PHE C 234 57.36 0.04 8.39
C PHE C 234 58.81 -0.37 8.71
N LEU C 235 59.69 0.60 8.95
CA LEU C 235 61.10 0.25 9.21
C LEU C 235 61.48 0.34 10.68
N GLY C 236 60.72 1.11 11.47
CA GLY C 236 60.95 1.18 12.91
C GLY C 236 62.33 1.64 13.35
N ARG C 237 62.90 2.56 12.57
CA ARG C 237 64.21 3.13 12.91
C ARG C 237 64.10 4.11 14.05
N THR C 238 65.24 4.41 14.66
CA THR C 238 65.32 5.39 15.73
C THR C 238 65.63 6.74 15.13
N TYR C 239 64.85 7.76 15.49
CA TYR C 239 65.09 9.13 15.01
C TYR C 239 65.42 10.07 16.16
N THR C 240 66.25 11.06 15.87
CA THR C 240 66.59 12.11 16.82
C THR C 240 65.52 13.20 16.83
N ALA C 241 65.60 14.09 17.81
CA ALA C 241 64.70 15.24 17.85
C ALA C 241 64.78 16.08 16.58
N GLU C 242 66.00 16.34 16.10
CA GLU C 242 66.19 17.18 14.93
C GLU C 242 65.57 16.53 13.68
N GLN C 243 65.77 15.23 13.53
CA GLN C 243 65.19 14.52 12.40
C GLN C 243 63.66 14.60 12.43
N MET C 244 63.07 14.35 13.61
CA MET C 244 61.62 14.45 13.71
C MET C 244 61.13 15.87 13.52
N HIS C 245 61.93 16.85 13.96
CA HIS C 245 61.58 18.26 13.74
C HIS C 245 61.60 18.58 12.25
N GLN C 246 62.62 18.09 11.55
CA GLN C 246 62.69 18.31 10.11
C GLN C 246 61.51 17.66 9.39
N MET C 247 61.05 16.51 9.89
CA MET C 247 59.94 15.83 9.23
C MET C 247 58.58 16.47 9.57
N GLY C 248 58.47 17.12 10.73
CA GLY C 248 57.25 17.84 11.06
C GLY C 248 56.43 17.28 12.22
N ALA C 249 56.98 16.35 12.98
CA ALA C 249 56.24 15.78 14.11
C ALA C 249 56.69 16.43 15.41
N VAL C 250 57.82 17.14 15.38
CA VAL C 250 58.33 17.82 16.59
C VAL C 250 58.43 19.33 16.33
N ASN C 251 57.81 20.13 17.18
CA ASN C 251 57.78 21.59 16.97
C ASN C 251 59.10 22.30 17.20
N ALA C 252 59.82 21.90 18.24
CA ALA C 252 61.11 22.50 18.52
C ALA C 252 61.98 21.55 19.34
N VAL C 253 63.29 21.72 19.19
CA VAL C 253 64.26 20.99 19.96
C VAL C 253 64.78 21.87 21.11
N ALA C 254 64.94 21.30 22.30
CA ALA C 254 65.46 22.04 23.44
C ALA C 254 66.56 21.27 24.13
N GLU C 255 67.46 21.98 24.81
CA GLU C 255 68.44 21.33 25.68
C GLU C 255 67.70 20.55 26.76
N HIS C 256 68.17 19.34 27.04
CA HIS C 256 67.57 18.48 28.06
C HIS C 256 67.31 19.23 29.36
N ALA C 257 68.33 19.91 29.88
CA ALA C 257 68.16 20.61 31.15
C ALA C 257 67.10 21.71 31.07
N GLU C 258 66.85 22.22 29.87
CA GLU C 258 65.91 23.32 29.73
C GLU C 258 64.56 22.90 29.17
N LEU C 259 64.35 21.60 28.98
CA LEU C 259 63.15 21.13 28.27
C LEU C 259 61.84 21.61 28.93
N GLU C 260 61.77 21.54 30.26
CA GLU C 260 60.53 21.93 30.92
C GLU C 260 60.44 23.46 31.04
N THR C 261 61.59 24.12 31.14
CA THR C 261 61.66 25.58 31.11
C THR C 261 61.10 26.12 29.78
N VAL C 262 61.53 25.53 28.67
CA VAL C 262 60.99 25.90 27.37
C VAL C 262 59.50 25.52 27.28
N GLY C 263 59.13 24.36 27.83
CA GLY C 263 57.74 23.96 27.90
C GLY C 263 56.86 25.00 28.59
N LEU C 264 57.36 25.52 29.70
CA LEU C 264 56.67 26.52 30.49
C LEU C 264 56.55 27.85 29.73
N GLN C 265 57.58 28.19 28.97
CA GLN C 265 57.58 29.39 28.14
C GLN C 265 56.53 29.29 27.03
N TRP C 266 56.48 28.13 26.37
CA TRP C 266 55.45 27.87 25.37
C TRP C 266 54.04 27.96 25.98
N ALA C 267 53.86 27.35 27.15
CA ALA C 267 52.61 27.41 27.90
C ALA C 267 52.25 28.87 28.27
N ALA C 268 53.25 29.65 28.66
CA ALA C 268 52.97 31.04 29.04
C ALA C 268 52.49 31.84 27.82
N GLU C 269 53.09 31.58 26.66
CA GLU C 269 52.65 32.27 25.46
C GLU C 269 51.23 31.84 25.07
N ILE C 270 50.91 30.55 25.25
CA ILE C 270 49.57 30.07 24.97
C ILE C 270 48.57 30.69 25.94
N ASN C 271 48.93 30.74 27.22
CA ASN C 271 48.03 31.25 28.26
C ASN C 271 47.85 32.77 28.24
N ALA C 272 48.66 33.47 27.45
CA ALA C 272 48.57 34.93 27.35
C ALA C 272 47.58 35.40 26.29
N LYS C 273 46.97 34.47 25.56
CA LYS C 273 46.01 34.81 24.52
C LYS C 273 44.57 34.58 25.02
N SER C 274 43.58 34.98 24.23
CA SER C 274 42.17 34.73 24.55
C SER C 274 41.92 33.23 24.77
N PRO C 275 41.51 32.84 25.98
CA PRO C 275 41.25 31.41 26.23
C PRO C 275 40.09 30.89 25.37
N GLN C 276 39.08 31.73 25.21
CA GLN C 276 37.96 31.41 24.35
C GLN C 276 38.41 31.14 22.90
N ALA C 277 39.28 31.98 22.36
CA ALA C 277 39.77 31.77 21.00
C ALA C 277 40.60 30.50 20.89
N GLN C 278 41.46 30.25 21.88
CA GLN C 278 42.34 29.08 21.85
C GLN C 278 41.54 27.79 21.81
N ARG C 279 40.46 27.76 22.59
CA ARG C 279 39.53 26.63 22.68
C ARG C 279 38.91 26.30 21.33
N MET C 280 38.34 27.32 20.68
CA MET C 280 37.72 27.19 19.37
C MET C 280 38.74 26.73 18.33
N LEU C 281 39.93 27.30 18.41
CA LEU C 281 40.98 26.97 17.45
C LEU C 281 41.36 25.49 17.55
N LYS C 282 41.50 24.97 18.77
CA LYS C 282 41.84 23.55 18.91
C LYS C 282 40.77 22.68 18.25
N PHE C 283 39.49 22.99 18.51
CA PHE C 283 38.43 22.17 17.92
C PHE C 283 38.31 22.41 16.42
N ALA C 284 38.71 23.58 15.95
CA ALA C 284 38.76 23.82 14.50
C ALA C 284 39.82 22.93 13.82
N PHE C 285 41.00 22.79 14.45
CA PHE C 285 42.06 21.93 13.90
C PHE C 285 41.66 20.44 13.90
N ASN C 286 40.90 20.03 14.92
CA ASN C 286 40.41 18.66 15.03
C ASN C 286 39.33 18.29 14.02
N LEU C 287 38.51 19.27 13.66
CA LEU C 287 37.14 19.03 13.19
C LEU C 287 37.03 17.96 12.09
N LEU C 288 37.52 18.29 10.91
CA LEU C 288 37.30 17.45 9.73
C LEU C 288 37.97 16.08 9.86
N ASP C 289 39.19 16.07 10.41
CA ASP C 289 39.89 14.83 10.65
C ASP C 289 39.07 13.88 11.54
N ASP C 290 38.28 14.46 12.45
CA ASP C 290 37.49 13.66 13.39
C ASP C 290 36.00 13.47 13.01
N GLY C 291 35.64 13.80 11.77
CA GLY C 291 34.29 13.57 11.26
C GLY C 291 33.20 14.17 12.16
N LEU C 292 32.14 13.39 12.38
CA LEU C 292 31.03 13.82 13.22
C LEU C 292 31.46 14.09 14.65
N VAL C 293 32.48 13.40 15.14
CA VAL C 293 32.97 13.65 16.49
C VAL C 293 33.59 15.06 16.58
N GLY C 294 34.42 15.39 15.59
CA GLY C 294 35.01 16.72 15.47
C GLY C 294 33.96 17.81 15.34
N GLN C 295 32.95 17.57 14.52
CA GLN C 295 31.86 18.53 14.39
C GLN C 295 31.12 18.65 15.73
N GLN C 296 30.87 17.52 16.40
CA GLN C 296 30.18 17.59 17.70
C GLN C 296 30.90 18.52 18.70
N LEU C 297 32.22 18.41 18.79
CA LEU C 297 32.98 19.19 19.75
C LEU C 297 33.03 20.66 19.37
N PHE C 298 33.30 20.93 18.10
CA PHE C 298 33.35 22.31 17.66
C PHE C 298 31.94 22.94 17.73
N ALA C 299 30.94 22.21 17.25
CA ALA C 299 29.57 22.75 17.29
C ALA C 299 29.10 22.92 18.73
N GLY C 300 29.59 22.06 19.62
CA GLY C 300 29.28 22.19 21.04
C GLY C 300 29.74 23.52 21.62
N GLU C 301 30.96 23.92 21.27
CA GLU C 301 31.50 25.21 21.71
C GLU C 301 30.76 26.38 21.07
N ALA C 302 30.30 26.22 19.84
CA ALA C 302 29.50 27.27 19.21
C ALA C 302 28.15 27.43 19.94
N THR C 303 27.55 26.33 20.37
CA THR C 303 26.30 26.36 21.13
C THR C 303 26.50 27.12 22.44
N ARG C 304 27.63 26.89 23.11
CA ARG C 304 27.93 27.65 24.32
C ARG C 304 28.02 29.14 24.02
N LEU C 305 28.67 29.51 22.92
CA LEU C 305 28.76 30.92 22.53
C LEU C 305 27.39 31.54 22.25
N ALA C 306 26.51 30.76 21.64
CA ALA C 306 25.16 31.21 21.36
C ALA C 306 24.37 31.41 22.65
N TYR C 307 24.60 30.56 23.64
CA TYR C 307 23.90 30.66 24.91
C TYR C 307 24.18 31.97 25.65
N MET C 308 25.33 32.57 25.37
CA MET C 308 25.71 33.82 26.02
C MET C 308 24.92 35.02 25.51
N THR C 309 24.30 34.85 24.34
CA THR C 309 23.65 35.97 23.64
C THR C 309 22.25 36.31 24.19
N ASP C 310 21.86 37.58 24.05
CA ASP C 310 20.53 38.04 24.41
C ASP C 310 19.47 37.26 23.64
N GLU C 311 19.77 36.91 22.39
CA GLU C 311 18.83 36.16 21.55
C GLU C 311 18.52 34.78 22.15
N ALA C 312 19.54 34.06 22.59
CA ALA C 312 19.31 32.76 23.23
C ALA C 312 18.55 32.89 24.55
N VAL C 313 18.85 33.94 25.31
CA VAL C 313 18.17 34.18 26.57
C VAL C 313 16.70 34.50 26.32
N GLU C 314 16.41 35.23 25.25
CA GLU C 314 15.04 35.49 24.90
C GLU C 314 14.29 34.18 24.61
N GLY C 315 14.98 33.24 23.97
CA GLY C 315 14.40 31.92 23.72
C GLY C 315 14.07 31.16 25.00
N ARG C 316 15.00 31.17 25.96
CA ARG C 316 14.77 30.56 27.27
C ARG C 316 13.61 31.21 28.00
N ASP C 317 13.63 32.54 28.05
CA ASP C 317 12.63 33.31 28.79
C ASP C 317 11.24 33.08 28.20
N ALA C 318 11.14 33.06 26.88
CA ALA C 318 9.86 32.85 26.23
C ALA C 318 9.27 31.49 26.60
N PHE C 319 10.10 30.45 26.65
CA PHE C 319 9.59 29.15 27.05
C PHE C 319 9.09 29.15 28.51
N LEU C 320 9.90 29.72 29.41
CA LEU C 320 9.56 29.76 30.83
C LEU C 320 8.31 30.63 31.06
N GLN C 321 8.13 31.64 30.23
CA GLN C 321 6.98 32.52 30.39
C GLN C 321 5.78 32.08 29.55
N LYS C 322 5.90 30.93 28.91
CA LYS C 322 4.81 30.36 28.11
C LYS C 322 4.21 31.37 27.12
N ARG C 323 5.09 32.03 26.37
CA ARG C 323 4.69 33.03 25.40
C ARG C 323 5.51 32.87 24.13
N PRO C 324 5.05 33.49 23.02
CA PRO C 324 5.89 33.45 21.82
C PRO C 324 7.16 34.27 22.03
N PRO C 325 8.29 33.79 21.51
CA PRO C 325 9.50 34.59 21.60
C PRO C 325 9.42 35.76 20.65
N ASP C 326 10.06 36.86 21.01
CA ASP C 326 10.10 38.02 20.13
C ASP C 326 11.51 38.18 19.59
N TRP C 327 11.71 37.86 18.31
CA TRP C 327 13.04 37.88 17.71
C TRP C 327 13.40 39.20 17.02
N SER C 328 12.46 40.14 16.98
CA SER C 328 12.66 41.38 16.21
C SER C 328 13.90 42.22 16.60
N PRO C 329 14.37 42.17 17.85
CA PRO C 329 15.61 42.92 18.10
C PRO C 329 16.87 42.29 17.49
N PHE C 330 16.76 41.09 16.94
CA PHE C 330 17.93 40.35 16.51
C PHE C 330 18.00 40.18 15.00
N PRO C 331 18.99 40.84 14.36
CA PRO C 331 19.17 40.86 12.90
C PRO C 331 19.56 39.53 12.27
N ARG C 332 19.11 39.35 11.03
CA ARG C 332 19.53 38.25 10.18
C ARG C 332 20.88 38.52 9.53
N TYR C 333 21.97 38.27 10.27
CA TYR C 333 23.32 38.48 9.73
C TYR C 333 23.57 37.72 8.44
N PHE C 334 24.43 38.28 7.58
CA PHE C 334 24.78 37.59 6.35
C PHE C 334 26.23 37.86 5.95
N ASN D 38 1.35 1.04 31.70
CA ASN D 38 2.74 1.39 32.00
C ASN D 38 3.70 0.35 31.44
N PRO D 39 4.67 0.81 30.64
CA PRO D 39 5.65 -0.07 29.99
C PRO D 39 6.58 -0.77 30.99
N PHE D 40 6.71 -0.22 32.20
CA PHE D 40 7.63 -0.77 33.20
C PHE D 40 7.02 -1.96 33.91
N ASP D 41 7.70 -3.11 33.80
CA ASP D 41 7.29 -4.33 34.49
C ASP D 41 8.23 -4.60 35.67
N ALA D 42 7.83 -4.20 36.87
CA ALA D 42 8.73 -4.23 38.02
C ALA D 42 9.27 -5.61 38.35
N LYS D 43 8.49 -6.65 38.05
CA LYS D 43 8.91 -8.01 38.38
C LYS D 43 10.10 -8.48 37.56
N ALA D 44 10.35 -7.81 36.42
CA ALA D 44 11.38 -8.27 35.48
C ALA D 44 12.76 -7.69 35.78
N TRP D 45 12.80 -6.72 36.69
CA TRP D 45 13.98 -5.88 36.89
C TRP D 45 14.47 -5.88 38.32
N ARG D 46 15.78 -5.80 38.49
CA ARG D 46 16.38 -5.68 39.81
C ARG D 46 17.28 -4.45 39.85
N LEU D 47 17.34 -3.78 40.99
CA LEU D 47 18.26 -2.66 41.14
C LEU D 47 19.72 -3.13 41.06
N VAL D 48 20.60 -2.22 40.68
CA VAL D 48 22.01 -2.55 40.55
C VAL D 48 22.76 -2.11 41.80
N ASP D 49 23.59 -3.00 42.33
CA ASP D 49 24.36 -2.71 43.55
C ASP D 49 25.21 -1.45 43.42
N GLY D 50 25.15 -0.58 44.42
CA GLY D 50 25.98 0.61 44.48
C GLY D 50 25.33 1.88 43.96
N PHE D 51 24.07 1.79 43.55
CA PHE D 51 23.41 2.93 42.90
C PHE D 51 22.16 3.39 43.65
N ASP D 52 22.23 3.21 44.98
CA ASP D 52 21.20 3.64 45.93
C ASP D 52 20.99 5.15 45.99
N ASP D 53 22.04 5.90 45.65
CA ASP D 53 22.05 7.36 45.77
C ASP D 53 21.50 8.10 44.54
N LEU D 54 21.07 7.36 43.53
CA LEU D 54 20.54 7.99 42.29
C LEU D 54 19.24 8.75 42.58
N THR D 55 19.12 9.95 42.04
CA THR D 55 17.91 10.76 42.24
C THR D 55 17.19 11.11 40.92
N ASP D 56 17.94 11.40 39.86
CA ASP D 56 17.37 11.88 38.60
C ASP D 56 17.20 10.77 37.54
N ILE D 57 17.75 9.61 37.85
CA ILE D 57 17.93 8.51 36.90
C ILE D 57 17.59 7.21 37.60
N THR D 58 16.99 6.24 36.91
CA THR D 58 16.93 4.91 37.49
C THR D 58 17.75 3.94 36.65
N TYR D 59 18.20 2.87 37.29
CA TYR D 59 19.15 1.91 36.73
C TYR D 59 18.80 0.51 37.20
N HIS D 60 18.37 -0.35 36.28
CA HIS D 60 18.06 -1.74 36.63
C HIS D 60 18.76 -2.73 35.74
N ARG D 61 18.98 -3.91 36.27
CA ARG D 61 19.46 -5.05 35.49
C ARG D 61 18.31 -6.06 35.37
N HIS D 62 18.15 -6.67 34.21
CA HIS D 62 17.09 -7.66 34.02
C HIS D 62 17.36 -8.88 34.91
N VAL D 63 16.30 -9.50 35.42
CA VAL D 63 16.46 -10.62 36.37
C VAL D 63 17.12 -11.84 35.73
N ASP D 64 16.94 -12.01 34.42
CA ASP D 64 17.53 -13.13 33.70
C ASP D 64 18.49 -12.70 32.58
N ASP D 65 18.14 -11.64 31.85
CA ASP D 65 18.85 -11.31 30.60
C ASP D 65 20.07 -10.41 30.80
N ALA D 66 20.99 -10.48 29.84
CA ALA D 66 22.16 -9.59 29.79
C ALA D 66 21.77 -8.19 29.26
N THR D 67 20.83 -7.56 29.95
CA THR D 67 20.21 -6.33 29.51
C THR D 67 19.98 -5.45 30.71
N VAL D 68 20.28 -4.16 30.56
CA VAL D 68 19.98 -3.19 31.60
C VAL D 68 18.97 -2.17 31.12
N ARG D 69 18.35 -1.48 32.08
CA ARG D 69 17.38 -0.43 31.81
C ARG D 69 17.81 0.85 32.50
N VAL D 70 18.01 1.90 31.69
CA VAL D 70 18.43 3.21 32.17
C VAL D 70 17.35 4.25 31.85
N ALA D 71 16.87 4.98 32.85
CA ALA D 71 15.72 5.84 32.60
C ALA D 71 15.79 7.20 33.28
N PHE D 72 15.37 8.23 32.55
CA PHE D 72 15.19 9.54 33.14
C PHE D 72 14.09 9.47 34.18
N ASN D 73 14.30 10.17 35.28
CA ASN D 73 13.39 10.06 36.40
C ASN D 73 12.97 11.43 36.94
N ARG D 74 12.66 12.35 36.05
CA ARG D 74 12.06 13.63 36.44
C ARG D 74 10.78 13.87 35.64
N PRO D 75 9.80 12.97 35.78
CA PRO D 75 8.63 13.07 34.91
C PRO D 75 7.78 14.33 35.15
N GLU D 76 7.96 15.01 36.28
CA GLU D 76 7.21 16.23 36.55
C GLU D 76 7.61 17.36 35.61
N VAL D 77 8.80 17.29 35.01
CA VAL D 77 9.19 18.27 34.00
C VAL D 77 9.49 17.61 32.66
N ARG D 78 8.69 16.62 32.29
CA ARG D 78 8.82 15.89 31.04
C ARG D 78 10.24 15.34 30.92
N ASN D 79 10.80 14.91 32.04
CA ASN D 79 12.13 14.29 32.10
C ASN D 79 13.26 15.14 31.54
N ALA D 80 13.19 16.45 31.75
CA ALA D 80 14.28 17.35 31.45
C ALA D 80 15.50 17.03 32.30
N PHE D 81 16.70 17.14 31.74
CA PHE D 81 17.89 16.87 32.52
C PHE D 81 18.58 18.15 32.98
N ARG D 82 19.10 18.10 34.20
CA ARG D 82 19.96 19.16 34.73
C ARG D 82 21.37 18.56 34.82
N PRO D 83 22.40 19.37 35.13
CA PRO D 83 23.74 18.78 35.08
C PRO D 83 23.90 17.54 35.97
N HIS D 84 23.26 17.51 37.13
CA HIS D 84 23.32 16.33 37.98
C HIS D 84 22.72 15.10 37.31
N THR D 85 21.65 15.29 36.54
CA THR D 85 21.05 14.20 35.77
C THR D 85 22.09 13.62 34.81
N VAL D 86 22.78 14.52 34.12
CA VAL D 86 23.79 14.15 33.15
C VAL D 86 24.91 13.35 33.83
N ASP D 87 25.36 13.82 34.99
CA ASP D 87 26.40 13.11 35.75
C ASP D 87 25.95 11.70 36.13
N GLU D 88 24.71 11.58 36.59
CA GLU D 88 24.20 10.27 36.98
C GLU D 88 24.10 9.36 35.75
N LEU D 89 23.62 9.93 34.65
CA LEU D 89 23.44 9.21 33.41
C LEU D 89 24.77 8.69 32.88
N TYR D 90 25.79 9.54 32.92
CA TYR D 90 27.11 9.15 32.50
C TYR D 90 27.63 8.01 33.38
N ARG D 91 27.49 8.17 34.69
CA ARG D 91 28.02 7.20 35.63
C ARG D 91 27.35 5.85 35.38
N VAL D 92 26.04 5.88 35.18
CA VAL D 92 25.29 4.66 34.98
C VAL D 92 25.66 3.95 33.65
N LEU D 93 25.71 4.71 32.55
CA LEU D 93 26.08 4.15 31.26
C LEU D 93 27.52 3.63 31.28
N ASP D 94 28.40 4.35 31.96
CA ASP D 94 29.79 3.91 32.07
C ASP D 94 29.87 2.57 32.80
N HIS D 95 29.08 2.42 33.86
CA HIS D 95 29.03 1.16 34.58
C HIS D 95 28.53 0.02 33.70
N ALA D 96 27.48 0.30 32.92
CA ALA D 96 26.96 -0.69 32.00
C ALA D 96 28.02 -1.10 30.97
N ARG D 97 28.78 -0.12 30.50
CA ARG D 97 29.84 -0.37 29.53
C ARG D 97 30.87 -1.37 30.07
N MET D 98 31.22 -1.21 31.33
CA MET D 98 32.29 -2.00 31.94
C MET D 98 31.77 -3.29 32.59
N SER D 99 30.48 -3.58 32.43
CA SER D 99 29.88 -4.81 32.95
C SER D 99 29.89 -5.92 31.92
N PRO D 100 30.77 -6.91 32.09
CA PRO D 100 30.96 -7.96 31.09
C PRO D 100 29.73 -8.84 30.88
N ASP D 101 28.84 -8.87 31.86
CA ASP D 101 27.65 -9.70 31.74
C ASP D 101 26.46 -8.92 31.18
N VAL D 102 26.71 -7.71 30.69
CA VAL D 102 25.65 -6.91 30.04
C VAL D 102 25.96 -6.70 28.55
N GLY D 103 25.01 -7.07 27.70
CA GLY D 103 25.19 -6.91 26.25
C GLY D 103 24.43 -5.73 25.65
N VAL D 104 23.29 -5.36 26.25
CA VAL D 104 22.44 -4.33 25.65
C VAL D 104 21.91 -3.35 26.69
N VAL D 105 21.91 -2.07 26.34
CA VAL D 105 21.33 -1.02 27.17
C VAL D 105 19.99 -0.54 26.60
N LEU D 106 18.95 -0.55 27.43
CA LEU D 106 17.68 0.08 27.07
C LEU D 106 17.60 1.44 27.74
N LEU D 107 17.53 2.49 26.93
CA LEU D 107 17.47 3.86 27.43
C LEU D 107 16.07 4.45 27.22
N THR D 108 15.44 4.91 28.30
CA THR D 108 14.05 5.34 28.20
C THR D 108 13.71 6.38 29.27
N GLY D 109 12.44 6.72 29.42
CA GLY D 109 12.01 7.67 30.45
C GLY D 109 10.91 7.07 31.30
N ASN D 110 10.95 7.34 32.59
CA ASN D 110 9.87 6.91 33.50
C ASN D 110 8.68 7.86 33.45
N GLY D 111 7.50 7.37 33.84
CA GLY D 111 6.33 8.22 33.89
C GLY D 111 5.09 7.48 34.38
N PRO D 112 3.91 8.11 34.27
CA PRO D 112 3.76 9.45 33.71
C PRO D 112 4.01 10.57 34.71
N SER D 113 3.83 11.80 34.26
CA SER D 113 3.86 12.96 35.14
C SER D 113 2.76 12.81 36.18
N PRO D 114 3.14 12.94 37.47
CA PRO D 114 2.13 12.90 38.52
C PRO D 114 1.26 14.15 38.47
N LYS D 115 1.72 15.18 37.77
CA LYS D 115 0.96 16.42 37.67
C LYS D 115 -0.17 16.36 36.61
N ASP D 116 0.11 15.85 35.43
CA ASP D 116 -0.91 15.87 34.38
C ASP D 116 -1.06 14.58 33.58
N GLY D 117 -0.38 13.52 34.03
CA GLY D 117 -0.44 12.25 33.33
C GLY D 117 0.30 12.22 31.99
N GLY D 118 1.07 13.27 31.69
CA GLY D 118 1.80 13.31 30.42
C GLY D 118 3.00 12.36 30.38
N TRP D 119 3.22 11.73 29.21
CA TRP D 119 4.30 10.78 29.04
C TRP D 119 5.51 11.42 28.35
N ALA D 120 6.72 11.17 28.86
CA ALA D 120 7.91 11.74 28.23
C ALA D 120 9.09 10.79 28.26
N PHE D 121 9.82 10.73 27.15
CA PHE D 121 11.14 10.12 27.17
C PHE D 121 12.09 11.12 27.82
N CYS D 122 12.26 12.26 27.18
CA CYS D 122 13.18 13.29 27.66
C CYS D 122 13.00 14.60 26.91
N SER D 123 12.82 15.70 27.64
CA SER D 123 12.58 16.99 26.99
C SER D 123 13.85 17.85 26.88
N GLY D 124 15.01 17.23 27.03
CA GLY D 124 16.26 17.94 26.85
C GLY D 124 16.63 18.70 28.11
N GLY D 125 17.47 19.72 27.96
CA GLY D 125 17.98 20.48 29.09
C GLY D 125 16.87 21.21 29.83
N ASP D 126 16.96 21.16 31.16
CA ASP D 126 16.05 21.85 32.05
C ASP D 126 16.25 23.37 31.92
N GLN D 127 15.34 24.05 31.24
CA GLN D 127 15.49 25.48 30.93
C GLN D 127 15.55 26.40 32.16
N ARG D 128 15.00 25.94 33.28
CA ARG D 128 14.97 26.71 34.51
C ARG D 128 16.37 27.05 35.03
N ILE D 129 17.33 26.18 34.75
CA ILE D 129 18.67 26.41 35.27
C ILE D 129 19.64 26.61 34.11
N ARG D 130 19.10 26.95 32.94
CA ARG D 130 19.95 27.34 31.82
C ARG D 130 20.38 28.79 32.02
N GLY D 131 21.68 29.04 31.93
CA GLY D 131 22.21 30.38 32.06
C GLY D 131 22.96 30.77 30.80
N ARG D 132 23.61 31.92 30.84
CA ARG D 132 24.36 32.39 29.68
C ARG D 132 25.59 31.51 29.46
N SER D 133 26.07 30.83 30.50
CA SER D 133 27.22 29.94 30.36
C SER D 133 26.86 28.46 30.23
N GLY D 134 25.56 28.18 30.05
CA GLY D 134 25.10 26.81 29.92
C GLY D 134 24.20 26.38 31.05
N TYR D 135 24.03 25.07 31.20
CA TYR D 135 23.19 24.51 32.25
C TYR D 135 23.98 24.48 33.55
N GLN D 136 23.37 24.99 34.61
CA GLN D 136 24.09 25.24 35.85
C GLN D 136 23.61 24.37 37.00
N TYR D 137 24.56 23.90 37.82
CA TYR D 137 24.24 23.19 39.05
C TYR D 137 23.49 24.08 40.03
N ALA D 138 22.50 23.49 40.68
CA ALA D 138 21.69 24.21 41.66
C ALA D 138 21.34 23.30 42.84
N SER D 139 21.16 23.89 44.02
CA SER D 139 20.81 23.10 45.20
C SER D 139 19.35 22.67 45.15
N GLY D 140 18.53 23.42 44.43
CA GLY D 140 17.13 23.07 44.24
C GLY D 140 16.75 22.86 42.79
N ASP D 141 15.46 23.00 42.50
CA ASP D 141 14.95 22.78 41.15
C ASP D 141 14.87 24.06 40.35
N THR D 142 14.99 25.20 41.02
CA THR D 142 14.69 26.47 40.37
C THR D 142 15.91 27.38 40.28
N ALA D 143 15.78 28.43 39.46
CA ALA D 143 16.91 29.30 39.13
C ALA D 143 17.54 30.01 40.33
N ASP D 144 16.72 30.31 41.33
CA ASP D 144 17.22 31.04 42.49
C ASP D 144 18.18 30.19 43.32
N THR D 145 18.20 28.88 43.08
CA THR D 145 19.09 27.99 43.85
C THR D 145 20.37 27.64 43.06
N VAL D 146 20.59 28.31 41.94
CA VAL D 146 21.79 28.09 41.14
C VAL D 146 23.05 28.55 41.88
N ASP D 147 24.09 27.72 41.86
CA ASP D 147 25.38 28.13 42.38
C ASP D 147 26.05 29.09 41.40
N VAL D 148 25.94 30.38 41.67
CA VAL D 148 26.42 31.40 40.74
C VAL D 148 27.95 31.41 40.59
N ALA D 149 28.65 30.84 41.56
CA ALA D 149 30.11 30.84 41.54
C ALA D 149 30.64 29.82 40.54
N ARG D 150 29.75 28.99 40.03
CA ARG D 150 30.10 27.82 39.25
C ARG D 150 29.61 27.93 37.80
N ALA D 151 30.54 27.84 36.84
CA ALA D 151 30.20 27.97 35.43
C ALA D 151 29.28 26.84 34.98
N GLY D 152 28.45 27.13 34.00
CA GLY D 152 27.52 26.18 33.41
C GLY D 152 28.20 25.17 32.50
N ARG D 153 27.48 24.09 32.19
CA ARG D 153 28.05 23.06 31.31
C ARG D 153 27.08 22.62 30.23
N LEU D 154 27.64 22.03 29.18
CA LEU D 154 26.83 21.41 28.12
C LEU D 154 27.23 19.97 27.91
N HIS D 155 27.47 19.23 28.99
CA HIS D 155 28.15 17.94 28.85
C HIS D 155 27.22 16.75 28.60
N ILE D 156 25.97 17.00 28.19
CA ILE D 156 25.19 15.91 27.60
C ILE D 156 25.94 15.38 26.37
N LEU D 157 26.78 16.22 25.76
CA LEU D 157 27.60 15.79 24.63
C LEU D 157 28.55 14.65 25.01
N GLU D 158 29.01 14.63 26.25
CA GLU D 158 29.86 13.54 26.75
C GLU D 158 29.08 12.23 26.84
N VAL D 159 27.80 12.32 27.20
CA VAL D 159 26.95 11.14 27.22
C VAL D 159 26.72 10.64 25.79
N GLN D 160 26.52 11.56 24.85
CA GLN D 160 26.37 11.21 23.43
C GLN D 160 27.55 10.40 22.95
N ARG D 161 28.76 10.84 23.28
CA ARG D 161 29.95 10.13 22.87
C ARG D 161 30.08 8.77 23.56
N LEU D 162 29.71 8.73 24.83
CA LEU D 162 29.76 7.49 25.59
C LEU D 162 28.86 6.42 24.96
N ILE D 163 27.64 6.81 24.61
CA ILE D 163 26.72 5.92 23.91
C ILE D 163 27.31 5.50 22.56
N ARG D 164 27.83 6.47 21.83
CA ARG D 164 28.43 6.26 20.50
C ARG D 164 29.62 5.30 20.52
N PHE D 165 30.51 5.45 21.49
CA PHE D 165 31.77 4.72 21.50
C PHE D 165 31.69 3.41 22.27
N MET D 166 30.60 3.16 22.98
CA MET D 166 30.63 1.96 23.79
C MET D 166 30.37 0.75 22.90
N PRO D 167 31.10 -0.34 23.17
CA PRO D 167 31.07 -1.56 22.34
C PRO D 167 29.84 -2.42 22.61
N LYS D 168 28.69 -1.80 22.84
CA LYS D 168 27.44 -2.50 23.13
C LYS D 168 26.30 -1.77 22.47
N VAL D 169 25.24 -2.48 22.09
CA VAL D 169 24.12 -1.83 21.44
C VAL D 169 23.26 -1.09 22.46
N VAL D 170 22.98 0.17 22.15
CA VAL D 170 22.08 1.00 22.95
C VAL D 170 20.78 1.22 22.18
N ILE D 171 19.68 0.76 22.77
CA ILE D 171 18.39 0.91 22.15
C ILE D 171 17.62 1.98 22.89
N CYS D 172 17.17 3.01 22.17
CA CYS D 172 16.32 4.02 22.79
C CYS D 172 14.85 3.57 22.73
N LEU D 173 14.16 3.60 23.87
CA LEU D 173 12.73 3.33 23.92
C LEU D 173 11.97 4.62 24.16
N VAL D 174 11.40 5.19 23.11
CA VAL D 174 10.72 6.47 23.23
C VAL D 174 9.28 6.24 23.66
N ASN D 175 9.03 6.49 24.93
CA ASN D 175 7.76 6.20 25.57
C ASN D 175 6.88 7.42 25.67
N GLY D 176 7.36 8.53 25.10
CA GLY D 176 6.66 9.81 25.22
C GLY D 176 7.34 10.92 24.45
N TRP D 177 7.17 12.15 24.93
CA TRP D 177 7.84 13.30 24.33
C TRP D 177 9.35 13.10 24.23
N ALA D 178 9.89 13.40 23.05
CA ALA D 178 11.34 13.48 22.90
C ALA D 178 11.64 14.79 22.23
N ALA D 179 12.13 15.74 23.01
CA ALA D 179 12.30 17.10 22.51
C ALA D 179 13.69 17.63 22.83
N GLY D 180 14.18 18.56 22.02
CA GLY D 180 15.49 19.16 22.22
C GLY D 180 16.59 18.12 22.34
N GLY D 181 17.40 18.26 23.39
CA GLY D 181 18.47 17.32 23.68
C GLY D 181 17.95 15.92 23.89
N GLY D 182 16.68 15.78 24.27
CA GLY D 182 16.07 14.48 24.40
C GLY D 182 15.89 13.83 23.04
N HIS D 183 15.48 14.61 22.04
CA HIS D 183 15.40 14.12 20.68
C HIS D 183 16.79 13.71 20.18
N SER D 184 17.79 14.53 20.48
CA SER D 184 19.15 14.25 20.03
C SER D 184 19.72 12.98 20.66
N LEU D 185 19.34 12.69 21.89
CA LEU D 185 19.77 11.46 22.54
C LEU D 185 19.20 10.25 21.82
N HIS D 186 17.91 10.26 21.48
CA HIS D 186 17.46 9.17 20.63
C HIS D 186 18.19 9.08 19.31
N VAL D 187 18.53 10.21 18.69
CA VAL D 187 19.19 10.17 17.38
C VAL D 187 20.49 9.39 17.45
N VAL D 188 21.25 9.58 18.53
CA VAL D 188 22.58 9.02 18.63
C VAL D 188 22.58 7.54 19.06
N CYS D 189 21.48 7.06 19.62
CA CYS D 189 21.39 5.63 19.94
C CYS D 189 21.43 4.77 18.69
N ASP D 190 21.89 3.54 18.86
CA ASP D 190 22.03 2.62 17.74
C ASP D 190 20.68 2.29 17.11
N LEU D 191 19.68 2.09 17.96
CA LEU D 191 18.34 1.69 17.53
C LEU D 191 17.29 2.46 18.31
N THR D 192 16.10 2.66 17.74
CA THR D 192 15.01 3.29 18.49
C THR D 192 13.68 2.55 18.30
N LEU D 193 13.04 2.20 19.42
CA LEU D 193 11.67 1.68 19.41
C LEU D 193 10.78 2.74 20.04
N ALA D 194 9.58 2.91 19.51
CA ALA D 194 8.74 4.03 19.96
C ALA D 194 7.30 3.60 20.22
N SER D 195 6.73 4.18 21.28
CA SER D 195 5.34 3.98 21.66
C SER D 195 4.35 4.54 20.64
N ARG D 196 3.51 3.68 20.06
CA ARG D 196 2.51 4.13 19.08
C ARG D 196 1.61 5.26 19.60
N GLU D 197 1.09 5.10 20.80
CA GLU D 197 0.13 6.05 21.35
C GLU D 197 0.78 7.33 21.86
N TYR D 198 1.95 7.22 22.49
CA TYR D 198 2.46 8.38 23.23
C TYR D 198 3.79 8.98 22.74
N ALA D 199 4.53 8.27 21.88
CA ALA D 199 5.78 8.86 21.38
C ALA D 199 5.49 10.13 20.59
N ARG D 200 6.22 11.19 20.92
CA ARG D 200 6.09 12.44 20.21
C ARG D 200 7.46 13.03 19.99
N PHE D 201 7.85 13.13 18.73
CA PHE D 201 9.16 13.66 18.36
C PHE D 201 9.01 15.10 17.96
N LYS D 202 9.74 15.98 18.64
CA LYS D 202 9.63 17.39 18.37
C LYS D 202 10.95 18.07 18.65
N GLN D 203 11.62 18.50 17.60
CA GLN D 203 12.90 19.16 17.77
C GLN D 203 12.70 20.66 17.98
N THR D 204 12.67 21.07 19.25
CA THR D 204 12.34 22.43 19.64
C THR D 204 13.55 23.37 19.78
N ASP D 205 14.75 22.87 19.48
CA ASP D 205 16.00 23.64 19.63
C ASP D 205 15.90 25.10 19.19
N ALA D 206 15.52 25.33 17.93
CA ALA D 206 15.53 26.69 17.40
C ALA D 206 14.43 27.57 18.04
N ASP D 207 13.39 26.95 18.61
CA ASP D 207 12.36 27.70 19.34
C ASP D 207 12.94 28.39 20.56
N VAL D 208 13.93 27.78 21.20
CA VAL D 208 14.50 28.39 22.40
C VAL D 208 15.93 28.89 22.17
N GLY D 209 16.30 29.08 20.91
CA GLY D 209 17.58 29.69 20.59
C GLY D 209 18.75 28.75 20.80
N SER D 210 18.46 27.46 20.86
CA SER D 210 19.52 26.49 21.04
C SER D 210 19.72 25.72 19.74
N PHE D 211 20.76 24.91 19.67
CA PHE D 211 20.93 24.02 18.54
C PHE D 211 21.94 22.94 18.89
N ASP D 212 21.62 21.71 18.50
CA ASP D 212 22.59 20.64 18.52
C ASP D 212 23.15 20.58 17.11
N GLY D 213 24.35 21.09 16.95
CA GLY D 213 24.98 21.17 15.65
C GLY D 213 25.86 19.97 15.39
N GLY D 214 25.72 18.94 16.23
CA GLY D 214 26.53 17.74 16.06
C GLY D 214 25.73 16.52 15.64
N TYR D 215 25.71 15.50 16.49
CA TYR D 215 24.97 14.27 16.20
C TYR D 215 23.45 14.52 16.10
N GLY D 216 22.95 15.50 16.86
CA GLY D 216 21.52 15.75 16.91
C GLY D 216 20.93 16.04 15.53
N SER D 217 21.70 16.73 14.69
CA SER D 217 21.28 17.20 13.37
C SER D 217 21.97 16.49 12.20
N ALA D 218 23.29 16.60 12.14
CA ALA D 218 24.05 16.01 11.04
C ALA D 218 23.87 14.50 11.00
N TYR D 219 23.83 13.87 12.17
CA TYR D 219 23.67 12.43 12.19
C TYR D 219 22.22 12.01 11.91
N LEU D 220 21.26 12.85 12.31
CA LEU D 220 19.86 12.61 11.95
C LEU D 220 19.72 12.53 10.43
N ALA D 221 20.42 13.41 9.73
CA ALA D 221 20.41 13.41 8.27
C ALA D 221 20.92 12.09 7.68
N ARG D 222 21.75 11.36 8.42
CA ARG D 222 22.27 10.09 7.93
C ARG D 222 21.34 8.94 8.28
N GLN D 223 20.17 9.29 8.81
CA GLN D 223 19.10 8.33 9.08
C GLN D 223 17.89 8.58 8.19
N VAL D 224 17.44 9.84 8.11
CA VAL D 224 16.22 10.17 7.39
C VAL D 224 16.50 10.97 6.10
N GLY D 225 17.77 11.24 5.82
CA GLY D 225 18.12 12.04 4.64
C GLY D 225 18.10 13.53 4.93
N GLN D 226 18.80 14.30 4.09
CA GLN D 226 19.00 15.73 4.34
C GLN D 226 17.69 16.55 4.31
N LYS D 227 16.75 16.21 3.45
CA LYS D 227 15.51 16.98 3.37
C LYS D 227 14.67 16.86 4.64
N PHE D 228 14.40 15.63 5.07
CA PHE D 228 13.62 15.38 6.27
C PHE D 228 14.32 15.89 7.53
N ALA D 229 15.64 15.74 7.62
CA ALA D 229 16.37 16.22 8.81
C ALA D 229 16.24 17.74 8.92
N ARG D 230 16.37 18.42 7.79
CA ARG D 230 16.25 19.88 7.78
C ARG D 230 14.82 20.31 8.17
N GLU D 231 13.83 19.59 7.68
CA GLU D 231 12.43 19.87 8.06
C GLU D 231 12.20 19.76 9.56
N ILE D 232 12.71 18.67 10.13
CA ILE D 232 12.55 18.37 11.55
C ILE D 232 13.09 19.50 12.42
N PHE D 233 14.25 20.03 12.06
CA PHE D 233 14.87 21.10 12.81
C PHE D 233 14.33 22.51 12.46
N PHE D 234 14.17 22.80 11.17
CA PHE D 234 13.80 24.15 10.75
C PHE D 234 12.36 24.49 11.16
N LEU D 235 11.46 23.51 11.16
CA LEU D 235 10.06 23.77 11.50
C LEU D 235 9.68 23.31 12.91
N GLY D 236 10.40 22.33 13.44
CA GLY D 236 10.16 21.89 14.81
C GLY D 236 8.75 21.37 15.06
N ARG D 237 8.18 20.70 14.06
CA ARG D 237 6.85 20.11 14.20
C ARG D 237 6.89 18.85 15.05
N THR D 238 5.71 18.45 15.52
CA THR D 238 5.54 17.23 16.30
C THR D 238 5.25 16.04 15.38
N TYR D 239 6.01 14.96 15.55
CA TYR D 239 5.82 13.76 14.75
C TYR D 239 5.47 12.58 15.64
N THR D 240 4.62 11.70 15.12
CA THR D 240 4.29 10.46 15.80
C THR D 240 5.38 9.41 15.55
N ALA D 241 5.29 8.30 16.28
CA ALA D 241 6.17 7.16 16.08
C ALA D 241 6.10 6.63 14.65
N GLU D 242 4.89 6.51 14.13
CA GLU D 242 4.68 5.98 12.79
C GLU D 242 5.32 6.89 11.74
N GLN D 243 5.15 8.20 11.88
CA GLN D 243 5.78 9.14 10.96
C GLN D 243 7.31 9.07 10.98
N MET D 244 7.92 9.02 12.16
CA MET D 244 9.36 8.90 12.28
C MET D 244 9.88 7.56 11.75
N HIS D 245 9.07 6.51 11.91
CA HIS D 245 9.41 5.21 11.34
C HIS D 245 9.43 5.28 9.81
N GLN D 246 8.43 5.93 9.22
CA GLN D 246 8.37 6.12 7.78
C GLN D 246 9.57 6.92 7.26
N MET D 247 10.04 7.91 8.03
CA MET D 247 11.17 8.73 7.62
C MET D 247 12.53 8.01 7.81
N GLY D 248 12.58 7.07 8.74
CA GLY D 248 13.76 6.24 8.94
C GLY D 248 14.54 6.39 10.24
N ALA D 249 13.99 7.14 11.20
CA ALA D 249 14.68 7.37 12.47
C ALA D 249 14.19 6.46 13.58
N VAL D 250 13.07 5.79 13.34
CA VAL D 250 12.51 4.86 14.31
C VAL D 250 12.45 3.48 13.70
N ASN D 251 13.06 2.49 14.36
CA ASN D 251 13.12 1.13 13.81
C ASN D 251 11.79 0.41 13.82
N ALA D 252 11.03 0.54 14.89
CA ALA D 252 9.72 -0.10 14.93
C ALA D 252 8.82 0.60 15.92
N VAL D 253 7.53 0.48 15.66
CA VAL D 253 6.52 1.03 16.53
C VAL D 253 5.93 -0.10 17.38
N ALA D 254 5.74 0.15 18.68
CA ALA D 254 5.12 -0.84 19.56
C ALA D 254 4.01 -0.21 20.39
N GLU D 255 3.06 -1.04 20.80
CA GLU D 255 2.04 -0.62 21.75
C GLU D 255 2.73 -0.17 23.04
N HIS D 256 2.24 0.93 23.60
CA HIS D 256 2.81 1.55 24.79
C HIS D 256 3.10 0.54 25.89
N ALA D 257 2.09 -0.27 26.23
CA ALA D 257 2.22 -1.25 27.30
C ALA D 257 3.30 -2.29 26.99
N GLU D 258 3.59 -2.48 25.71
CA GLU D 258 4.53 -3.52 25.28
C GLU D 258 5.92 -2.99 24.93
N LEU D 259 6.14 -1.69 25.11
CA LEU D 259 7.35 -1.06 24.59
C LEU D 259 8.60 -1.68 25.17
N GLU D 260 8.60 -1.94 26.48
CA GLU D 260 9.80 -2.46 27.11
C GLU D 260 9.94 -3.97 26.86
N THR D 261 8.81 -4.64 26.74
CA THR D 261 8.76 -6.05 26.36
C THR D 261 9.37 -6.30 24.98
N VAL D 262 9.01 -5.46 24.00
CA VAL D 262 9.62 -5.55 22.68
C VAL D 262 11.12 -5.20 22.74
N GLY D 263 11.46 -4.17 23.52
CA GLY D 263 12.84 -3.80 23.73
C GLY D 263 13.66 -4.99 24.21
N LEU D 264 13.11 -5.72 25.17
CA LEU D 264 13.76 -6.89 25.73
C LEU D 264 13.88 -8.00 24.70
N GLN D 265 12.90 -8.11 23.81
CA GLN D 265 12.95 -9.11 22.74
C GLN D 265 14.07 -8.76 21.75
N TRP D 266 14.16 -7.48 21.39
CA TRP D 266 15.22 -7.00 20.52
C TRP D 266 16.61 -7.24 21.14
N ALA D 267 16.73 -6.92 22.42
CA ALA D 267 17.96 -7.14 23.18
C ALA D 267 18.33 -8.62 23.17
N ALA D 268 17.34 -9.49 23.28
CA ALA D 268 17.61 -10.93 23.26
C ALA D 268 18.14 -11.40 21.90
N GLU D 269 17.59 -10.87 20.82
CA GLU D 269 18.06 -11.25 19.49
C GLU D 269 19.48 -10.75 19.28
N ILE D 270 19.77 -9.55 19.79
CA ILE D 270 21.12 -9.00 19.75
C ILE D 270 22.11 -9.84 20.56
N ASN D 271 21.71 -10.22 21.77
CA ASN D 271 22.59 -10.97 22.69
C ASN D 271 22.82 -12.41 22.27
N ALA D 272 22.03 -12.89 21.30
CA ALA D 272 22.15 -14.27 20.86
C ALA D 272 23.17 -14.46 19.75
N LYS D 273 23.80 -13.36 19.32
CA LYS D 273 24.79 -13.45 18.26
C LYS D 273 26.21 -13.37 18.82
N SER D 274 27.19 -13.61 17.96
CA SER D 274 28.59 -13.48 18.34
C SER D 274 28.88 -12.09 18.88
N PRO D 275 29.25 -11.99 20.17
CA PRO D 275 29.55 -10.67 20.76
C PRO D 275 30.72 -9.97 20.05
N GLN D 276 31.71 -10.77 19.68
CA GLN D 276 32.84 -10.23 18.93
C GLN D 276 32.41 -9.60 17.61
N ALA D 277 31.54 -10.30 16.88
CA ALA D 277 31.05 -9.78 15.63
C ALA D 277 30.17 -8.54 15.83
N GLN D 278 29.32 -8.53 16.86
CA GLN D 278 28.44 -7.37 17.13
C GLN D 278 29.26 -6.11 17.40
N ARG D 279 30.29 -6.31 18.21
CA ARG D 279 31.26 -5.27 18.56
C ARG D 279 31.94 -4.69 17.31
N MET D 280 32.48 -5.55 16.45
CA MET D 280 33.12 -5.08 15.22
C MET D 280 32.12 -4.35 14.32
N LEU D 281 30.89 -4.85 14.28
CA LEU D 281 29.86 -4.27 13.43
C LEU D 281 29.49 -2.86 13.86
N LYS D 282 29.34 -2.63 15.16
CA LYS D 282 29.01 -1.29 15.63
C LYS D 282 30.08 -0.27 15.23
N PHE D 283 31.35 -0.61 15.43
CA PHE D 283 32.41 0.32 15.10
C PHE D 283 32.57 0.47 13.59
N ALA D 284 32.22 -0.57 12.83
CA ALA D 284 32.24 -0.46 11.37
C ALA D 284 31.18 0.55 10.91
N PHE D 285 30.01 0.52 11.57
CA PHE D 285 28.97 1.48 11.23
C PHE D 285 29.38 2.91 11.60
N ASN D 286 30.10 3.08 12.71
CA ASN D 286 30.55 4.40 13.14
C ASN D 286 31.64 5.00 12.28
N LEU D 287 32.48 4.12 11.71
CA LEU D 287 33.86 4.47 11.34
C LEU D 287 34.01 5.73 10.50
N LEU D 288 33.58 5.70 9.24
CA LEU D 288 33.87 6.81 8.34
C LEU D 288 33.20 8.10 8.80
N ASP D 289 31.96 7.97 9.27
CA ASP D 289 31.23 9.13 9.78
C ASP D 289 32.00 9.81 10.92
N ASP D 290 32.74 9.01 11.69
CA ASP D 290 33.48 9.53 12.83
C ASP D 290 34.97 9.77 12.55
N GLY D 291 35.36 9.75 11.26
CA GLY D 291 36.74 10.09 10.88
C GLY D 291 37.82 9.33 11.65
N LEU D 292 38.86 10.04 12.10
CA LEU D 292 39.96 9.43 12.84
C LEU D 292 39.51 8.79 14.16
N VAL D 293 38.49 9.35 14.80
CA VAL D 293 37.99 8.76 16.03
C VAL D 293 37.39 7.39 15.72
N GLY D 294 36.59 7.34 14.65
CA GLY D 294 36.02 6.08 14.16
C GLY D 294 37.07 5.04 13.81
N GLN D 295 38.10 5.47 13.09
CA GLN D 295 39.19 4.56 12.76
C GLN D 295 39.89 4.09 14.03
N GLN D 296 40.13 5.00 14.98
CA GLN D 296 40.78 4.65 16.23
C GLN D 296 40.04 3.53 16.97
N LEU D 297 38.72 3.64 17.03
CA LEU D 297 37.91 2.66 17.75
C LEU D 297 37.88 1.32 17.02
N PHE D 298 37.69 1.35 15.69
CA PHE D 298 37.65 0.10 14.94
C PHE D 298 39.02 -0.59 14.94
N ALA D 299 40.07 0.19 14.69
CA ALA D 299 41.43 -0.34 14.69
C ALA D 299 41.84 -0.84 16.08
N GLY D 300 41.32 -0.21 17.12
CA GLY D 300 41.59 -0.67 18.48
C GLY D 300 41.14 -2.12 18.68
N GLU D 301 39.94 -2.44 18.20
CA GLU D 301 39.42 -3.79 18.24
C GLU D 301 40.16 -4.74 17.28
N ALA D 302 40.64 -4.23 16.15
CA ALA D 302 41.45 -5.06 15.25
C ALA D 302 42.78 -5.40 15.92
N THR D 303 43.33 -4.45 16.66
CA THR D 303 44.56 -4.66 17.40
C THR D 303 44.38 -5.78 18.43
N ARG D 304 43.25 -5.80 19.12
CA ARG D 304 42.94 -6.85 20.09
C ARG D 304 42.88 -8.22 19.42
N LEU D 305 42.24 -8.28 18.25
CA LEU D 305 42.16 -9.54 17.50
C LEU D 305 43.56 -10.03 17.10
N ALA D 306 44.46 -9.12 16.74
CA ALA D 306 45.82 -9.53 16.42
C ALA D 306 46.52 -10.05 17.67
N TYR D 307 46.27 -9.42 18.82
CA TYR D 307 46.92 -9.82 20.06
C TYR D 307 46.61 -11.25 20.44
N MET D 308 45.49 -11.76 19.95
CA MET D 308 45.09 -13.12 20.25
C MET D 308 45.93 -14.14 19.48
N THR D 309 46.60 -13.71 18.44
CA THR D 309 47.28 -14.67 17.55
C THR D 309 48.61 -15.14 18.15
N ASP D 310 49.02 -16.34 17.78
CA ASP D 310 50.35 -16.81 18.13
C ASP D 310 51.44 -15.87 17.64
N GLU D 311 51.23 -15.27 16.48
CA GLU D 311 52.23 -14.35 15.91
C GLU D 311 52.48 -13.18 16.85
N ALA D 312 51.41 -12.57 17.36
CA ALA D 312 51.57 -11.46 18.31
C ALA D 312 52.23 -11.91 19.63
N VAL D 313 51.91 -13.12 20.05
CA VAL D 313 52.49 -13.65 21.28
C VAL D 313 54.00 -13.88 21.11
N GLU D 314 54.40 -14.32 19.93
CA GLU D 314 55.84 -14.46 19.64
C GLU D 314 56.56 -13.10 19.72
N GLY D 315 55.90 -12.05 19.26
CA GLY D 315 56.43 -10.70 19.40
C GLY D 315 56.66 -10.28 20.84
N ARG D 316 55.66 -10.53 21.70
CA ARG D 316 55.80 -10.26 23.12
C ARG D 316 56.92 -11.11 23.74
N ASP D 317 56.89 -12.42 23.45
CA ASP D 317 57.86 -13.35 24.05
C ASP D 317 59.30 -12.99 23.68
N ALA D 318 59.51 -12.68 22.40
CA ALA D 318 60.85 -12.33 21.92
C ALA D 318 61.38 -11.10 22.64
N PHE D 319 60.53 -10.10 22.83
CA PHE D 319 60.96 -8.90 23.54
C PHE D 319 61.31 -9.24 25.01
N LEU D 320 60.44 -10.01 25.66
CA LEU D 320 60.62 -10.36 27.08
C LEU D 320 61.86 -11.22 27.30
N GLN D 321 62.15 -12.09 26.33
CA GLN D 321 63.26 -13.02 26.43
C GLN D 321 64.54 -12.46 25.81
N LYS D 322 64.47 -11.21 25.36
CA LYS D 322 65.61 -10.51 24.79
C LYS D 322 66.30 -11.31 23.68
N ARG D 323 65.50 -11.75 22.71
CA ARG D 323 65.98 -12.48 21.55
C ARG D 323 65.26 -11.98 20.30
N PRO D 324 65.80 -12.26 19.12
CA PRO D 324 65.09 -11.87 17.91
C PRO D 324 63.80 -12.67 17.75
N PRO D 325 62.74 -12.04 17.23
CA PRO D 325 61.52 -12.81 16.96
C PRO D 325 61.72 -13.72 15.75
N ASP D 326 61.05 -14.87 15.76
CA ASP D 326 61.05 -15.81 14.63
C ASP D 326 59.66 -15.80 13.99
N TRP D 327 59.56 -15.16 12.83
CA TRP D 327 58.25 -15.03 12.17
C TRP D 327 57.97 -16.12 11.16
N SER D 328 58.93 -17.01 10.95
CA SER D 328 58.79 -18.03 9.91
C SER D 328 57.58 -18.96 10.04
N PRO D 329 57.10 -19.25 11.27
CA PRO D 329 55.90 -20.10 11.29
C PRO D 329 54.62 -19.42 10.82
N PHE D 330 54.65 -18.11 10.59
CA PHE D 330 53.42 -17.38 10.33
C PHE D 330 53.36 -16.86 8.90
N PRO D 331 52.56 -17.51 8.06
CA PRO D 331 52.46 -17.19 6.63
C PRO D 331 51.81 -15.85 6.35
N ARG D 332 52.23 -15.21 5.26
CA ARG D 332 51.60 -14.02 4.72
C ARG D 332 50.28 -14.39 4.05
N TYR D 333 49.23 -13.65 4.38
CA TYR D 333 47.94 -13.79 3.72
C TYR D 333 47.69 -12.71 2.67
N PHE D 334 46.86 -13.02 1.68
CA PHE D 334 46.50 -12.00 0.71
C PHE D 334 45.05 -12.16 0.29
N ASP E 37 -6.29 25.51 -11.17
CA ASP E 37 -6.24 26.89 -10.73
C ASP E 37 -4.76 27.29 -10.56
N ASN E 38 -4.50 28.56 -10.27
CA ASN E 38 -3.13 29.05 -10.21
C ASN E 38 -2.66 29.24 -8.77
N PRO E 39 -1.49 28.68 -8.45
CA PRO E 39 -0.89 28.79 -7.11
C PRO E 39 -0.51 30.24 -6.75
N PHE E 40 -0.34 31.08 -7.76
CA PHE E 40 0.06 32.46 -7.51
C PHE E 40 -1.13 33.32 -7.09
N ASP E 41 -1.03 33.91 -5.91
CA ASP E 41 -2.05 34.81 -5.41
C ASP E 41 -1.51 36.24 -5.49
N ALA E 42 -1.88 36.95 -6.56
CA ALA E 42 -1.29 38.25 -6.87
C ALA E 42 -1.46 39.27 -5.75
N LYS E 43 -2.53 39.12 -4.97
CA LYS E 43 -2.83 40.03 -3.87
C LYS E 43 -1.83 39.92 -2.71
N ALA E 44 -1.11 38.81 -2.64
CA ALA E 44 -0.25 38.56 -1.49
C ALA E 44 1.15 39.11 -1.68
N TRP E 45 1.44 39.56 -2.90
CA TRP E 45 2.82 39.84 -3.30
C TRP E 45 3.02 41.24 -3.88
N ARG E 46 4.19 41.81 -3.60
CA ARG E 46 4.57 43.10 -4.17
C ARG E 46 5.91 42.99 -4.88
N LEU E 47 6.07 43.73 -5.96
CA LEU E 47 7.34 43.75 -6.67
C LEU E 47 8.43 44.34 -5.80
N VAL E 48 9.68 43.95 -6.07
CA VAL E 48 10.80 44.46 -5.28
C VAL E 48 11.40 45.63 -6.04
N ASP E 49 11.69 46.71 -5.33
CA ASP E 49 12.28 47.90 -5.94
C ASP E 49 13.62 47.60 -6.60
N GLY E 50 13.81 48.12 -7.81
CA GLY E 50 15.09 48.00 -8.49
C GLY E 50 15.19 46.86 -9.49
N PHE E 51 14.08 46.16 -9.68
CA PHE E 51 14.07 44.95 -10.48
C PHE E 51 13.09 45.02 -11.65
N ASP E 52 12.88 46.26 -12.14
CA ASP E 52 12.00 46.53 -13.28
C ASP E 52 12.49 45.88 -14.57
N ASP E 53 13.79 45.65 -14.62
CA ASP E 53 14.44 45.17 -15.83
C ASP E 53 14.42 43.64 -16.02
N LEU E 54 13.83 42.90 -15.07
CA LEU E 54 13.83 41.44 -15.13
C LEU E 54 12.99 40.94 -16.31
N THR E 55 13.52 39.98 -17.06
CA THR E 55 12.79 39.44 -18.19
C THR E 55 12.52 37.93 -18.03
N ASP E 56 13.48 37.19 -17.48
CA ASP E 56 13.38 35.72 -17.40
C ASP E 56 12.94 35.21 -16.01
N ILE E 57 12.86 36.12 -15.05
CA ILE E 57 12.64 35.76 -13.64
C ILE E 57 11.62 36.73 -13.07
N THR E 58 10.74 36.28 -12.17
CA THR E 58 9.97 37.25 -11.39
C THR E 58 10.40 37.19 -9.93
N TYR E 59 10.23 38.32 -9.24
CA TYR E 59 10.74 38.51 -7.90
C TYR E 59 9.75 39.35 -7.09
N HIS E 60 9.14 38.73 -6.07
CA HIS E 60 8.20 39.46 -5.21
C HIS E 60 8.57 39.31 -3.74
N ARG E 61 8.18 40.31 -2.95
CA ARG E 61 8.24 40.26 -1.51
C ARG E 61 6.80 40.14 -0.98
N HIS E 62 6.61 39.32 0.05
CA HIS E 62 5.27 39.15 0.61
C HIS E 62 4.79 40.47 1.24
N VAL E 63 3.48 40.70 1.20
CA VAL E 63 2.93 41.96 1.71
C VAL E 63 3.11 42.10 3.22
N ASP E 64 3.10 40.99 3.94
CA ASP E 64 3.22 41.00 5.40
C ASP E 64 4.43 40.22 5.93
N ASP E 65 4.74 39.09 5.30
CA ASP E 65 5.74 38.17 5.86
C ASP E 65 7.17 38.45 5.41
N ALA E 66 8.12 37.97 6.22
CA ALA E 66 9.54 38.05 5.89
C ALA E 66 9.93 36.97 4.89
N THR E 67 9.26 36.96 3.74
CA THR E 67 9.36 35.89 2.76
C THR E 67 9.34 36.46 1.34
N VAL E 68 10.19 35.94 0.46
CA VAL E 68 10.15 36.35 -0.94
C VAL E 68 9.80 35.17 -1.87
N ARG E 69 9.36 35.51 -3.08
CA ARG E 69 9.00 34.53 -4.09
C ARG E 69 9.87 34.75 -5.33
N VAL E 70 10.68 33.75 -5.67
CA VAL E 70 11.57 33.82 -6.84
C VAL E 70 11.12 32.76 -7.84
N ALA E 71 10.84 33.17 -9.07
CA ALA E 71 10.22 32.27 -10.03
C ALA E 71 10.78 32.38 -11.45
N PHE E 72 11.00 31.22 -12.07
CA PHE E 72 11.30 31.16 -13.49
C PHE E 72 10.09 31.69 -14.26
N ASN E 73 10.37 32.45 -15.30
CA ASN E 73 9.32 33.13 -16.05
C ASN E 73 9.46 32.90 -17.54
N ARG E 74 9.76 31.66 -17.94
CA ARG E 74 9.76 31.28 -19.35
C ARG E 74 8.89 30.02 -19.57
N PRO E 75 7.59 30.09 -19.22
CA PRO E 75 6.77 28.87 -19.20
C PRO E 75 6.55 28.26 -20.59
N GLU E 76 6.83 29.02 -21.65
CA GLU E 76 6.70 28.53 -23.01
C GLU E 76 7.76 27.46 -23.35
N VAL E 77 8.86 27.41 -22.60
CA VAL E 77 9.82 26.32 -22.76
C VAL E 77 10.00 25.57 -21.46
N ARG E 78 8.89 25.39 -20.74
CA ARG E 78 8.93 24.65 -19.49
C ARG E 78 9.94 25.25 -18.50
N ASN E 79 10.05 26.57 -18.54
CA ASN E 79 10.92 27.32 -17.64
C ASN E 79 12.41 26.91 -17.68
N ALA E 80 12.86 26.52 -18.87
CA ALA E 80 14.29 26.29 -19.13
C ALA E 80 15.06 27.60 -18.92
N PHE E 81 16.23 27.51 -18.32
CA PHE E 81 16.99 28.73 -18.09
C PHE E 81 18.11 28.83 -19.13
N ARG E 82 18.36 30.07 -19.55
CA ARG E 82 19.50 30.40 -20.41
C ARG E 82 20.46 31.22 -19.56
N PRO E 83 21.66 31.53 -20.10
CA PRO E 83 22.63 32.24 -19.25
C PRO E 83 22.12 33.55 -18.65
N HIS E 84 21.32 34.30 -19.40
CA HIS E 84 20.73 35.52 -18.87
C HIS E 84 19.77 35.22 -17.71
N THR E 85 19.03 34.12 -17.83
CA THR E 85 18.17 33.66 -16.73
C THR E 85 18.99 33.40 -15.48
N VAL E 86 20.12 32.75 -15.65
CA VAL E 86 20.98 32.41 -14.53
C VAL E 86 21.48 33.68 -13.86
N ASP E 87 21.85 34.66 -14.67
CA ASP E 87 22.32 35.95 -14.15
C ASP E 87 21.24 36.63 -13.32
N GLU E 88 20.02 36.64 -13.82
CA GLU E 88 18.91 37.27 -13.11
C GLU E 88 18.62 36.52 -11.81
N LEU E 89 18.64 35.18 -11.90
CA LEU E 89 18.39 34.32 -10.76
C LEU E 89 19.41 34.55 -9.65
N TYR E 90 20.68 34.62 -10.03
CA TYR E 90 21.76 34.85 -9.09
C TYR E 90 21.58 36.23 -8.44
N ARG E 91 21.34 37.23 -9.27
CA ARG E 91 21.20 38.60 -8.79
C ARG E 91 20.03 38.72 -7.79
N VAL E 92 18.89 38.12 -8.12
CA VAL E 92 17.74 38.18 -7.25
C VAL E 92 17.97 37.41 -5.93
N LEU E 93 18.53 36.20 -6.00
CA LEU E 93 18.81 35.42 -4.79
C LEU E 93 19.84 36.13 -3.93
N ASP E 94 20.79 36.78 -4.59
CA ASP E 94 21.84 37.52 -3.89
C ASP E 94 21.22 38.69 -3.11
N HIS E 95 20.29 39.37 -3.77
CA HIS E 95 19.56 40.47 -3.13
C HIS E 95 18.74 39.97 -1.92
N ALA E 96 18.05 38.83 -2.06
CA ALA E 96 17.31 38.25 -0.92
C ALA E 96 18.24 37.88 0.24
N ARG E 97 19.40 37.32 -0.10
CA ARG E 97 20.40 36.96 0.89
C ARG E 97 20.78 38.18 1.74
N MET E 98 20.90 39.31 1.07
CA MET E 98 21.37 40.53 1.72
C MET E 98 20.23 41.41 2.26
N SER E 99 18.99 40.94 2.18
CA SER E 99 17.86 41.68 2.77
C SER E 99 17.59 41.20 4.19
N PRO E 100 17.94 42.02 5.18
CA PRO E 100 17.82 41.66 6.60
C PRO E 100 16.37 41.43 7.04
N ASP E 101 15.41 41.98 6.31
CA ASP E 101 14.01 41.78 6.69
C ASP E 101 13.38 40.58 5.96
N VAL E 102 14.23 39.80 5.29
CA VAL E 102 13.77 38.57 4.65
C VAL E 102 14.41 37.34 5.28
N GLY E 103 13.58 36.39 5.71
CA GLY E 103 14.05 35.16 6.31
C GLY E 103 14.00 33.91 5.44
N VAL E 104 13.05 33.86 4.51
CA VAL E 104 12.85 32.64 3.74
C VAL E 104 12.68 32.94 2.26
N VAL E 105 13.29 32.11 1.41
CA VAL E 105 13.10 32.21 -0.03
C VAL E 105 12.23 31.06 -0.57
N LEU E 106 11.16 31.41 -1.28
CA LEU E 106 10.36 30.44 -2.03
C LEU E 106 10.76 30.46 -3.50
N LEU E 107 11.29 29.34 -3.98
CA LEU E 107 11.76 29.21 -5.35
C LEU E 107 10.82 28.32 -6.15
N THR E 108 10.29 28.83 -7.25
CA THR E 108 9.25 28.10 -7.97
C THR E 108 9.28 28.48 -9.43
N GLY E 109 8.28 28.05 -10.19
CA GLY E 109 8.16 28.41 -11.60
C GLY E 109 6.79 29.01 -11.88
N ASN E 110 6.73 30.00 -12.75
CA ASN E 110 5.45 30.55 -13.18
C ASN E 110 4.85 29.71 -14.29
N GLY E 111 3.53 29.82 -14.46
CA GLY E 111 2.85 29.11 -15.51
C GLY E 111 1.37 29.44 -15.53
N PRO E 112 0.58 28.72 -16.33
CA PRO E 112 1.08 27.63 -17.18
C PRO E 112 1.64 28.11 -18.52
N SER E 113 2.07 27.16 -19.34
CA SER E 113 2.45 27.47 -20.71
C SER E 113 1.25 28.04 -21.47
N PRO E 114 1.41 29.22 -22.08
CA PRO E 114 0.32 29.78 -22.89
C PRO E 114 0.11 28.99 -24.18
N LYS E 115 1.08 28.18 -24.56
CA LYS E 115 0.99 27.38 -25.76
C LYS E 115 0.20 26.08 -25.55
N ASP E 116 0.48 25.34 -24.47
CA ASP E 116 -0.19 24.05 -24.32
C ASP E 116 -0.73 23.82 -22.91
N GLY E 117 -0.69 24.85 -22.07
CA GLY E 117 -1.20 24.72 -20.71
C GLY E 117 -0.33 23.87 -19.78
N GLY E 118 0.86 23.50 -20.22
CA GLY E 118 1.75 22.68 -19.40
C GLY E 118 2.36 23.43 -18.22
N TRP E 119 2.50 22.73 -17.10
CA TRP E 119 3.06 23.31 -15.89
C TRP E 119 4.53 22.91 -15.70
N ALA E 120 5.39 23.88 -15.34
CA ALA E 120 6.79 23.55 -15.06
C ALA E 120 7.34 24.37 -13.92
N PHE E 121 8.14 23.70 -13.09
CA PHE E 121 9.03 24.41 -12.19
C PHE E 121 10.19 24.92 -13.04
N CYS E 122 10.93 23.98 -13.64
CA CYS E 122 12.11 24.28 -14.42
C CYS E 122 12.59 23.03 -15.16
N SER E 123 12.86 23.17 -16.45
CA SER E 123 13.28 22.02 -17.25
C SER E 123 14.78 21.97 -17.50
N GLY E 124 15.53 22.73 -16.71
CA GLY E 124 16.99 22.74 -16.81
C GLY E 124 17.48 23.71 -17.87
N GLY E 125 18.70 23.51 -18.33
CA GLY E 125 19.32 24.41 -19.29
C GLY E 125 18.57 24.44 -20.62
N ASP E 126 18.46 25.64 -21.18
CA ASP E 126 17.81 25.84 -22.48
C ASP E 126 18.66 25.18 -23.58
N GLN E 127 18.23 24.01 -24.05
CA GLN E 127 18.99 23.21 -25.02
C GLN E 127 19.18 23.93 -26.35
N ARG E 128 18.30 24.87 -26.64
CA ARG E 128 18.37 25.64 -27.88
C ARG E 128 19.68 26.41 -28.00
N ILE E 129 20.26 26.85 -26.88
CA ILE E 129 21.49 27.64 -26.95
C ILE E 129 22.68 26.96 -26.28
N ARG E 130 22.57 25.65 -26.09
CA ARG E 130 23.70 24.87 -25.60
C ARG E 130 24.64 24.59 -26.77
N GLY E 131 25.90 24.96 -26.61
CA GLY E 131 26.88 24.74 -27.66
C GLY E 131 27.89 23.76 -27.10
N ARG E 132 28.97 23.54 -27.82
CA ARG E 132 29.99 22.60 -27.41
C ARG E 132 30.75 23.06 -26.17
N SER E 133 30.75 24.37 -25.91
CA SER E 133 31.43 24.91 -24.73
C SER E 133 30.47 25.21 -23.58
N GLY E 134 29.20 24.82 -23.73
CA GLY E 134 28.19 25.09 -22.72
C GLY E 134 27.08 26.00 -23.23
N TYR E 135 26.30 26.55 -22.31
CA TYR E 135 25.14 27.37 -22.65
C TYR E 135 25.64 28.77 -23.02
N GLN E 136 25.17 29.31 -24.14
CA GLN E 136 25.73 30.54 -24.67
C GLN E 136 24.72 31.69 -24.66
N TYR E 137 25.22 32.90 -24.38
CA TYR E 137 24.44 34.11 -24.49
C TYR E 137 24.00 34.32 -25.93
N ALA E 138 22.76 34.77 -26.10
CA ALA E 138 22.23 35.03 -27.42
C ALA E 138 21.34 36.26 -27.35
N SER E 139 21.25 37.01 -28.44
CA SER E 139 20.42 38.21 -28.43
C SER E 139 18.94 37.85 -28.55
N GLY E 140 18.64 36.71 -29.18
CA GLY E 140 17.29 36.22 -29.30
C GLY E 140 17.12 34.88 -28.58
N ASP E 141 16.14 34.10 -29.00
CA ASP E 141 15.83 32.84 -28.30
C ASP E 141 16.52 31.61 -28.87
N THR E 142 17.07 31.73 -30.07
CA THR E 142 17.58 30.55 -30.78
C THR E 142 19.07 30.65 -31.08
N ALA E 143 19.63 29.52 -31.52
CA ALA E 143 21.06 29.38 -31.72
C ALA E 143 21.61 30.36 -32.73
N ASP E 144 20.75 30.79 -33.66
CA ASP E 144 21.18 31.68 -34.72
C ASP E 144 21.60 33.05 -34.18
N THR E 145 21.15 33.40 -32.98
CA THR E 145 21.50 34.71 -32.42
C THR E 145 22.58 34.64 -31.33
N VAL E 146 23.21 33.48 -31.21
CA VAL E 146 24.30 33.30 -30.24
C VAL E 146 25.51 34.16 -30.60
N ASP E 147 26.07 34.81 -29.59
CA ASP E 147 27.33 35.55 -29.74
C ASP E 147 28.48 34.57 -29.85
N VAL E 148 28.97 34.33 -31.06
CA VAL E 148 29.98 33.31 -31.30
C VAL E 148 31.32 33.64 -30.66
N ALA E 149 31.54 34.92 -30.35
CA ALA E 149 32.81 35.33 -29.76
C ALA E 149 32.87 34.98 -28.29
N ARG E 150 31.73 34.55 -27.76
CA ARG E 150 31.60 34.39 -26.33
C ARG E 150 31.40 32.93 -25.92
N ALA E 151 32.33 32.41 -25.12
CA ALA E 151 32.31 30.99 -24.73
C ALA E 151 31.09 30.66 -23.89
N GLY E 152 30.66 29.40 -23.94
CA GLY E 152 29.51 28.94 -23.15
C GLY E 152 29.82 28.84 -21.67
N ARG E 153 28.77 28.78 -20.86
CA ARG E 153 28.95 28.68 -19.43
C ARG E 153 28.03 27.64 -18.83
N LEU E 154 28.40 27.16 -17.65
CA LEU E 154 27.55 26.27 -16.87
C LEU E 154 27.33 26.85 -15.49
N HIS E 155 27.04 28.16 -15.41
CA HIS E 155 27.10 28.80 -14.10
C HIS E 155 25.79 28.73 -13.28
N ILE E 156 24.88 27.84 -13.65
CA ILE E 156 23.82 27.45 -12.71
C ILE E 156 24.48 26.85 -11.45
N LEU E 157 25.69 26.31 -11.60
CA LEU E 157 26.46 25.79 -10.49
C LEU E 157 26.72 26.90 -9.45
N GLU E 158 26.88 28.13 -9.91
CA GLU E 158 27.06 29.29 -9.03
C GLU E 158 25.78 29.61 -8.25
N VAL E 159 24.64 29.41 -8.89
CA VAL E 159 23.36 29.59 -8.21
C VAL E 159 23.17 28.48 -7.16
N GLN E 160 23.55 27.25 -7.50
CA GLN E 160 23.48 26.15 -6.54
C GLN E 160 24.25 26.46 -5.24
N ARG E 161 25.47 26.98 -5.40
CA ARG E 161 26.30 27.32 -4.25
C ARG E 161 25.70 28.49 -3.47
N LEU E 162 25.14 29.46 -4.20
CA LEU E 162 24.51 30.61 -3.56
C LEU E 162 23.34 30.14 -2.67
N ILE E 163 22.55 29.22 -3.19
CA ILE E 163 21.47 28.61 -2.43
C ILE E 163 22.01 27.83 -1.23
N ARG E 164 23.03 27.03 -1.50
CA ARG E 164 23.64 26.19 -0.49
C ARG E 164 24.26 27.01 0.66
N PHE E 165 24.93 28.11 0.32
CA PHE E 165 25.72 28.88 1.29
C PHE E 165 24.95 30.02 1.95
N MET E 166 23.75 30.32 1.49
CA MET E 166 23.10 31.48 2.06
C MET E 166 22.53 31.14 3.43
N PRO E 167 22.65 32.08 4.38
CA PRO E 167 22.25 31.83 5.76
C PRO E 167 20.73 31.92 5.96
N LYS E 168 19.97 31.42 4.99
CA LYS E 168 18.50 31.46 5.00
C LYS E 168 17.94 30.20 4.38
N VAL E 169 16.76 29.79 4.82
CA VAL E 169 16.17 28.59 4.28
C VAL E 169 15.55 28.87 2.92
N VAL E 170 15.90 28.04 1.95
CA VAL E 170 15.32 28.16 0.62
C VAL E 170 14.39 26.97 0.40
N ILE E 171 13.12 27.27 0.14
CA ILE E 171 12.12 26.24 -0.10
C ILE E 171 11.79 26.14 -1.58
N CYS E 172 11.97 24.96 -2.15
CA CYS E 172 11.58 24.77 -3.53
C CYS E 172 10.10 24.40 -3.60
N LEU E 173 9.33 25.14 -4.40
CA LEU E 173 7.93 24.79 -4.66
C LEU E 173 7.82 24.24 -6.06
N VAL E 174 7.76 22.91 -6.16
CA VAL E 174 7.70 22.27 -7.48
C VAL E 174 6.26 22.19 -7.95
N ASN E 175 5.92 23.08 -8.89
CA ASN E 175 4.57 23.28 -9.37
C ASN E 175 4.28 22.57 -10.70
N GLY E 176 5.25 21.82 -11.20
CA GLY E 176 5.12 21.17 -12.50
C GLY E 176 6.36 20.35 -12.75
N TRP E 177 6.70 20.16 -14.02
CA TRP E 177 7.92 19.46 -14.41
C TRP E 177 9.16 20.04 -13.74
N ALA E 178 9.98 19.15 -13.21
CA ALA E 178 11.31 19.50 -12.74
C ALA E 178 12.26 18.50 -13.37
N ALA E 179 13.00 18.93 -14.36
CA ALA E 179 13.82 18.04 -15.17
C ALA E 179 15.23 18.60 -15.36
N GLY E 180 16.22 17.74 -15.58
CA GLY E 180 17.59 18.17 -15.80
C GLY E 180 18.11 19.05 -14.67
N GLY E 181 18.70 20.20 -15.04
CA GLY E 181 19.18 21.16 -14.07
C GLY E 181 18.09 21.69 -13.16
N GLY E 182 16.84 21.64 -13.64
CA GLY E 182 15.70 22.01 -12.82
C GLY E 182 15.49 21.01 -11.70
N HIS E 183 15.66 19.72 -12.02
CA HIS E 183 15.61 18.69 -10.99
C HIS E 183 16.75 18.91 -9.97
N SER E 184 17.94 19.23 -10.46
CA SER E 184 19.09 19.44 -9.58
C SER E 184 18.93 20.66 -8.67
N LEU E 185 18.24 21.70 -9.15
CA LEU E 185 17.93 22.84 -8.29
C LEU E 185 17.01 22.48 -7.12
N HIS E 186 15.97 21.70 -7.39
CA HIS E 186 15.11 21.30 -6.27
C HIS E 186 15.94 20.49 -5.27
N VAL E 187 16.82 19.62 -5.77
CA VAL E 187 17.65 18.79 -4.90
C VAL E 187 18.51 19.62 -3.95
N VAL E 188 19.07 20.73 -4.42
CA VAL E 188 19.98 21.49 -3.58
C VAL E 188 19.26 22.43 -2.59
N CYS E 189 17.99 22.75 -2.84
CA CYS E 189 17.23 23.55 -1.88
C CYS E 189 17.11 22.82 -0.54
N ASP E 190 16.93 23.59 0.52
CA ASP E 190 16.84 23.02 1.87
C ASP E 190 15.60 22.15 2.02
N LEU E 191 14.48 22.62 1.45
CA LEU E 191 13.20 21.94 1.54
C LEU E 191 12.51 21.96 0.19
N THR E 192 11.68 20.96 -0.07
CA THR E 192 10.89 20.93 -1.31
C THR E 192 9.45 20.60 -0.99
N LEU E 193 8.55 21.45 -1.49
CA LEU E 193 7.12 21.16 -1.45
C LEU E 193 6.69 20.94 -2.89
N ALA E 194 5.76 20.01 -3.11
CA ALA E 194 5.41 19.65 -4.48
C ALA E 194 3.90 19.55 -4.70
N SER E 195 3.48 20.04 -5.88
CA SER E 195 2.09 19.98 -6.33
C SER E 195 1.65 18.55 -6.58
N ARG E 196 0.60 18.11 -5.87
CA ARG E 196 0.08 16.77 -6.00
C ARG E 196 -0.27 16.42 -7.44
N GLU E 197 -1.00 17.33 -8.08
CA GLU E 197 -1.53 17.05 -9.41
C GLU E 197 -0.49 17.21 -10.52
N TYR E 198 0.38 18.20 -10.40
CA TYR E 198 1.19 18.57 -11.56
C TYR E 198 2.70 18.41 -11.40
N ALA E 199 3.20 18.25 -10.18
CA ALA E 199 4.63 18.07 -10.01
C ALA E 199 5.03 16.79 -10.74
N ARG E 200 6.11 16.86 -11.52
CA ARG E 200 6.66 15.71 -12.23
C ARG E 200 8.17 15.78 -12.15
N PHE E 201 8.77 14.80 -11.50
CA PHE E 201 10.22 14.76 -11.35
C PHE E 201 10.82 13.79 -12.38
N LYS E 202 11.73 14.30 -13.18
CA LYS E 202 12.32 13.48 -14.24
C LYS E 202 13.75 13.89 -14.53
N GLN E 203 14.71 13.06 -14.13
CA GLN E 203 16.10 13.39 -14.37
C GLN E 203 16.53 12.93 -15.76
N THR E 204 16.42 13.84 -16.71
CA THR E 204 16.66 13.56 -18.12
C THR E 204 18.10 13.83 -18.55
N ASP E 205 18.99 14.17 -17.62
CA ASP E 205 20.38 14.51 -17.94
C ASP E 205 21.01 13.58 -18.99
N ALA E 206 21.04 12.28 -18.70
CA ALA E 206 21.76 11.34 -19.54
C ALA E 206 21.08 11.13 -20.91
N ASP E 207 19.81 11.48 -21.00
CA ASP E 207 19.06 11.44 -22.27
C ASP E 207 19.62 12.42 -23.31
N VAL E 208 20.11 13.56 -22.86
CA VAL E 208 20.61 14.53 -23.81
C VAL E 208 22.11 14.66 -23.68
N GLY E 209 22.73 13.62 -23.11
CA GLY E 209 24.17 13.54 -23.00
C GLY E 209 24.81 14.43 -21.94
N SER E 210 24.01 14.88 -20.98
CA SER E 210 24.54 15.73 -19.93
C SER E 210 24.61 14.97 -18.61
N PHE E 211 25.20 15.60 -17.60
CA PHE E 211 25.17 15.07 -16.25
C PHE E 211 25.51 16.14 -15.25
N ASP E 212 24.79 16.15 -14.13
CA ASP E 212 25.17 16.94 -12.97
C ASP E 212 25.93 15.98 -12.06
N GLY E 213 27.24 16.09 -12.06
CA GLY E 213 28.07 15.19 -11.28
C GLY E 213 28.37 15.73 -9.90
N GLY E 214 27.65 16.77 -9.49
CA GLY E 214 27.84 17.38 -8.19
C GLY E 214 26.67 17.20 -7.24
N TYR E 215 26.03 18.31 -6.89
CA TYR E 215 24.87 18.28 -5.98
C TYR E 215 23.66 17.55 -6.58
N GLY E 216 23.51 17.63 -7.90
CA GLY E 216 22.36 17.03 -8.54
C GLY E 216 22.26 15.55 -8.28
N SER E 217 23.43 14.89 -8.22
CA SER E 217 23.49 13.43 -8.10
C SER E 217 23.95 12.97 -6.72
N ALA E 218 25.17 13.34 -6.34
CA ALA E 218 25.74 12.90 -5.08
C ALA E 218 24.92 13.38 -3.91
N TYR E 219 24.41 14.61 -3.99
CA TYR E 219 23.66 15.14 -2.85
C TYR E 219 22.24 14.55 -2.80
N LEU E 220 21.66 14.23 -3.96
CA LEU E 220 20.40 13.49 -4.01
C LEU E 220 20.52 12.15 -3.26
N ALA E 221 21.65 11.46 -3.45
CA ALA E 221 21.89 10.22 -2.73
C ALA E 221 21.87 10.42 -1.21
N ARG E 222 22.12 11.64 -0.74
CA ARG E 222 22.12 11.90 0.71
C ARG E 222 20.73 12.31 1.20
N GLN E 223 19.74 12.20 0.31
CA GLN E 223 18.35 12.42 0.65
C GLN E 223 17.53 11.14 0.51
N VAL E 224 17.71 10.42 -0.60
CA VAL E 224 16.91 9.23 -0.88
C VAL E 224 17.71 7.93 -0.81
N GLY E 225 19.00 8.03 -0.50
CA GLY E 225 19.88 6.86 -0.46
C GLY E 225 20.48 6.53 -1.82
N GLN E 226 21.60 5.79 -1.83
CA GLN E 226 22.34 5.55 -3.05
C GLN E 226 21.57 4.74 -4.12
N LYS E 227 20.74 3.79 -3.71
CA LYS E 227 19.99 2.97 -4.68
C LYS E 227 18.94 3.77 -5.44
N PHE E 228 18.09 4.49 -4.72
CA PHE E 228 17.04 5.28 -5.36
C PHE E 228 17.64 6.40 -6.21
N ALA E 229 18.71 7.02 -5.71
CA ALA E 229 19.33 8.12 -6.46
C ALA E 229 19.90 7.61 -7.77
N ARG E 230 20.55 6.46 -7.74
CA ARG E 230 21.10 5.87 -8.96
C ARG E 230 19.97 5.52 -9.94
N GLU E 231 18.86 5.00 -9.42
CA GLU E 231 17.70 4.70 -10.25
C GLU E 231 17.18 5.96 -10.97
N ILE E 232 17.03 7.03 -10.21
CA ILE E 232 16.50 8.29 -10.74
C ILE E 232 17.33 8.79 -11.91
N PHE E 233 18.66 8.74 -11.78
CA PHE E 233 19.54 9.20 -12.86
C PHE E 233 19.73 8.18 -13.98
N PHE E 234 19.95 6.92 -13.64
CA PHE E 234 20.27 5.92 -14.66
C PHE E 234 19.09 5.60 -15.58
N LEU E 235 17.86 5.63 -15.05
CA LEU E 235 16.70 5.28 -15.87
C LEU E 235 15.90 6.50 -16.35
N GLY E 236 16.01 7.61 -15.63
CA GLY E 236 15.35 8.84 -16.03
C GLY E 236 13.84 8.74 -16.13
N ARG E 237 13.24 7.97 -15.23
CA ARG E 237 11.77 7.86 -15.19
C ARG E 237 11.13 9.11 -14.60
N THR E 238 9.83 9.23 -14.85
CA THR E 238 9.02 10.31 -14.31
C THR E 238 8.41 9.88 -12.99
N TYR E 239 8.56 10.70 -11.96
CA TYR E 239 8.00 10.40 -10.66
C TYR E 239 6.98 11.45 -10.21
N THR E 240 5.97 11.01 -9.48
CA THR E 240 5.01 11.97 -8.92
C THR E 240 5.57 12.58 -7.62
N ALA E 241 4.88 13.60 -7.13
CA ALA E 241 5.22 14.22 -5.86
C ALA E 241 5.19 13.21 -4.75
N GLU E 242 4.15 12.39 -4.77
CA GLU E 242 3.94 11.38 -3.76
C GLU E 242 5.07 10.33 -3.79
N GLN E 243 5.48 9.91 -4.98
CA GLN E 243 6.59 8.97 -5.08
C GLN E 243 7.90 9.55 -4.53
N MET E 244 8.21 10.79 -4.89
CA MET E 244 9.42 11.44 -4.40
C MET E 244 9.35 11.66 -2.90
N HIS E 245 8.16 11.91 -2.39
CA HIS E 245 7.94 12.06 -0.96
C HIS E 245 8.24 10.74 -0.24
N GLN E 246 7.76 9.63 -0.80
CA GLN E 246 8.05 8.31 -0.24
C GLN E 246 9.55 7.99 -0.30
N MET E 247 10.21 8.42 -1.37
CA MET E 247 11.65 8.13 -1.48
C MET E 247 12.47 9.06 -0.58
N GLY E 248 11.95 10.23 -0.27
CA GLY E 248 12.61 11.13 0.65
C GLY E 248 13.18 12.43 0.08
N ALA E 249 12.84 12.78 -1.17
CA ALA E 249 13.38 14.03 -1.76
C ALA E 249 12.37 15.18 -1.69
N VAL E 250 11.11 14.86 -1.40
CA VAL E 250 10.06 15.86 -1.27
C VAL E 250 9.50 15.85 0.14
N ASN E 251 9.49 17.02 0.79
CA ASN E 251 9.08 17.11 2.20
C ASN E 251 7.61 16.92 2.42
N ALA E 252 6.80 17.53 1.56
CA ALA E 252 5.36 17.40 1.66
C ALA E 252 4.72 17.63 0.30
N VAL E 253 3.56 17.02 0.12
CA VAL E 253 2.76 17.18 -1.08
C VAL E 253 1.61 18.12 -0.77
N ALA E 254 1.32 19.06 -1.66
CA ALA E 254 0.23 20.00 -1.45
C ALA E 254 -0.70 20.04 -2.67
N GLU E 255 -1.94 20.44 -2.47
CA GLU E 255 -2.83 20.71 -3.59
C GLU E 255 -2.25 21.84 -4.43
N HIS E 256 -2.33 21.69 -5.75
CA HIS E 256 -1.77 22.66 -6.69
C HIS E 256 -2.11 24.12 -6.35
N ALA E 257 -3.39 24.42 -6.17
CA ALA E 257 -3.84 25.79 -5.89
C ALA E 257 -3.30 26.31 -4.56
N GLU E 258 -2.96 25.41 -3.64
CA GLU E 258 -2.51 25.79 -2.30
C GLU E 258 -1.01 25.73 -2.11
N LEU E 259 -0.29 25.40 -3.18
CA LEU E 259 1.14 25.12 -3.06
C LEU E 259 1.90 26.32 -2.45
N GLU E 260 1.58 27.53 -2.89
CA GLU E 260 2.32 28.68 -2.40
C GLU E 260 1.82 29.09 -1.02
N THR E 261 0.52 28.88 -0.76
CA THR E 261 -0.07 29.07 0.57
C THR E 261 0.58 28.15 1.61
N VAL E 262 0.79 26.88 1.26
CA VAL E 262 1.49 25.98 2.16
C VAL E 262 2.96 26.42 2.30
N GLY E 263 3.58 26.83 1.19
CA GLY E 263 4.94 27.37 1.25
C GLY E 263 5.05 28.51 2.25
N LEU E 264 4.08 29.42 2.20
CA LEU E 264 4.05 30.57 3.09
C LEU E 264 3.85 30.14 4.55
N GLN E 265 3.07 29.09 4.74
CA GLN E 265 2.87 28.53 6.08
C GLN E 265 4.17 27.94 6.61
N TRP E 266 4.88 27.18 5.77
CA TRP E 266 6.18 26.64 6.17
C TRP E 266 7.15 27.77 6.47
N ALA E 267 7.15 28.80 5.62
CA ALA E 267 8.02 29.94 5.83
C ALA E 267 7.72 30.63 7.16
N ALA E 268 6.43 30.74 7.49
CA ALA E 268 6.05 31.39 8.75
C ALA E 268 6.55 30.59 9.95
N GLU E 269 6.46 29.26 9.88
CA GLU E 269 6.97 28.46 10.99
C GLU E 269 8.49 28.60 11.12
N ILE E 270 9.19 28.64 9.99
CA ILE E 270 10.63 28.86 9.99
C ILE E 270 10.99 30.23 10.56
N ASN E 271 10.25 31.26 10.18
CA ASN E 271 10.54 32.62 10.64
C ASN E 271 10.17 32.86 12.10
N ALA E 272 9.47 31.92 12.71
CA ALA E 272 9.07 32.08 14.11
C ALA E 272 10.15 31.58 15.05
N LYS E 273 11.26 31.09 14.51
CA LYS E 273 12.34 30.60 15.35
C LYS E 273 13.52 31.56 15.44
N SER E 274 14.45 31.27 16.35
CA SER E 274 15.68 32.05 16.45
C SER E 274 16.42 32.05 15.12
N PRO E 275 16.57 33.24 14.51
CA PRO E 275 17.30 33.36 13.25
C PRO E 275 18.74 32.90 13.43
N GLN E 276 19.30 33.22 14.59
CA GLN E 276 20.65 32.80 14.88
C GLN E 276 20.78 31.27 14.88
N ALA E 277 19.85 30.59 15.54
CA ALA E 277 19.86 29.14 15.61
C ALA E 277 19.63 28.51 14.22
N GLN E 278 18.68 29.05 13.45
CA GLN E 278 18.37 28.53 12.10
C GLN E 278 19.61 28.61 11.20
N ARG E 279 20.30 29.73 11.30
CA ARG E 279 21.53 29.98 10.57
C ARG E 279 22.60 28.94 10.91
N MET E 280 22.86 28.73 12.20
CA MET E 280 23.84 27.73 12.65
C MET E 280 23.44 26.31 12.22
N LEU E 281 22.14 26.02 12.29
CA LEU E 281 21.64 24.69 11.96
C LEU E 281 21.84 24.38 10.48
N LYS E 282 21.54 25.34 9.61
CA LYS E 282 21.74 25.09 8.18
C LYS E 282 23.20 24.74 7.87
N PHE E 283 24.12 25.50 8.45
CA PHE E 283 25.53 25.26 8.20
C PHE E 283 26.03 23.99 8.88
N ALA E 284 25.39 23.61 9.99
CA ALA E 284 25.71 22.33 10.62
C ALA E 284 25.30 21.18 9.68
N PHE E 285 24.14 21.31 9.05
CA PHE E 285 23.70 20.29 8.09
C PHE E 285 24.63 20.25 6.88
N ASN E 286 25.13 21.41 6.44
CA ASN E 286 26.03 21.46 5.27
C ASN E 286 27.43 20.90 5.54
N LEU E 287 27.88 21.03 6.80
CA LEU E 287 29.30 21.06 7.14
C LEU E 287 30.14 19.91 6.57
N LEU E 288 29.95 18.71 7.10
CA LEU E 288 30.84 17.60 6.75
C LEU E 288 30.73 17.25 5.28
N ASP E 289 29.51 17.26 4.74
CA ASP E 289 29.29 17.01 3.31
C ASP E 289 30.08 18.02 2.46
N ASP E 290 30.26 19.25 2.97
CA ASP E 290 30.98 20.26 2.18
C ASP E 290 32.45 20.43 2.56
N GLY E 291 33.02 19.51 3.35
CA GLY E 291 34.44 19.55 3.67
C GLY E 291 34.90 20.88 4.24
N LEU E 292 36.04 21.38 3.77
CA LEU E 292 36.59 22.66 4.24
C LEU E 292 35.67 23.85 3.99
N VAL E 293 34.89 23.81 2.92
CA VAL E 293 33.96 24.90 2.65
C VAL E 293 32.85 24.92 3.70
N GLY E 294 32.33 23.74 3.99
CA GLY E 294 31.35 23.57 5.05
C GLY E 294 31.85 24.06 6.39
N GLN E 295 33.09 23.68 6.74
CA GLN E 295 33.68 24.15 7.98
C GLN E 295 33.87 25.68 7.97
N GLN E 296 34.31 26.21 6.84
CA GLN E 296 34.50 27.67 6.71
C GLN E 296 33.22 28.43 7.04
N LEU E 297 32.09 27.96 6.51
CA LEU E 297 30.84 28.68 6.70
C LEU E 297 30.37 28.57 8.14
N PHE E 298 30.42 27.37 8.70
CA PHE E 298 29.96 27.16 10.08
C PHE E 298 30.88 27.91 11.06
N ALA E 299 32.19 27.77 10.88
CA ALA E 299 33.15 28.44 11.75
C ALA E 299 33.06 29.96 11.62
N GLY E 300 32.70 30.42 10.43
CA GLY E 300 32.51 31.85 10.19
C GLY E 300 31.44 32.41 11.10
N GLU E 301 30.33 31.68 11.21
CA GLU E 301 29.28 32.10 12.15
C GLU E 301 29.70 31.95 13.60
N ALA E 302 30.51 30.94 13.90
CA ALA E 302 30.98 30.77 15.27
C ALA E 302 31.86 31.97 15.65
N THR E 303 32.64 32.46 14.69
CA THR E 303 33.48 33.62 14.90
C THR E 303 32.65 34.87 15.22
N ARG E 304 31.55 35.04 14.51
CA ARG E 304 30.64 36.15 14.80
C ARG E 304 30.12 36.05 16.24
N LEU E 305 29.77 34.83 16.64
CA LEU E 305 29.30 34.59 18.01
C LEU E 305 30.38 34.97 19.03
N ALA E 306 31.64 34.68 18.73
CA ALA E 306 32.74 35.08 19.63
C ALA E 306 32.88 36.60 19.65
N TYR E 307 32.70 37.24 18.50
CA TYR E 307 32.85 38.68 18.43
C TYR E 307 31.85 39.43 19.34
N MET E 308 30.71 38.79 19.63
CA MET E 308 29.69 39.39 20.49
C MET E 308 30.06 39.41 21.97
N THR E 309 31.03 38.59 22.36
CA THR E 309 31.36 38.43 23.78
C THR E 309 32.21 39.60 24.27
N ASP E 310 32.13 39.90 25.56
CA ASP E 310 33.02 40.88 26.17
C ASP E 310 34.50 40.51 25.96
N GLU E 311 34.80 39.22 25.99
CA GLU E 311 36.18 38.79 25.83
C GLU E 311 36.76 39.26 24.49
N ALA E 312 36.02 39.06 23.40
CA ALA E 312 36.51 39.50 22.09
C ALA E 312 36.65 41.02 22.00
N VAL E 313 35.74 41.74 22.64
CA VAL E 313 35.76 43.19 22.67
C VAL E 313 36.99 43.70 23.43
N GLU E 314 37.38 43.01 24.49
CA GLU E 314 38.63 43.33 25.18
C GLU E 314 39.85 43.10 24.27
N GLY E 315 39.81 42.06 23.44
CA GLY E 315 40.87 41.81 22.49
C GLY E 315 41.00 42.98 21.52
N ARG E 316 39.87 43.45 20.99
CA ARG E 316 39.86 44.61 20.10
C ARG E 316 40.37 45.87 20.81
N ASP E 317 39.83 46.12 22.00
CA ASP E 317 40.15 47.34 22.73
C ASP E 317 41.64 47.42 23.07
N ALA E 318 42.21 46.31 23.53
CA ALA E 318 43.62 46.30 23.90
C ALA E 318 44.49 46.62 22.70
N PHE E 319 44.16 46.08 21.54
CA PHE E 319 44.94 46.38 20.34
C PHE E 319 44.85 47.87 20.03
N LEU E 320 43.63 48.41 20.04
CA LEU E 320 43.39 49.82 19.70
C LEU E 320 44.04 50.77 20.72
N GLN E 321 44.07 50.36 21.98
CA GLN E 321 44.63 51.22 23.01
C GLN E 321 46.11 50.92 23.24
N LYS E 322 46.66 50.05 22.40
CA LYS E 322 48.08 49.68 22.44
C LYS E 322 48.53 49.26 23.84
N ARG E 323 47.79 48.35 24.44
CA ARG E 323 48.08 47.84 25.77
C ARG E 323 47.92 46.33 25.78
N PRO E 324 48.48 45.66 26.79
CA PRO E 324 48.23 44.22 26.90
C PRO E 324 46.77 43.94 27.21
N PRO E 325 46.22 42.87 26.61
CA PRO E 325 44.84 42.50 26.97
C PRO E 325 44.77 41.91 28.37
N ASP E 326 43.64 42.11 29.05
CA ASP E 326 43.42 41.53 30.36
C ASP E 326 42.32 40.48 30.25
N TRP E 327 42.71 39.20 30.28
CA TRP E 327 41.79 38.09 30.10
C TRP E 327 41.26 37.54 31.43
N SER E 328 41.73 38.10 32.54
CA SER E 328 41.35 37.56 33.84
C SER E 328 39.82 37.55 34.12
N PRO E 329 39.03 38.51 33.57
CA PRO E 329 37.59 38.40 33.85
C PRO E 329 36.88 37.25 33.14
N PHE E 330 37.56 36.57 32.23
CA PHE E 330 36.86 35.60 31.41
C PHE E 330 37.34 34.18 31.69
N PRO E 331 36.51 33.41 32.40
CA PRO E 331 36.79 32.05 32.85
C PRO E 331 36.90 31.04 31.71
N ARG E 332 37.70 30.00 31.90
CA ARG E 332 37.73 28.85 30.99
C ARG E 332 36.53 27.95 31.21
N TYR E 333 35.84 27.62 30.13
CA TYR E 333 34.75 26.66 30.21
C TYR E 333 35.20 25.29 29.70
N PHE E 334 34.54 24.25 30.18
CA PHE E 334 34.78 22.89 29.71
C PHE E 334 33.46 22.13 29.64
N ASP F 37 7.11 -20.68 -14.13
CA ASP F 37 7.39 -19.98 -12.87
C ASP F 37 8.86 -19.53 -12.76
N ASN F 38 9.78 -20.32 -13.28
CA ASN F 38 11.21 -19.96 -13.25
C ASN F 38 11.48 -18.61 -13.92
N PRO F 39 12.23 -17.74 -13.24
CA PRO F 39 12.54 -16.42 -13.83
C PRO F 39 13.39 -16.52 -15.10
N PHE F 40 14.11 -17.62 -15.28
CA PHE F 40 15.00 -17.78 -16.43
C PHE F 40 14.26 -18.21 -17.70
N ASP F 41 14.39 -17.40 -18.74
CA ASP F 41 13.81 -17.67 -20.06
C ASP F 41 14.93 -18.07 -21.03
N ALA F 42 15.09 -19.38 -21.24
CA ALA F 42 16.23 -19.90 -22.00
C ALA F 42 16.32 -19.34 -23.43
N LYS F 43 15.17 -19.01 -24.02
CA LYS F 43 15.09 -18.49 -25.38
C LYS F 43 15.74 -17.13 -25.52
N ALA F 44 15.88 -16.42 -24.42
CA ALA F 44 16.35 -15.04 -24.49
C ALA F 44 17.87 -14.95 -24.39
N TRP F 45 18.51 -16.07 -24.06
CA TRP F 45 19.93 -16.03 -23.66
C TRP F 45 20.80 -17.00 -24.43
N ARG F 46 22.03 -16.57 -24.71
CA ARG F 46 23.01 -17.44 -25.35
C ARG F 46 24.31 -17.48 -24.53
N LEU F 47 24.95 -18.64 -24.54
CA LEU F 47 26.21 -18.82 -23.86
C LEU F 47 27.27 -17.91 -24.44
N VAL F 48 28.25 -17.52 -23.62
CA VAL F 48 29.30 -16.64 -24.10
C VAL F 48 30.48 -17.48 -24.49
N ASP F 49 31.03 -17.22 -25.68
CA ASP F 49 32.15 -17.99 -26.20
C ASP F 49 33.36 -17.96 -25.28
N GLY F 50 33.95 -19.13 -25.04
CA GLY F 50 35.17 -19.21 -24.26
C GLY F 50 34.94 -19.57 -22.79
N PHE F 51 33.68 -19.82 -22.43
CA PHE F 51 33.31 -20.03 -21.04
C PHE F 51 32.68 -21.40 -20.79
N ASP F 52 33.05 -22.37 -21.62
CA ASP F 52 32.57 -23.76 -21.49
C ASP F 52 33.00 -24.44 -20.21
N ASP F 53 34.07 -23.95 -19.61
CA ASP F 53 34.65 -24.61 -18.45
C ASP F 53 34.03 -24.18 -17.11
N LEU F 54 33.07 -23.26 -17.14
CA LEU F 54 32.46 -22.75 -15.91
C LEU F 54 31.66 -23.82 -15.19
N THR F 55 31.85 -23.92 -13.88
CA THR F 55 31.13 -24.90 -13.08
C THR F 55 30.23 -24.28 -11.99
N ASP F 56 30.68 -23.20 -11.35
CA ASP F 56 29.95 -22.63 -10.21
C ASP F 56 29.06 -21.41 -10.56
N ILE F 57 29.18 -20.95 -11.80
CA ILE F 57 28.62 -19.69 -12.27
C ILE F 57 28.06 -19.93 -13.66
N THR F 58 26.97 -19.27 -14.05
CA THR F 58 26.61 -19.24 -15.46
C THR F 58 26.73 -17.84 -16.02
N TYR F 59 26.93 -17.78 -17.34
CA TYR F 59 27.20 -16.51 -18.02
C TYR F 59 26.53 -16.50 -19.39
N HIS F 60 25.54 -15.64 -19.58
CA HIS F 60 24.85 -15.54 -20.85
C HIS F 60 24.84 -14.11 -21.36
N ARG F 61 24.76 -14.00 -22.68
CA ARG F 61 24.53 -12.72 -23.32
C ARG F 61 23.13 -12.75 -23.92
N HIS F 62 22.39 -11.65 -23.80
CA HIS F 62 21.05 -11.60 -24.36
C HIS F 62 21.08 -11.72 -25.89
N VAL F 63 20.07 -12.35 -26.49
CA VAL F 63 20.06 -12.58 -27.94
C VAL F 63 20.00 -11.27 -28.72
N ASP F 64 19.41 -10.22 -28.14
CA ASP F 64 19.29 -8.92 -28.79
C ASP F 64 19.96 -7.74 -28.07
N ASP F 65 19.84 -7.70 -26.74
CA ASP F 65 20.21 -6.49 -26.00
C ASP F 65 21.68 -6.48 -25.54
N ALA F 66 22.19 -5.28 -25.28
CA ALA F 66 23.53 -5.11 -24.73
C ALA F 66 23.55 -5.41 -23.22
N THR F 67 23.14 -6.63 -22.87
CA THR F 67 22.91 -7.02 -21.48
C THR F 67 23.40 -8.44 -21.26
N VAL F 68 24.11 -8.68 -20.15
CA VAL F 68 24.51 -10.04 -19.81
C VAL F 68 23.86 -10.50 -18.51
N ARG F 69 23.81 -11.81 -18.34
CA ARG F 69 23.25 -12.44 -17.15
C ARG F 69 24.32 -13.29 -16.49
N VAL F 70 24.65 -12.94 -15.25
CA VAL F 70 25.68 -13.62 -14.49
C VAL F 70 25.02 -14.23 -13.26
N ALA F 71 25.15 -15.54 -13.07
CA ALA F 71 24.38 -16.19 -12.01
C ALA F 71 25.15 -17.24 -11.25
N PHE F 72 24.99 -17.23 -9.92
CA PHE F 72 25.49 -18.30 -9.10
C PHE F 72 24.81 -19.60 -9.51
N ASN F 73 25.57 -20.68 -9.52
CA ASN F 73 25.05 -21.95 -10.01
C ASN F 73 25.32 -23.10 -9.06
N ARG F 74 25.12 -22.87 -7.77
CA ARG F 74 25.18 -23.92 -6.75
C ARG F 74 23.93 -23.93 -5.88
N PRO F 75 22.74 -24.11 -6.49
CA PRO F 75 21.48 -23.92 -5.76
C PRO F 75 21.26 -24.97 -4.66
N GLU F 76 21.99 -26.08 -4.70
CA GLU F 76 21.89 -27.11 -3.68
C GLU F 76 22.44 -26.64 -2.33
N VAL F 77 23.30 -25.62 -2.33
CA VAL F 77 23.73 -25.02 -1.06
C VAL F 77 23.33 -23.53 -1.02
N ARG F 78 22.15 -23.23 -1.54
CA ARG F 78 21.62 -21.87 -1.55
C ARG F 78 22.59 -20.88 -2.21
N ASN F 79 23.28 -21.36 -3.25
CA ASN F 79 24.21 -20.55 -4.04
C ASN F 79 25.30 -19.89 -3.22
N ALA F 80 25.75 -20.59 -2.17
CA ALA F 80 26.92 -20.20 -1.39
C ALA F 80 28.16 -20.27 -2.28
N PHE F 81 29.07 -19.31 -2.15
CA PHE F 81 30.28 -19.31 -2.98
C PHE F 81 31.51 -19.83 -2.23
N ARG F 82 32.32 -20.59 -2.95
CA ARG F 82 33.61 -21.05 -2.49
C ARG F 82 34.67 -20.30 -3.30
N PRO F 83 35.96 -20.42 -2.94
CA PRO F 83 36.96 -19.62 -3.66
C PRO F 83 36.94 -19.76 -5.17
N HIS F 84 36.70 -20.97 -5.67
CA HIS F 84 36.61 -21.20 -7.10
C HIS F 84 35.43 -20.44 -7.70
N THR F 85 34.32 -20.37 -6.96
CA THR F 85 33.18 -19.59 -7.39
C THR F 85 33.58 -18.14 -7.60
N VAL F 86 34.29 -17.59 -6.62
CA VAL F 86 34.74 -16.20 -6.64
C VAL F 86 35.65 -15.95 -7.84
N ASP F 87 36.58 -16.88 -8.11
CA ASP F 87 37.48 -16.71 -9.25
C ASP F 87 36.71 -16.62 -10.57
N GLU F 88 35.72 -17.51 -10.74
CA GLU F 88 34.89 -17.56 -11.94
C GLU F 88 34.04 -16.30 -12.08
N LEU F 89 33.47 -15.87 -10.98
CA LEU F 89 32.64 -14.69 -10.92
C LEU F 89 33.45 -13.46 -11.32
N TYR F 90 34.68 -13.38 -10.81
CA TYR F 90 35.56 -12.28 -11.18
C TYR F 90 35.87 -12.28 -12.67
N ARG F 91 36.23 -13.44 -13.20
CA ARG F 91 36.60 -13.59 -14.61
C ARG F 91 35.44 -13.22 -15.52
N VAL F 92 34.26 -13.67 -15.16
CA VAL F 92 33.06 -13.38 -15.94
C VAL F 92 32.71 -11.89 -15.91
N LEU F 93 32.71 -11.30 -14.72
CA LEU F 93 32.44 -9.86 -14.61
C LEU F 93 33.52 -9.03 -15.29
N ASP F 94 34.77 -9.48 -15.20
CA ASP F 94 35.86 -8.75 -15.85
C ASP F 94 35.67 -8.77 -17.37
N HIS F 95 35.27 -9.92 -17.90
CA HIS F 95 35.00 -10.06 -19.32
C HIS F 95 33.85 -9.14 -19.77
N ALA F 96 32.80 -9.07 -18.97
CA ALA F 96 31.70 -8.18 -19.26
C ALA F 96 32.16 -6.71 -19.24
N ARG F 97 33.04 -6.37 -18.30
CA ARG F 97 33.57 -5.01 -18.20
C ARG F 97 34.27 -4.61 -19.50
N MET F 98 34.98 -5.55 -20.11
CA MET F 98 35.80 -5.27 -21.29
C MET F 98 35.07 -5.50 -22.62
N SER F 99 33.79 -5.85 -22.57
CA SER F 99 32.97 -6.06 -23.78
C SER F 99 32.24 -4.78 -24.19
N PRO F 100 32.68 -4.14 -25.29
CA PRO F 100 32.13 -2.85 -25.71
C PRO F 100 30.65 -2.89 -26.08
N ASP F 101 30.15 -4.07 -26.43
CA ASP F 101 28.74 -4.20 -26.83
C ASP F 101 27.85 -4.61 -25.64
N VAL F 102 28.38 -4.53 -24.43
CA VAL F 102 27.58 -4.81 -23.24
C VAL F 102 27.48 -3.53 -22.39
N GLY F 103 26.25 -3.14 -22.05
CA GLY F 103 26.05 -1.95 -21.24
C GLY F 103 25.65 -2.24 -19.79
N VAL F 104 24.98 -3.37 -19.57
CA VAL F 104 24.40 -3.66 -18.27
C VAL F 104 24.64 -5.11 -17.85
N VAL F 105 24.98 -5.30 -16.58
CA VAL F 105 25.14 -6.65 -16.02
C VAL F 105 23.95 -6.98 -15.11
N LEU F 106 23.27 -8.10 -15.38
CA LEU F 106 22.27 -8.64 -14.44
C LEU F 106 22.91 -9.76 -13.63
N LEU F 107 23.00 -9.55 -12.31
CA LEU F 107 23.62 -10.49 -11.40
C LEU F 107 22.52 -11.18 -10.59
N THR F 108 22.45 -12.51 -10.62
CA THR F 108 21.33 -13.20 -9.96
C THR F 108 21.77 -14.60 -9.52
N GLY F 109 20.82 -15.43 -9.08
CA GLY F 109 21.13 -16.80 -8.70
C GLY F 109 20.26 -17.79 -9.44
N ASN F 110 20.83 -18.92 -9.85
CA ASN F 110 20.03 -19.95 -10.52
C ASN F 110 19.29 -20.80 -9.49
N GLY F 111 18.22 -21.46 -9.93
CA GLY F 111 17.44 -22.33 -9.05
C GLY F 111 16.28 -23.00 -9.76
N PRO F 112 15.38 -23.65 -9.00
CA PRO F 112 15.51 -23.72 -7.54
C PRO F 112 16.46 -24.84 -7.11
N SER F 113 16.63 -25.02 -5.80
CA SER F 113 17.37 -26.16 -5.30
C SER F 113 16.73 -27.48 -5.75
N PRO F 114 17.51 -28.37 -6.37
CA PRO F 114 16.99 -29.68 -6.76
C PRO F 114 16.65 -30.58 -5.57
N LYS F 115 17.19 -30.25 -4.40
CA LYS F 115 16.93 -31.03 -3.20
C LYS F 115 15.62 -30.66 -2.50
N ASP F 116 15.34 -29.37 -2.33
CA ASP F 116 14.14 -29.01 -1.56
C ASP F 116 13.28 -27.92 -2.21
N GLY F 117 13.62 -27.54 -3.43
CA GLY F 117 12.88 -26.51 -4.15
C GLY F 117 13.06 -25.08 -3.63
N GLY F 118 13.99 -24.88 -2.71
CA GLY F 118 14.26 -23.55 -2.16
C GLY F 118 14.97 -22.63 -3.14
N TRP F 119 14.60 -21.36 -3.13
CA TRP F 119 15.17 -20.37 -4.04
C TRP F 119 16.27 -19.54 -3.38
N ALA F 120 17.37 -19.32 -4.09
CA ALA F 120 18.41 -18.47 -3.52
C ALA F 120 19.06 -17.59 -4.56
N PHE F 121 19.31 -16.34 -4.16
CA PHE F 121 20.25 -15.51 -4.87
C PHE F 121 21.65 -15.97 -4.51
N CYS F 122 22.00 -15.84 -3.22
CA CYS F 122 23.31 -16.21 -2.71
C CYS F 122 23.34 -16.18 -1.19
N SER F 123 23.83 -17.26 -0.59
CA SER F 123 23.88 -17.35 0.88
C SER F 123 25.27 -17.04 1.44
N GLY F 124 26.10 -16.39 0.64
CA GLY F 124 27.40 -15.97 1.13
C GLY F 124 28.44 -17.07 1.03
N GLY F 125 29.48 -16.98 1.85
CA GLY F 125 30.57 -17.92 1.81
C GLY F 125 30.18 -19.35 2.18
N ASP F 126 30.71 -20.30 1.43
CA ASP F 126 30.48 -21.72 1.69
C ASP F 126 31.14 -22.10 3.03
N GLN F 127 30.34 -22.27 4.07
CA GLN F 127 30.84 -22.54 5.42
C GLN F 127 31.59 -23.88 5.54
N ARG F 128 31.32 -24.79 4.63
CA ARG F 128 31.96 -26.11 4.63
C ARG F 128 33.46 -26.02 4.43
N ILE F 129 33.92 -25.00 3.70
CA ILE F 129 35.34 -24.90 3.42
C ILE F 129 35.95 -23.65 4.03
N ARG F 130 35.23 -23.07 4.99
CA ARG F 130 35.75 -21.97 5.79
C ARG F 130 36.66 -22.48 6.90
N GLY F 131 37.88 -21.96 6.94
CA GLY F 131 38.85 -22.37 7.93
C GLY F 131 39.25 -21.18 8.77
N ARG F 132 40.25 -21.34 9.62
CA ARG F 132 40.67 -20.23 10.46
C ARG F 132 41.34 -19.12 9.67
N SER F 133 41.85 -19.43 8.48
CA SER F 133 42.49 -18.37 7.67
C SER F 133 41.57 -17.83 6.56
N GLY F 134 40.29 -18.22 6.60
CA GLY F 134 39.34 -17.79 5.59
C GLY F 134 38.81 -18.94 4.76
N TYR F 135 38.23 -18.64 3.60
CA TYR F 135 37.65 -19.65 2.71
C TYR F 135 38.75 -20.33 1.90
N GLN F 136 38.75 -21.66 1.91
CA GLN F 136 39.86 -22.41 1.36
C GLN F 136 39.49 -23.22 0.13
N TYR F 137 40.44 -23.28 -0.81
CA TYR F 137 40.31 -24.13 -1.98
C TYR F 137 40.28 -25.59 -1.52
N ALA F 138 39.46 -26.38 -2.18
CA ALA F 138 39.32 -27.80 -1.87
C ALA F 138 39.12 -28.57 -3.17
N SER F 139 39.57 -29.82 -3.18
CA SER F 139 39.41 -30.67 -4.36
C SER F 139 37.95 -31.17 -4.45
N GLY F 140 37.28 -31.27 -3.31
CA GLY F 140 35.89 -31.69 -3.29
C GLY F 140 34.96 -30.62 -2.75
N ASP F 141 33.78 -31.03 -2.28
CA ASP F 141 32.79 -30.08 -1.82
C ASP F 141 32.86 -29.83 -0.33
N THR F 142 33.54 -30.70 0.39
CA THR F 142 33.44 -30.67 1.84
C THR F 142 34.77 -30.41 2.51
N ALA F 143 34.70 -30.19 3.82
CA ALA F 143 35.85 -29.76 4.58
C ALA F 143 37.03 -30.72 4.54
N ASP F 144 36.75 -32.02 4.40
CA ASP F 144 37.82 -33.01 4.43
C ASP F 144 38.75 -32.91 3.23
N THR F 145 38.31 -32.22 2.17
CA THR F 145 39.14 -32.15 0.97
C THR F 145 39.87 -30.82 0.76
N VAL F 146 39.89 -29.95 1.77
CA VAL F 146 40.62 -28.69 1.63
C VAL F 146 42.14 -28.92 1.51
N ASP F 147 42.76 -28.16 0.62
CA ASP F 147 44.22 -28.15 0.49
C ASP F 147 44.85 -27.45 1.69
N VAL F 148 45.39 -28.26 2.60
CA VAL F 148 45.91 -27.76 3.88
C VAL F 148 47.12 -26.88 3.71
N ALA F 149 47.81 -27.02 2.57
CA ALA F 149 49.01 -26.23 2.30
C ALA F 149 48.69 -24.82 1.84
N ARG F 150 47.41 -24.55 1.59
CA ARG F 150 47.02 -23.32 0.94
C ARG F 150 46.14 -22.47 1.86
N ALA F 151 46.61 -21.26 2.16
CA ALA F 151 45.92 -20.36 3.07
C ALA F 151 44.56 -19.90 2.52
N GLY F 152 43.63 -19.59 3.42
CA GLY F 152 42.31 -19.14 3.03
C GLY F 152 42.28 -17.72 2.48
N ARG F 153 41.18 -17.37 1.81
CA ARG F 153 41.04 -16.03 1.25
C ARG F 153 39.67 -15.45 1.53
N LEU F 154 39.58 -14.13 1.47
CA LEU F 154 38.29 -13.48 1.61
C LEU F 154 38.03 -12.62 0.39
N HIS F 155 38.36 -13.15 -0.78
CA HIS F 155 38.49 -12.27 -1.94
C HIS F 155 37.19 -12.05 -2.72
N ILE F 156 36.03 -12.33 -2.11
CA ILE F 156 34.78 -11.79 -2.62
C ILE F 156 34.86 -10.24 -2.58
N LEU F 157 35.71 -9.71 -1.72
CA LEU F 157 35.95 -8.26 -1.65
C LEU F 157 36.48 -7.73 -2.99
N GLU F 158 37.25 -8.55 -3.71
CA GLU F 158 37.79 -8.20 -5.04
C GLU F 158 36.68 -8.10 -6.08
N VAL F 159 35.69 -8.97 -5.96
CA VAL F 159 34.50 -8.92 -6.79
C VAL F 159 33.66 -7.69 -6.46
N GLN F 160 33.52 -7.37 -5.17
CA GLN F 160 32.82 -6.15 -4.76
C GLN F 160 33.45 -4.91 -5.41
N ARG F 161 34.78 -4.84 -5.38
CA ARG F 161 35.46 -3.68 -5.96
C ARG F 161 35.29 -3.67 -7.46
N LEU F 162 35.32 -4.85 -8.08
CA LEU F 162 35.13 -4.93 -9.54
C LEU F 162 33.74 -4.42 -9.92
N ILE F 163 32.72 -4.83 -9.17
CA ILE F 163 31.37 -4.34 -9.41
C ILE F 163 31.32 -2.84 -9.21
N ARG F 164 31.92 -2.39 -8.11
CA ARG F 164 31.94 -1.00 -7.73
C ARG F 164 32.64 -0.11 -8.76
N PHE F 165 33.78 -0.57 -9.30
CA PHE F 165 34.61 0.27 -10.17
C PHE F 165 34.31 0.13 -11.67
N MET F 166 33.48 -0.84 -12.06
CA MET F 166 33.34 -1.03 -13.48
C MET F 166 32.38 0.04 -14.04
N PRO F 167 32.74 0.58 -15.21
CA PRO F 167 32.00 1.71 -15.78
C PRO F 167 30.67 1.30 -16.43
N LYS F 168 29.95 0.37 -15.80
CA LYS F 168 28.68 -0.14 -16.31
C LYS F 168 27.73 -0.38 -15.14
N VAL F 169 26.44 -0.27 -15.39
CA VAL F 169 25.47 -0.46 -14.32
C VAL F 169 25.33 -1.95 -14.04
N VAL F 170 25.46 -2.31 -12.77
CA VAL F 170 25.22 -3.69 -12.35
C VAL F 170 23.92 -3.74 -11.56
N ILE F 171 22.98 -4.54 -12.04
CA ILE F 171 21.70 -4.72 -11.39
C ILE F 171 21.63 -6.10 -10.74
N CYS F 172 21.37 -6.13 -9.44
CA CYS F 172 21.16 -7.39 -8.74
C CYS F 172 19.68 -7.81 -8.80
N LEU F 173 19.43 -9.04 -9.25
CA LEU F 173 18.08 -9.59 -9.26
C LEU F 173 17.97 -10.61 -8.13
N VAL F 174 17.37 -10.21 -7.02
CA VAL F 174 17.32 -11.09 -5.88
C VAL F 174 16.11 -11.99 -6.01
N ASN F 175 16.37 -13.24 -6.37
CA ASN F 175 15.34 -14.21 -6.73
C ASN F 175 15.03 -15.19 -5.59
N GLY F 176 15.67 -15.00 -4.45
CA GLY F 176 15.54 -15.91 -3.33
C GLY F 176 16.33 -15.39 -2.16
N TRP F 177 16.78 -16.30 -1.28
CA TRP F 177 17.60 -15.90 -0.15
C TRP F 177 18.82 -15.08 -0.55
N ALA F 178 19.01 -14.00 0.17
CA ALA F 178 20.22 -13.22 0.10
C ALA F 178 20.74 -13.06 1.52
N ALA F 179 21.77 -13.83 1.87
CA ALA F 179 22.27 -13.90 3.24
C ALA F 179 23.77 -13.76 3.27
N GLY F 180 24.29 -13.28 4.41
CA GLY F 180 25.72 -13.10 4.60
C GLY F 180 26.34 -12.28 3.49
N GLY F 181 27.43 -12.78 2.95
CA GLY F 181 28.15 -12.15 1.84
C GLY F 181 27.28 -11.98 0.59
N GLY F 182 26.27 -12.83 0.45
CA GLY F 182 25.32 -12.71 -0.64
C GLY F 182 24.48 -11.46 -0.48
N HIS F 183 24.10 -11.17 0.77
CA HIS F 183 23.40 -9.92 1.08
C HIS F 183 24.31 -8.72 0.76
N SER F 184 25.58 -8.82 1.13
CA SER F 184 26.53 -7.75 0.88
C SER F 184 26.76 -7.54 -0.62
N LEU F 185 26.68 -8.61 -1.42
CA LEU F 185 26.80 -8.47 -2.87
C LEU F 185 25.64 -7.64 -3.43
N HIS F 186 24.41 -7.92 -3.02
CA HIS F 186 23.36 -7.04 -3.46
C HIS F 186 23.56 -5.60 -3.02
N VAL F 187 24.06 -5.39 -1.81
CA VAL F 187 24.23 -4.04 -1.29
C VAL F 187 25.14 -3.22 -2.19
N VAL F 188 26.22 -3.82 -2.70
CA VAL F 188 27.21 -3.06 -3.44
C VAL F 188 26.81 -2.84 -4.91
N CYS F 189 25.87 -3.64 -5.44
CA CYS F 189 25.36 -3.39 -6.79
C CYS F 189 24.69 -2.03 -6.90
N ASP F 190 24.66 -1.48 -8.11
CA ASP F 190 24.08 -0.15 -8.34
C ASP F 190 22.59 -0.09 -8.09
N LEU F 191 21.88 -1.14 -8.52
CA LEU F 191 20.43 -1.24 -8.42
C LEU F 191 20.06 -2.65 -7.98
N THR F 192 18.92 -2.81 -7.33
CA THR F 192 18.42 -4.13 -6.95
C THR F 192 16.93 -4.29 -7.23
N LEU F 193 16.58 -5.35 -7.96
CA LEU F 193 15.18 -5.72 -8.16
C LEU F 193 14.96 -7.02 -7.40
N ALA F 194 13.80 -7.18 -6.79
CA ALA F 194 13.60 -8.35 -5.93
C ALA F 194 12.28 -9.07 -6.20
N SER F 195 12.33 -10.39 -6.14
CA SER F 195 11.15 -11.23 -6.31
C SER F 195 10.16 -11.08 -5.15
N ARG F 196 8.94 -10.65 -5.45
CA ARG F 196 7.93 -10.47 -4.40
C ARG F 196 7.76 -11.76 -3.56
N GLU F 197 7.63 -12.90 -4.23
CA GLU F 197 7.32 -14.16 -3.54
C GLU F 197 8.49 -14.78 -2.80
N TYR F 198 9.68 -14.76 -3.39
CA TYR F 198 10.76 -15.59 -2.88
C TYR F 198 11.99 -14.85 -2.35
N ALA F 199 12.13 -13.56 -2.66
CA ALA F 199 13.26 -12.81 -2.12
C ALA F 199 13.19 -12.79 -0.59
N ARG F 200 14.33 -13.11 0.04
CA ARG F 200 14.44 -13.08 1.50
C ARG F 200 15.80 -12.50 1.88
N PHE F 201 15.77 -11.36 2.57
CA PHE F 201 17.01 -10.67 2.96
C PHE F 201 17.30 -10.96 4.42
N LYS F 202 18.48 -11.51 4.68
CA LYS F 202 18.81 -11.88 6.04
C LYS F 202 20.29 -11.76 6.27
N GLN F 203 20.70 -10.76 7.05
CA GLN F 203 22.11 -10.58 7.27
C GLN F 203 22.54 -11.42 8.47
N THR F 204 22.99 -12.63 8.17
CA THR F 204 23.32 -13.66 9.15
C THR F 204 24.78 -13.63 9.62
N ASP F 205 25.57 -12.64 9.17
CA ASP F 205 27.00 -12.55 9.53
C ASP F 205 27.29 -12.85 11.00
N ALA F 206 26.68 -12.08 11.91
CA ALA F 206 27.01 -12.20 13.31
C ALA F 206 26.52 -13.54 13.90
N ASP F 207 25.57 -14.18 13.22
CA ASP F 207 25.11 -15.52 13.63
C ASP F 207 26.22 -16.57 13.51
N VAL F 208 27.11 -16.40 12.54
CA VAL F 208 28.18 -17.37 12.34
C VAL F 208 29.54 -16.78 12.69
N GLY F 209 29.53 -15.69 13.47
CA GLY F 209 30.74 -15.10 13.97
C GLY F 209 31.54 -14.33 12.93
N SER F 210 30.88 -13.98 11.82
CA SER F 210 31.54 -13.24 10.75
C SER F 210 31.02 -11.80 10.72
N PHE F 211 31.63 -10.96 9.89
CA PHE F 211 31.09 -9.61 9.65
C PHE F 211 31.67 -9.01 8.38
N ASP F 212 30.82 -8.33 7.62
CA ASP F 212 31.27 -7.50 6.53
C ASP F 212 31.34 -6.08 7.07
N GLY F 213 32.56 -5.63 7.35
CA GLY F 213 32.74 -4.31 7.93
C GLY F 213 33.01 -3.24 6.90
N GLY F 214 32.79 -3.56 5.63
CA GLY F 214 33.03 -2.61 4.55
C GLY F 214 31.75 -2.16 3.85
N TYR F 215 31.65 -2.48 2.56
CA TYR F 215 30.47 -2.12 1.79
C TYR F 215 29.20 -2.80 2.33
N GLY F 216 29.34 -4.01 2.87
CA GLY F 216 28.16 -4.75 3.35
C GLY F 216 27.35 -4.01 4.41
N SER F 217 28.04 -3.29 5.28
CA SER F 217 27.41 -2.60 6.40
C SER F 217 27.39 -1.06 6.23
N ALA F 218 28.57 -0.46 6.14
CA ALA F 218 28.68 0.99 6.04
C ALA F 218 27.97 1.50 4.79
N TYR F 219 28.05 0.77 3.69
CA TYR F 219 27.40 1.24 2.47
C TYR F 219 25.89 0.98 2.50
N LEU F 220 25.46 -0.08 3.19
CA LEU F 220 24.02 -0.26 3.39
C LEU F 220 23.40 0.95 4.09
N ALA F 221 24.10 1.49 5.07
CA ALA F 221 23.64 2.68 5.81
C ALA F 221 23.44 3.88 4.89
N ARG F 222 24.13 3.92 3.76
CA ARG F 222 23.98 5.03 2.83
C ARG F 222 22.86 4.76 1.82
N GLN F 223 22.12 3.69 2.07
CA GLN F 223 20.93 3.38 1.31
C GLN F 223 19.69 3.49 2.20
N VAL F 224 19.74 2.88 3.38
CA VAL F 224 18.56 2.82 4.25
C VAL F 224 18.71 3.68 5.51
N GLY F 225 19.84 4.36 5.64
CA GLY F 225 20.07 5.16 6.83
C GLY F 225 20.67 4.33 7.96
N GLN F 226 21.28 5.02 8.92
CA GLN F 226 22.04 4.34 9.98
C GLN F 226 21.19 3.48 10.92
N LYS F 227 19.97 3.89 11.23
CA LYS F 227 19.13 3.12 12.14
C LYS F 227 18.73 1.75 11.54
N PHE F 228 18.18 1.77 10.33
CA PHE F 228 17.75 0.54 9.66
C PHE F 228 18.92 -0.41 9.36
N ALA F 229 20.05 0.14 8.96
CA ALA F 229 21.23 -0.66 8.63
C ALA F 229 21.73 -1.39 9.87
N ARG F 230 21.77 -0.68 10.99
CA ARG F 230 22.19 -1.27 12.25
C ARG F 230 21.21 -2.36 12.68
N GLU F 231 19.91 -2.11 12.50
CA GLU F 231 18.89 -3.10 12.80
C GLU F 231 19.09 -4.38 12.00
N ILE F 232 19.31 -4.21 10.70
CA ILE F 232 19.47 -5.35 9.79
C ILE F 232 20.62 -6.26 10.23
N PHE F 233 21.76 -5.68 10.61
CA PHE F 233 22.92 -6.47 11.03
C PHE F 233 22.83 -6.99 12.48
N PHE F 234 22.43 -6.12 13.41
CA PHE F 234 22.47 -6.49 14.81
C PHE F 234 21.45 -7.58 15.16
N LEU F 235 20.29 -7.59 14.49
CA LEU F 235 19.26 -8.57 14.81
C LEU F 235 19.19 -9.67 13.77
N GLY F 236 19.64 -9.37 12.55
CA GLY F 236 19.73 -10.40 11.51
C GLY F 236 18.37 -11.04 11.23
N ARG F 237 17.31 -10.24 11.28
CA ARG F 237 15.99 -10.75 10.94
C ARG F 237 15.83 -10.94 9.44
N THR F 238 14.83 -11.72 9.06
CA THR F 238 14.49 -11.91 7.65
C THR F 238 13.51 -10.85 7.15
N TYR F 239 13.81 -10.22 6.02
CA TYR F 239 12.95 -9.20 5.43
C TYR F 239 12.45 -9.59 4.04
N THR F 240 11.23 -9.19 3.70
CA THR F 240 10.72 -9.42 2.36
C THR F 240 11.21 -8.38 1.35
N ALA F 241 10.96 -8.63 0.07
CA ALA F 241 11.28 -7.67 -0.97
C ALA F 241 10.60 -6.33 -0.67
N GLU F 242 9.32 -6.41 -0.30
CA GLU F 242 8.54 -5.20 -0.05
C GLU F 242 9.11 -4.43 1.14
N GLN F 243 9.50 -5.13 2.20
CA GLN F 243 10.08 -4.47 3.35
C GLN F 243 11.40 -3.77 3.02
N MET F 244 12.27 -4.45 2.28
CA MET F 244 13.55 -3.82 1.88
C MET F 244 13.33 -2.65 0.95
N HIS F 245 12.30 -2.74 0.11
CA HIS F 245 11.96 -1.64 -0.78
C HIS F 245 11.56 -0.39 0.00
N GLN F 246 10.74 -0.58 1.04
CA GLN F 246 10.33 0.49 1.94
C GLN F 246 11.50 1.13 2.68
N MET F 247 12.49 0.32 3.04
CA MET F 247 13.64 0.84 3.76
C MET F 247 14.62 1.58 2.84
N GLY F 248 14.62 1.22 1.56
CA GLY F 248 15.43 1.92 0.57
C GLY F 248 16.58 1.13 -0.06
N ALA F 249 16.64 -0.18 0.19
CA ALA F 249 17.72 -1.00 -0.34
C ALA F 249 17.30 -1.76 -1.59
N VAL F 250 16.00 -1.80 -1.87
CA VAL F 250 15.50 -2.46 -3.06
C VAL F 250 14.77 -1.45 -3.93
N ASN F 251 15.17 -1.35 -5.20
CA ASN F 251 14.60 -0.35 -6.08
C ASN F 251 13.16 -0.64 -6.46
N ALA F 252 12.87 -1.90 -6.76
CA ALA F 252 11.52 -2.28 -7.13
C ALA F 252 11.26 -3.75 -6.86
N VAL F 253 9.99 -4.07 -6.61
CA VAL F 253 9.57 -5.43 -6.39
C VAL F 253 8.91 -5.94 -7.67
N ALA F 254 9.23 -7.17 -8.06
CA ALA F 254 8.64 -7.75 -9.28
C ALA F 254 8.09 -9.15 -9.00
N GLU F 255 7.12 -9.58 -9.80
CA GLU F 255 6.67 -10.97 -9.74
C GLU F 255 7.83 -11.91 -10.07
N HIS F 256 7.94 -12.99 -9.32
CA HIS F 256 9.05 -13.95 -9.45
C HIS F 256 9.31 -14.36 -10.90
N ALA F 257 8.28 -14.81 -11.59
CA ALA F 257 8.40 -15.28 -12.97
C ALA F 257 8.85 -14.18 -13.93
N GLU F 258 8.64 -12.93 -13.52
CA GLU F 258 8.95 -11.76 -14.33
C GLU F 258 10.23 -11.04 -13.89
N LEU F 259 10.95 -11.60 -12.94
CA LEU F 259 12.08 -10.85 -12.38
C LEU F 259 13.13 -10.47 -13.43
N GLU F 260 13.47 -11.40 -14.31
CA GLU F 260 14.49 -11.14 -15.32
C GLU F 260 13.90 -10.33 -16.49
N THR F 261 12.61 -10.52 -16.75
CA THR F 261 11.91 -9.71 -17.72
C THR F 261 11.93 -8.23 -17.33
N VAL F 262 11.68 -7.95 -16.06
CA VAL F 262 11.74 -6.57 -15.57
C VAL F 262 13.21 -6.08 -15.58
N GLY F 263 14.13 -6.96 -15.19
CA GLY F 263 15.55 -6.65 -15.26
C GLY F 263 15.96 -6.23 -16.66
N LEU F 264 15.49 -6.97 -17.66
CA LEU F 264 15.80 -6.65 -19.06
C LEU F 264 15.21 -5.31 -19.48
N GLN F 265 14.04 -4.97 -18.94
CA GLN F 265 13.41 -3.68 -19.22
C GLN F 265 14.19 -2.52 -18.61
N TRP F 266 14.60 -2.68 -17.35
CA TRP F 266 15.42 -1.69 -16.69
C TRP F 266 16.74 -1.49 -17.44
N ALA F 267 17.35 -2.60 -17.85
CA ALA F 267 18.59 -2.55 -18.62
C ALA F 267 18.37 -1.80 -19.93
N ALA F 268 17.22 -2.02 -20.57
CA ALA F 268 16.94 -1.39 -21.85
C ALA F 268 16.82 0.13 -21.70
N GLU F 269 16.17 0.56 -20.62
CA GLU F 269 16.05 1.99 -20.34
C GLU F 269 17.43 2.60 -20.05
N ILE F 270 18.27 1.86 -19.34
CA ILE F 270 19.64 2.31 -19.08
C ILE F 270 20.44 2.40 -20.39
N ASN F 271 20.28 1.41 -21.26
CA ASN F 271 21.05 1.35 -22.50
C ASN F 271 20.60 2.34 -23.56
N ALA F 272 19.45 2.99 -23.33
CA ALA F 272 18.92 3.96 -24.29
C ALA F 272 19.44 5.36 -24.04
N LYS F 273 20.29 5.51 -23.01
CA LYS F 273 20.84 6.84 -22.73
C LYS F 273 22.28 6.95 -23.20
N SER F 274 22.84 8.16 -23.15
CA SER F 274 24.25 8.40 -23.48
C SER F 274 25.16 7.52 -22.61
N PRO F 275 25.90 6.60 -23.24
CA PRO F 275 26.81 5.73 -22.48
C PRO F 275 27.89 6.52 -21.74
N GLN F 276 28.39 7.56 -22.38
CA GLN F 276 29.35 8.47 -21.75
C GLN F 276 28.78 9.14 -20.48
N ALA F 277 27.56 9.65 -20.55
CA ALA F 277 26.95 10.27 -19.38
C ALA F 277 26.70 9.26 -18.27
N GLN F 278 26.24 8.06 -18.61
CA GLN F 278 25.95 7.02 -17.60
C GLN F 278 27.20 6.66 -16.84
N ARG F 279 28.29 6.54 -17.57
CA ARG F 279 29.60 6.23 -17.05
C ARG F 279 30.07 7.30 -16.04
N MET F 280 30.02 8.56 -16.47
CA MET F 280 30.39 9.67 -15.58
C MET F 280 29.51 9.70 -14.34
N LEU F 281 28.23 9.42 -14.52
CA LEU F 281 27.27 9.46 -13.41
C LEU F 281 27.60 8.39 -12.38
N LYS F 282 27.91 7.18 -12.83
CA LYS F 282 28.22 6.12 -11.87
C LYS F 282 29.42 6.52 -11.01
N PHE F 283 30.47 7.05 -11.64
CA PHE F 283 31.64 7.43 -10.87
C PHE F 283 31.37 8.67 -10.03
N ALA F 284 30.44 9.51 -10.47
CA ALA F 284 30.04 10.66 -9.66
C ALA F 284 29.32 10.18 -8.39
N PHE F 285 28.47 9.16 -8.52
CA PHE F 285 27.80 8.62 -7.33
C PHE F 285 28.81 7.99 -6.37
N ASN F 286 29.86 7.35 -6.90
CA ASN F 286 30.88 6.69 -6.07
C ASN F 286 31.81 7.64 -5.32
N LEU F 287 32.04 8.82 -5.91
CA LEU F 287 33.25 9.60 -5.69
C LEU F 287 33.59 9.83 -4.22
N LEU F 288 32.81 10.65 -3.54
CA LEU F 288 33.16 11.06 -2.18
C LEU F 288 33.14 9.88 -1.23
N ASP F 289 32.18 8.98 -1.38
CA ASP F 289 32.14 7.80 -0.53
C ASP F 289 33.43 7.00 -0.64
N ASP F 290 34.06 7.00 -1.80
CA ASP F 290 35.26 6.21 -2.02
C ASP F 290 36.59 7.00 -1.92
N GLY F 291 36.55 8.21 -1.38
CA GLY F 291 37.77 8.98 -1.15
C GLY F 291 38.69 9.14 -2.35
N LEU F 292 40.00 8.96 -2.15
CA LEU F 292 40.95 9.11 -3.25
C LEU F 292 40.70 8.13 -4.40
N VAL F 293 40.19 6.95 -4.08
CA VAL F 293 39.86 5.97 -5.12
C VAL F 293 38.70 6.45 -5.98
N GLY F 294 37.66 6.96 -5.33
CA GLY F 294 36.53 7.56 -6.04
C GLY F 294 36.98 8.69 -6.93
N GLN F 295 37.83 9.56 -6.39
CA GLN F 295 38.36 10.65 -7.19
C GLN F 295 39.21 10.10 -8.34
N GLN F 296 40.05 9.10 -8.05
CA GLN F 296 40.88 8.53 -9.11
C GLN F 296 40.04 8.05 -10.31
N LEU F 297 38.94 7.37 -10.04
CA LEU F 297 38.13 6.84 -11.13
C LEU F 297 37.40 7.94 -11.90
N PHE F 298 36.79 8.88 -11.19
CA PHE F 298 36.06 9.94 -11.86
C PHE F 298 37.01 10.82 -12.67
N ALA F 299 38.12 11.20 -12.05
CA ALA F 299 39.12 12.03 -12.74
C ALA F 299 39.74 11.31 -13.93
N GLY F 300 39.86 9.99 -13.84
CA GLY F 300 40.37 9.17 -14.92
C GLY F 300 39.49 9.33 -16.15
N GLU F 301 38.19 9.30 -15.93
CA GLU F 301 37.23 9.47 -17.01
C GLU F 301 37.25 10.91 -17.53
N ALA F 302 37.47 11.87 -16.65
CA ALA F 302 37.61 13.26 -17.08
C ALA F 302 38.87 13.44 -17.93
N THR F 303 39.93 12.74 -17.56
CA THR F 303 41.16 12.77 -18.34
C THR F 303 40.92 12.25 -19.76
N ARG F 304 40.13 11.19 -19.89
CA ARG F 304 39.78 10.68 -21.20
C ARG F 304 39.02 11.70 -22.04
N LEU F 305 38.06 12.39 -21.43
CA LEU F 305 37.32 13.42 -22.14
C LEU F 305 38.27 14.50 -22.65
N ALA F 306 39.25 14.85 -21.83
CA ALA F 306 40.24 15.85 -22.22
C ALA F 306 41.10 15.37 -23.39
N TYR F 307 41.44 14.08 -23.40
CA TYR F 307 42.26 13.56 -24.48
C TYR F 307 41.59 13.69 -25.84
N MET F 308 40.26 13.78 -25.84
CA MET F 308 39.53 13.89 -27.09
C MET F 308 39.64 15.27 -27.73
N THR F 309 40.07 16.27 -26.96
CA THR F 309 40.08 17.65 -27.44
C THR F 309 41.27 17.96 -28.34
N ASP F 310 41.07 18.91 -29.25
CA ASP F 310 42.15 19.40 -30.08
C ASP F 310 43.29 19.92 -29.21
N GLU F 311 42.94 20.50 -28.06
CA GLU F 311 43.94 21.04 -27.16
C GLU F 311 44.87 19.94 -26.64
N ALA F 312 44.32 18.80 -26.24
CA ALA F 312 45.16 17.71 -25.77
C ALA F 312 46.03 17.17 -26.89
N VAL F 313 45.48 17.11 -28.09
CA VAL F 313 46.22 16.63 -29.25
C VAL F 313 47.38 17.56 -29.61
N GLU F 314 47.19 18.86 -29.48
CA GLU F 314 48.27 19.81 -29.70
C GLU F 314 49.42 19.55 -28.71
N GLY F 315 49.07 19.20 -27.47
CA GLY F 315 50.07 18.85 -26.47
C GLY F 315 50.89 17.65 -26.91
N ARG F 316 50.20 16.61 -27.37
CA ARG F 316 50.88 15.43 -27.89
C ARG F 316 51.77 15.79 -29.10
N ASP F 317 51.18 16.50 -30.07
CA ASP F 317 51.89 16.79 -31.31
C ASP F 317 53.16 17.62 -31.07
N ALA F 318 53.06 18.62 -30.20
CA ALA F 318 54.21 19.47 -29.90
C ALA F 318 55.35 18.65 -29.27
N PHE F 319 55.01 17.73 -28.38
CA PHE F 319 56.04 16.88 -27.80
C PHE F 319 56.68 16.03 -28.88
N LEU F 320 55.84 15.40 -29.70
CA LEU F 320 56.34 14.51 -30.73
C LEU F 320 57.17 15.27 -31.77
N GLN F 321 56.78 16.50 -32.06
CA GLN F 321 57.51 17.29 -33.07
C GLN F 321 58.61 18.14 -32.45
N LYS F 322 58.83 17.96 -31.16
CA LYS F 322 59.89 18.64 -30.43
C LYS F 322 59.85 20.16 -30.66
N ARG F 323 58.68 20.74 -30.43
CA ARG F 323 58.46 22.17 -30.59
C ARG F 323 57.60 22.68 -29.42
N PRO F 324 57.59 24.00 -29.20
CA PRO F 324 56.69 24.49 -28.14
C PRO F 324 55.22 24.30 -28.53
N PRO F 325 54.37 23.97 -27.56
CA PRO F 325 52.95 23.88 -27.92
C PRO F 325 52.38 25.26 -28.17
N ASP F 326 51.39 25.37 -29.03
CA ASP F 326 50.70 26.64 -29.28
C ASP F 326 49.29 26.53 -28.70
N TRP F 327 49.05 27.20 -27.57
CA TRP F 327 47.77 27.12 -26.89
C TRP F 327 46.82 28.24 -27.29
N SER F 328 47.27 29.14 -28.16
CA SER F 328 46.45 30.30 -28.52
C SER F 328 45.07 29.99 -29.10
N PRO F 329 44.90 28.87 -29.82
CA PRO F 329 43.53 28.62 -30.31
C PRO F 329 42.52 28.22 -29.25
N PHE F 330 42.97 27.94 -28.03
CA PHE F 330 42.10 27.33 -27.04
C PHE F 330 41.77 28.28 -25.90
N PRO F 331 40.52 28.75 -25.87
CA PRO F 331 40.04 29.76 -24.91
C PRO F 331 39.98 29.26 -23.48
N ARG F 332 40.21 30.16 -22.52
CA ARG F 332 39.97 29.87 -21.12
C ARG F 332 38.46 29.94 -20.84
N TYR F 333 37.92 28.88 -20.26
CA TYR F 333 36.51 28.89 -19.87
C TYR F 333 36.41 29.20 -18.39
N PHE F 334 35.27 29.78 -18.00
CA PHE F 334 34.99 30.03 -16.59
C PHE F 334 33.52 29.82 -16.26
N ASN G 38 -10.50 22.51 8.68
CA ASN G 38 -11.96 22.35 8.62
C ASN G 38 -12.46 22.29 7.18
N PRO G 39 -13.20 21.23 6.84
CA PRO G 39 -13.75 21.02 5.50
C PRO G 39 -14.76 22.07 5.07
N PHE G 40 -15.39 22.75 6.03
CA PHE G 40 -16.46 23.67 5.69
C PHE G 40 -15.94 25.01 5.19
N ASP G 41 -16.33 25.38 3.97
CA ASP G 41 -15.98 26.67 3.38
C ASP G 41 -17.21 27.58 3.41
N ALA G 42 -17.26 28.45 4.42
CA ALA G 42 -18.47 29.23 4.70
C ALA G 42 -18.91 30.11 3.55
N LYS G 43 -17.96 30.58 2.76
CA LYS G 43 -18.27 31.45 1.63
C LYS G 43 -18.99 30.71 0.50
N ALA G 44 -18.91 29.37 0.50
CA ALA G 44 -19.46 28.60 -0.61
C ALA G 44 -20.93 28.26 -0.41
N TRP G 45 -21.47 28.55 0.77
CA TRP G 45 -22.77 28.00 1.15
C TRP G 45 -23.76 29.07 1.60
N ARG G 46 -25.04 28.87 1.27
CA ARG G 46 -26.11 29.80 1.66
C ARG G 46 -27.23 29.10 2.41
N LEU G 47 -27.82 29.82 3.36
CA LEU G 47 -28.98 29.34 4.12
C LEU G 47 -30.22 29.22 3.21
N VAL G 48 -31.16 28.37 3.62
CA VAL G 48 -32.39 28.10 2.88
C VAL G 48 -33.66 28.68 3.52
N ASP G 49 -34.55 29.25 2.72
CA ASP G 49 -35.82 29.82 3.22
C ASP G 49 -36.61 28.79 4.02
N GLY G 50 -37.08 29.19 5.21
CA GLY G 50 -37.95 28.35 6.00
C GLY G 50 -37.28 27.50 7.06
N PHE G 51 -35.97 27.65 7.19
CA PHE G 51 -35.18 26.78 8.06
C PHE G 51 -34.42 27.52 9.16
N ASP G 52 -34.98 28.64 9.59
CA ASP G 52 -34.42 29.48 10.65
C ASP G 52 -34.38 28.77 11.97
N ASP G 53 -35.31 27.84 12.15
CA ASP G 53 -35.54 27.18 13.44
C ASP G 53 -34.70 25.93 13.69
N LEU G 54 -33.82 25.57 12.75
CA LEU G 54 -33.00 24.37 12.90
C LEU G 54 -32.05 24.46 14.09
N THR G 55 -31.98 23.39 14.89
CA THR G 55 -31.07 23.36 16.04
C THR G 55 -30.05 22.21 16.00
N ASP G 56 -30.46 21.03 15.53
CA ASP G 56 -29.60 19.82 15.58
C ASP G 56 -28.92 19.50 14.26
N ILE G 57 -29.30 20.25 13.23
CA ILE G 57 -28.96 19.96 11.85
C ILE G 57 -28.69 21.29 11.17
N THR G 58 -27.72 21.35 10.26
CA THR G 58 -27.60 22.54 9.40
C THR G 58 -27.93 22.17 7.95
N TYR G 59 -28.36 23.16 7.20
CA TYR G 59 -28.85 22.99 5.84
C TYR G 59 -28.37 24.17 5.00
N HIS G 60 -27.55 23.92 4.00
CA HIS G 60 -27.12 24.99 3.10
C HIS G 60 -27.35 24.62 1.64
N ARG G 61 -27.53 25.64 0.82
CA ARG G 61 -27.54 25.46 -0.61
C ARG G 61 -26.26 26.11 -1.15
N HIS G 62 -25.60 25.46 -2.10
CA HIS G 62 -24.38 26.00 -2.66
C HIS G 62 -24.65 27.32 -3.38
N VAL G 63 -23.65 28.21 -3.40
CA VAL G 63 -23.86 29.52 -4.00
C VAL G 63 -24.13 29.42 -5.50
N ASP G 64 -23.50 28.45 -6.18
CA ASP G 64 -23.64 28.28 -7.64
C ASP G 64 -24.22 26.93 -8.08
N ASP G 65 -23.80 25.86 -7.41
CA ASP G 65 -24.08 24.50 -7.90
C ASP G 65 -25.42 23.97 -7.45
N ALA G 66 -25.93 23.01 -8.21
CA ALA G 66 -27.15 22.28 -7.87
C ALA G 66 -26.88 21.22 -6.79
N THR G 67 -26.37 21.67 -5.65
CA THR G 67 -25.91 20.81 -4.59
C THR G 67 -26.25 21.39 -3.24
N VAL G 68 -26.73 20.57 -2.32
CA VAL G 68 -26.95 21.05 -0.96
C VAL G 68 -26.04 20.35 0.03
N ARG G 69 -25.89 20.95 1.20
CA ARG G 69 -25.09 20.39 2.27
C ARG G 69 -25.97 20.20 3.51
N VAL G 70 -26.11 18.95 3.94
CA VAL G 70 -26.91 18.57 5.11
C VAL G 70 -25.98 17.97 6.17
N ALA G 71 -25.99 18.53 7.38
CA ALA G 71 -24.99 18.13 8.39
C ALA G 71 -25.55 18.00 9.79
N PHE G 72 -25.14 16.95 10.49
CA PHE G 72 -25.41 16.82 11.92
C PHE G 72 -24.72 17.94 12.66
N ASN G 73 -25.40 18.50 13.66
CA ASN G 73 -24.89 19.68 14.34
C ASN G 73 -24.90 19.53 15.85
N ARG G 74 -24.51 18.35 16.33
CA ARG G 74 -24.35 18.14 17.76
C ARG G 74 -22.94 17.60 18.04
N PRO G 75 -21.91 18.36 17.67
CA PRO G 75 -20.54 17.83 17.71
C PRO G 75 -20.05 17.54 19.14
N GLU G 76 -20.73 18.09 20.15
CA GLU G 76 -20.35 17.84 21.55
C GLU G 76 -20.64 16.39 21.97
N VAL G 77 -21.54 15.71 21.28
CA VAL G 77 -21.76 14.28 21.54
C VAL G 77 -21.50 13.43 20.29
N ARG G 78 -20.44 13.77 19.56
CA ARG G 78 -20.05 13.05 18.34
C ARG G 78 -21.20 12.95 17.32
N ASN G 79 -21.99 14.01 17.27
CA ASN G 79 -23.11 14.15 16.33
C ASN G 79 -24.14 13.02 16.41
N ALA G 80 -24.36 12.50 17.62
CA ALA G 80 -25.44 11.54 17.90
C ALA G 80 -26.80 12.16 17.63
N PHE G 81 -27.72 11.40 17.05
CA PHE G 81 -29.04 11.96 16.78
C PHE G 81 -30.06 11.53 17.85
N ARG G 82 -30.92 12.48 18.23
CA ARG G 82 -32.08 12.22 19.08
C ARG G 82 -33.33 12.37 18.18
N PRO G 83 -34.53 12.02 18.69
CA PRO G 83 -35.69 12.08 17.79
C PRO G 83 -35.91 13.43 17.10
N HIS G 84 -35.66 14.52 17.80
CA HIS G 84 -35.79 15.83 17.18
C HIS G 84 -34.79 16.00 16.03
N THR G 85 -33.58 15.48 16.21
CA THR G 85 -32.57 15.48 15.14
C THR G 85 -33.09 14.77 13.89
N VAL G 86 -33.70 13.61 14.12
CA VAL G 86 -34.25 12.81 13.02
C VAL G 86 -35.37 13.56 12.29
N ASP G 87 -36.26 14.21 13.04
CA ASP G 87 -37.34 15.01 12.43
C ASP G 87 -36.79 16.12 11.54
N GLU G 88 -35.78 16.83 12.02
CA GLU G 88 -35.16 17.90 11.25
C GLU G 88 -34.46 17.36 10.02
N LEU G 89 -33.76 16.24 10.20
CA LEU G 89 -33.03 15.61 9.11
C LEU G 89 -34.03 15.17 8.01
N TYR G 90 -35.14 14.57 8.42
CA TYR G 90 -36.17 14.16 7.47
C TYR G 90 -36.72 15.38 6.74
N ARG G 91 -37.04 16.44 7.49
CA ARG G 91 -37.66 17.63 6.91
C ARG G 91 -36.72 18.26 5.86
N VAL G 92 -35.44 18.35 6.21
CA VAL G 92 -34.44 18.93 5.33
C VAL G 92 -34.19 18.09 4.07
N LEU G 93 -34.02 16.77 4.23
CA LEU G 93 -33.82 15.90 3.08
C LEU G 93 -35.07 15.88 2.20
N ASP G 94 -36.25 15.94 2.82
CA ASP G 94 -37.51 15.96 2.07
C ASP G 94 -37.61 17.24 1.22
N HIS G 95 -37.22 18.35 1.80
CA HIS G 95 -37.18 19.61 1.07
C HIS G 95 -36.23 19.54 -0.11
N ALA G 96 -35.03 19.01 0.11
CA ALA G 96 -34.06 18.86 -0.98
C ALA G 96 -34.62 17.96 -2.09
N ARG G 97 -35.31 16.88 -1.71
CA ARG G 97 -35.92 15.97 -2.68
C ARG G 97 -36.86 16.73 -3.62
N MET G 98 -37.61 17.66 -3.03
CA MET G 98 -38.64 18.38 -3.74
C MET G 98 -38.13 19.67 -4.37
N SER G 99 -36.82 19.92 -4.28
CA SER G 99 -36.21 21.11 -4.91
C SER G 99 -35.72 20.79 -6.32
N PRO G 100 -36.41 21.30 -7.35
CA PRO G 100 -36.10 20.96 -8.74
C PRO G 100 -34.71 21.43 -9.17
N ASP G 101 -34.17 22.44 -8.48
CA ASP G 101 -32.85 22.96 -8.83
C ASP G 101 -31.72 22.30 -8.02
N VAL G 102 -32.04 21.23 -7.31
CA VAL G 102 -31.02 20.49 -6.57
C VAL G 102 -30.86 19.09 -7.16
N GLY G 103 -29.64 18.73 -7.52
CA GLY G 103 -29.38 17.42 -8.09
C GLY G 103 -28.70 16.47 -7.12
N VAL G 104 -27.92 17.03 -6.21
CA VAL G 104 -27.10 16.21 -5.33
C VAL G 104 -27.15 16.67 -3.88
N VAL G 105 -27.25 15.71 -2.97
CA VAL G 105 -27.20 16.00 -1.54
C VAL G 105 -25.87 15.55 -0.96
N LEU G 106 -25.17 16.45 -0.25
CA LEU G 106 -24.01 16.08 0.53
C LEU G 106 -24.39 15.93 2.00
N LEU G 107 -24.23 14.71 2.53
CA LEU G 107 -24.58 14.44 3.91
C LEU G 107 -23.33 14.27 4.75
N THR G 108 -23.20 15.07 5.81
CA THR G 108 -21.96 15.07 6.59
C THR G 108 -22.23 15.49 8.04
N GLY G 109 -21.16 15.71 8.82
CA GLY G 109 -21.31 16.16 10.19
C GLY G 109 -20.47 17.40 10.42
N ASN G 110 -20.97 18.33 11.22
CA ASN G 110 -20.19 19.53 11.55
C ASN G 110 -19.21 19.20 12.69
N GLY G 111 -18.16 20.02 12.82
CA GLY G 111 -17.20 19.83 13.91
C GLY G 111 -16.10 20.88 13.91
N PRO G 112 -15.09 20.69 14.78
CA PRO G 112 -14.95 19.55 15.68
C PRO G 112 -15.74 19.75 16.96
N SER G 113 -15.67 18.77 17.87
CA SER G 113 -16.21 18.94 19.22
C SER G 113 -15.51 20.11 19.91
N PRO G 114 -16.30 21.05 20.45
CA PRO G 114 -15.71 22.16 21.21
C PRO G 114 -15.12 21.69 22.54
N LYS G 115 -15.51 20.51 23.00
CA LYS G 115 -15.00 19.99 24.26
C LYS G 115 -13.63 19.35 24.12
N ASP G 116 -13.41 18.53 23.09
CA ASP G 116 -12.13 17.82 22.99
C ASP G 116 -11.48 17.83 21.60
N GLY G 117 -12.04 18.60 20.67
CA GLY G 117 -11.50 18.65 19.32
C GLY G 117 -11.74 17.41 18.47
N GLY G 118 -12.55 16.48 18.97
CA GLY G 118 -12.85 15.26 18.22
C GLY G 118 -13.74 15.49 17.01
N TRP G 119 -13.47 14.76 15.93
CA TRP G 119 -14.26 14.86 14.69
C TRP G 119 -15.26 13.71 14.56
N ALA G 120 -16.49 14.03 14.18
CA ALA G 120 -17.50 13.00 13.95
C ALA G 120 -18.39 13.30 12.77
N PHE G 121 -18.70 12.25 12.01
CA PHE G 121 -19.82 12.32 11.07
C PHE G 121 -21.09 12.15 11.88
N CYS G 122 -21.23 11.00 12.53
CA CYS G 122 -22.42 10.69 13.32
C CYS G 122 -22.20 9.44 14.14
N SER G 123 -22.48 9.50 15.43
CA SER G 123 -22.27 8.36 16.31
C SER G 123 -23.55 7.56 16.61
N GLY G 124 -24.58 7.77 15.81
CA GLY G 124 -25.81 7.00 15.95
C GLY G 124 -26.76 7.58 16.98
N GLY G 125 -27.66 6.74 17.47
CA GLY G 125 -28.67 7.22 18.41
C GLY G 125 -28.06 7.72 19.71
N ASP G 126 -28.61 8.84 20.19
CA ASP G 126 -28.21 9.45 21.45
C ASP G 126 -28.60 8.51 22.60
N GLN G 127 -27.61 7.85 23.18
CA GLN G 127 -27.86 6.82 24.21
C GLN G 127 -28.47 7.38 25.48
N ARG G 128 -28.26 8.67 25.70
CA ARG G 128 -28.79 9.35 26.89
C ARG G 128 -30.32 9.29 26.95
N ILE G 129 -30.97 9.29 25.80
CA ILE G 129 -32.42 9.32 25.85
C ILE G 129 -33.00 8.05 25.22
N ARG G 130 -32.19 7.01 25.15
CA ARG G 130 -32.69 5.70 24.71
C ARG G 130 -33.45 5.08 25.89
N GLY G 131 -34.68 4.64 25.65
CA GLY G 131 -35.46 4.00 26.69
C GLY G 131 -35.80 2.58 26.25
N ARG G 132 -36.64 1.89 27.01
CA ARG G 132 -37.01 0.53 26.67
C ARG G 132 -37.87 0.47 25.40
N SER G 133 -38.55 1.56 25.06
CA SER G 133 -39.37 1.61 23.86
C SER G 133 -38.67 2.30 22.69
N GLY G 134 -37.39 2.60 22.85
CA GLY G 134 -36.65 3.28 21.80
C GLY G 134 -36.14 4.66 22.22
N TYR G 135 -35.80 5.48 21.23
CA TYR G 135 -35.27 6.82 21.46
C TYR G 135 -36.41 7.78 21.74
N GLN G 136 -36.27 8.54 22.82
CA GLN G 136 -37.40 9.32 23.31
C GLN G 136 -37.18 10.82 23.23
N TYR G 137 -38.26 11.53 22.92
CA TYR G 137 -38.27 12.99 22.97
C TYR G 137 -38.08 13.47 24.42
N ALA G 138 -37.27 14.50 24.59
CA ALA G 138 -37.02 15.08 25.92
C ALA G 138 -36.89 16.60 25.81
N SER G 139 -37.26 17.30 26.88
CA SER G 139 -37.16 18.76 26.88
C SER G 139 -35.71 19.20 27.03
N GLY G 140 -34.88 18.35 27.62
CA GLY G 140 -33.45 18.63 27.74
C GLY G 140 -32.60 17.61 27.00
N ASP G 141 -31.33 17.49 27.38
CA ASP G 141 -30.39 16.61 26.71
C ASP G 141 -30.27 15.25 27.35
N THR G 142 -30.80 15.10 28.56
CA THR G 142 -30.61 13.89 29.34
C THR G 142 -31.91 13.18 29.71
N ALA G 143 -31.77 11.98 30.27
CA ALA G 143 -32.90 11.11 30.56
C ALA G 143 -33.91 11.72 31.52
N ASP G 144 -33.50 12.66 32.36
CA ASP G 144 -34.43 13.25 33.32
C ASP G 144 -35.58 14.01 32.67
N THR G 145 -35.36 14.50 31.46
CA THR G 145 -36.35 15.35 30.81
C THR G 145 -37.18 14.65 29.73
N VAL G 146 -37.08 13.32 29.67
CA VAL G 146 -37.87 12.54 28.72
C VAL G 146 -39.36 12.71 29.00
N ASP G 147 -40.14 12.91 27.95
CA ASP G 147 -41.60 12.93 28.08
C ASP G 147 -42.07 11.47 28.30
N VAL G 148 -42.38 11.14 29.54
CA VAL G 148 -42.67 9.75 29.90
C VAL G 148 -43.96 9.24 29.27
N ALA G 149 -44.84 10.17 28.89
CA ALA G 149 -46.12 9.83 28.30
C ALA G 149 -45.98 9.44 26.83
N ARG G 150 -44.80 9.63 26.28
CA ARG G 150 -44.59 9.52 24.85
C ARG G 150 -43.65 8.36 24.50
N ALA G 151 -44.15 7.42 23.70
CA ALA G 151 -43.38 6.22 23.35
C ALA G 151 -42.12 6.56 22.56
N GLY G 152 -41.12 5.69 22.68
CA GLY G 152 -39.88 5.85 21.95
C GLY G 152 -40.08 5.54 20.48
N ARG G 153 -39.13 5.99 19.66
CA ARG G 153 -39.20 5.75 18.24
C ARG G 153 -37.85 5.29 17.71
N LEU G 154 -37.88 4.65 16.54
CA LEU G 154 -36.67 4.22 15.86
C LEU G 154 -36.69 4.77 14.44
N HIS G 155 -37.13 6.02 14.27
CA HIS G 155 -37.48 6.46 12.92
C HIS G 155 -36.34 7.07 12.10
N ILE G 156 -35.08 6.83 12.50
CA ILE G 156 -33.97 7.04 11.57
C ILE G 156 -34.18 6.12 10.35
N LEU G 157 -34.94 5.04 10.56
CA LEU G 157 -35.28 4.12 9.47
C LEU G 157 -36.07 4.85 8.36
N GLU G 158 -36.87 5.83 8.74
CA GLU G 158 -37.60 6.62 7.77
C GLU G 158 -36.67 7.51 6.97
N VAL G 159 -35.63 8.02 7.61
CA VAL G 159 -34.62 8.81 6.92
C VAL G 159 -33.84 7.93 5.96
N GLN G 160 -33.52 6.70 6.39
CA GLN G 160 -32.85 5.71 5.55
C GLN G 160 -33.64 5.48 4.26
N ARG G 161 -34.95 5.30 4.39
CA ARG G 161 -35.79 5.09 3.22
C ARG G 161 -35.87 6.35 2.36
N LEU G 162 -35.89 7.52 3.00
CA LEU G 162 -35.99 8.78 2.27
C LEU G 162 -34.76 8.97 1.37
N ILE G 163 -33.60 8.67 1.94
CA ILE G 163 -32.34 8.68 1.20
C ILE G 163 -32.37 7.66 0.06
N ARG G 164 -32.82 6.47 0.39
CA ARG G 164 -32.88 5.37 -0.57
C ARG G 164 -33.81 5.66 -1.75
N PHE G 165 -34.98 6.24 -1.47
CA PHE G 165 -36.04 6.38 -2.48
C PHE G 165 -35.99 7.71 -3.25
N MET G 166 -35.17 8.64 -2.82
CA MET G 166 -35.24 9.94 -3.48
C MET G 166 -34.49 9.88 -4.82
N PRO G 167 -35.05 10.51 -5.85
CA PRO G 167 -34.54 10.41 -7.21
C PRO G 167 -33.31 11.28 -7.44
N LYS G 168 -32.43 11.35 -6.45
CA LYS G 168 -31.23 12.16 -6.48
C LYS G 168 -30.11 11.42 -5.78
N VAL G 169 -28.88 11.68 -6.18
CA VAL G 169 -27.72 11.05 -5.57
C VAL G 169 -27.38 11.71 -4.24
N VAL G 170 -27.27 10.88 -3.21
CA VAL G 170 -26.89 11.32 -1.87
C VAL G 170 -25.47 10.83 -1.59
N ILE G 171 -24.56 11.76 -1.35
CA ILE G 171 -23.18 11.42 -1.06
C ILE G 171 -22.88 11.67 0.40
N CYS G 172 -22.44 10.64 1.10
CA CYS G 172 -22.02 10.81 2.48
C CYS G 172 -20.55 11.24 2.53
N LEU G 173 -20.28 12.35 3.22
CA LEU G 173 -18.91 12.79 3.43
C LEU G 173 -18.53 12.45 4.86
N VAL G 174 -17.80 11.36 5.05
CA VAL G 174 -17.46 10.93 6.42
C VAL G 174 -16.22 11.69 6.90
N ASN G 175 -16.46 12.66 7.76
CA ASN G 175 -15.43 13.60 8.21
C ASN G 175 -14.86 13.25 9.59
N GLY G 176 -15.31 12.13 10.14
CA GLY G 176 -14.90 11.72 11.47
C GLY G 176 -15.51 10.37 11.80
N TRP G 177 -15.72 10.12 13.09
CA TRP G 177 -16.38 8.89 13.53
C TRP G 177 -17.69 8.65 12.82
N ALA G 178 -17.88 7.42 12.37
CA ALA G 178 -19.16 6.98 11.88
C ALA G 178 -19.45 5.68 12.61
N ALA G 179 -20.35 5.74 13.58
CA ALA G 179 -20.60 4.62 14.47
C ALA G 179 -22.09 4.36 14.63
N GLY G 180 -22.43 3.11 14.93
CA GLY G 180 -23.81 2.73 15.15
C GLY G 180 -24.71 3.13 14.00
N GLY G 181 -25.83 3.76 14.31
CA GLY G 181 -26.75 4.23 13.29
C GLY G 181 -26.10 5.19 12.32
N GLY G 182 -25.05 5.87 12.79
CA GLY G 182 -24.28 6.78 11.95
C GLY G 182 -23.55 6.02 10.87
N HIS G 183 -23.00 4.88 11.25
CA HIS G 183 -22.38 3.99 10.29
C HIS G 183 -23.41 3.49 9.27
N SER G 184 -24.61 3.15 9.75
CA SER G 184 -25.65 2.66 8.84
C SER G 184 -26.15 3.73 7.86
N LEU G 185 -26.14 5.00 8.29
CA LEU G 185 -26.50 6.11 7.41
C LEU G 185 -25.54 6.21 6.25
N HIS G 186 -24.25 6.12 6.57
CA HIS G 186 -23.23 6.03 5.55
C HIS G 186 -23.47 4.87 4.59
N VAL G 187 -23.82 3.71 5.13
CA VAL G 187 -24.01 2.52 4.29
C VAL G 187 -25.11 2.73 3.25
N VAL G 188 -26.20 3.38 3.64
CA VAL G 188 -27.36 3.50 2.77
C VAL G 188 -27.23 4.61 1.71
N CYS G 189 -26.33 5.56 1.91
CA CYS G 189 -26.08 6.58 0.90
C CYS G 189 -25.55 5.94 -0.39
N ASP G 190 -25.77 6.62 -1.51
CA ASP G 190 -25.35 6.10 -2.81
C ASP G 190 -23.83 6.03 -2.94
N LEU G 191 -23.16 7.05 -2.43
CA LEU G 191 -21.70 7.16 -2.51
C LEU G 191 -21.14 7.63 -1.17
N THR G 192 -19.89 7.28 -0.89
CA THR G 192 -19.22 7.78 0.31
C THR G 192 -17.80 8.29 0.04
N LEU G 193 -17.52 9.51 0.48
CA LEU G 193 -16.16 10.02 0.48
C LEU G 193 -15.76 10.13 1.93
N ALA G 194 -14.50 9.83 2.24
CA ALA G 194 -14.06 9.76 3.64
C ALA G 194 -12.75 10.50 3.88
N SER G 195 -12.68 11.19 5.02
CA SER G 195 -11.49 11.92 5.42
C SER G 195 -10.33 10.98 5.75
N ARG G 196 -9.22 11.11 5.02
CA ARG G 196 -8.06 10.26 5.26
C ARG G 196 -7.62 10.31 6.72
N GLU G 197 -7.50 11.50 7.27
CA GLU G 197 -6.94 11.66 8.62
C GLU G 197 -7.91 11.29 9.73
N TYR G 198 -9.18 11.66 9.58
CA TYR G 198 -10.11 11.58 10.71
C TYR G 198 -11.30 10.62 10.60
N ALA G 199 -11.61 10.13 9.40
CA ALA G 199 -12.73 9.19 9.27
C ALA G 199 -12.41 7.94 10.07
N ARG G 200 -13.39 7.49 10.85
CA ARG G 200 -13.26 6.27 11.64
C ARG G 200 -14.57 5.49 11.57
N PHE G 201 -14.52 4.29 11.00
CA PHE G 201 -15.71 3.47 10.86
C PHE G 201 -15.68 2.45 11.96
N LYS G 202 -16.74 2.42 12.76
CA LYS G 202 -16.81 1.50 13.89
C LYS G 202 -18.26 1.12 14.15
N GLN G 203 -18.62 -0.11 13.82
CA GLN G 203 -19.99 -0.55 14.04
C GLN G 203 -20.14 -1.13 15.46
N THR G 204 -20.56 -0.25 16.35
CA THR G 204 -20.64 -0.52 17.79
C THR G 204 -22.00 -1.05 18.25
N ASP G 205 -22.92 -1.29 17.32
CA ASP G 205 -24.28 -1.75 17.64
C ASP G 205 -24.33 -2.81 18.74
N ALA G 206 -23.62 -3.92 18.53
CA ALA G 206 -23.71 -5.05 19.44
C ALA G 206 -23.03 -4.73 20.79
N ASP G 207 -22.16 -3.73 20.81
CA ASP G 207 -21.55 -3.29 22.07
C ASP G 207 -22.59 -2.76 23.04
N VAL G 208 -23.64 -2.12 22.52
CA VAL G 208 -24.65 -1.55 23.40
C VAL G 208 -25.98 -2.28 23.29
N GLY G 209 -25.94 -3.50 22.80
CA GLY G 209 -27.12 -4.34 22.76
C GLY G 209 -28.14 -3.97 21.69
N SER G 210 -27.69 -3.21 20.71
CA SER G 210 -28.54 -2.78 19.60
C SER G 210 -28.13 -3.51 18.31
N PHE G 211 -28.94 -3.36 17.27
CA PHE G 211 -28.55 -3.87 15.95
C PHE G 211 -29.41 -3.26 14.87
N ASP G 212 -28.76 -2.93 13.77
CA ASP G 212 -29.46 -2.58 12.55
C ASP G 212 -29.52 -3.85 11.71
N GLY G 213 -30.69 -4.46 11.66
CA GLY G 213 -30.87 -5.71 10.93
C GLY G 213 -31.41 -5.49 9.54
N GLY G 214 -31.40 -4.23 9.09
CA GLY G 214 -31.90 -3.89 7.76
C GLY G 214 -30.80 -3.47 6.81
N TYR G 215 -30.85 -2.22 6.34
CA TYR G 215 -29.83 -1.70 5.42
C TYR G 215 -28.45 -1.62 6.08
N GLY G 216 -28.40 -1.39 7.39
CA GLY G 216 -27.12 -1.21 8.05
C GLY G 216 -26.22 -2.43 7.91
N SER G 217 -26.80 -3.62 7.94
CA SER G 217 -26.04 -4.86 7.90
C SER G 217 -26.19 -5.56 6.54
N ALA G 218 -27.41 -5.93 6.17
CA ALA G 218 -27.61 -6.68 4.93
C ALA G 218 -27.14 -5.92 3.70
N TYR G 219 -27.36 -4.61 3.67
CA TYR G 219 -26.96 -3.82 2.50
C TYR G 219 -25.45 -3.55 2.49
N LEU G 220 -24.85 -3.45 3.68
CA LEU G 220 -23.40 -3.38 3.77
C LEU G 220 -22.73 -4.58 3.08
N ALA G 221 -23.29 -5.77 3.28
CA ALA G 221 -22.79 -6.98 2.63
C ALA G 221 -22.87 -6.91 1.10
N ARG G 222 -23.77 -6.07 0.57
CA ARG G 222 -23.85 -5.94 -0.88
C ARG G 222 -22.88 -4.88 -1.39
N GLN G 223 -22.05 -4.39 -0.48
CA GLN G 223 -20.97 -3.48 -0.82
C GLN G 223 -19.60 -4.11 -0.58
N VAL G 224 -19.40 -4.72 0.59
CA VAL G 224 -18.08 -5.24 0.91
C VAL G 224 -18.06 -6.78 0.89
N GLY G 225 -19.20 -7.38 0.60
CA GLY G 225 -19.31 -8.83 0.62
C GLY G 225 -19.68 -9.34 2.01
N GLN G 226 -20.18 -10.56 2.08
CA GLN G 226 -20.68 -11.14 3.33
C GLN G 226 -19.61 -11.36 4.41
N LYS G 227 -18.40 -11.75 4.04
CA LYS G 227 -17.36 -11.97 5.05
C LYS G 227 -16.95 -10.67 5.75
N PHE G 228 -16.62 -9.64 4.97
CA PHE G 228 -16.23 -8.36 5.56
C PHE G 228 -17.38 -7.71 6.35
N ALA G 229 -18.60 -7.81 5.85
CA ALA G 229 -19.71 -7.18 6.54
C ALA G 229 -19.91 -7.81 7.91
N ARG G 230 -19.85 -9.15 7.95
CA ARG G 230 -20.00 -9.85 9.22
C ARG G 230 -18.86 -9.49 10.18
N GLU G 231 -17.65 -9.37 9.66
CA GLU G 231 -16.52 -8.97 10.50
C GLU G 231 -16.79 -7.60 11.14
N ILE G 232 -17.24 -6.66 10.31
CA ILE G 232 -17.47 -5.29 10.76
C ILE G 232 -18.45 -5.24 11.93
N PHE G 233 -19.54 -5.99 11.83
CA PHE G 233 -20.54 -6.02 12.89
C PHE G 233 -20.16 -6.91 14.07
N PHE G 234 -19.68 -8.13 13.79
CA PHE G 234 -19.47 -9.08 14.89
C PHE G 234 -18.33 -8.66 15.82
N LEU G 235 -17.31 -7.99 15.29
CA LEU G 235 -16.15 -7.59 16.10
C LEU G 235 -16.17 -6.11 16.46
N GLY G 236 -16.83 -5.30 15.64
CA GLY G 236 -16.94 -3.88 15.94
C GLY G 236 -15.60 -3.16 16.05
N ARG G 237 -14.64 -3.58 15.23
CA ARG G 237 -13.34 -2.90 15.23
C ARG G 237 -13.42 -1.54 14.55
N THR G 238 -12.41 -0.72 14.77
CA THR G 238 -12.29 0.58 14.15
C THR G 238 -11.50 0.51 12.84
N TYR G 239 -12.07 1.06 11.76
CA TYR G 239 -11.41 1.08 10.44
C TYR G 239 -11.13 2.49 9.94
N THR G 240 -10.03 2.63 9.20
CA THR G 240 -9.70 3.90 8.56
C THR G 240 -10.44 4.06 7.24
N ALA G 241 -10.38 5.27 6.69
CA ALA G 241 -10.96 5.54 5.38
C ALA G 241 -10.36 4.58 4.35
N GLU G 242 -9.05 4.41 4.38
CA GLU G 242 -8.37 3.57 3.40
C GLU G 242 -8.76 2.10 3.51
N GLN G 243 -8.88 1.59 4.73
CA GLN G 243 -9.30 0.21 4.94
C GLN G 243 -10.71 0.00 4.39
N MET G 244 -11.62 0.92 4.69
CA MET G 244 -12.98 0.80 4.18
C MET G 244 -13.03 0.93 2.67
N HIS G 245 -12.15 1.74 2.10
CA HIS G 245 -12.03 1.86 0.64
C HIS G 245 -11.59 0.55 -0.01
N GLN G 246 -10.60 -0.11 0.61
CA GLN G 246 -10.14 -1.41 0.14
C GLN G 246 -11.25 -2.45 0.23
N MET G 247 -12.08 -2.37 1.27
CA MET G 247 -13.15 -3.34 1.42
C MET G 247 -14.32 -3.09 0.46
N GLY G 248 -14.50 -1.85 0.05
CA GLY G 248 -15.50 -1.50 -0.94
C GLY G 248 -16.68 -0.66 -0.49
N ALA G 249 -16.60 -0.12 0.73
CA ALA G 249 -17.70 0.71 1.29
C ALA G 249 -17.45 2.21 1.17
N VAL G 250 -16.21 2.57 0.85
CA VAL G 250 -15.87 3.98 0.66
C VAL G 250 -15.39 4.17 -0.77
N ASN G 251 -15.99 5.10 -1.50
CA ASN G 251 -15.65 5.30 -2.91
C ASN G 251 -14.26 5.91 -3.10
N ALA G 252 -13.93 6.90 -2.28
CA ALA G 252 -12.63 7.52 -2.38
C ALA G 252 -12.22 8.18 -1.06
N VAL G 253 -10.91 8.28 -0.87
CA VAL G 253 -10.33 8.93 0.28
C VAL G 253 -9.86 10.32 -0.11
N ALA G 254 -10.16 11.31 0.71
CA ALA G 254 -9.68 12.67 0.45
C ALA G 254 -9.05 13.25 1.71
N GLU G 255 -8.14 14.19 1.51
CA GLU G 255 -7.58 14.95 2.63
C GLU G 255 -8.70 15.66 3.36
N HIS G 256 -8.60 15.66 4.69
CA HIS G 256 -9.65 16.22 5.54
C HIS G 256 -10.12 17.58 5.08
N ALA G 257 -9.16 18.50 4.90
CA ALA G 257 -9.46 19.87 4.53
C ALA G 257 -10.14 19.98 3.17
N GLU G 258 -9.96 18.99 2.31
CA GLU G 258 -10.55 19.04 0.97
CA GLU G 258 -10.54 19.02 0.97
C GLU G 258 -11.79 18.16 0.81
N LEU G 259 -12.29 17.60 1.92
CA LEU G 259 -13.38 16.62 1.81
C LEU G 259 -14.61 17.20 1.13
N GLU G 260 -14.99 18.43 1.49
CA GLU G 260 -16.21 18.99 0.90
C GLU G 260 -15.95 19.53 -0.50
N THR G 261 -14.73 19.99 -0.74
CA THR G 261 -14.31 20.39 -2.09
C THR G 261 -14.38 19.19 -3.04
N VAL G 262 -13.87 18.04 -2.60
CA VAL G 262 -13.95 16.83 -3.40
C VAL G 262 -15.42 16.42 -3.56
N GLY G 263 -16.19 16.52 -2.49
CA GLY G 263 -17.63 16.26 -2.56
C GLY G 263 -18.31 17.10 -3.64
N LEU G 264 -17.98 18.38 -3.67
CA LEU G 264 -18.57 19.31 -4.64
C LEU G 264 -18.16 18.95 -6.08
N GLN G 265 -16.93 18.47 -6.25
CA GLN G 265 -16.44 18.04 -7.56
C GLN G 265 -17.20 16.80 -8.06
N TRP G 266 -17.38 15.81 -7.18
CA TRP G 266 -18.17 14.62 -7.52
C TRP G 266 -19.59 15.03 -7.88
N ALA G 267 -20.17 15.91 -7.09
CA ALA G 267 -21.51 16.41 -7.35
C ALA G 267 -21.59 17.11 -8.70
N ALA G 268 -20.56 17.86 -9.07
CA ALA G 268 -20.56 18.56 -10.36
C ALA G 268 -20.54 17.58 -11.52
N GLU G 269 -19.77 16.51 -11.38
CA GLU G 269 -19.73 15.51 -12.43
C GLU G 269 -21.09 14.79 -12.58
N ILE G 270 -21.74 14.51 -11.46
CA ILE G 270 -23.06 13.91 -11.49
C ILE G 270 -24.05 14.86 -12.16
N ASN G 271 -23.96 16.14 -11.80
CA ASN G 271 -24.90 17.14 -12.30
C ASN G 271 -24.70 17.54 -13.77
N ALA G 272 -23.58 17.12 -14.36
CA ALA G 272 -23.29 17.43 -15.75
C ALA G 272 -23.85 16.39 -16.72
N LYS G 273 -24.48 15.35 -16.20
CA LYS G 273 -25.07 14.29 -17.03
C LYS G 273 -26.59 14.43 -17.15
N SER G 274 -27.20 13.61 -18.00
CA SER G 274 -28.66 13.60 -18.15
C SER G 274 -29.35 13.31 -16.82
N PRO G 275 -30.12 14.29 -16.33
CA PRO G 275 -30.85 14.10 -15.05
C PRO G 275 -31.86 12.95 -15.13
N GLN G 276 -32.53 12.83 -16.26
CA GLN G 276 -33.44 11.73 -16.50
C GLN G 276 -32.73 10.37 -16.42
N ALA G 277 -31.57 10.28 -17.03
CA ALA G 277 -30.80 9.05 -17.02
C ALA G 277 -30.30 8.70 -15.62
N GLN G 278 -29.84 9.70 -14.88
CA GLN G 278 -29.34 9.50 -13.52
C GLN G 278 -30.42 8.94 -12.59
N ARG G 279 -31.61 9.51 -12.72
CA ARG G 279 -32.78 9.10 -11.96
C ARG G 279 -33.11 7.62 -12.19
N MET G 280 -33.24 7.23 -13.46
CA MET G 280 -33.54 5.85 -13.81
C MET G 280 -32.47 4.90 -13.29
N LEU G 281 -31.21 5.32 -13.38
CA LEU G 281 -30.09 4.47 -12.97
C LEU G 281 -30.13 4.19 -11.46
N LYS G 282 -30.40 5.20 -10.65
CA LYS G 282 -30.46 4.96 -9.22
C LYS G 282 -31.54 3.92 -8.87
N PHE G 283 -32.71 4.04 -9.48
CA PHE G 283 -33.78 3.09 -9.20
C PHE G 283 -33.45 1.73 -9.82
N ALA G 284 -32.66 1.70 -10.89
CA ALA G 284 -32.19 0.43 -11.44
C ALA G 284 -31.29 -0.28 -10.45
N PHE G 285 -30.42 0.49 -9.79
CA PHE G 285 -29.51 -0.07 -8.77
C PHE G 285 -30.28 -0.57 -7.56
N ASN G 286 -31.35 0.14 -7.18
CA ASN G 286 -32.18 -0.24 -6.03
C ASN G 286 -33.03 -1.48 -6.26
N LEU G 287 -33.46 -1.67 -7.52
CA LEU G 287 -34.69 -2.41 -7.85
C LEU G 287 -34.82 -3.77 -7.18
N LEU G 288 -34.00 -4.74 -7.60
CA LEU G 288 -34.16 -6.13 -7.17
C LEU G 288 -33.91 -6.29 -5.67
N ASP G 289 -32.90 -5.58 -5.16
CA ASP G 289 -32.62 -5.58 -3.72
C ASP G 289 -33.84 -5.14 -2.92
N ASP G 290 -34.65 -4.23 -3.48
CA ASP G 290 -35.80 -3.70 -2.76
C ASP G 290 -37.15 -4.35 -3.15
N GLY G 291 -37.10 -5.47 -3.87
CA GLY G 291 -38.30 -6.22 -4.20
C GLY G 291 -39.40 -5.39 -4.85
N LEU G 292 -40.63 -5.58 -4.37
CA LEU G 292 -41.77 -4.85 -4.90
C LEU G 292 -41.64 -3.34 -4.72
N VAL G 293 -40.99 -2.90 -3.62
CA VAL G 293 -40.81 -1.46 -3.42
C VAL G 293 -39.88 -0.91 -4.51
N GLY G 294 -38.76 -1.60 -4.74
CA GLY G 294 -37.84 -1.25 -5.79
C GLY G 294 -38.52 -1.23 -7.16
N GLN G 295 -39.33 -2.23 -7.44
CA GLN G 295 -40.07 -2.25 -8.70
C GLN G 295 -41.05 -1.07 -8.79
N GLN G 296 -41.74 -0.79 -7.69
CA GLN G 296 -42.69 0.32 -7.67
C GLN G 296 -42.02 1.63 -8.08
N LEU G 297 -40.83 1.88 -7.54
CA LEU G 297 -40.14 3.15 -7.80
C LEU G 297 -39.63 3.22 -9.22
N PHE G 298 -39.02 2.14 -9.69
CA PHE G 298 -38.52 2.15 -11.05
C PHE G 298 -39.68 2.23 -12.06
N ALA G 299 -40.71 1.41 -11.85
CA ALA G 299 -41.87 1.41 -12.74
C ALA G 299 -42.60 2.75 -12.70
N GLY G 300 -42.54 3.41 -11.54
CA GLY G 300 -43.13 4.73 -11.41
C GLY G 300 -42.47 5.70 -12.39
N GLU G 301 -41.15 5.63 -12.50
CA GLU G 301 -40.46 6.51 -13.45
C GLU G 301 -40.73 6.13 -14.90
N ALA G 302 -40.88 4.83 -15.17
CA ALA G 302 -41.23 4.36 -16.51
C ALA G 302 -42.63 4.84 -16.89
N THR G 303 -43.54 4.85 -15.92
CA THR G 303 -44.88 5.36 -16.18
C THR G 303 -44.82 6.83 -16.58
N ARG G 304 -43.98 7.61 -15.89
CA ARG G 304 -43.80 9.01 -16.27
C ARG G 304 -43.26 9.15 -17.70
N LEU G 305 -42.28 8.33 -18.06
CA LEU G 305 -41.72 8.34 -19.41
C LEU G 305 -42.80 8.02 -20.43
N ALA G 306 -43.70 7.09 -20.09
CA ALA G 306 -44.80 6.78 -20.99
C ALA G 306 -45.75 7.97 -21.14
N TYR G 307 -46.01 8.70 -20.05
CA TYR G 307 -46.95 9.83 -20.08
C TYR G 307 -46.47 10.93 -21.02
N MET G 308 -45.18 10.99 -21.27
CA MET G 308 -44.62 12.02 -22.15
C MET G 308 -44.96 11.73 -23.61
N THR G 309 -45.34 10.49 -23.93
CA THR G 309 -45.50 10.11 -25.31
C THR G 309 -46.83 10.56 -25.90
N ASP G 310 -46.84 10.77 -27.22
CA ASP G 310 -48.08 11.02 -27.94
C ASP G 310 -49.10 9.88 -27.73
N GLU G 311 -48.64 8.64 -27.63
CA GLU G 311 -49.57 7.52 -27.41
C GLU G 311 -50.37 7.69 -26.11
N ALA G 312 -49.69 8.02 -25.02
CA ALA G 312 -50.35 8.23 -23.73
C ALA G 312 -51.31 9.41 -23.78
N VAL G 313 -50.92 10.45 -24.52
CA VAL G 313 -51.76 11.64 -24.65
C VAL G 313 -53.07 11.31 -25.39
N GLU G 314 -52.98 10.45 -26.41
CA GLU G 314 -54.19 10.00 -27.12
C GLU G 314 -55.12 9.23 -26.18
N GLY G 315 -54.53 8.46 -25.26
CA GLY G 315 -55.31 7.75 -24.25
C GLY G 315 -56.08 8.71 -23.37
N ARG G 316 -55.40 9.76 -22.90
CA ARG G 316 -56.04 10.80 -22.11
C ARG G 316 -57.12 11.51 -22.92
N ASP G 317 -56.77 11.93 -24.14
CA ASP G 317 -57.70 12.70 -24.97
C ASP G 317 -58.98 11.93 -25.30
N ALA G 318 -58.84 10.65 -25.65
CA ALA G 318 -60.00 9.85 -25.99
C ALA G 318 -60.96 9.73 -24.82
N PHE G 319 -60.42 9.55 -23.62
CA PHE G 319 -61.26 9.45 -22.43
C PHE G 319 -62.00 10.76 -22.20
N LEU G 320 -61.28 11.87 -22.27
CA LEU G 320 -61.87 13.18 -22.03
C LEU G 320 -62.88 13.55 -23.10
N GLN G 321 -62.64 13.12 -24.34
CA GLN G 321 -63.54 13.44 -25.45
C GLN G 321 -64.61 12.34 -25.64
N LYS G 322 -64.63 11.39 -24.72
CA LYS G 322 -65.63 10.32 -24.71
C LYS G 322 -65.76 9.63 -26.07
N ARG G 323 -64.62 9.23 -26.62
CA ARG G 323 -64.54 8.59 -27.92
C ARG G 323 -63.55 7.43 -27.85
N PRO G 324 -63.60 6.50 -28.82
CA PRO G 324 -62.59 5.43 -28.82
C PRO G 324 -61.20 5.98 -29.14
N PRO G 325 -60.16 5.44 -28.48
CA PRO G 325 -58.80 5.85 -28.82
C PRO G 325 -58.37 5.28 -30.16
N ASP G 326 -57.51 6.00 -30.86
CA ASP G 326 -56.92 5.52 -32.11
C ASP G 326 -55.45 5.23 -31.91
N TRP G 327 -55.09 3.95 -31.86
CA TRP G 327 -53.72 3.59 -31.60
C TRP G 327 -52.91 3.37 -32.88
N SER G 328 -53.58 3.48 -34.03
CA SER G 328 -52.93 3.16 -35.31
C SER G 328 -51.67 3.98 -35.65
N PRO G 329 -51.57 5.23 -35.16
CA PRO G 329 -50.28 5.85 -35.48
C PRO G 329 -49.07 5.30 -34.69
N PHE G 330 -49.28 4.44 -33.69
CA PHE G 330 -48.17 4.07 -32.80
C PHE G 330 -47.74 2.63 -32.95
N PRO G 331 -46.58 2.43 -33.58
CA PRO G 331 -46.07 1.09 -33.92
C PRO G 331 -45.72 0.23 -32.73
N ARG G 332 -45.87 -1.08 -32.87
CA ARG G 332 -45.38 -2.02 -31.87
C ARG G 332 -43.88 -2.20 -32.03
N TYR G 333 -43.15 -2.02 -30.94
CA TYR G 333 -41.71 -2.23 -30.97
C TYR G 333 -41.36 -3.62 -30.47
N PHE G 334 -40.24 -4.14 -30.94
CA PHE G 334 -39.71 -5.41 -30.46
C PHE G 334 -38.19 -5.37 -30.43
N ASP H 37 6.10 -24.23 12.68
CA ASP H 37 5.62 -24.55 14.02
C ASP H 37 4.12 -24.89 13.95
N ASN H 38 3.55 -25.37 15.05
CA ASN H 38 2.17 -25.84 15.04
C ASN H 38 1.20 -24.86 15.70
N PRO H 39 0.11 -24.52 14.99
CA PRO H 39 -0.87 -23.57 15.53
C PRO H 39 -1.56 -24.08 16.79
N PHE H 40 -1.58 -25.41 16.99
CA PHE H 40 -2.29 -25.98 18.13
C PHE H 40 -1.50 -25.89 19.43
N ASP H 41 -2.08 -25.21 20.39
CA ASP H 41 -1.52 -25.09 21.72
C ASP H 41 -2.28 -26.00 22.68
N ALA H 42 -1.71 -27.17 22.95
CA ALA H 42 -2.37 -28.22 23.71
C ALA H 42 -2.82 -27.79 25.12
N LYS H 43 -2.06 -26.89 25.75
CA LYS H 43 -2.37 -26.44 27.12
C LYS H 43 -3.64 -25.57 27.22
N ALA H 44 -4.10 -25.02 26.09
CA ALA H 44 -5.22 -24.09 26.10
C ALA H 44 -6.58 -24.79 25.96
N TRP H 45 -6.53 -26.09 25.65
CA TRP H 45 -7.73 -26.81 25.24
C TRP H 45 -7.99 -28.06 26.09
N ARG H 46 -9.26 -28.33 26.36
CA ARG H 46 -9.68 -29.49 27.14
C ARG H 46 -10.72 -30.32 26.39
N LEU H 47 -10.71 -31.64 26.58
CA LEU H 47 -11.71 -32.52 25.97
C LEU H 47 -13.14 -32.27 26.51
N VAL H 48 -14.13 -32.64 25.71
CA VAL H 48 -15.56 -32.48 26.02
C VAL H 48 -16.28 -33.77 26.42
N ASP H 49 -17.15 -33.73 27.44
CA ASP H 49 -17.91 -34.92 27.86
C ASP H 49 -18.68 -35.59 26.72
N GLY H 50 -18.54 -36.91 26.60
CA GLY H 50 -19.31 -37.67 25.64
C GLY H 50 -18.65 -37.93 24.29
N PHE H 51 -17.41 -37.50 24.12
CA PHE H 51 -16.78 -37.54 22.79
C PHE H 51 -15.48 -38.35 22.75
N ASP H 52 -15.40 -39.35 23.62
CA ASP H 52 -14.28 -40.28 23.76
C ASP H 52 -14.07 -41.13 22.53
N ASP H 53 -15.17 -41.34 21.82
CA ASP H 53 -15.21 -42.21 20.66
C ASP H 53 -14.86 -41.53 19.32
N LEU H 54 -14.53 -40.24 19.34
CA LEU H 54 -14.25 -39.53 18.08
C LEU H 54 -13.01 -40.10 17.38
N THR H 55 -13.11 -40.35 16.08
CA THR H 55 -12.00 -40.92 15.34
C THR H 55 -11.52 -40.01 14.19
N ASP H 56 -12.43 -39.31 13.52
CA ASP H 56 -12.08 -38.51 12.33
C ASP H 56 -11.96 -37.02 12.58
N ILE H 57 -12.34 -36.61 13.80
CA ILE H 57 -12.56 -35.21 14.18
C ILE H 57 -12.05 -35.04 15.61
N THR H 58 -11.49 -33.89 15.95
CA THR H 58 -11.23 -33.60 17.36
C THR H 58 -12.12 -32.46 17.79
N TYR H 59 -12.39 -32.42 19.09
CA TYR H 59 -13.34 -31.49 19.70
C TYR H 59 -12.78 -31.03 21.03
N HIS H 60 -12.46 -29.75 21.15
CA HIS H 60 -11.99 -29.21 22.43
C HIS H 60 -12.76 -27.96 22.83
N ARG H 61 -12.82 -27.74 24.12
CA ARG H 61 -13.34 -26.51 24.69
C ARG H 61 -12.15 -25.76 25.28
N HIS H 62 -12.11 -24.45 25.12
CA HIS H 62 -11.03 -23.66 25.69
C HIS H 62 -11.04 -23.71 27.22
N VAL H 63 -9.88 -23.65 27.86
CA VAL H 63 -9.82 -23.75 29.32
C VAL H 63 -10.53 -22.60 30.02
N ASP H 64 -10.52 -21.42 29.39
CA ASP H 64 -11.14 -20.22 29.96
C ASP H 64 -12.27 -19.59 29.14
N ASP H 65 -12.14 -19.61 27.81
CA ASP H 65 -13.06 -18.85 26.96
C ASP H 65 -14.30 -19.63 26.55
N ALA H 66 -15.36 -18.89 26.20
CA ALA H 66 -16.56 -19.49 25.65
C ALA H 66 -16.37 -19.83 24.19
N THR H 67 -15.36 -20.67 23.91
CA THR H 67 -14.90 -20.97 22.55
C THR H 67 -14.55 -22.46 22.44
N VAL H 68 -14.99 -23.08 21.36
CA VAL H 68 -14.60 -24.45 21.10
C VAL H 68 -13.77 -24.51 19.84
N ARG H 69 -13.05 -25.62 19.71
CA ARG H 69 -12.20 -25.89 18.55
C ARG H 69 -12.63 -27.22 17.93
N VAL H 70 -13.07 -27.16 16.68
CA VAL H 70 -13.51 -28.34 15.94
C VAL H 70 -12.58 -28.54 14.77
N ALA H 71 -11.98 -29.73 14.68
CA ALA H 71 -10.94 -29.94 13.68
C ALA H 71 -10.99 -31.29 12.99
N PHE H 72 -10.80 -31.25 11.67
CA PHE H 72 -10.58 -32.46 10.90
C PHE H 72 -9.33 -33.14 11.39
N ASN H 73 -9.37 -34.46 11.48
CA ASN H 73 -8.28 -35.21 12.04
C ASN H 73 -7.87 -36.38 11.17
N ARG H 74 -7.81 -36.17 9.86
CA ARG H 74 -7.29 -37.18 8.95
C ARG H 74 -6.18 -36.57 8.07
N PRO H 75 -5.12 -36.05 8.71
CA PRO H 75 -4.12 -35.28 7.96
C PRO H 75 -3.32 -36.10 6.94
N GLU H 76 -3.38 -37.43 7.04
CA GLU H 76 -2.70 -38.28 6.06
C GLU H 76 -3.35 -38.21 4.68
N VAL H 77 -4.62 -37.82 4.61
CA VAL H 77 -5.25 -37.58 3.30
C VAL H 77 -5.74 -36.14 3.16
N ARG H 78 -4.94 -35.21 3.67
CA ARG H 78 -5.26 -33.78 3.57
C ARG H 78 -6.63 -33.48 4.16
N ASN H 79 -6.95 -34.21 5.23
CA ASN H 79 -8.18 -34.02 5.98
C ASN H 79 -9.47 -34.13 5.17
N ALA H 80 -9.45 -35.02 4.19
CA ALA H 80 -10.65 -35.37 3.44
C ALA H 80 -11.69 -35.97 4.37
N PHE H 81 -12.96 -35.64 4.16
CA PHE H 81 -13.99 -36.23 5.00
C PHE H 81 -14.65 -37.42 4.30
N ARG H 82 -14.95 -38.46 5.09
CA ARG H 82 -15.76 -39.59 4.63
C ARG H 82 -17.12 -39.49 5.35
N PRO H 83 -18.10 -40.34 4.99
CA PRO H 83 -19.41 -40.13 5.65
C PRO H 83 -19.36 -40.16 7.17
N HIS H 84 -18.53 -41.02 7.75
CA HIS H 84 -18.40 -41.07 9.20
C HIS H 84 -17.85 -39.74 9.77
N THR H 85 -16.91 -39.13 9.04
CA THR H 85 -16.35 -37.82 9.41
C THR H 85 -17.47 -36.78 9.51
N VAL H 86 -18.35 -36.78 8.51
CA VAL H 86 -19.48 -35.86 8.45
C VAL H 86 -20.42 -36.03 9.65
N ASP H 87 -20.75 -37.28 9.97
CA ASP H 87 -21.60 -37.58 11.11
C ASP H 87 -20.98 -37.04 12.40
N GLU H 88 -19.67 -37.24 12.57
CA GLU H 88 -18.98 -36.76 13.78
C GLU H 88 -18.96 -35.25 13.84
N LEU H 89 -18.68 -34.64 12.69
CA LEU H 89 -18.63 -33.19 12.56
C LEU H 89 -20.00 -32.60 12.90
N TYR H 90 -21.05 -33.23 12.37
CA TYR H 90 -22.41 -32.77 12.68
C TYR H 90 -22.71 -32.88 14.16
N ARG H 91 -22.36 -34.02 14.77
CA ARG H 91 -22.68 -34.26 16.16
C ARG H 91 -21.98 -33.23 17.06
N VAL H 92 -20.72 -33.00 16.76
CA VAL H 92 -19.89 -32.06 17.51
C VAL H 92 -20.38 -30.61 17.37
N LEU H 93 -20.66 -30.17 16.14
CA LEU H 93 -21.19 -28.82 15.92
C LEU H 93 -22.58 -28.68 16.57
N ASP H 94 -23.37 -29.74 16.49
CA ASP H 94 -24.70 -29.72 17.09
C ASP H 94 -24.57 -29.56 18.60
N HIS H 95 -23.60 -30.26 19.18
CA HIS H 95 -23.33 -30.14 20.60
C HIS H 95 -22.90 -28.71 20.97
N ALA H 96 -22.01 -28.15 20.16
CA ALA H 96 -21.55 -26.78 20.39
C ALA H 96 -22.72 -25.78 20.29
N ARG H 97 -23.63 -25.98 19.33
CA ARG H 97 -24.82 -25.14 19.16
C ARG H 97 -25.68 -25.10 20.41
N MET H 98 -25.83 -26.25 21.05
CA MET H 98 -26.72 -26.41 22.19
C MET H 98 -25.99 -26.17 23.53
N SER H 99 -24.71 -25.78 23.49
CA SER H 99 -23.99 -25.46 24.74
C SER H 99 -24.08 -23.97 25.08
N PRO H 100 -24.84 -23.62 26.11
CA PRO H 100 -25.09 -22.21 26.45
C PRO H 100 -23.82 -21.45 26.85
N ASP H 101 -22.79 -22.17 27.28
CA ASP H 101 -21.57 -21.49 27.68
C ASP H 101 -20.54 -21.39 26.54
N VAL H 102 -20.98 -21.70 25.32
CA VAL H 102 -20.11 -21.54 24.14
C VAL H 102 -20.67 -20.49 23.22
N GLY H 103 -19.83 -19.51 22.88
CA GLY H 103 -20.25 -18.43 21.99
C GLY H 103 -19.69 -18.49 20.56
N VAL H 104 -18.51 -19.07 20.40
CA VAL H 104 -17.82 -19.06 19.11
C VAL H 104 -17.25 -20.44 18.78
N VAL H 105 -17.38 -20.86 17.52
CA VAL H 105 -16.77 -22.09 17.04
C VAL H 105 -15.56 -21.81 16.15
N LEU H 106 -14.41 -22.41 16.47
CA LEU H 106 -13.25 -22.37 15.58
C LEU H 106 -13.20 -23.70 14.84
N LEU H 107 -13.36 -23.62 13.53
CA LEU H 107 -13.34 -24.80 12.68
C LEU H 107 -12.04 -24.84 11.89
N THR H 108 -11.28 -25.94 12.03
CA THR H 108 -9.95 -26.00 11.44
C THR H 108 -9.54 -27.44 11.10
N GLY H 109 -8.28 -27.64 10.72
CA GLY H 109 -7.81 -28.98 10.42
C GLY H 109 -6.56 -29.24 11.22
N ASN H 110 -6.39 -30.47 11.71
CA ASN H 110 -5.17 -30.85 12.40
C ASN H 110 -4.09 -31.20 11.41
N GLY H 111 -2.84 -31.14 11.86
CA GLY H 111 -1.72 -31.50 11.01
C GLY H 111 -0.38 -31.38 11.70
N PRO H 112 0.72 -31.51 10.94
CA PRO H 112 0.69 -31.74 9.49
C PRO H 112 0.51 -33.22 9.18
N SER H 113 0.52 -33.55 7.91
CA SER H 113 0.55 -34.95 7.49
C SER H 113 1.80 -35.63 8.02
N PRO H 114 1.65 -36.78 8.70
CA PRO H 114 2.82 -37.54 9.15
C PRO H 114 3.58 -38.19 8.00
N LYS H 115 2.98 -38.30 6.82
CA LYS H 115 3.67 -38.88 5.66
C LYS H 115 4.59 -37.89 4.94
N ASP H 116 4.12 -36.66 4.72
CA ASP H 116 4.94 -35.72 3.95
C ASP H 116 5.03 -34.31 4.54
N GLY H 117 4.48 -34.13 5.73
CA GLY H 117 4.53 -32.82 6.38
C GLY H 117 3.62 -31.77 5.75
N GLY H 118 2.78 -32.18 4.81
CA GLY H 118 1.85 -31.24 4.17
C GLY H 118 0.73 -30.80 5.10
N TRP H 119 0.35 -29.53 5.02
CA TRP H 119 -0.67 -28.94 5.87
C TRP H 119 -2.01 -28.86 5.15
N ALA H 120 -3.07 -29.22 5.85
CA ALA H 120 -4.41 -29.13 5.27
C ALA H 120 -5.47 -28.65 6.25
N PHE H 121 -6.34 -27.79 5.77
CA PHE H 121 -7.61 -27.58 6.46
C PHE H 121 -8.53 -28.76 6.13
N CYS H 122 -8.86 -28.91 4.85
CA CYS H 122 -9.77 -29.95 4.39
C CYS H 122 -9.77 -30.03 2.86
N SER H 123 -9.58 -31.22 2.32
CA SER H 123 -9.53 -31.38 0.88
C SER H 123 -10.84 -31.90 0.31
N GLY H 124 -11.94 -31.81 1.07
CA GLY H 124 -13.25 -32.21 0.57
C GLY H 124 -13.52 -33.70 0.68
N GLY H 125 -14.43 -34.21 -0.15
CA GLY H 125 -14.84 -35.61 -0.07
C GLY H 125 -13.72 -36.59 -0.33
N ASP H 126 -13.67 -37.63 0.49
CA ASP H 126 -12.67 -38.68 0.34
C ASP H 126 -12.95 -39.46 -0.93
N GLN H 127 -12.16 -39.21 -1.96
CA GLN H 127 -12.38 -39.81 -3.27
C GLN H 127 -12.26 -41.34 -3.25
N ARG H 128 -11.55 -41.87 -2.26
CA ARG H 128 -11.38 -43.32 -2.17
C ARG H 128 -12.70 -44.07 -2.00
N ILE H 129 -13.68 -43.43 -1.37
CA ILE H 129 -14.94 -44.15 -1.12
C ILE H 129 -16.11 -43.45 -1.80
N ARG H 130 -15.78 -42.65 -2.80
CA ARG H 130 -16.79 -42.03 -3.66
C ARG H 130 -17.33 -42.99 -4.71
N GLY H 131 -18.65 -43.16 -4.72
CA GLY H 131 -19.27 -44.04 -5.69
C GLY H 131 -20.25 -43.28 -6.58
N ARG H 132 -20.99 -44.01 -7.40
CA ARG H 132 -21.95 -43.39 -8.31
C ARG H 132 -23.13 -42.77 -7.54
N SER H 133 -23.38 -43.25 -6.33
CA SER H 133 -24.47 -42.70 -5.52
C SER H 133 -23.99 -41.71 -4.46
N GLY H 134 -22.71 -41.34 -4.52
CA GLY H 134 -22.16 -40.41 -3.55
C GLY H 134 -21.08 -41.06 -2.68
N TYR H 135 -20.76 -40.44 -1.55
CA TYR H 135 -19.72 -40.92 -0.65
C TYR H 135 -20.29 -42.03 0.21
N GLN H 136 -19.57 -43.15 0.31
CA GLN H 136 -20.11 -44.35 0.94
C GLN H 136 -19.40 -44.75 2.24
N TYR H 137 -20.19 -45.24 3.18
CA TYR H 137 -19.67 -45.81 4.43
C TYR H 137 -18.83 -47.06 4.12
N ALA H 138 -17.70 -47.16 4.81
CA ALA H 138 -16.80 -48.30 4.70
C ALA H 138 -16.22 -48.58 6.07
N SER H 139 -15.92 -49.84 6.35
CA SER H 139 -15.38 -50.18 7.66
C SER H 139 -13.92 -49.74 7.77
N GLY H 140 -13.25 -49.65 6.63
CA GLY H 140 -11.86 -49.24 6.55
C GLY H 140 -11.72 -47.93 5.78
N ASP H 141 -10.53 -47.70 5.23
CA ASP H 141 -10.23 -46.42 4.55
C ASP H 141 -10.46 -46.40 3.05
N THR H 142 -10.65 -47.57 2.46
CA THR H 142 -10.69 -47.70 1.00
C THR H 142 -12.00 -48.30 0.49
N ALA H 143 -12.19 -48.27 -0.82
CA ALA H 143 -13.40 -48.78 -1.46
C ALA H 143 -13.58 -50.28 -1.17
N ASP H 144 -12.49 -50.96 -0.81
CA ASP H 144 -12.50 -52.41 -0.60
C ASP H 144 -13.41 -52.82 0.56
N THR H 145 -13.63 -51.90 1.49
CA THR H 145 -14.48 -52.15 2.66
C THR H 145 -15.83 -51.42 2.64
N VAL H 146 -16.22 -50.91 1.47
CA VAL H 146 -17.52 -50.25 1.37
C VAL H 146 -18.64 -51.23 1.65
N ASP H 147 -19.59 -50.82 2.48
CA ASP H 147 -20.80 -51.58 2.75
C ASP H 147 -21.75 -51.50 1.56
N VAL H 148 -21.83 -52.58 0.80
CA VAL H 148 -22.59 -52.58 -0.44
C VAL H 148 -24.10 -52.39 -0.25
N ALA H 149 -24.59 -52.68 0.95
CA ALA H 149 -26.02 -52.57 1.23
C ALA H 149 -26.48 -51.13 1.41
N ARG H 150 -25.53 -50.22 1.49
CA ARG H 150 -25.84 -48.86 1.92
C ARG H 150 -25.52 -47.80 0.86
N ALA H 151 -26.55 -47.06 0.44
CA ALA H 151 -26.40 -46.05 -0.60
C ALA H 151 -25.48 -44.91 -0.16
N GLY H 152 -24.86 -44.25 -1.12
CA GLY H 152 -23.98 -43.13 -0.81
C GLY H 152 -24.74 -41.89 -0.36
N ARG H 153 -24.01 -40.96 0.24
CA ARG H 153 -24.61 -39.72 0.73
C ARG H 153 -23.78 -38.51 0.35
N LEU H 154 -24.44 -37.35 0.35
CA LEU H 154 -23.75 -36.09 0.13
C LEU H 154 -24.05 -35.14 1.29
N HIS H 155 -24.06 -35.66 2.52
CA HIS H 155 -24.65 -34.89 3.62
C HIS H 155 -23.68 -33.94 4.33
N ILE H 156 -22.56 -33.59 3.69
CA ILE H 156 -21.81 -32.41 4.15
C ILE H 156 -22.74 -31.19 4.02
N LEU H 157 -23.74 -31.28 3.13
CA LEU H 157 -24.73 -30.22 2.99
C LEU H 157 -25.49 -29.96 4.30
N GLU H 158 -25.70 -31.02 5.07
CA GLU H 158 -26.35 -30.90 6.37
C GLU H 158 -25.45 -30.17 7.34
N VAL H 159 -24.14 -30.39 7.23
CA VAL H 159 -23.20 -29.64 8.07
C VAL H 159 -23.18 -28.15 7.65
N GLN H 160 -23.22 -27.90 6.34
CA GLN H 160 -23.27 -26.53 5.83
C GLN H 160 -24.46 -25.80 6.43
N ARG H 161 -25.62 -26.44 6.42
CA ARG H 161 -26.81 -25.80 6.98
C ARG H 161 -26.69 -25.61 8.49
N LEU H 162 -26.08 -26.58 9.17
CA LEU H 162 -25.91 -26.48 10.62
C LEU H 162 -25.06 -25.26 10.96
N ILE H 163 -23.95 -25.09 10.24
CA ILE H 163 -23.09 -23.92 10.39
C ILE H 163 -23.83 -22.63 10.09
N ARG H 164 -24.56 -22.64 8.98
CA ARG H 164 -25.32 -21.48 8.54
C ARG H 164 -26.40 -21.07 9.55
N PHE H 165 -27.11 -22.06 10.10
CA PHE H 165 -28.31 -21.78 10.92
C PHE H 165 -28.03 -21.65 12.41
N MET H 166 -26.84 -21.98 12.86
CA MET H 166 -26.62 -21.97 14.30
C MET H 166 -26.41 -20.52 14.76
N PRO H 167 -26.99 -20.17 15.90
CA PRO H 167 -27.01 -18.80 16.42
C PRO H 167 -25.70 -18.37 17.09
N LYS H 168 -24.58 -18.80 16.53
CA LYS H 168 -23.25 -18.53 17.05
C LYS H 168 -22.33 -18.30 15.86
N VAL H 169 -21.28 -17.51 16.05
CA VAL H 169 -20.34 -17.26 14.97
C VAL H 169 -19.39 -18.45 14.80
N VAL H 170 -19.27 -18.90 13.56
CA VAL H 170 -18.33 -19.96 13.25
C VAL H 170 -17.16 -19.34 12.47
N ILE H 171 -15.96 -19.46 13.00
CA ILE H 171 -14.77 -18.94 12.33
C ILE H 171 -13.98 -20.08 11.74
N CYS H 172 -13.73 -20.03 10.44
CA CYS H 172 -12.89 -21.03 9.81
C CYS H 172 -11.41 -20.59 9.89
N LEU H 173 -10.57 -21.46 10.45
CA LEU H 173 -9.13 -21.19 10.47
C LEU H 173 -8.47 -22.05 9.41
N VAL H 174 -8.16 -21.45 8.27
CA VAL H 174 -7.58 -22.22 7.18
C VAL H 174 -6.06 -22.30 7.35
N ASN H 175 -5.63 -23.46 7.82
CA ASN H 175 -4.25 -23.72 8.21
C ASN H 175 -3.44 -24.43 7.12
N GLY H 176 -4.05 -24.66 5.97
CA GLY H 176 -3.41 -25.41 4.90
C GLY H 176 -4.30 -25.47 3.67
N TRP H 177 -4.15 -26.53 2.88
CA TRP H 177 -5.02 -26.76 1.73
C TRP H 177 -6.50 -26.69 2.10
N ALA H 178 -7.26 -25.94 1.30
CA ALA H 178 -8.70 -25.95 1.38
C ALA H 178 -9.22 -26.21 -0.02
N ALA H 179 -9.69 -27.43 -0.28
CA ALA H 179 -10.05 -27.83 -1.64
C ALA H 179 -11.40 -28.49 -1.68
N GLY H 180 -12.06 -28.39 -2.83
CA GLY H 180 -13.36 -29.01 -3.04
C GLY H 180 -14.35 -28.63 -1.96
N GLY H 181 -15.02 -29.63 -1.41
CA GLY H 181 -15.98 -29.43 -0.35
C GLY H 181 -15.34 -28.78 0.87
N GLY H 182 -14.02 -28.94 1.02
CA GLY H 182 -13.27 -28.29 2.07
C GLY H 182 -13.20 -26.79 1.85
N HIS H 183 -13.00 -26.40 0.60
CA HIS H 183 -13.08 -25.00 0.22
C HIS H 183 -14.50 -24.46 0.49
N SER H 184 -15.51 -25.26 0.16
CA SER H 184 -16.89 -24.82 0.36
C SER H 184 -17.27 -24.65 1.81
N LEU H 185 -16.69 -25.47 2.69
CA LEU H 185 -16.93 -25.33 4.13
C LEU H 185 -16.41 -23.99 4.62
N HIS H 186 -15.21 -23.62 4.17
CA HIS H 186 -14.68 -22.30 4.45
C HIS H 186 -15.62 -21.16 4.00
N VAL H 187 -16.19 -21.29 2.80
CA VAL H 187 -17.07 -20.25 2.26
C VAL H 187 -18.32 -19.99 3.13
N VAL H 188 -18.89 -21.06 3.65
CA VAL H 188 -20.16 -20.93 4.37
C VAL H 188 -19.96 -20.45 5.82
N CYS H 189 -18.74 -20.57 6.35
CA CYS H 189 -18.47 -20.02 7.69
C CYS H 189 -18.66 -18.49 7.70
N ASP H 190 -18.97 -17.94 8.87
CA ASP H 190 -19.22 -16.50 8.97
C ASP H 190 -17.94 -15.71 8.70
N LEU H 191 -16.82 -16.20 9.22
CA LEU H 191 -15.54 -15.52 9.08
C LEU H 191 -14.45 -16.54 8.73
N THR H 192 -13.40 -16.09 8.05
CA THR H 192 -12.25 -16.94 7.75
C THR H 192 -10.93 -16.23 8.07
N LEU H 193 -10.08 -16.90 8.85
CA LEU H 193 -8.70 -16.45 9.05
C LEU H 193 -7.81 -17.47 8.37
N ALA H 194 -6.71 -17.04 7.78
CA ALA H 194 -5.89 -17.96 6.98
C ALA H 194 -4.40 -17.84 7.27
N SER H 195 -3.73 -18.99 7.28
CA SER H 195 -2.29 -19.06 7.50
C SER H 195 -1.52 -18.43 6.33
N ARG H 196 -0.71 -17.41 6.62
CA ARG H 196 0.07 -16.76 5.55
C ARG H 196 0.90 -17.77 4.79
N GLU H 197 1.63 -18.60 5.52
CA GLU H 197 2.59 -19.51 4.91
C GLU H 197 1.96 -20.72 4.23
N TYR H 198 0.90 -21.29 4.81
CA TYR H 198 0.46 -22.59 4.34
C TYR H 198 -0.95 -22.69 3.77
N ALA H 199 -1.80 -21.69 3.99
CA ALA H 199 -3.15 -21.75 3.43
C ALA H 199 -3.06 -21.76 1.92
N ARG H 200 -3.79 -22.68 1.29
CA ARG H 200 -3.88 -22.75 -0.17
C ARG H 200 -5.32 -23.03 -0.54
N PHE H 201 -5.94 -22.07 -1.23
CA PHE H 201 -7.33 -22.20 -1.63
C PHE H 201 -7.35 -22.67 -3.07
N LYS H 202 -8.01 -23.80 -3.32
CA LYS H 202 -8.04 -24.38 -4.65
C LYS H 202 -9.35 -25.11 -4.84
N GLN H 203 -10.24 -24.54 -5.65
CA GLN H 203 -11.54 -25.18 -5.85
C GLN H 203 -11.42 -26.20 -6.97
N THR H 204 -11.19 -27.45 -6.57
CA THR H 204 -10.89 -28.53 -7.50
C THR H 204 -12.12 -29.30 -8.01
N ASP H 205 -13.31 -28.87 -7.61
CA ASP H 205 -14.57 -29.55 -7.96
C ASP H 205 -14.65 -30.04 -9.41
N ALA H 206 -14.50 -29.10 -10.36
CA ALA H 206 -14.70 -29.46 -11.75
C ALA H 206 -13.58 -30.39 -12.25
N ASP H 207 -12.42 -30.38 -11.56
CA ASP H 207 -11.32 -31.30 -11.91
C ASP H 207 -11.69 -32.77 -11.73
N VAL H 208 -12.53 -33.05 -10.74
CA VAL H 208 -12.88 -34.45 -10.50
C VAL H 208 -14.34 -34.70 -10.84
N GLY H 209 -14.90 -33.82 -11.67
CA GLY H 209 -16.25 -34.01 -12.18
C GLY H 209 -17.34 -33.74 -11.16
N SER H 210 -16.99 -33.00 -10.09
CA SER H 210 -17.98 -32.67 -9.07
C SER H 210 -18.33 -31.19 -9.12
N PHE H 211 -19.32 -30.77 -8.35
CA PHE H 211 -19.61 -29.35 -8.19
C PHE H 211 -20.48 -29.08 -6.98
N ASP H 212 -20.15 -28.01 -6.25
CA ASP H 212 -21.03 -27.49 -5.23
C ASP H 212 -21.82 -26.35 -5.86
N GLY H 213 -23.08 -26.64 -6.17
CA GLY H 213 -23.95 -25.68 -6.83
C GLY H 213 -24.80 -24.89 -5.87
N GLY H 214 -24.48 -24.96 -4.58
CA GLY H 214 -25.23 -24.24 -3.58
C GLY H 214 -24.40 -23.13 -2.95
N TYR H 215 -24.14 -23.27 -1.65
CA TYR H 215 -23.34 -22.28 -0.94
C TYR H 215 -21.89 -22.21 -1.44
N GLY H 216 -21.32 -23.32 -1.88
CA GLY H 216 -19.92 -23.33 -2.30
C GLY H 216 -19.61 -22.35 -3.42
N SER H 217 -20.57 -22.18 -4.32
CA SER H 217 -20.38 -21.34 -5.50
C SER H 217 -21.19 -20.05 -5.45
N ALA H 218 -22.51 -20.17 -5.36
CA ALA H 218 -23.37 -19.00 -5.37
C ALA H 218 -23.11 -18.09 -4.17
N TYR H 219 -22.83 -18.68 -3.00
CA TYR H 219 -22.60 -17.83 -1.83
C TYR H 219 -21.18 -17.21 -1.86
N LEU H 220 -20.21 -17.93 -2.43
CA LEU H 220 -18.89 -17.34 -2.65
C LEU H 220 -18.96 -16.04 -3.49
N ALA H 221 -19.83 -16.01 -4.49
CA ALA H 221 -20.03 -14.81 -5.31
C ALA H 221 -20.54 -13.63 -4.47
N ARG H 222 -21.17 -13.92 -3.34
CA ARG H 222 -21.68 -12.84 -2.49
C ARG H 222 -20.62 -12.37 -1.50
N GLN H 223 -19.41 -12.89 -1.66
CA GLN H 223 -18.26 -12.45 -0.87
C GLN H 223 -17.23 -11.75 -1.75
N VAL H 224 -16.89 -12.36 -2.89
CA VAL H 224 -15.84 -11.86 -3.77
C VAL H 224 -16.37 -11.29 -5.08
N GLY H 225 -17.68 -11.35 -5.26
CA GLY H 225 -18.30 -10.87 -6.49
C GLY H 225 -18.36 -11.96 -7.54
N GLN H 226 -19.24 -11.78 -8.53
CA GLN H 226 -19.50 -12.81 -9.53
C GLN H 226 -18.29 -13.11 -10.42
N LYS H 227 -17.49 -12.11 -10.76
CA LYS H 227 -16.32 -12.34 -11.63
C LYS H 227 -15.27 -13.20 -10.95
N PHE H 228 -14.84 -12.83 -9.75
CA PHE H 228 -13.84 -13.61 -9.04
C PHE H 228 -14.32 -15.03 -8.68
N ALA H 229 -15.60 -15.16 -8.32
CA ALA H 229 -16.14 -16.45 -7.91
C ALA H 229 -16.16 -17.42 -9.09
N ARG H 230 -16.57 -16.92 -10.26
CA ARG H 230 -16.56 -17.73 -11.46
C ARG H 230 -15.11 -18.14 -11.83
N GLU H 231 -14.16 -17.22 -11.70
CA GLU H 231 -12.77 -17.55 -11.94
C GLU H 231 -12.28 -18.68 -11.01
N ILE H 232 -12.59 -18.56 -9.72
CA ILE H 232 -12.12 -19.54 -8.74
C ILE H 232 -12.58 -20.96 -9.10
N PHE H 233 -13.84 -21.10 -9.52
CA PHE H 233 -14.40 -22.40 -9.88
C PHE H 233 -14.04 -22.87 -11.30
N PHE H 234 -14.12 -21.98 -12.27
CA PHE H 234 -13.93 -22.38 -13.67
C PHE H 234 -12.48 -22.78 -13.99
N LEU H 235 -11.52 -22.14 -13.33
CA LEU H 235 -10.11 -22.41 -13.61
C LEU H 235 -9.43 -23.25 -12.54
N GLY H 236 -9.97 -23.22 -11.32
CA GLY H 236 -9.46 -24.05 -10.23
C GLY H 236 -8.00 -23.81 -9.89
N ARG H 237 -7.56 -22.56 -9.99
CA ARG H 237 -6.20 -22.22 -9.62
C ARG H 237 -6.00 -22.21 -8.10
N THR H 238 -4.74 -22.25 -7.69
CA THR H 238 -4.38 -22.19 -6.28
C THR H 238 -4.15 -20.74 -5.87
N TYR H 239 -4.78 -20.32 -4.78
CA TYR H 239 -4.61 -18.96 -4.26
C TYR H 239 -4.05 -18.96 -2.84
N THR H 240 -3.26 -17.94 -2.53
CA THR H 240 -2.74 -17.77 -1.17
C THR H 240 -3.75 -17.10 -0.25
N ALA H 241 -3.44 -17.07 1.04
CA ALA H 241 -4.24 -16.34 2.01
C ALA H 241 -4.39 -14.86 1.60
N GLU H 242 -3.28 -14.24 1.19
CA GLU H 242 -3.28 -12.82 0.85
C GLU H 242 -4.14 -12.53 -0.39
N GLN H 243 -4.03 -13.38 -1.41
CA GLN H 243 -4.85 -13.23 -2.61
C GLN H 243 -6.34 -13.35 -2.28
N MET H 244 -6.71 -14.34 -1.48
CA MET H 244 -8.11 -14.51 -1.09
C MET H 244 -8.63 -13.36 -0.23
N HIS H 245 -7.75 -12.81 0.60
CA HIS H 245 -8.08 -11.67 1.42
C HIS H 245 -8.37 -10.45 0.53
N GLN H 246 -7.52 -10.26 -0.47
CA GLN H 246 -7.70 -9.18 -1.44
C GLN H 246 -9.00 -9.31 -2.21
N MET H 247 -9.41 -10.54 -2.49
CA MET H 247 -10.66 -10.76 -3.22
C MET H 247 -11.92 -10.60 -2.34
N GLY H 248 -11.78 -10.85 -1.03
CA GLY H 248 -12.88 -10.69 -0.08
C GLY H 248 -13.42 -11.96 0.59
N ALA H 249 -12.71 -13.08 0.42
CA ALA H 249 -13.17 -14.35 0.98
C ALA H 249 -12.44 -14.68 2.28
N VAL H 250 -11.34 -13.99 2.54
CA VAL H 250 -10.60 -14.19 3.78
C VAL H 250 -10.57 -12.88 4.57
N ASN H 251 -11.01 -12.93 5.84
CA ASN H 251 -11.09 -11.72 6.67
C ASN H 251 -9.72 -11.18 7.06
N ALA H 252 -8.82 -12.08 7.42
CA ALA H 252 -7.47 -11.68 7.79
C ALA H 252 -6.47 -12.82 7.62
N VAL H 253 -5.23 -12.41 7.38
CA VAL H 253 -4.11 -13.32 7.24
C VAL H 253 -3.34 -13.32 8.56
N ALA H 254 -2.94 -14.50 9.02
CA ALA H 254 -2.17 -14.61 10.24
C ALA H 254 -0.96 -15.52 10.02
N GLU H 255 0.09 -15.30 10.80
CA GLU H 255 1.23 -16.22 10.82
C GLU H 255 0.74 -17.59 11.24
N HIS H 256 1.25 -18.62 10.58
CA HIS H 256 0.84 -20.01 10.80
C HIS H 256 0.79 -20.37 12.29
N ALA H 257 1.89 -20.14 13.00
CA ALA H 257 1.98 -20.48 14.43
C ALA H 257 0.99 -19.72 15.28
N GLU H 258 0.54 -18.58 14.78
CA GLU H 258 -0.35 -17.71 15.53
C GLU H 258 -1.80 -17.84 15.07
N LEU H 259 -2.09 -18.75 14.13
CA LEU H 259 -3.43 -18.79 13.53
C LEU H 259 -4.52 -19.00 14.58
N GLU H 260 -4.30 -19.93 15.51
CA GLU H 260 -5.34 -20.22 16.51
C GLU H 260 -5.37 -19.18 17.63
N THR H 261 -4.22 -18.62 17.92
CA THR H 261 -4.11 -17.49 18.83
C THR H 261 -4.91 -16.28 18.36
N VAL H 262 -4.80 -15.97 17.07
CA VAL H 262 -5.56 -14.87 16.48
C VAL H 262 -7.06 -15.22 16.47
N GLY H 263 -7.37 -16.47 16.14
CA GLY H 263 -8.72 -16.98 16.19
C GLY H 263 -9.35 -16.79 17.56
N LEU H 264 -8.60 -17.10 18.62
CA LEU H 264 -9.10 -16.97 19.98
C LEU H 264 -9.37 -15.49 20.31
N GLN H 265 -8.52 -14.62 19.78
CA GLN H 265 -8.68 -13.18 19.99
C GLN H 265 -9.94 -12.66 19.29
N TRP H 266 -10.17 -13.08 18.04
CA TRP H 266 -11.39 -12.71 17.34
C TRP H 266 -12.60 -13.25 18.11
N ALA H 267 -12.52 -14.49 18.55
CA ALA H 267 -13.60 -15.08 19.34
C ALA H 267 -13.84 -14.25 20.62
N ALA H 268 -12.77 -13.79 21.28
CA ALA H 268 -12.96 -12.99 22.50
C ALA H 268 -13.68 -11.68 22.20
N GLU H 269 -13.33 -11.03 21.10
CA GLU H 269 -14.00 -9.78 20.73
C GLU H 269 -15.47 -10.03 20.42
N ILE H 270 -15.75 -11.14 19.76
CA ILE H 270 -17.14 -11.50 19.50
C ILE H 270 -17.87 -11.75 20.80
N ASN H 271 -17.23 -12.49 21.71
CA ASN H 271 -17.87 -12.88 22.98
C ASN H 271 -18.03 -11.74 23.97
N ALA H 272 -17.41 -10.59 23.70
CA ALA H 272 -17.50 -9.43 24.58
C ALA H 272 -18.70 -8.52 24.26
N LYS H 273 -19.49 -8.89 23.26
CA LYS H 273 -20.66 -8.09 22.89
C LYS H 273 -21.95 -8.74 23.37
N SER H 274 -23.06 -8.02 23.22
CA SER H 274 -24.38 -8.59 23.52
C SER H 274 -24.64 -9.87 22.73
N PRO H 275 -24.80 -11.01 23.43
CA PRO H 275 -25.08 -12.27 22.71
C PRO H 275 -26.40 -12.19 21.96
N GLN H 276 -27.38 -11.52 22.55
CA GLN H 276 -28.67 -11.30 21.90
C GLN H 276 -28.53 -10.50 20.60
N ALA H 277 -27.75 -9.42 20.61
CA ALA H 277 -27.54 -8.63 19.39
C ALA H 277 -26.78 -9.45 18.33
N GLN H 278 -25.77 -10.20 18.77
CA GLN H 278 -24.96 -11.02 17.88
C GLN H 278 -25.80 -12.07 17.16
N ARG H 279 -26.68 -12.71 17.91
CA ARG H 279 -27.60 -13.69 17.40
C ARG H 279 -28.50 -13.07 16.32
N MET H 280 -29.12 -11.95 16.64
CA MET H 280 -29.99 -11.25 15.68
C MET H 280 -29.25 -10.83 14.41
N LEU H 281 -28.02 -10.35 14.59
CA LEU H 281 -27.23 -9.89 13.46
C LEU H 281 -26.89 -11.03 12.48
N LYS H 282 -26.46 -12.20 12.98
CA LYS H 282 -26.15 -13.30 12.08
C LYS H 282 -27.36 -13.66 11.22
N PHE H 283 -28.53 -13.76 11.84
CA PHE H 283 -29.73 -14.12 11.10
C PHE H 283 -30.16 -12.97 10.17
N ALA H 284 -29.85 -11.73 10.55
CA ALA H 284 -30.10 -10.59 9.68
C ALA H 284 -29.24 -10.67 8.40
N PHE H 285 -27.97 -11.05 8.57
CA PHE H 285 -27.06 -11.22 7.42
C PHE H 285 -27.53 -12.38 6.52
N ASN H 286 -28.09 -13.42 7.13
CA ASN H 286 -28.58 -14.60 6.39
C ASN H 286 -29.87 -14.37 5.61
N LEU H 287 -30.72 -13.48 6.12
CA LEU H 287 -32.16 -13.51 5.86
C LEU H 287 -32.56 -13.59 4.38
N LEU H 288 -32.36 -12.49 3.65
CA LEU H 288 -32.89 -12.39 2.29
C LEU H 288 -32.24 -13.41 1.39
N ASP H 289 -30.92 -13.59 1.54
CA ASP H 289 -30.21 -14.62 0.77
C ASP H 289 -30.84 -16.01 0.97
N ASP H 290 -31.39 -16.28 2.16
CA ASP H 290 -31.96 -17.60 2.44
C ASP H 290 -33.50 -17.65 2.31
N GLY H 291 -34.09 -16.63 1.69
CA GLY H 291 -35.52 -16.64 1.42
C GLY H 291 -36.36 -16.91 2.66
N LEU H 292 -37.35 -17.80 2.51
CA LEU H 292 -38.26 -18.14 3.60
C LEU H 292 -37.54 -18.77 4.78
N VAL H 293 -36.47 -19.51 4.51
CA VAL H 293 -35.72 -20.13 5.59
C VAL H 293 -35.04 -19.05 6.42
N GLY H 294 -34.42 -18.07 5.74
CA GLY H 294 -33.83 -16.92 6.40
C GLY H 294 -34.87 -16.16 7.22
N GLN H 295 -36.04 -15.94 6.65
CA GLN H 295 -37.08 -15.29 7.40
C GLN H 295 -37.51 -16.11 8.60
N GLN H 296 -37.68 -17.42 8.40
CA GLN H 296 -38.09 -18.28 9.51
C GLN H 296 -37.19 -18.15 10.73
N LEU H 297 -35.89 -18.16 10.48
CA LEU H 297 -34.92 -18.12 11.57
C LEU H 297 -34.89 -16.75 12.22
N PHE H 298 -34.87 -15.71 11.41
CA PHE H 298 -34.84 -14.38 11.96
C PHE H 298 -36.14 -14.10 12.71
N ALA H 299 -37.27 -14.45 12.10
CA ALA H 299 -38.58 -14.23 12.74
C ALA H 299 -38.74 -15.09 13.99
N GLY H 300 -38.12 -16.27 13.98
CA GLY H 300 -38.14 -17.14 15.15
C GLY H 300 -37.54 -16.44 16.37
N GLU H 301 -36.40 -15.78 16.17
CA GLU H 301 -35.78 -15.03 17.25
C GLU H 301 -36.59 -13.78 17.64
N ALA H 302 -37.29 -13.19 16.67
CA ALA H 302 -38.17 -12.07 16.99
C ALA H 302 -39.31 -12.54 17.88
N THR H 303 -39.82 -13.74 17.59
CA THR H 303 -40.89 -14.34 18.39
C THR H 303 -40.41 -14.56 19.84
N ARG H 304 -39.18 -15.04 20.00
CA ARG H 304 -38.63 -15.20 21.34
C ARG H 304 -38.58 -13.85 22.07
N LEU H 305 -38.15 -12.80 21.37
CA LEU H 305 -38.09 -11.46 21.95
C LEU H 305 -39.47 -10.99 22.38
N ALA H 306 -40.49 -11.30 21.58
CA ALA H 306 -41.85 -10.96 21.95
C ALA H 306 -42.31 -11.75 23.18
N TYR H 307 -41.89 -13.01 23.28
CA TYR H 307 -42.31 -13.85 24.41
C TYR H 307 -41.83 -13.29 25.75
N MET H 308 -40.77 -12.50 25.72
CA MET H 308 -40.22 -11.92 26.95
C MET H 308 -41.08 -10.76 27.47
N THR H 309 -41.96 -10.24 26.64
CA THR H 309 -42.70 -9.03 27.01
C THR H 309 -43.86 -9.37 27.94
N ASP H 310 -44.23 -8.40 28.77
CA ASP H 310 -45.42 -8.48 29.60
C ASP H 310 -46.67 -8.71 28.76
N GLU H 311 -46.69 -8.13 27.55
CA GLU H 311 -47.83 -8.29 26.65
C GLU H 311 -48.05 -9.76 26.26
N ALA H 312 -46.98 -10.44 25.90
CA ALA H 312 -47.08 -11.86 25.52
C ALA H 312 -47.50 -12.71 26.72
N VAL H 313 -47.01 -12.37 27.91
CA VAL H 313 -47.37 -13.09 29.12
C VAL H 313 -48.86 -12.90 29.43
N GLU H 314 -49.41 -11.71 29.19
CA GLU H 314 -50.85 -11.50 29.35
C GLU H 314 -51.64 -12.41 28.38
N GLY H 315 -51.13 -12.59 27.17
CA GLY H 315 -51.75 -13.48 26.21
C GLY H 315 -51.79 -14.91 26.73
N ARG H 316 -50.66 -15.35 27.28
CA ARG H 316 -50.58 -16.68 27.87
C ARG H 316 -51.52 -16.84 29.04
N ASP H 317 -51.46 -15.88 29.97
CA ASP H 317 -52.23 -15.94 31.21
C ASP H 317 -53.71 -15.92 30.94
N ALA H 318 -54.15 -15.08 30.02
CA ALA H 318 -55.56 -14.98 29.71
C ALA H 318 -56.06 -16.32 29.18
N PHE H 319 -55.27 -16.97 28.33
CA PHE H 319 -55.69 -18.28 27.84
C PHE H 319 -55.80 -19.31 28.98
N LEU H 320 -54.79 -19.38 29.84
CA LEU H 320 -54.78 -20.38 30.90
C LEU H 320 -55.90 -20.13 31.90
N GLN H 321 -56.22 -18.86 32.13
CA GLN H 321 -57.25 -18.50 33.09
C GLN H 321 -58.62 -18.40 32.45
N LYS H 322 -58.71 -18.74 31.16
CA LYS H 322 -59.97 -18.77 30.42
C LYS H 322 -60.75 -17.47 30.60
N ARG H 323 -60.07 -16.36 30.34
CA ARG H 323 -60.66 -15.04 30.42
C ARG H 323 -60.19 -14.22 29.21
N PRO H 324 -60.90 -13.14 28.89
CA PRO H 324 -60.40 -12.29 27.80
C PRO H 324 -59.10 -11.61 28.18
N PRO H 325 -58.16 -11.49 27.23
CA PRO H 325 -56.94 -10.75 27.49
C PRO H 325 -57.23 -9.26 27.58
N ASP H 326 -56.44 -8.56 28.37
CA ASP H 326 -56.55 -7.11 28.49
C ASP H 326 -55.29 -6.47 27.92
N TRP H 327 -55.41 -5.88 26.73
CA TRP H 327 -54.26 -5.32 26.03
C TRP H 327 -54.07 -3.83 26.32
N SER H 328 -54.98 -3.23 27.09
CA SER H 328 -54.92 -1.78 27.30
C SER H 328 -53.63 -1.27 27.96
N PRO H 329 -52.95 -2.07 28.80
CA PRO H 329 -51.70 -1.48 29.30
C PRO H 329 -50.57 -1.37 28.27
N PHE H 330 -50.75 -1.93 27.08
CA PHE H 330 -49.64 -2.04 26.13
C PHE H 330 -49.88 -1.16 24.91
N PRO H 331 -49.11 -0.07 24.79
CA PRO H 331 -49.25 0.97 23.77
C PRO H 331 -48.90 0.51 22.36
N ARG H 332 -49.54 1.10 21.36
CA ARG H 332 -49.12 0.90 19.98
C ARG H 332 -47.90 1.76 19.68
N TYR H 333 -46.86 1.13 19.16
CA TYR H 333 -45.69 1.87 18.75
C TYR H 333 -45.75 2.09 17.25
N PHE H 334 -45.11 3.16 16.78
CA PHE H 334 -45.00 3.43 15.36
C PHE H 334 -43.62 3.98 15.04
N ASP I 37 2.88 -5.45 -32.04
CA ASP I 37 2.25 -5.18 -30.76
C ASP I 37 0.73 -5.39 -30.84
N ASN I 38 0.28 -6.23 -31.75
CA ASN I 38 -1.16 -6.49 -31.95
C ASN I 38 -1.48 -7.78 -31.23
N PRO I 39 -2.54 -7.77 -30.40
CA PRO I 39 -2.92 -8.97 -29.63
C PRO I 39 -3.34 -10.11 -30.53
N PHE I 40 -3.76 -9.79 -31.75
CA PHE I 40 -4.24 -10.81 -32.68
C PHE I 40 -3.07 -11.55 -33.35
N ASP I 41 -3.05 -12.87 -33.22
CA ASP I 41 -2.06 -13.72 -33.86
C ASP I 41 -2.70 -14.49 -35.03
N ALA I 42 -2.51 -14.01 -36.25
CA ALA I 42 -3.22 -14.55 -37.41
C ALA I 42 -2.96 -16.04 -37.62
N LYS I 43 -1.78 -16.51 -37.26
CA LYS I 43 -1.44 -17.93 -37.45
C LYS I 43 -2.24 -18.86 -36.54
N ALA I 44 -2.83 -18.33 -35.48
CA ALA I 44 -3.50 -19.20 -34.49
C ALA I 44 -4.97 -19.45 -34.81
N TRP I 45 -5.51 -18.75 -35.80
CA TRP I 45 -6.96 -18.72 -35.98
C TRP I 45 -7.40 -19.08 -37.39
N ARG I 46 -8.53 -19.80 -37.48
CA ARG I 46 -9.08 -20.16 -38.78
C ARG I 46 -10.51 -19.67 -38.89
N LEU I 47 -10.92 -19.29 -40.09
CA LEU I 47 -12.31 -18.90 -40.35
C LEU I 47 -13.27 -20.07 -40.17
N VAL I 48 -14.52 -19.76 -39.83
CA VAL I 48 -15.56 -20.75 -39.65
C VAL I 48 -16.42 -20.84 -40.91
N ASP I 49 -16.72 -22.06 -41.35
CA ASP I 49 -17.53 -22.28 -42.55
C ASP I 49 -18.88 -21.60 -42.45
N GLY I 50 -19.27 -20.90 -43.51
CA GLY I 50 -20.58 -20.30 -43.58
C GLY I 50 -20.65 -18.84 -43.17
N PHE I 51 -19.51 -18.27 -42.82
CA PHE I 51 -19.47 -16.92 -42.27
C PHE I 51 -18.60 -15.95 -43.09
N ASP I 52 -18.49 -16.23 -44.39
CA ASP I 52 -17.79 -15.37 -45.34
C ASP I 52 -18.49 -14.03 -45.53
N ASP I 53 -19.78 -13.97 -45.21
CA ASP I 53 -20.55 -12.77 -45.45
C ASP I 53 -20.48 -11.73 -44.32
N LEU I 54 -19.74 -12.02 -43.26
CA LEU I 54 -19.66 -11.10 -42.11
C LEU I 54 -18.99 -9.78 -42.47
N THR I 55 -19.58 -8.66 -42.04
CA THR I 55 -18.99 -7.36 -42.34
C THR I 55 -18.59 -6.56 -41.08
N ASP I 56 -19.38 -6.69 -40.01
CA ASP I 56 -19.15 -5.87 -38.80
C ASP I 56 -18.42 -6.63 -37.68
N ILE I 57 -18.23 -7.93 -37.89
CA ILE I 57 -17.81 -8.87 -36.85
C ILE I 57 -16.80 -9.84 -37.48
N THR I 58 -15.79 -10.28 -36.73
CA THR I 58 -15.00 -11.42 -37.22
C THR I 58 -15.22 -12.59 -36.29
N TYR I 59 -15.05 -13.80 -36.84
CA TYR I 59 -15.36 -15.05 -36.16
C TYR I 59 -14.30 -16.08 -36.55
N HIS I 60 -13.49 -16.51 -35.60
CA HIS I 60 -12.47 -17.51 -35.86
C HIS I 60 -12.54 -18.66 -34.89
N ARG I 61 -12.09 -19.82 -35.33
CA ARG I 61 -11.91 -20.98 -34.46
C ARG I 61 -10.40 -21.18 -34.30
N HIS I 62 -9.96 -21.49 -33.09
CA HIS I 62 -8.54 -21.72 -32.87
C HIS I 62 -8.07 -22.96 -33.62
N VAL I 63 -6.83 -22.93 -34.10
CA VAL I 63 -6.31 -24.03 -34.90
C VAL I 63 -6.14 -25.34 -34.12
N ASP I 64 -5.92 -25.25 -32.81
CA ASP I 64 -5.71 -26.44 -31.96
C ASP I 64 -6.78 -26.61 -30.88
N ASP I 65 -7.21 -25.50 -30.28
CA ASP I 65 -8.05 -25.52 -29.07
C ASP I 65 -9.55 -25.47 -29.31
N ALA I 66 -10.32 -25.95 -28.32
CA ALA I 66 -11.79 -25.83 -28.32
C ALA I 66 -12.25 -24.41 -27.93
N THR I 67 -11.79 -23.43 -28.70
CA THR I 67 -11.95 -22.02 -28.38
C THR I 67 -12.23 -21.22 -29.64
N VAL I 68 -13.17 -20.28 -29.56
CA VAL I 68 -13.39 -19.35 -30.67
C VAL I 68 -13.10 -17.90 -30.29
N ARG I 69 -12.90 -17.07 -31.29
CA ARG I 69 -12.65 -15.64 -31.11
C ARG I 69 -13.73 -14.85 -31.83
N VAL I 70 -14.47 -14.04 -31.09
CA VAL I 70 -15.56 -13.22 -31.64
C VAL I 70 -15.21 -11.75 -31.41
N ALA I 71 -15.17 -10.97 -32.50
CA ALA I 71 -14.62 -9.61 -32.36
C ALA I 71 -15.38 -8.57 -33.14
N PHE I 72 -15.58 -7.42 -32.49
CA PHE I 72 -16.09 -6.23 -33.16
C PHE I 72 -15.09 -5.82 -34.22
N ASN I 73 -15.61 -5.40 -35.37
CA ASN I 73 -14.75 -5.09 -36.49
C ASN I 73 -15.11 -3.77 -37.13
N ARG I 74 -15.37 -2.76 -36.30
CA ARG I 74 -15.58 -1.40 -36.80
C ARG I 74 -14.67 -0.43 -36.04
N PRO I 75 -13.34 -0.65 -36.08
CA PRO I 75 -12.44 0.12 -35.20
C PRO I 75 -12.38 1.62 -35.53
N GLU I 76 -12.84 2.01 -36.71
CA GLU I 76 -12.87 3.43 -37.08
C GLU I 76 -13.89 4.23 -36.25
N VAL I 77 -14.88 3.55 -35.64
CA VAL I 77 -15.78 4.24 -34.74
C VAL I 77 -15.69 3.60 -33.35
N ARG I 78 -14.46 3.22 -32.97
CA ARG I 78 -14.21 2.60 -31.67
C ARG I 78 -15.08 1.36 -31.46
N ASN I 79 -15.33 0.65 -32.55
CA ASN I 79 -16.10 -0.60 -32.52
C ASN I 79 -17.53 -0.45 -31.94
N ALA I 80 -18.16 0.69 -32.21
CA ALA I 80 -19.58 0.89 -31.90
C ALA I 80 -20.42 -0.09 -32.69
N PHE I 81 -21.50 -0.62 -32.09
CA PHE I 81 -22.34 -1.55 -32.84
C PHE I 81 -23.60 -0.86 -33.38
N ARG I 82 -23.99 -1.25 -34.59
CA ARG I 82 -25.26 -0.83 -35.18
C ARG I 82 -26.13 -2.11 -35.23
N PRO I 83 -27.43 -2.00 -35.60
CA PRO I 83 -28.28 -3.20 -35.53
C PRO I 83 -27.77 -4.40 -36.32
N HIS I 84 -27.17 -4.17 -37.48
CA HIS I 84 -26.58 -5.26 -38.27
C HIS I 84 -25.40 -5.89 -37.51
N THR I 85 -24.64 -5.08 -36.77
CA THR I 85 -23.56 -5.63 -35.93
C THR I 85 -24.17 -6.60 -34.90
N VAL I 86 -25.25 -6.19 -34.28
CA VAL I 86 -25.91 -6.99 -33.26
C VAL I 86 -26.42 -8.31 -33.86
N ASP I 87 -27.03 -8.25 -35.05
CA ASP I 87 -27.50 -9.45 -35.73
C ASP I 87 -26.36 -10.44 -36.04
N GLU I 88 -25.24 -9.93 -36.53
CA GLU I 88 -24.08 -10.77 -36.82
C GLU I 88 -23.49 -11.37 -35.54
N LEU I 89 -23.41 -10.55 -34.49
CA LEU I 89 -22.88 -10.99 -33.21
C LEU I 89 -23.75 -12.10 -32.64
N TYR I 90 -25.07 -11.92 -32.71
CA TYR I 90 -26.00 -12.94 -32.23
C TYR I 90 -25.82 -14.25 -33.02
N ARG I 91 -25.75 -14.12 -34.35
CA ARG I 91 -25.70 -15.30 -35.24
C ARG I 91 -24.42 -16.09 -34.91
N VAL I 92 -23.32 -15.38 -34.73
CA VAL I 92 -22.02 -15.99 -34.45
C VAL I 92 -21.94 -16.65 -33.05
N LEU I 93 -22.38 -15.95 -32.01
CA LEU I 93 -22.39 -16.52 -30.67
C LEU I 93 -23.33 -17.73 -30.62
N ASP I 94 -24.45 -17.64 -31.35
CA ASP I 94 -25.40 -18.73 -31.40
C ASP I 94 -24.78 -19.97 -32.05
N HIS I 95 -24.04 -19.75 -33.12
CA HIS I 95 -23.32 -20.85 -33.76
C HIS I 95 -22.31 -21.47 -32.80
N ALA I 96 -21.58 -20.63 -32.08
CA ALA I 96 -20.63 -21.10 -31.08
C ALA I 96 -21.30 -21.92 -29.97
N ARG I 97 -22.46 -21.46 -29.50
CA ARG I 97 -23.24 -22.18 -28.50
C ARG I 97 -23.55 -23.60 -28.95
N MET I 98 -23.88 -23.74 -30.24
CA MET I 98 -24.33 -25.00 -30.78
C MET I 98 -23.18 -25.86 -31.35
N SER I 99 -21.94 -25.41 -31.20
CA SER I 99 -20.77 -26.18 -31.66
C SER I 99 -20.20 -27.04 -30.52
N PRO I 100 -20.40 -28.36 -30.59
CA PRO I 100 -20.00 -29.26 -29.50
C PRO I 100 -18.49 -29.30 -29.28
N ASP I 101 -17.71 -28.96 -30.30
CA ASP I 101 -16.26 -29.02 -30.16
C ASP I 101 -15.67 -27.69 -29.69
N VAL I 102 -16.53 -26.76 -29.28
CA VAL I 102 -16.09 -25.47 -28.73
C VAL I 102 -16.52 -25.38 -27.28
N GLY I 103 -15.57 -25.11 -26.39
CA GLY I 103 -15.85 -24.98 -24.97
C GLY I 103 -15.87 -23.55 -24.45
N VAL I 104 -15.07 -22.67 -25.06
CA VAL I 104 -14.91 -21.30 -24.55
C VAL I 104 -15.01 -20.26 -25.68
N VAL I 105 -15.68 -19.14 -25.40
CA VAL I 105 -15.75 -18.01 -26.32
C VAL I 105 -14.88 -16.86 -25.84
N LEU I 106 -13.98 -16.38 -26.69
CA LEU I 106 -13.26 -15.14 -26.38
C LEU I 106 -13.93 -13.98 -27.12
N LEU I 107 -14.43 -13.01 -26.37
CA LEU I 107 -15.11 -11.88 -26.97
C LEU I 107 -14.23 -10.64 -26.87
N THR I 108 -13.93 -10.00 -28.00
CA THR I 108 -12.98 -8.89 -28.01
C THR I 108 -13.32 -7.93 -29.16
N GLY I 109 -12.46 -6.95 -29.39
CA GLY I 109 -12.61 -6.00 -30.49
C GLY I 109 -11.31 -5.96 -31.29
N ASN I 110 -11.44 -5.83 -32.62
CA ASN I 110 -10.26 -5.69 -33.48
C ASN I 110 -9.74 -4.25 -33.53
N GLY I 111 -8.47 -4.07 -33.89
CA GLY I 111 -7.90 -2.75 -34.01
C GLY I 111 -6.45 -2.74 -34.48
N PRO I 112 -5.79 -1.56 -34.43
CA PRO I 112 -6.37 -0.31 -33.92
C PRO I 112 -7.20 0.44 -34.96
N SER I 113 -7.72 1.61 -34.61
CA SER I 113 -8.35 2.46 -35.60
C SER I 113 -7.35 2.83 -36.68
N PRO I 114 -7.72 2.61 -37.94
CA PRO I 114 -6.82 3.01 -39.03
C PRO I 114 -6.72 4.53 -39.12
N LYS I 115 -7.69 5.23 -38.54
CA LYS I 115 -7.69 6.68 -38.59
C LYS I 115 -6.76 7.34 -37.56
N ASP I 116 -6.77 6.87 -36.31
CA ASP I 116 -5.96 7.57 -35.30
C ASP I 116 -5.17 6.65 -34.39
N GLY I 117 -5.14 5.36 -34.72
CA GLY I 117 -4.41 4.39 -33.91
C GLY I 117 -5.05 4.07 -32.56
N GLY I 118 -6.26 4.55 -32.32
CA GLY I 118 -6.93 4.26 -31.06
C GLY I 118 -7.41 2.82 -30.94
N TRP I 119 -7.31 2.27 -29.73
CA TRP I 119 -7.72 0.89 -29.44
C TRP I 119 -9.12 0.86 -28.78
N ALA I 120 -9.98 -0.05 -29.23
CA ALA I 120 -11.31 -0.19 -28.64
C ALA I 120 -11.75 -1.63 -28.55
N PHE I 121 -12.35 -1.98 -27.41
CA PHE I 121 -13.14 -3.18 -27.33
C PHE I 121 -14.48 -2.91 -28.00
N CYS I 122 -15.22 -1.97 -27.43
CA CYS I 122 -16.54 -1.63 -27.94
C CYS I 122 -17.06 -0.36 -27.26
N SER I 123 -17.48 0.62 -28.05
CA SER I 123 -17.95 1.89 -27.51
C SER I 123 -19.48 1.96 -27.44
N GLY I 124 -20.15 0.81 -27.51
CA GLY I 124 -21.60 0.79 -27.36
C GLY I 124 -22.32 1.10 -28.66
N GLY I 125 -23.57 1.55 -28.55
CA GLY I 125 -24.42 1.80 -29.70
C GLY I 125 -23.88 2.90 -30.60
N ASP I 126 -23.97 2.67 -31.91
CA ASP I 126 -23.55 3.66 -32.91
C ASP I 126 -24.47 4.89 -32.90
N GLN I 127 -24.03 5.97 -32.28
CA GLN I 127 -24.87 7.14 -32.09
C GLN I 127 -25.31 7.77 -33.42
N ARG I 128 -24.56 7.51 -34.49
CA ARG I 128 -24.90 8.06 -35.80
C ARG I 128 -26.27 7.61 -36.30
N ILE I 129 -26.71 6.41 -35.92
CA ILE I 129 -27.99 5.90 -36.38
C ILE I 129 -28.96 5.66 -35.23
N ARG I 130 -28.68 6.30 -34.09
CA ARG I 130 -29.61 6.24 -32.98
C ARG I 130 -30.77 7.21 -33.25
N GLY I 131 -31.99 6.73 -33.14
CA GLY I 131 -33.16 7.58 -33.31
C GLY I 131 -34.03 7.56 -32.07
N ARG I 132 -35.22 8.17 -32.16
CA ARG I 132 -36.13 8.25 -31.02
C ARG I 132 -36.72 6.88 -30.66
N SER I 133 -36.73 5.96 -31.61
CA SER I 133 -37.23 4.61 -31.34
C SER I 133 -36.11 3.58 -31.12
N GLY I 134 -34.87 4.04 -31.02
CA GLY I 134 -33.74 3.16 -30.82
C GLY I 134 -32.75 3.19 -31.99
N TYR I 135 -31.89 2.18 -32.06
CA TYR I 135 -30.85 2.11 -33.09
C TYR I 135 -31.45 1.59 -34.38
N GLN I 136 -31.17 2.27 -35.48
CA GLN I 136 -31.89 1.95 -36.71
C GLN I 136 -31.02 1.34 -37.80
N TYR I 137 -31.60 0.41 -38.54
CA TYR I 137 -30.96 -0.13 -39.72
C TYR I 137 -30.77 0.98 -40.77
N ALA I 138 -29.61 0.97 -41.42
CA ALA I 138 -29.30 1.92 -42.48
C ALA I 138 -28.51 1.20 -43.57
N SER I 139 -28.65 1.66 -44.82
CA SER I 139 -27.93 1.00 -45.89
C SER I 139 -26.47 1.42 -45.84
N GLY I 140 -26.20 2.58 -45.25
CA GLY I 140 -24.85 3.10 -45.09
C GLY I 140 -24.48 3.31 -43.61
N ASP I 141 -23.54 4.21 -43.37
CA ASP I 141 -23.02 4.44 -42.03
C ASP I 141 -23.71 5.57 -41.26
N THR I 142 -24.49 6.39 -41.94
CA THR I 142 -25.05 7.59 -41.29
C THR I 142 -26.57 7.60 -41.31
N ALA I 143 -27.15 8.55 -40.59
CA ALA I 143 -28.60 8.68 -40.46
C ALA I 143 -29.29 8.91 -41.81
N ASP I 144 -28.52 9.44 -42.77
CA ASP I 144 -29.02 9.76 -44.10
C ASP I 144 -29.47 8.54 -44.90
N THR I 145 -28.96 7.37 -44.55
CA THR I 145 -29.36 6.14 -45.23
C THR I 145 -30.26 5.26 -44.37
N VAL I 146 -30.80 5.81 -43.29
CA VAL I 146 -31.73 5.06 -42.45
C VAL I 146 -33.03 4.70 -43.17
N ASP I 147 -33.44 3.44 -43.06
CA ASP I 147 -34.75 2.99 -43.54
C ASP I 147 -35.86 3.41 -42.56
N VAL I 148 -36.55 4.50 -42.86
CA VAL I 148 -37.53 5.05 -41.91
C VAL I 148 -38.76 4.16 -41.69
N ALA I 149 -38.99 3.23 -42.61
CA ALA I 149 -40.15 2.35 -42.51
C ALA I 149 -39.93 1.32 -41.40
N ARG I 150 -38.71 1.30 -40.87
CA ARG I 150 -38.30 0.25 -39.96
C ARG I 150 -37.98 0.86 -38.58
N ALA I 151 -38.70 0.41 -37.56
CA ALA I 151 -38.56 0.94 -36.20
C ALA I 151 -37.19 0.61 -35.62
N GLY I 152 -36.73 1.43 -34.69
CA GLY I 152 -35.45 1.21 -34.05
C GLY I 152 -35.52 0.02 -33.10
N ARG I 153 -34.35 -0.48 -32.73
CA ARG I 153 -34.27 -1.62 -31.82
C ARG I 153 -33.20 -1.39 -30.77
N LEU I 154 -33.32 -2.11 -29.67
CA LEU I 154 -32.33 -2.10 -28.60
C LEU I 154 -31.88 -3.53 -28.32
N HIS I 155 -31.69 -4.35 -29.36
CA HIS I 155 -31.60 -5.78 -29.14
C HIS I 155 -30.19 -6.32 -28.85
N ILE I 156 -29.27 -5.45 -28.46
CA ILE I 156 -28.04 -5.92 -27.82
C ILE I 156 -28.42 -6.71 -26.55
N LEU I 157 -29.61 -6.42 -26.00
CA LEU I 157 -30.11 -7.16 -24.84
C LEU I 157 -30.27 -8.64 -25.13
N GLU I 158 -30.60 -8.98 -26.38
CA GLU I 158 -30.71 -10.39 -26.79
C GLU I 158 -29.34 -11.08 -26.80
N VAL I 159 -28.31 -10.34 -27.18
CA VAL I 159 -26.95 -10.83 -27.14
C VAL I 159 -26.50 -11.02 -25.69
N GLN I 160 -26.87 -10.07 -24.83
CA GLN I 160 -26.57 -10.19 -23.40
C GLN I 160 -27.15 -11.48 -22.83
N ARG I 161 -28.40 -11.77 -23.17
CA ARG I 161 -29.04 -12.99 -22.67
C ARG I 161 -28.43 -14.23 -23.30
N LEU I 162 -28.03 -14.15 -24.58
CA LEU I 162 -27.40 -15.29 -25.24
C LEU I 162 -26.09 -15.65 -24.54
N ILE I 163 -25.29 -14.63 -24.22
CA ILE I 163 -24.05 -14.79 -23.48
C ILE I 163 -24.32 -15.38 -22.10
N ARG I 164 -25.33 -14.83 -21.43
CA ARG I 164 -25.72 -15.23 -20.09
C ARG I 164 -26.19 -16.69 -20.02
N PHE I 165 -27.00 -17.10 -21.00
CA PHE I 165 -27.65 -18.40 -20.96
C PHE I 165 -26.87 -19.53 -21.64
N MET I 166 -25.80 -19.21 -22.33
CA MET I 166 -25.15 -20.29 -23.05
C MET I 166 -24.31 -21.11 -22.05
N PRO I 167 -24.33 -22.44 -22.23
CA PRO I 167 -23.69 -23.38 -21.31
C PRO I 167 -22.19 -23.49 -21.54
N LYS I 168 -21.55 -22.36 -21.83
CA LYS I 168 -20.12 -22.28 -22.08
C LYS I 168 -19.59 -20.98 -21.49
N VAL I 169 -18.32 -20.99 -21.11
CA VAL I 169 -17.72 -19.80 -20.53
C VAL I 169 -17.40 -18.76 -21.60
N VAL I 170 -17.84 -17.52 -21.38
CA VAL I 170 -17.50 -16.44 -22.28
C VAL I 170 -16.53 -15.50 -21.57
N ILE I 171 -15.36 -15.32 -22.15
CA ILE I 171 -14.34 -14.42 -21.61
C ILE I 171 -14.23 -13.19 -22.46
N CYS I 172 -14.43 -12.04 -21.81
CA CYS I 172 -14.26 -10.76 -22.48
C CYS I 172 -12.79 -10.33 -22.42
N LEU I 173 -12.20 -10.02 -23.57
CA LEU I 173 -10.85 -9.49 -23.61
C LEU I 173 -10.93 -7.99 -23.92
N VAL I 174 -10.80 -7.16 -22.90
CA VAL I 174 -10.91 -5.72 -23.13
C VAL I 174 -9.55 -5.19 -23.58
N ASN I 175 -9.46 -4.93 -24.89
CA ASN I 175 -8.22 -4.54 -25.55
C ASN I 175 -8.13 -3.03 -25.75
N GLY I 176 -9.10 -2.28 -25.24
CA GLY I 176 -9.16 -0.84 -25.44
C GLY I 176 -10.34 -0.23 -24.72
N TRP I 177 -10.86 0.89 -25.25
CA TRP I 177 -12.07 1.50 -24.70
C TRP I 177 -13.22 0.48 -24.61
N ALA I 178 -13.86 0.47 -23.44
CA ALA I 178 -15.10 -0.25 -23.25
C ALA I 178 -16.07 0.77 -22.65
N ALA I 179 -17.01 1.26 -23.45
CA ALA I 179 -17.91 2.36 -23.08
C ALA I 179 -19.37 2.05 -23.46
N GLY I 180 -20.31 2.64 -22.71
CA GLY I 180 -21.74 2.44 -22.95
C GLY I 180 -22.12 0.97 -22.97
N GLY I 181 -22.86 0.55 -24.00
CA GLY I 181 -23.24 -0.85 -24.16
C GLY I 181 -22.03 -1.78 -24.27
N GLY I 182 -20.89 -1.23 -24.70
CA GLY I 182 -19.66 -1.98 -24.76
C GLY I 182 -19.17 -2.32 -23.36
N HIS I 183 -19.26 -1.35 -22.45
CA HIS I 183 -18.96 -1.60 -21.05
C HIS I 183 -19.92 -2.65 -20.47
N SER I 184 -21.22 -2.52 -20.80
CA SER I 184 -22.21 -3.47 -20.26
C SER I 184 -22.01 -4.89 -20.78
N LEU I 185 -21.48 -5.02 -22.00
CA LEU I 185 -21.14 -6.34 -22.52
C LEU I 185 -20.05 -7.05 -21.72
N HIS I 186 -19.00 -6.33 -21.38
CA HIS I 186 -17.95 -6.93 -20.57
C HIS I 186 -18.52 -7.36 -19.21
N VAL I 187 -19.42 -6.55 -18.65
CA VAL I 187 -20.01 -6.83 -17.33
C VAL I 187 -20.73 -8.18 -17.33
N VAL I 188 -21.45 -8.49 -18.42
CA VAL I 188 -22.30 -9.68 -18.47
C VAL I 188 -21.53 -10.97 -18.79
N CYS I 189 -20.34 -10.83 -19.35
CA CYS I 189 -19.48 -12.00 -19.58
C CYS I 189 -19.09 -12.66 -18.28
N ASP I 190 -18.79 -13.95 -18.35
CA ASP I 190 -18.40 -14.71 -17.16
C ASP I 190 -17.07 -14.21 -16.59
N LEU I 191 -16.11 -13.93 -17.46
CA LEU I 191 -14.78 -13.49 -17.04
C LEU I 191 -14.32 -12.34 -17.92
N THR I 192 -13.47 -11.50 -17.36
CA THR I 192 -12.87 -10.41 -18.12
C THR I 192 -11.38 -10.32 -17.87
N LEU I 193 -10.61 -10.33 -18.95
CA LEU I 193 -9.17 -10.04 -18.92
C LEU I 193 -8.98 -8.70 -19.61
N ALA I 194 -8.05 -7.87 -19.15
CA ALA I 194 -7.93 -6.51 -19.71
C ALA I 194 -6.48 -6.09 -20.00
N SER I 195 -6.30 -5.38 -21.12
CA SER I 195 -5.00 -4.87 -21.53
C SER I 195 -4.48 -3.79 -20.57
N ARG I 196 -3.30 -4.04 -19.98
CA ARG I 196 -2.72 -3.09 -19.04
C ARG I 196 -2.59 -1.71 -19.66
N GLU I 197 -2.03 -1.65 -20.87
CA GLU I 197 -1.73 -0.39 -21.52
C GLU I 197 -2.97 0.31 -22.10
N TYR I 198 -3.88 -0.44 -22.70
CA TYR I 198 -4.92 0.24 -23.50
C TYR I 198 -6.37 0.10 -23.03
N ALA I 199 -6.67 -0.83 -22.13
CA ALA I 199 -8.04 -0.96 -21.66
C ALA I 199 -8.47 0.32 -20.96
N ARG I 200 -9.67 0.80 -21.31
CA ARG I 200 -10.22 1.97 -20.64
C ARG I 200 -11.70 1.72 -20.42
N PHE I 201 -12.09 1.68 -19.15
CA PHE I 201 -13.49 1.45 -18.82
C PHE I 201 -14.15 2.78 -18.52
N LYS I 202 -15.22 3.10 -19.24
CA LYS I 202 -15.91 4.37 -19.04
C LYS I 202 -17.39 4.22 -19.33
N GLN I 203 -18.19 4.23 -18.28
CA GLN I 203 -19.62 4.07 -18.50
C GLN I 203 -20.21 5.44 -18.82
N THR I 204 -20.34 5.68 -20.12
CA THR I 204 -20.75 6.97 -20.66
C THR I 204 -22.26 7.09 -20.88
N ASP I 205 -23.01 6.07 -20.47
CA ASP I 205 -24.47 6.04 -20.67
C ASP I 205 -25.18 7.36 -20.36
N ALA I 206 -25.02 7.85 -19.14
CA ALA I 206 -25.78 9.01 -18.70
C ALA I 206 -25.32 10.28 -19.43
N ASP I 207 -24.11 10.24 -19.97
CA ASP I 207 -23.59 11.36 -20.77
C ASP I 207 -24.39 11.61 -22.05
N VAL I 208 -24.93 10.56 -22.66
CA VAL I 208 -25.66 10.71 -23.91
C VAL I 208 -27.15 10.43 -23.71
N GLY I 209 -27.57 10.50 -22.45
CA GLY I 209 -28.99 10.37 -22.11
C GLY I 209 -29.50 8.94 -22.18
N SER I 210 -28.58 7.96 -22.16
CA SER I 210 -29.00 6.56 -22.19
C SER I 210 -28.75 5.91 -20.83
N PHE I 211 -29.22 4.67 -20.67
CA PHE I 211 -28.88 3.90 -19.49
C PHE I 211 -29.15 2.42 -19.72
N ASP I 212 -28.26 1.59 -19.23
CA ASP I 212 -28.52 0.17 -19.15
C ASP I 212 -29.02 -0.08 -17.73
N GLY I 213 -30.33 -0.28 -17.60
CA GLY I 213 -30.93 -0.49 -16.30
C GLY I 213 -31.05 -1.96 -15.94
N GLY I 214 -30.39 -2.84 -16.71
CA GLY I 214 -30.44 -4.27 -16.46
C GLY I 214 -29.10 -4.87 -16.01
N TYR I 215 -28.53 -5.74 -16.84
CA TYR I 215 -27.24 -6.35 -16.52
C TYR I 215 -26.08 -5.34 -16.44
N GLY I 216 -26.11 -4.29 -17.25
CA GLY I 216 -25.01 -3.35 -17.26
C GLY I 216 -24.77 -2.69 -15.90
N SER I 217 -25.85 -2.43 -15.16
CA SER I 217 -25.78 -1.72 -13.89
C SER I 217 -25.98 -2.61 -12.67
N ALA I 218 -27.14 -3.23 -12.56
CA ALA I 218 -27.45 -4.08 -11.39
C ALA I 218 -26.50 -5.26 -11.29
N TYR I 219 -26.11 -5.85 -12.41
CA TYR I 219 -25.21 -7.01 -12.33
C TYR I 219 -23.75 -6.56 -12.06
N LEU I 220 -23.37 -5.38 -12.53
CA LEU I 220 -22.07 -4.79 -12.17
C LEU I 220 -21.93 -4.68 -10.64
N ALA I 221 -23.02 -4.27 -9.99
CA ALA I 221 -23.05 -4.18 -8.54
C ALA I 221 -22.79 -5.53 -7.85
N ARG I 222 -23.05 -6.64 -8.53
CA ARG I 222 -22.81 -7.96 -7.91
C ARG I 222 -21.41 -8.43 -8.20
N GLN I 223 -20.62 -7.54 -8.77
CA GLN I 223 -19.21 -7.80 -9.02
C GLN I 223 -18.31 -6.90 -8.18
N VAL I 224 -18.62 -5.61 -8.16
CA VAL I 224 -17.81 -4.62 -7.46
C VAL I 224 -18.50 -4.06 -6.22
N GLY I 225 -19.71 -4.52 -5.95
CA GLY I 225 -20.48 -3.97 -4.84
C GLY I 225 -21.25 -2.75 -5.25
N GLN I 226 -22.27 -2.40 -4.46
CA GLN I 226 -23.18 -1.32 -4.81
C GLN I 226 -22.53 0.08 -4.86
N LYS I 227 -21.56 0.37 -3.99
CA LYS I 227 -20.97 1.71 -3.98
C LYS I 227 -20.16 2.00 -5.25
N PHE I 228 -19.25 1.08 -5.59
CA PHE I 228 -18.42 1.25 -6.78
C PHE I 228 -19.25 1.25 -8.08
N ALA I 229 -20.29 0.43 -8.12
CA ALA I 229 -21.12 0.33 -9.32
C ALA I 229 -21.82 1.65 -9.56
N ARG I 230 -22.35 2.24 -8.49
CA ARG I 230 -23.02 3.53 -8.56
C ARG I 230 -22.03 4.62 -8.97
N GLU I 231 -20.82 4.58 -8.44
CA GLU I 231 -19.78 5.54 -8.83
C GLU I 231 -19.49 5.45 -10.33
N ILE I 232 -19.32 4.22 -10.81
CA ILE I 232 -18.99 3.98 -12.19
C ILE I 232 -20.03 4.61 -13.14
N PHE I 233 -21.32 4.47 -12.81
CA PHE I 233 -22.39 5.02 -13.64
C PHE I 233 -22.69 6.50 -13.42
N PHE I 234 -22.78 6.93 -12.16
CA PHE I 234 -23.19 8.30 -11.86
C PHE I 234 -22.15 9.33 -12.31
N LEU I 235 -20.87 8.98 -12.23
CA LEU I 235 -19.78 9.90 -12.58
C LEU I 235 -19.17 9.65 -13.94
N GLY I 236 -19.29 8.43 -14.43
CA GLY I 236 -18.81 8.10 -15.77
C GLY I 236 -17.33 8.38 -15.98
N ARG I 237 -16.52 8.20 -14.95
CA ARG I 237 -15.09 8.38 -15.07
C ARG I 237 -14.42 7.28 -15.86
N THR I 238 -13.21 7.54 -16.32
CA THR I 238 -12.39 6.55 -17.02
C THR I 238 -11.50 5.79 -16.04
N TYR I 239 -11.55 4.46 -16.10
CA TYR I 239 -10.75 3.60 -15.21
C TYR I 239 -9.78 2.72 -16.01
N THR I 240 -8.62 2.43 -15.42
CA THR I 240 -7.69 1.50 -16.04
C THR I 240 -8.06 0.04 -15.74
N ALA I 241 -7.39 -0.87 -16.43
CA ALA I 241 -7.53 -2.31 -16.15
C ALA I 241 -7.22 -2.62 -14.69
N GLU I 242 -6.13 -2.03 -14.19
CA GLU I 242 -5.71 -2.28 -12.80
C GLU I 242 -6.75 -1.78 -11.79
N GLN I 243 -7.32 -0.60 -12.01
CA GLN I 243 -8.36 -0.07 -11.14
C GLN I 243 -9.60 -0.95 -11.15
N MET I 244 -10.04 -1.38 -12.33
CA MET I 244 -11.21 -2.27 -12.40
C MET I 244 -10.91 -3.62 -11.77
N HIS I 245 -9.69 -4.08 -11.89
CA HIS I 245 -9.27 -5.32 -11.26
C HIS I 245 -9.35 -5.20 -9.75
N GLN I 246 -8.88 -4.07 -9.22
CA GLN I 246 -8.98 -3.76 -7.80
C GLN I 246 -10.42 -3.69 -7.31
N MET I 247 -11.33 -3.18 -8.13
CA MET I 247 -12.73 -3.05 -7.74
C MET I 247 -13.50 -4.36 -7.82
N GLY I 248 -13.04 -5.30 -8.65
CA GLY I 248 -13.63 -6.63 -8.75
C GLY I 248 -14.33 -6.96 -10.05
N ALA I 249 -14.19 -6.09 -11.06
CA ALA I 249 -14.85 -6.33 -12.34
C ALA I 249 -13.91 -6.90 -13.41
N VAL I 250 -12.61 -6.85 -13.17
CA VAL I 250 -11.61 -7.42 -14.09
C VAL I 250 -10.85 -8.53 -13.38
N ASN I 251 -10.83 -9.71 -14.01
CA ASN I 251 -10.21 -10.88 -13.39
C ASN I 251 -8.70 -10.78 -13.37
N ALA I 252 -8.12 -10.34 -14.48
CA ALA I 252 -6.67 -10.18 -14.50
C ALA I 252 -6.28 -9.17 -15.54
N VAL I 253 -5.11 -8.56 -15.32
CA VAL I 253 -4.53 -7.61 -16.24
C VAL I 253 -3.45 -8.34 -17.03
N ALA I 254 -3.39 -8.09 -18.34
CA ALA I 254 -2.35 -8.69 -19.16
C ALA I 254 -1.70 -7.61 -20.01
N GLU I 255 -0.45 -7.87 -20.42
CA GLU I 255 0.20 -7.02 -21.40
C GLU I 255 -0.58 -7.08 -22.71
N HIS I 256 -0.72 -5.92 -23.35
CA HIS I 256 -1.51 -5.78 -24.58
C HIS I 256 -1.22 -6.84 -25.62
N ALA I 257 0.05 -7.00 -25.97
CA ALA I 257 0.46 -7.96 -27.00
C ALA I 257 0.12 -9.38 -26.59
N GLU I 258 -0.03 -9.62 -25.30
CA GLU I 258 -0.26 -10.98 -24.79
C GLU I 258 -1.73 -11.24 -24.41
N LEU I 259 -2.61 -10.26 -24.63
CA LEU I 259 -3.97 -10.36 -24.11
C LEU I 259 -4.70 -11.61 -24.60
N GLU I 260 -4.58 -11.93 -25.88
CA GLU I 260 -5.31 -13.07 -26.43
C GLU I 260 -4.59 -14.38 -26.09
N THR I 261 -3.29 -14.30 -25.96
CA THR I 261 -2.48 -15.44 -25.50
C THR I 261 -2.88 -15.86 -24.07
N VAL I 262 -3.04 -14.87 -23.20
CA VAL I 262 -3.51 -15.13 -21.86
C VAL I 262 -4.99 -15.61 -21.90
N GLY I 263 -5.79 -15.02 -22.77
CA GLY I 263 -7.15 -15.48 -22.97
C GLY I 263 -7.20 -16.97 -23.31
N LEU I 264 -6.31 -17.38 -24.21
CA LEU I 264 -6.20 -18.78 -24.64
C LEU I 264 -5.71 -19.71 -23.52
N GLN I 265 -4.81 -19.22 -22.68
CA GLN I 265 -4.32 -19.98 -21.54
C GLN I 265 -5.49 -20.19 -20.57
N TRP I 266 -6.25 -19.12 -20.31
CA TRP I 266 -7.44 -19.26 -19.46
C TRP I 266 -8.44 -20.25 -20.07
N ALA I 267 -8.69 -20.13 -21.37
CA ALA I 267 -9.58 -21.06 -22.06
C ALA I 267 -9.11 -22.51 -21.93
N ALA I 268 -7.79 -22.73 -22.04
CA ALA I 268 -7.25 -24.08 -21.93
C ALA I 268 -7.48 -24.67 -20.54
N GLU I 269 -7.32 -23.86 -19.50
CA GLU I 269 -7.58 -24.31 -18.14
C GLU I 269 -9.05 -24.61 -17.93
N ILE I 270 -9.93 -23.82 -18.54
CA ILE I 270 -11.37 -24.10 -18.44
C ILE I 270 -11.68 -25.42 -19.16
N ASN I 271 -11.09 -25.60 -20.35
CA ASN I 271 -11.37 -26.76 -21.20
C ASN I 271 -10.73 -28.07 -20.71
N ALA I 272 -9.85 -27.99 -19.72
CA ALA I 272 -9.20 -29.17 -19.16
C ALA I 272 -10.02 -29.79 -18.03
N LYS I 273 -11.15 -29.19 -17.69
CA LYS I 273 -11.98 -29.72 -16.62
C LYS I 273 -13.21 -30.44 -17.19
N SER I 274 -13.97 -31.12 -16.33
CA SER I 274 -15.22 -31.76 -16.74
C SER I 274 -16.20 -30.77 -17.36
N PRO I 275 -16.52 -30.96 -18.65
CA PRO I 275 -17.45 -30.04 -19.33
C PRO I 275 -18.82 -30.05 -18.65
N GLN I 276 -19.26 -31.24 -18.22
CA GLN I 276 -20.51 -31.37 -17.47
C GLN I 276 -20.50 -30.57 -16.18
N ALA I 277 -19.42 -30.64 -15.42
CA ALA I 277 -19.32 -29.86 -14.19
C ALA I 277 -19.28 -28.35 -14.49
N GLN I 278 -18.52 -27.96 -15.52
CA GLN I 278 -18.44 -26.53 -15.87
C GLN I 278 -19.81 -25.96 -16.24
N ARG I 279 -20.57 -26.72 -17.01
CA ARG I 279 -21.91 -26.36 -17.44
C ARG I 279 -22.83 -26.10 -16.24
N MET I 280 -22.89 -27.08 -15.33
CA MET I 280 -23.71 -26.96 -14.13
C MET I 280 -23.29 -25.78 -13.27
N LEU I 281 -21.98 -25.54 -13.17
CA LEU I 281 -21.46 -24.44 -12.35
C LEU I 281 -21.89 -23.07 -12.87
N LYS I 282 -21.84 -22.87 -14.18
CA LYS I 282 -22.26 -21.58 -14.73
C LYS I 282 -23.71 -21.29 -14.41
N PHE I 283 -24.56 -22.30 -14.58
CA PHE I 283 -25.97 -22.08 -14.32
C PHE I 283 -26.25 -21.95 -12.81
N ALA I 284 -25.43 -22.58 -11.99
CA ALA I 284 -25.56 -22.40 -10.54
C ALA I 284 -25.20 -20.96 -10.16
N PHE I 285 -24.16 -20.40 -10.78
CA PHE I 285 -23.79 -19.01 -10.50
C PHE I 285 -24.88 -18.03 -10.94
N ASN I 286 -25.57 -18.34 -12.04
CA ASN I 286 -26.66 -17.51 -12.59
C ASN I 286 -27.94 -17.57 -11.76
N LEU I 287 -28.18 -18.72 -11.14
CA LEU I 287 -29.52 -19.18 -10.80
C LEU I 287 -30.37 -18.13 -10.07
N LEU I 288 -30.03 -17.84 -8.81
CA LEU I 288 -30.88 -16.99 -7.97
C LEU I 288 -31.00 -15.57 -8.50
N ASP I 289 -29.88 -15.05 -9.00
CA ASP I 289 -29.90 -13.71 -9.58
C ASP I 289 -30.91 -13.64 -10.72
N ASP I 290 -31.11 -14.76 -11.44
CA ASP I 290 -31.99 -14.78 -12.60
C ASP I 290 -33.38 -15.35 -12.32
N GLY I 291 -33.71 -15.51 -11.04
CA GLY I 291 -35.05 -15.96 -10.65
C GLY I 291 -35.50 -17.24 -11.34
N LEU I 292 -36.75 -17.25 -11.80
CA LEU I 292 -37.32 -18.41 -12.48
C LEU I 292 -36.56 -18.78 -13.76
N VAL I 293 -36.01 -17.78 -14.44
CA VAL I 293 -35.22 -18.07 -15.64
C VAL I 293 -33.98 -18.84 -15.22
N GLY I 294 -33.32 -18.36 -14.16
CA GLY I 294 -32.15 -19.04 -13.62
C GLY I 294 -32.48 -20.47 -13.22
N GLN I 295 -33.60 -20.65 -12.52
CA GLN I 295 -34.02 -21.99 -12.12
C GLN I 295 -34.32 -22.84 -13.36
N GLN I 296 -35.00 -22.25 -14.33
CA GLN I 296 -35.34 -22.97 -15.56
C GLN I 296 -34.09 -23.56 -16.23
N LEU I 297 -33.03 -22.77 -16.34
CA LEU I 297 -31.81 -23.22 -17.02
C LEU I 297 -31.07 -24.28 -16.23
N PHE I 298 -30.95 -24.06 -14.92
CA PHE I 298 -30.27 -25.04 -14.08
C PHE I 298 -31.11 -26.33 -14.00
N ALA I 299 -32.42 -26.20 -13.79
CA ALA I 299 -33.29 -27.37 -13.70
C ALA I 299 -33.35 -28.14 -15.02
N GLY I 300 -33.20 -27.42 -16.14
CA GLY I 300 -33.14 -28.06 -17.44
C GLY I 300 -31.96 -29.02 -17.53
N GLU I 301 -30.80 -28.59 -17.08
CA GLU I 301 -29.63 -29.48 -17.09
C GLU I 301 -29.78 -30.63 -16.08
N ALA I 302 -30.45 -30.36 -14.97
CA ALA I 302 -30.71 -31.42 -14.01
C ALA I 302 -31.62 -32.49 -14.62
N THR I 303 -32.60 -32.06 -15.42
CA THR I 303 -33.48 -32.99 -16.10
C THR I 303 -32.70 -33.90 -17.06
N ARG I 304 -31.77 -33.30 -17.78
CA ARG I 304 -30.91 -34.08 -18.69
C ARG I 304 -30.11 -35.14 -17.91
N LEU I 305 -29.57 -34.76 -16.76
CA LEU I 305 -28.81 -35.69 -15.92
C LEU I 305 -29.69 -36.86 -15.47
N ALA I 306 -30.95 -36.56 -15.16
CA ALA I 306 -31.90 -37.60 -14.78
C ALA I 306 -32.23 -38.52 -15.97
N TYR I 307 -32.32 -37.94 -17.17
CA TYR I 307 -32.64 -38.72 -18.38
C TYR I 307 -31.60 -39.78 -18.65
N MET I 308 -30.37 -39.56 -18.16
CA MET I 308 -29.29 -40.50 -18.35
C MET I 308 -29.45 -41.73 -17.47
N THR I 309 -30.29 -41.65 -16.44
CA THR I 309 -30.35 -42.77 -15.49
C THR I 309 -31.21 -43.92 -16.03
N ASP I 310 -30.89 -45.13 -15.57
CA ASP I 310 -31.70 -46.31 -15.86
C ASP I 310 -33.12 -46.08 -15.38
N GLU I 311 -33.27 -45.38 -14.27
CA GLU I 311 -34.62 -45.11 -13.73
C GLU I 311 -35.50 -44.33 -14.73
N ALA I 312 -34.95 -43.26 -15.30
CA ALA I 312 -35.70 -42.47 -16.29
C ALA I 312 -35.96 -43.28 -17.55
N VAL I 313 -35.00 -44.11 -17.94
CA VAL I 313 -35.17 -44.96 -19.12
C VAL I 313 -36.28 -46.01 -18.88
N GLU I 314 -36.40 -46.54 -17.67
CA GLU I 314 -37.53 -47.42 -17.35
C GLU I 314 -38.86 -46.67 -17.46
N GLY I 315 -38.88 -45.39 -17.08
CA GLY I 315 -40.05 -44.58 -17.24
C GLY I 315 -40.48 -44.45 -18.71
N ARG I 316 -39.51 -44.17 -19.58
CA ARG I 316 -39.75 -44.11 -21.00
C ARG I 316 -40.21 -45.46 -21.55
N ASP I 317 -39.46 -46.51 -21.23
CA ASP I 317 -39.74 -47.83 -21.77
C ASP I 317 -41.13 -48.32 -21.38
N ALA I 318 -41.50 -48.09 -20.12
CA ALA I 318 -42.82 -48.47 -19.65
C ALA I 318 -43.91 -47.73 -20.43
N PHE I 319 -43.71 -46.45 -20.72
CA PHE I 319 -44.71 -45.70 -21.48
C PHE I 319 -44.85 -46.30 -22.88
N LEU I 320 -43.72 -46.56 -23.52
CA LEU I 320 -43.70 -47.07 -24.88
C LEU I 320 -44.27 -48.49 -25.01
N GLN I 321 -44.08 -49.31 -23.97
CA GLN I 321 -44.53 -50.70 -24.01
C GLN I 321 -45.92 -50.84 -23.40
N LYS I 322 -46.53 -49.72 -23.07
CA LYS I 322 -47.90 -49.68 -22.51
C LYS I 322 -48.03 -50.65 -21.34
N ARG I 323 -47.12 -50.51 -20.39
CA ARG I 323 -47.09 -51.34 -19.19
C ARG I 323 -46.78 -50.49 -17.97
N PRO I 324 -47.08 -50.99 -16.77
CA PRO I 324 -46.70 -50.22 -15.58
C PRO I 324 -45.18 -50.18 -15.41
N PRO I 325 -44.64 -49.03 -14.98
CA PRO I 325 -43.20 -48.99 -14.71
C PRO I 325 -42.85 -49.77 -13.45
N ASP I 326 -41.65 -50.33 -13.41
CA ASP I 326 -41.20 -51.03 -12.22
C ASP I 326 -40.07 -50.24 -11.57
N TRP I 327 -40.37 -49.57 -10.46
CA TRP I 327 -39.37 -48.70 -9.83
C TRP I 327 -38.56 -49.41 -8.75
N SER I 328 -38.86 -50.67 -8.51
CA SER I 328 -38.21 -51.40 -7.41
C SER I 328 -36.68 -51.51 -7.46
N PRO I 329 -36.07 -51.54 -8.68
CA PRO I 329 -34.59 -51.58 -8.61
C PRO I 329 -33.90 -50.27 -8.19
N PHE I 330 -34.63 -49.17 -8.03
CA PHE I 330 -33.98 -47.86 -7.82
C PHE I 330 -34.21 -47.28 -6.43
N PRO I 331 -33.15 -47.26 -5.61
CA PRO I 331 -33.26 -46.84 -4.20
C PRO I 331 -33.57 -45.37 -4.01
N ARG I 332 -34.28 -45.08 -2.93
CA ARG I 332 -34.49 -43.70 -2.48
C ARG I 332 -33.24 -43.22 -1.76
N TYR I 333 -32.73 -42.08 -2.20
CA TYR I 333 -31.58 -41.48 -1.56
C TYR I 333 -32.00 -40.40 -0.57
N PHE I 334 -31.17 -40.19 0.43
CA PHE I 334 -31.35 -39.11 1.39
C PHE I 334 -30.00 -38.49 1.76
N ALA J 34 -71.12 -49.55 13.17
CA ALA J 34 -70.71 -49.42 11.77
C ALA J 34 -69.83 -48.18 11.54
N LEU J 35 -70.43 -46.98 11.50
CA LEU J 35 -69.63 -45.76 11.20
C LEU J 35 -68.64 -45.42 12.31
N SER J 36 -67.36 -45.51 12.00
CA SER J 36 -66.32 -45.24 12.98
C SER J 36 -66.13 -43.74 13.17
N ASP J 37 -66.04 -43.31 14.43
CA ASP J 37 -65.68 -41.95 14.75
C ASP J 37 -64.17 -41.74 14.64
N ASN J 38 -63.41 -42.83 14.48
CA ASN J 38 -61.96 -42.73 14.45
C ASN J 38 -61.34 -43.03 13.08
N PRO J 39 -60.51 -42.11 12.57
CA PRO J 39 -59.87 -42.37 11.27
C PRO J 39 -58.87 -43.55 11.31
N PHE J 40 -58.39 -43.91 12.49
CA PHE J 40 -57.33 -44.92 12.62
C PHE J 40 -57.84 -46.36 12.46
N ASP J 41 -57.22 -47.09 11.54
CA ASP J 41 -57.48 -48.50 11.31
C ASP J 41 -56.29 -49.35 11.82
N ALA J 42 -56.44 -49.90 13.02
CA ALA J 42 -55.36 -50.59 13.73
C ALA J 42 -54.78 -51.78 12.95
N LYS J 43 -55.63 -52.43 12.16
CA LYS J 43 -55.21 -53.59 11.39
C LYS J 43 -54.24 -53.20 10.27
N ALA J 44 -54.20 -51.91 9.91
CA ALA J 44 -53.39 -51.46 8.77
C ALA J 44 -51.98 -51.06 9.13
N TRP J 45 -51.71 -50.97 10.43
CA TRP J 45 -50.49 -50.33 10.90
C TRP J 45 -49.68 -51.17 11.89
N ARG J 46 -48.35 -51.07 11.82
CA ARG J 46 -47.49 -51.77 12.76
C ARG J 46 -46.55 -50.76 13.41
N LEU J 47 -46.23 -50.97 14.68
CA LEU J 47 -45.27 -50.10 15.36
C LEU J 47 -43.89 -50.21 14.71
N VAL J 48 -43.10 -49.16 14.81
CA VAL J 48 -41.76 -49.21 14.24
C VAL J 48 -40.76 -49.56 15.35
N ASP J 49 -39.86 -50.49 15.06
CA ASP J 49 -38.86 -50.95 16.02
C ASP J 49 -37.97 -49.84 16.56
N GLY J 50 -37.74 -49.84 17.87
CA GLY J 50 -36.81 -48.89 18.47
C GLY J 50 -37.49 -47.67 19.07
N PHE J 51 -38.82 -47.66 19.05
CA PHE J 51 -39.59 -46.49 19.47
C PHE J 51 -40.58 -46.83 20.60
N ASP J 52 -40.26 -47.81 21.44
CA ASP J 52 -41.12 -48.14 22.58
C ASP J 52 -41.24 -47.05 23.62
N ASP J 53 -40.23 -46.18 23.67
CA ASP J 53 -40.17 -45.17 24.71
C ASP J 53 -40.96 -43.87 24.38
N LEU J 54 -41.61 -43.85 23.22
CA LEU J 54 -42.38 -42.66 22.81
C LEU J 54 -43.57 -42.41 23.74
N THR J 55 -43.75 -41.17 24.18
CA THR J 55 -44.86 -40.81 25.07
C THR J 55 -45.84 -39.79 24.48
N ASP J 56 -45.33 -38.81 23.73
CA ASP J 56 -46.15 -37.70 23.22
C ASP J 56 -46.55 -37.88 21.75
N ILE J 57 -46.01 -38.92 21.12
CA ILE J 57 -46.08 -39.13 19.67
C ILE J 57 -46.28 -40.61 19.38
N THR J 58 -47.05 -40.97 18.37
CA THR J 58 -47.04 -42.36 17.90
C THR J 58 -46.46 -42.46 16.50
N TYR J 59 -45.89 -43.61 16.18
CA TYR J 59 -45.15 -43.83 14.95
C TYR J 59 -45.44 -45.22 14.43
N HIS J 60 -46.10 -45.32 13.27
CA HIS J 60 -46.43 -46.60 12.67
C HIS J 60 -45.94 -46.70 11.22
N ARG J 61 -45.67 -47.92 10.79
CA ARG J 61 -45.41 -48.20 9.39
C ARG J 61 -46.58 -49.02 8.86
N HIS J 62 -47.01 -48.72 7.65
CA HIS J 62 -48.12 -49.47 7.08
C HIS J 62 -47.74 -50.94 6.85
N VAL J 63 -48.71 -51.84 6.99
CA VAL J 63 -48.43 -53.28 6.83
C VAL J 63 -47.99 -53.66 5.40
N ASP J 64 -48.43 -52.91 4.38
CA ASP J 64 -48.09 -53.20 2.99
C ASP J 64 -47.33 -52.07 2.26
N ASP J 65 -47.72 -50.83 2.51
CA ASP J 65 -47.26 -49.69 1.72
C ASP J 65 -46.00 -49.03 2.25
N ALA J 66 -45.29 -48.35 1.37
CA ALA J 66 -44.13 -47.53 1.73
C ALA J 66 -44.59 -46.19 2.34
N THR J 67 -45.33 -46.30 3.43
CA THR J 67 -45.99 -45.15 4.03
C THR J 67 -45.93 -45.27 5.55
N VAL J 68 -45.60 -44.18 6.23
CA VAL J 68 -45.66 -44.21 7.68
C VAL J 68 -46.69 -43.23 8.21
N ARG J 69 -47.09 -43.43 9.46
CA ARG J 69 -48.07 -42.59 10.14
C ARG J 69 -47.44 -41.97 11.40
N VAL J 70 -47.38 -40.65 11.41
CA VAL J 70 -46.78 -39.91 12.53
C VAL J 70 -47.86 -39.05 13.16
N ALA J 71 -48.09 -39.22 14.46
CA ALA J 71 -49.25 -38.54 15.05
C ALA J 71 -49.00 -37.99 16.45
N PHE J 72 -49.53 -36.79 16.69
CA PHE J 72 -49.54 -36.25 18.04
C PHE J 72 -50.40 -37.13 18.94
N ASN J 73 -49.94 -37.31 20.16
CA ASN J 73 -50.59 -38.24 21.09
C ASN J 73 -50.85 -37.60 22.44
N ARG J 74 -51.29 -36.35 22.43
CA ARG J 74 -51.70 -35.68 23.67
C ARG J 74 -53.11 -35.10 23.50
N PRO J 75 -54.09 -35.95 23.17
CA PRO J 75 -55.40 -35.43 22.76
C PRO J 75 -56.17 -34.73 23.90
N GLU J 76 -55.74 -34.95 25.14
CA GLU J 76 -56.39 -34.31 26.29
C GLU J 76 -56.14 -32.80 26.31
N VAL J 77 -55.09 -32.33 25.64
CA VAL J 77 -54.89 -30.89 25.51
C VAL J 77 -54.90 -30.47 24.05
N ARG J 78 -55.79 -31.09 23.27
CA ARG J 78 -55.95 -30.80 21.85
C ARG J 78 -54.62 -30.95 21.10
N ASN J 79 -53.84 -31.93 21.54
CA ASN J 79 -52.56 -32.26 20.91
C ASN J 79 -51.57 -31.09 20.84
N ALA J 80 -51.61 -30.25 21.87
CA ALA J 80 -50.60 -29.21 22.06
C ALA J 80 -49.23 -29.85 22.26
N PHE J 81 -48.18 -29.28 21.67
CA PHE J 81 -46.86 -29.85 21.84
C PHE J 81 -46.01 -29.11 22.89
N ARG J 82 -45.25 -29.88 23.64
CA ARG J 82 -44.26 -29.37 24.56
C ARG J 82 -42.90 -29.71 24.00
N PRO J 83 -41.81 -29.17 24.58
CA PRO J 83 -40.49 -29.45 23.97
C PRO J 83 -40.16 -30.94 23.83
N HIS J 84 -40.57 -31.77 24.79
CA HIS J 84 -40.37 -33.20 24.64
C HIS J 84 -41.13 -33.76 23.43
N THR J 85 -42.34 -33.25 23.19
CA THR J 85 -43.11 -33.62 22.01
C THR J 85 -42.33 -33.28 20.75
N VAL J 86 -41.76 -32.08 20.72
CA VAL J 86 -40.99 -31.65 19.56
C VAL J 86 -39.77 -32.57 19.33
N ASP J 87 -39.06 -32.94 20.40
CA ASP J 87 -37.89 -33.82 20.28
C ASP J 87 -38.28 -35.17 19.70
N GLU J 88 -39.39 -35.72 20.17
CA GLU J 88 -39.89 -37.01 19.67
C GLU J 88 -40.33 -36.88 18.23
N LEU J 89 -41.00 -35.80 17.90
CA LEU J 89 -41.49 -35.59 16.55
C LEU J 89 -40.32 -35.51 15.58
N TYR J 90 -39.31 -34.74 15.97
CA TYR J 90 -38.12 -34.59 15.15
C TYR J 90 -37.43 -35.95 14.96
N ARG J 91 -37.30 -36.70 16.05
CA ARG J 91 -36.61 -37.98 16.01
C ARG J 91 -37.31 -38.94 15.04
N VAL J 92 -38.63 -38.98 15.14
CA VAL J 92 -39.46 -39.85 14.32
C VAL J 92 -39.46 -39.43 12.83
N LEU J 93 -39.62 -38.14 12.56
CA LEU J 93 -39.57 -37.68 11.17
C LEU J 93 -38.18 -37.93 10.57
N ASP J 94 -37.16 -37.76 11.38
CA ASP J 94 -35.78 -37.98 10.92
C ASP J 94 -35.54 -39.46 10.58
N HIS J 95 -36.05 -40.36 11.42
CA HIS J 95 -35.96 -41.79 11.13
C HIS J 95 -36.73 -42.11 9.82
N ALA J 96 -37.92 -41.52 9.66
CA ALA J 96 -38.67 -41.73 8.42
C ALA J 96 -37.90 -41.23 7.19
N ARG J 97 -37.24 -40.08 7.33
CA ARG J 97 -36.41 -39.48 6.28
C ARG J 97 -35.31 -40.45 5.82
N MET J 98 -34.71 -41.13 6.80
CA MET J 98 -33.56 -42.00 6.53
C MET J 98 -33.98 -43.47 6.25
N SER J 99 -35.28 -43.72 6.15
CA SER J 99 -35.78 -45.07 5.83
C SER J 99 -36.00 -45.23 4.31
N PRO J 100 -35.13 -46.01 3.65
CA PRO J 100 -35.18 -46.11 2.18
C PRO J 100 -36.47 -46.74 1.65
N ASP J 101 -37.14 -47.54 2.46
CA ASP J 101 -38.37 -48.18 2.00
C ASP J 101 -39.66 -47.40 2.34
N VAL J 102 -39.50 -46.14 2.74
CA VAL J 102 -40.63 -45.26 3.00
C VAL J 102 -40.63 -44.10 2.00
N GLY J 103 -41.74 -43.89 1.31
CA GLY J 103 -41.84 -42.81 0.34
C GLY J 103 -42.66 -41.62 0.82
N VAL J 104 -43.63 -41.89 1.69
CA VAL J 104 -44.58 -40.85 2.11
C VAL J 104 -44.80 -40.87 3.62
N VAL J 105 -44.88 -39.67 4.20
CA VAL J 105 -45.21 -39.48 5.61
C VAL J 105 -46.61 -38.89 5.75
N LEU J 106 -47.48 -39.55 6.50
CA LEU J 106 -48.78 -38.98 6.86
C LEU J 106 -48.68 -38.42 8.28
N LEU J 107 -48.88 -37.11 8.43
CA LEU J 107 -48.76 -36.45 9.70
C LEU J 107 -50.16 -36.09 10.23
N THR J 108 -50.50 -36.54 11.43
CA THR J 108 -51.87 -36.34 11.89
C THR J 108 -51.91 -36.25 13.42
N GLY J 109 -53.11 -36.26 14.00
CA GLY J 109 -53.24 -36.25 15.46
C GLY J 109 -54.13 -37.40 15.90
N ASN J 110 -53.78 -38.03 17.01
CA ASN J 110 -54.64 -39.06 17.56
C ASN J 110 -55.76 -38.43 18.38
N GLY J 111 -56.82 -39.19 18.60
CA GLY J 111 -57.92 -38.72 19.42
C GLY J 111 -58.99 -39.78 19.54
N PRO J 112 -60.16 -39.40 20.08
CA PRO J 112 -60.42 -38.05 20.56
C PRO J 112 -59.91 -37.83 21.99
N SER J 113 -60.14 -36.64 22.52
CA SER J 113 -59.87 -36.38 23.93
C SER J 113 -60.71 -37.33 24.77
N PRO J 114 -60.07 -38.05 25.71
CA PRO J 114 -60.84 -38.92 26.61
C PRO J 114 -61.70 -38.09 27.56
N LYS J 115 -61.41 -36.79 27.66
CA LYS J 115 -62.15 -35.93 28.55
C LYS J 115 -63.50 -35.49 27.96
N ASP J 116 -63.51 -35.07 26.70
CA ASP J 116 -64.76 -34.54 26.12
C ASP J 116 -65.08 -35.02 24.70
N GLY J 117 -64.31 -35.98 24.19
CA GLY J 117 -64.54 -36.49 22.85
C GLY J 117 -64.19 -35.53 21.72
N GLY J 118 -63.55 -34.41 22.07
CA GLY J 118 -63.13 -33.41 21.09
C GLY J 118 -61.94 -33.85 20.24
N TRP J 119 -61.97 -33.50 18.96
CA TRP J 119 -60.93 -33.87 18.00
C TRP J 119 -59.92 -32.78 17.68
N ALA J 120 -58.65 -33.17 17.63
CA ALA J 120 -57.59 -32.24 17.29
C ALA J 120 -56.47 -32.86 16.46
N PHE J 121 -56.03 -32.10 15.46
CA PHE J 121 -54.78 -32.38 14.81
C PHE J 121 -53.68 -31.94 15.75
N CYS J 122 -53.64 -30.64 16.03
CA CYS J 122 -52.63 -30.02 16.88
C CYS J 122 -52.99 -28.57 17.20
N SER J 123 -52.94 -28.21 18.48
CA SER J 123 -53.31 -26.85 18.94
C SER J 123 -52.12 -25.96 19.22
N GLY J 124 -50.95 -26.32 18.70
CA GLY J 124 -49.76 -25.49 18.85
C GLY J 124 -49.02 -25.71 20.15
N GLY J 125 -48.22 -24.73 20.56
CA GLY J 125 -47.40 -24.86 21.75
C GLY J 125 -48.24 -24.98 23.01
N ASP J 126 -47.82 -25.89 23.89
CA ASP J 126 -48.46 -26.10 25.19
C ASP J 126 -48.25 -24.87 26.06
N GLN J 127 -49.31 -24.08 26.22
CA GLN J 127 -49.25 -22.81 26.94
C GLN J 127 -48.90 -22.95 28.43
N ARG J 128 -49.15 -24.12 28.99
CA ARG J 128 -48.89 -24.37 30.40
C ARG J 128 -47.42 -24.23 30.74
N ILE J 129 -46.54 -24.56 29.80
CA ILE J 129 -45.11 -24.54 30.08
C ILE J 129 -44.41 -23.49 29.24
N ARG J 130 -45.21 -22.55 28.74
CA ARG J 130 -44.68 -21.40 28.05
C ARG J 130 -44.16 -20.33 29.02
N GLY J 131 -42.91 -19.94 28.84
CA GLY J 131 -42.30 -18.92 29.68
C GLY J 131 -41.81 -17.74 28.84
N ARG J 132 -41.10 -16.83 29.48
CA ARG J 132 -40.63 -15.63 28.80
C ARG J 132 -39.54 -15.93 27.77
N SER J 133 -38.84 -17.05 27.95
CA SER J 133 -37.79 -17.44 26.99
C SER J 133 -38.26 -18.52 26.01
N GLY J 134 -39.57 -18.81 26.00
CA GLY J 134 -40.12 -19.84 25.13
C GLY J 134 -40.73 -21.03 25.86
N TYR J 135 -40.93 -22.14 25.15
CA TYR J 135 -41.56 -23.35 25.72
C TYR J 135 -40.53 -24.13 26.51
N GLN J 136 -40.89 -24.51 27.73
CA GLN J 136 -39.93 -25.04 28.67
C GLN J 136 -40.13 -26.50 29.06
N TYR J 137 -39.01 -27.19 29.19
CA TYR J 137 -38.98 -28.54 29.71
C TYR J 137 -39.50 -28.54 31.16
N ALA J 138 -40.32 -29.54 31.48
CA ALA J 138 -40.90 -29.68 32.82
C ALA J 138 -41.00 -31.15 33.19
N SER J 139 -40.92 -31.44 34.48
CA SER J 139 -41.00 -32.83 34.92
C SER J 139 -42.43 -33.35 34.84
N GLY J 140 -43.39 -32.44 34.96
CA GLY J 140 -44.79 -32.78 34.84
C GLY J 140 -45.45 -32.04 33.69
N ASP J 141 -46.77 -31.91 33.78
CA ASP J 141 -47.56 -31.30 32.71
C ASP J 141 -47.82 -29.82 32.93
N THR J 142 -47.54 -29.31 34.13
CA THR J 142 -47.95 -27.96 34.48
C THR J 142 -46.78 -27.03 34.77
N ALA J 143 -47.09 -25.74 34.90
CA ALA J 143 -46.07 -24.70 35.02
C ALA J 143 -45.19 -24.84 36.25
N ASP J 144 -45.73 -25.42 37.32
CA ASP J 144 -44.99 -25.57 38.57
C ASP J 144 -43.84 -26.59 38.50
N THR J 145 -43.84 -27.46 37.48
CA THR J 145 -42.81 -28.48 37.36
C THR J 145 -41.73 -28.11 36.34
N VAL J 146 -41.78 -26.87 35.85
CA VAL J 146 -40.80 -26.38 34.88
C VAL J 146 -39.40 -26.32 35.49
N ASP J 147 -38.42 -26.84 34.76
CA ASP J 147 -37.02 -26.70 35.15
C ASP J 147 -36.60 -25.25 34.90
N VAL J 148 -36.61 -24.43 35.95
CA VAL J 148 -36.36 -23.00 35.82
C VAL J 148 -34.93 -22.67 35.41
N ALA J 149 -34.01 -23.61 35.61
CA ALA J 149 -32.61 -23.38 35.26
C ALA J 149 -32.35 -23.51 33.77
N ARG J 150 -33.34 -24.00 33.03
CA ARG J 150 -33.16 -24.38 31.63
C ARG J 150 -33.95 -23.46 30.71
N ALA J 151 -33.26 -22.78 29.81
CA ALA J 151 -33.90 -21.80 28.93
C ALA J 151 -34.94 -22.47 28.02
N GLY J 152 -35.96 -21.70 27.67
CA GLY J 152 -37.00 -22.19 26.78
C GLY J 152 -36.56 -22.29 25.33
N ARG J 153 -37.33 -23.00 24.54
CA ARG J 153 -37.00 -23.16 23.13
C ARG J 153 -38.23 -22.93 22.24
N LEU J 154 -37.97 -22.63 20.97
CA LEU J 154 -39.01 -22.49 19.98
C LEU J 154 -38.73 -23.44 18.83
N HIS J 155 -38.27 -24.65 19.14
CA HIS J 155 -37.66 -25.46 18.09
C HIS J 155 -38.67 -26.33 17.31
N ILE J 156 -39.96 -26.02 17.39
CA ILE J 156 -40.88 -26.58 16.39
C ILE J 156 -40.40 -26.08 14.99
N LEU J 157 -39.69 -24.97 14.97
CA LEU J 157 -39.11 -24.46 13.73
C LEU J 157 -38.14 -25.46 13.08
N GLU J 158 -37.43 -26.24 13.89
CA GLU J 158 -36.53 -27.28 13.38
C GLU J 158 -37.33 -28.42 12.72
N VAL J 159 -38.49 -28.75 13.29
CA VAL J 159 -39.37 -29.76 12.68
C VAL J 159 -39.94 -29.23 11.36
N GLN J 160 -40.31 -27.96 11.33
CA GLN J 160 -40.77 -27.31 10.10
C GLN J 160 -39.75 -27.47 9.01
N ARG J 161 -38.49 -27.20 9.34
CA ARG J 161 -37.42 -27.33 8.33
C ARG J 161 -37.20 -28.77 7.94
N LEU J 162 -37.32 -29.70 8.89
CA LEU J 162 -37.13 -31.12 8.57
C LEU J 162 -38.18 -31.58 7.56
N ILE J 163 -39.43 -31.19 7.77
CA ILE J 163 -40.52 -31.48 6.84
C ILE J 163 -40.26 -30.84 5.49
N ARG J 164 -39.86 -29.58 5.53
CA ARG J 164 -39.57 -28.83 4.33
C ARG J 164 -38.43 -29.46 3.51
N PHE J 165 -37.36 -29.87 4.18
CA PHE J 165 -36.13 -30.30 3.49
C PHE J 165 -36.05 -31.80 3.20
N MET J 166 -36.95 -32.61 3.73
CA MET J 166 -36.78 -34.04 3.50
C MET J 166 -37.29 -34.40 2.10
N PRO J 167 -36.55 -35.29 1.42
CA PRO J 167 -36.81 -35.62 0.01
C PRO J 167 -37.98 -36.60 -0.15
N LYS J 168 -39.03 -36.41 0.66
CA LYS J 168 -40.22 -37.25 0.65
C LYS J 168 -41.42 -36.37 0.86
N VAL J 169 -42.56 -36.76 0.31
CA VAL J 169 -43.76 -35.98 0.44
C VAL J 169 -44.36 -36.18 1.82
N VAL J 170 -44.65 -35.08 2.50
CA VAL J 170 -45.31 -35.13 3.79
C VAL J 170 -46.73 -34.62 3.62
N ILE J 171 -47.71 -35.48 3.90
CA ILE J 171 -49.12 -35.13 3.81
C ILE J 171 -49.67 -34.95 5.20
N CYS J 172 -50.20 -33.76 5.45
CA CYS J 172 -50.87 -33.48 6.72
C CYS J 172 -52.32 -33.91 6.65
N LEU J 173 -52.74 -34.75 7.60
CA LEU J 173 -54.15 -35.14 7.70
C LEU J 173 -54.79 -34.39 8.85
N VAL J 174 -55.55 -33.35 8.53
CA VAL J 174 -56.16 -32.55 9.58
C VAL J 174 -57.48 -33.19 10.02
N ASN J 175 -57.43 -33.83 11.17
CA ASN J 175 -58.53 -34.64 11.69
C ASN J 175 -59.34 -33.92 12.75
N GLY J 176 -59.02 -32.65 13.00
CA GLY J 176 -59.67 -31.88 14.03
C GLY J 176 -59.16 -30.46 14.04
N TRP J 177 -59.20 -29.80 15.20
CA TRP J 177 -58.62 -28.47 15.35
C TRP J 177 -57.17 -28.44 14.87
N ALA J 178 -56.86 -27.43 14.08
CA ALA J 178 -55.50 -27.10 13.71
C ALA J 178 -55.34 -25.61 14.05
N ALA J 179 -54.70 -25.33 15.18
CA ALA J 179 -54.63 -23.96 15.69
C ALA J 179 -53.21 -23.60 16.05
N GLY J 180 -52.91 -22.30 15.97
CA GLY J 180 -51.58 -21.81 16.32
C GLY J 180 -50.48 -22.50 15.56
N GLY J 181 -49.47 -22.95 16.30
CA GLY J 181 -48.34 -23.66 15.72
C GLY J 181 -48.78 -24.93 15.01
N GLY J 182 -49.93 -25.45 15.40
CA GLY J 182 -50.51 -26.61 14.75
C GLY J 182 -51.00 -26.27 13.35
N HIS J 183 -51.60 -25.10 13.23
CA HIS J 183 -52.01 -24.59 11.93
C HIS J 183 -50.78 -24.39 11.04
N SER J 184 -49.73 -23.83 11.62
CA SER J 184 -48.50 -23.57 10.87
C SER J 184 -47.83 -24.86 10.42
N LEU J 185 -47.93 -25.93 11.21
CA LEU J 185 -47.41 -27.22 10.77
C LEU J 185 -48.12 -27.73 9.52
N HIS J 186 -49.44 -27.61 9.53
CA HIS J 186 -50.25 -27.93 8.36
C HIS J 186 -49.81 -27.14 7.11
N VAL J 187 -49.53 -25.85 7.27
CA VAL J 187 -49.15 -24.99 6.14
C VAL J 187 -47.85 -25.46 5.46
N VAL J 188 -46.88 -25.88 6.27
CA VAL J 188 -45.56 -26.20 5.76
C VAL J 188 -45.51 -27.60 5.11
N CYS J 189 -46.47 -28.47 5.42
CA CYS J 189 -46.52 -29.77 4.76
C CYS J 189 -46.75 -29.61 3.27
N ASP J 190 -46.33 -30.60 2.49
CA ASP J 190 -46.45 -30.54 1.05
C ASP J 190 -47.90 -30.55 0.61
N LEU J 191 -48.71 -31.36 1.26
CA LEU J 191 -50.11 -31.52 0.90
C LEU J 191 -50.96 -31.59 2.16
N THR J 192 -52.23 -31.19 2.06
CA THR J 192 -53.14 -31.31 3.21
C THR J 192 -54.49 -31.89 2.81
N LEU J 193 -54.90 -32.95 3.52
CA LEU J 193 -56.25 -33.50 3.44
C LEU J 193 -56.95 -33.21 4.76
N ALA J 194 -58.23 -32.91 4.73
CA ALA J 194 -58.90 -32.48 5.96
C ALA J 194 -60.23 -33.17 6.14
N SER J 195 -60.54 -33.50 7.39
CA SER J 195 -61.80 -34.12 7.80
C SER J 195 -63.01 -33.18 7.64
N ARG J 196 -64.01 -33.58 6.85
CA ARG J 196 -65.20 -32.74 6.64
C ARG J 196 -65.85 -32.31 7.93
N GLU J 197 -66.09 -33.27 8.81
CA GLU J 197 -66.86 -33.03 10.03
C GLU J 197 -66.05 -32.31 11.10
N TYR J 198 -64.78 -32.68 11.25
CA TYR J 198 -64.03 -32.23 12.43
C TYR J 198 -62.90 -31.25 12.21
N ALA J 199 -62.40 -31.11 10.97
CA ALA J 199 -61.33 -30.13 10.75
C ALA J 199 -61.83 -28.73 11.06
N ARG J 200 -61.03 -27.98 11.81
CA ARG J 200 -61.30 -26.59 12.10
C ARG J 200 -59.96 -25.88 12.07
N PHE J 201 -59.83 -24.92 11.17
CA PHE J 201 -58.60 -24.18 11.03
C PHE J 201 -58.73 -22.82 11.72
N LYS J 202 -57.84 -22.53 12.67
CA LYS J 202 -57.95 -21.28 13.41
C LYS J 202 -56.60 -20.76 13.83
N GLN J 203 -56.16 -19.67 13.22
CA GLN J 203 -54.85 -19.14 13.55
C GLN J 203 -54.98 -18.17 14.74
N THR J 204 -54.77 -18.72 15.92
CA THR J 204 -54.98 -18.04 17.18
C THR J 204 -53.73 -17.34 17.74
N ASP J 205 -52.63 -17.35 16.99
CA ASP J 205 -51.36 -16.76 17.44
C ASP J 205 -51.50 -15.40 18.16
N ALA J 206 -52.11 -14.44 17.48
CA ALA J 206 -52.17 -13.08 17.98
C ALA J 206 -53.10 -12.98 19.19
N ASP J 207 -53.98 -13.98 19.35
CA ASP J 207 -54.86 -14.05 20.51
C ASP J 207 -54.06 -14.24 21.80
N VAL J 208 -52.94 -14.94 21.72
CA VAL J 208 -52.15 -15.22 22.91
C VAL J 208 -50.80 -14.50 22.83
N GLY J 209 -50.74 -13.48 21.99
CA GLY J 209 -49.56 -12.63 21.93
C GLY J 209 -48.39 -13.29 21.24
N SER J 210 -48.66 -14.32 20.45
CA SER J 210 -47.58 -14.99 19.72
C SER J 210 -47.68 -14.70 18.23
N PHE J 211 -46.69 -15.12 17.45
CA PHE J 211 -46.78 -15.04 16.00
C PHE J 211 -45.77 -15.96 15.33
N ASP J 212 -46.18 -16.63 14.25
CA ASP J 212 -45.26 -17.33 13.38
C ASP J 212 -44.94 -16.42 12.19
N GLY J 213 -43.75 -15.83 12.21
CA GLY J 213 -43.37 -14.88 11.19
C GLY J 213 -42.60 -15.51 10.05
N GLY J 214 -42.61 -16.84 10.00
CA GLY J 214 -41.91 -17.58 8.96
C GLY J 214 -42.83 -18.32 8.01
N TYR J 215 -42.74 -19.64 8.01
CA TYR J 215 -43.57 -20.46 7.13
C TYR J 215 -45.06 -20.35 7.47
N GLY J 216 -45.36 -20.14 8.74
CA GLY J 216 -46.75 -20.10 9.15
C GLY J 216 -47.57 -19.02 8.44
N SER J 217 -46.94 -17.88 8.20
CA SER J 217 -47.62 -16.73 7.61
C SER J 217 -47.20 -16.47 6.16
N ALA J 218 -45.90 -16.22 5.95
CA ALA J 218 -45.41 -15.87 4.61
C ALA J 218 -45.67 -16.98 3.61
N TYR J 219 -45.51 -18.22 4.05
CA TYR J 219 -45.68 -19.33 3.13
C TYR J 219 -47.16 -19.61 2.90
N LEU J 220 -48.00 -19.34 3.90
CA LEU J 220 -49.46 -19.43 3.71
C LEU J 220 -49.93 -18.52 2.55
N ALA J 221 -49.36 -17.33 2.49
CA ALA J 221 -49.66 -16.37 1.42
C ALA J 221 -49.30 -16.92 0.06
N ARG J 222 -48.36 -17.86 -0.01
CA ARG J 222 -47.99 -18.46 -1.29
C ARG J 222 -48.84 -19.68 -1.63
N GLN J 223 -49.87 -19.89 -0.81
CA GLN J 223 -50.88 -20.90 -1.05
C GLN J 223 -52.24 -20.25 -1.30
N VAL J 224 -52.65 -19.29 -0.47
CA VAL J 224 -53.99 -18.71 -0.57
C VAL J 224 -53.98 -17.25 -1.04
N GLY J 225 -52.80 -16.70 -1.29
CA GLY J 225 -52.66 -15.31 -1.68
C GLY J 225 -52.56 -14.38 -0.47
N GLN J 226 -52.01 -13.19 -0.68
CA GLN J 226 -51.73 -12.26 0.42
C GLN J 226 -52.99 -11.78 1.15
N LYS J 227 -54.10 -11.60 0.44
CA LYS J 227 -55.31 -11.10 1.08
C LYS J 227 -55.88 -12.10 2.09
N PHE J 228 -56.10 -13.35 1.64
CA PHE J 228 -56.67 -14.37 2.49
C PHE J 228 -55.75 -14.71 3.66
N ALA J 229 -54.45 -14.75 3.41
CA ALA J 229 -53.48 -15.09 4.44
C ALA J 229 -53.50 -14.04 5.55
N ARG J 230 -53.54 -12.76 5.15
CA ARG J 230 -53.63 -11.67 6.13
C ARG J 230 -54.93 -11.77 6.94
N GLU J 231 -56.03 -12.10 6.27
CA GLU J 231 -57.30 -12.30 6.94
C GLU J 231 -57.23 -13.39 8.00
N ILE J 232 -56.62 -14.51 7.62
CA ILE J 232 -56.56 -15.66 8.50
C ILE J 232 -55.82 -15.30 9.80
N PHE J 233 -54.72 -14.58 9.70
CA PHE J 233 -53.92 -14.20 10.88
C PHE J 233 -54.49 -13.00 11.65
N PHE J 234 -54.88 -11.95 10.94
CA PHE J 234 -55.29 -10.71 11.60
C PHE J 234 -56.61 -10.86 12.36
N LEU J 235 -57.53 -11.67 11.83
CA LEU J 235 -58.85 -11.85 12.45
C LEU J 235 -58.97 -13.16 13.22
N GLY J 236 -58.16 -14.15 12.87
CA GLY J 236 -58.14 -15.40 13.61
C GLY J 236 -59.47 -16.14 13.70
N ARG J 237 -60.27 -16.07 12.63
CA ARG J 237 -61.54 -16.78 12.60
C ARG J 237 -61.33 -18.28 12.41
N THR J 238 -62.36 -19.05 12.70
CA THR J 238 -62.36 -20.49 12.47
C THR J 238 -62.91 -20.79 11.09
N TYR J 239 -62.18 -21.61 10.31
CA TYR J 239 -62.59 -21.99 8.96
C TYR J 239 -62.82 -23.48 8.83
N THR J 240 -63.76 -23.86 7.98
CA THR J 240 -64.01 -25.27 7.73
C THR J 240 -63.01 -25.83 6.73
N ALA J 241 -63.01 -27.15 6.59
CA ALA J 241 -62.22 -27.83 5.58
C ALA J 241 -62.56 -27.28 4.19
N GLU J 242 -63.86 -27.15 3.92
CA GLU J 242 -64.31 -26.69 2.60
C GLU J 242 -63.86 -25.24 2.34
N GLN J 243 -63.97 -24.37 3.35
CA GLN J 243 -63.51 -22.98 3.20
C GLN J 243 -62.01 -22.89 2.91
N MET J 244 -61.19 -23.67 3.64
CA MET J 244 -59.75 -23.67 3.38
C MET J 244 -59.41 -24.26 2.02
N HIS J 245 -60.18 -25.25 1.59
CA HIS J 245 -60.01 -25.85 0.27
C HIS J 245 -60.29 -24.83 -0.84
N GLN J 246 -61.37 -24.08 -0.69
CA GLN J 246 -61.71 -23.01 -1.61
C GLN J 246 -60.63 -21.91 -1.65
N MET J 247 -60.02 -21.62 -0.51
CA MET J 247 -58.98 -20.60 -0.48
C MET J 247 -57.64 -21.09 -1.04
N GLY J 248 -57.40 -22.39 -0.97
CA GLY J 248 -56.20 -22.98 -1.53
C GLY J 248 -55.18 -23.58 -0.58
N ALA J 249 -55.52 -23.72 0.70
CA ALA J 249 -54.57 -24.28 1.66
C ALA J 249 -54.82 -25.75 1.94
N VAL J 250 -55.98 -26.26 1.53
CA VAL J 250 -56.33 -27.67 1.70
C VAL J 250 -56.58 -28.30 0.34
N ASN J 251 -55.91 -29.42 0.07
CA ASN J 251 -55.98 -30.09 -1.23
C ASN J 251 -57.30 -30.80 -1.48
N ALA J 252 -57.80 -31.49 -0.45
CA ALA J 252 -59.08 -32.18 -0.57
C ALA J 252 -59.72 -32.38 0.78
N VAL J 253 -61.04 -32.49 0.77
CA VAL J 253 -61.83 -32.80 1.96
C VAL J 253 -62.27 -34.27 1.93
N ALA J 254 -62.17 -34.96 3.06
CA ALA J 254 -62.59 -36.35 3.14
C ALA J 254 -63.50 -36.58 4.34
N GLU J 255 -64.35 -37.59 4.27
CA GLU J 255 -65.11 -38.04 5.44
C GLU J 255 -64.14 -38.41 6.55
N HIS J 256 -64.45 -38.02 7.78
CA HIS J 256 -63.59 -38.29 8.92
C HIS J 256 -63.15 -39.76 8.98
N ALA J 257 -64.10 -40.69 8.89
CA ALA J 257 -63.79 -42.13 8.98
C ALA J 257 -62.86 -42.62 7.87
N GLU J 258 -62.84 -41.89 6.76
CA GLU J 258 -62.03 -42.26 5.62
C GLU J 258 -60.75 -41.44 5.45
N LEU J 259 -60.48 -40.53 6.39
CA LEU J 259 -59.38 -39.56 6.20
C LEU J 259 -58.03 -40.24 5.97
N GLU J 260 -57.74 -41.28 6.75
CA GLU J 260 -56.46 -41.98 6.63
C GLU J 260 -56.50 -42.93 5.44
N THR J 261 -57.68 -43.46 5.13
CA THR J 261 -57.84 -44.28 3.92
C THR J 261 -57.54 -43.47 2.68
N VAL J 262 -58.07 -42.25 2.61
CA VAL J 262 -57.80 -41.35 1.48
C VAL J 262 -56.32 -40.93 1.49
N GLY J 263 -55.78 -40.68 2.67
CA GLY J 263 -54.37 -40.38 2.82
C GLY J 263 -53.48 -41.46 2.24
N LEU J 264 -53.83 -42.71 2.53
CA LEU J 264 -53.10 -43.85 2.04
C LEU J 264 -53.21 -43.99 0.52
N GLN J 265 -54.37 -43.63 -0.03
CA GLN J 265 -54.59 -43.64 -1.48
C GLN J 265 -53.74 -42.59 -2.19
N TRP J 266 -53.73 -41.38 -1.63
CA TRP J 266 -52.87 -40.31 -2.14
C TRP J 266 -51.40 -40.74 -2.06
N ALA J 267 -51.02 -41.35 -0.94
CA ALA J 267 -49.65 -41.88 -0.80
C ALA J 267 -49.32 -42.93 -1.85
N ALA J 268 -50.29 -43.80 -2.16
CA ALA J 268 -50.05 -44.85 -3.14
C ALA J 268 -49.81 -44.25 -4.53
N GLU J 269 -50.57 -43.20 -4.87
CA GLU J 269 -50.39 -42.56 -6.16
C GLU J 269 -49.02 -41.89 -6.24
N ILE J 270 -48.60 -41.27 -5.14
CA ILE J 270 -47.28 -40.69 -5.09
C ILE J 270 -46.19 -41.77 -5.19
N ASN J 271 -46.37 -42.88 -4.49
CA ASN J 271 -45.38 -43.95 -4.47
C ASN J 271 -45.33 -44.73 -5.77
N ALA J 272 -46.29 -44.51 -6.68
CA ALA J 272 -46.28 -45.26 -7.94
C ALA J 272 -45.49 -44.55 -9.01
N LYS J 273 -44.96 -43.38 -8.71
CA LYS J 273 -44.18 -42.63 -9.70
C LYS J 273 -42.68 -42.79 -9.45
N SER J 274 -41.87 -42.30 -10.37
CA SER J 274 -40.42 -42.28 -10.20
C SER J 274 -40.00 -41.55 -8.92
N PRO J 275 -39.39 -42.27 -7.96
CA PRO J 275 -38.95 -41.61 -6.71
C PRO J 275 -37.90 -40.52 -7.00
N GLN J 276 -37.02 -40.77 -7.96
CA GLN J 276 -36.06 -39.74 -8.35
C GLN J 276 -36.73 -38.45 -8.86
N ALA J 277 -37.74 -38.61 -9.73
CA ALA J 277 -38.46 -37.44 -10.22
C ALA J 277 -39.23 -36.73 -9.07
N GLN J 278 -39.87 -37.49 -8.18
CA GLN J 278 -40.62 -36.89 -7.08
C GLN J 278 -39.70 -36.04 -6.19
N ARG J 279 -38.53 -36.57 -5.90
CA ARG J 279 -37.50 -35.89 -5.13
C ARG J 279 -37.08 -34.55 -5.77
N MET J 280 -36.74 -34.60 -7.05
CA MET J 280 -36.36 -33.41 -7.78
C MET J 280 -37.51 -32.40 -7.83
N LEU J 281 -38.73 -32.89 -7.97
CA LEU J 281 -39.88 -31.99 -8.03
C LEU J 281 -40.07 -31.26 -6.71
N LYS J 282 -39.99 -31.98 -5.58
CA LYS J 282 -40.17 -31.31 -4.29
C LYS J 282 -39.17 -30.18 -4.09
N PHE J 283 -37.90 -30.43 -4.41
CA PHE J 283 -36.91 -29.39 -4.26
C PHE J 283 -37.07 -28.27 -5.31
N ALA J 284 -37.61 -28.58 -6.48
CA ALA J 284 -37.90 -27.55 -7.48
C ALA J 284 -38.99 -26.59 -6.98
N PHE J 285 -39.99 -27.13 -6.31
CA PHE J 285 -41.05 -26.31 -5.72
C PHE J 285 -40.52 -25.44 -4.57
N ASN J 286 -39.56 -25.96 -3.82
CA ASN J 286 -38.98 -25.22 -2.69
C ASN J 286 -38.05 -24.11 -3.11
N LEU J 287 -37.37 -24.31 -4.24
CA LEU J 287 -36.09 -23.65 -4.52
C LEU J 287 -36.11 -22.14 -4.29
N LEU J 288 -36.80 -21.41 -5.16
CA LEU J 288 -36.72 -19.95 -5.14
C LEU J 288 -37.26 -19.34 -3.86
N ASP J 289 -38.36 -19.89 -3.36
CA ASP J 289 -38.90 -19.42 -2.09
C ASP J 289 -37.86 -19.58 -0.97
N ASP J 290 -37.01 -20.59 -1.06
CA ASP J 290 -36.06 -20.82 0.03
C ASP J 290 -34.64 -20.26 -0.28
N GLY J 291 -34.52 -19.42 -1.32
CA GLY J 291 -33.25 -18.76 -1.63
C GLY J 291 -32.06 -19.70 -1.77
N LEU J 292 -30.94 -19.34 -1.16
CA LEU J 292 -29.73 -20.15 -1.22
C LEU J 292 -29.94 -21.54 -0.60
N VAL J 293 -30.80 -21.65 0.41
CA VAL J 293 -31.07 -22.95 1.01
C VAL J 293 -31.77 -23.83 -0.02
N GLY J 294 -32.77 -23.25 -0.68
CA GLY J 294 -33.47 -23.94 -1.75
C GLY J 294 -32.54 -24.39 -2.86
N GLN J 295 -31.63 -23.50 -3.29
CA GLN J 295 -30.66 -23.87 -4.32
C GLN J 295 -29.74 -24.98 -3.83
N GLN J 296 -29.30 -24.86 -2.57
CA GLN J 296 -28.41 -25.86 -2.00
C GLN J 296 -28.98 -27.27 -2.11
N LEU J 297 -30.27 -27.41 -1.77
CA LEU J 297 -30.92 -28.72 -1.77
C LEU J 297 -31.13 -29.25 -3.18
N PHE J 298 -31.65 -28.40 -4.07
CA PHE J 298 -31.87 -28.83 -5.43
C PHE J 298 -30.55 -29.14 -6.13
N ALA J 299 -29.57 -28.25 -5.96
CA ALA J 299 -28.24 -28.47 -6.57
C ALA J 299 -27.58 -29.69 -5.95
N GLY J 300 -27.87 -29.94 -4.67
CA GLY J 300 -27.35 -31.10 -3.99
C GLY J 300 -27.80 -32.38 -4.70
N GLU J 301 -29.07 -32.45 -5.06
CA GLU J 301 -29.59 -33.59 -5.79
C GLU J 301 -29.06 -33.65 -7.24
N ALA J 302 -28.83 -32.49 -7.85
CA ALA J 302 -28.23 -32.48 -9.18
C ALA J 302 -26.79 -33.04 -9.14
N THR J 303 -26.06 -32.72 -8.07
CA THR J 303 -24.70 -33.24 -7.90
C THR J 303 -24.71 -34.78 -7.81
N ARG J 304 -25.71 -35.32 -7.09
CA ARG J 304 -25.85 -36.76 -7.02
C ARG J 304 -26.08 -37.37 -8.40
N LEU J 305 -26.94 -36.74 -9.20
CA LEU J 305 -27.20 -37.20 -10.56
C LEU J 305 -25.92 -37.18 -11.38
N ALA J 306 -25.10 -36.14 -11.22
CA ALA J 306 -23.84 -36.09 -11.95
C ALA J 306 -22.88 -37.22 -11.51
N TYR J 307 -22.88 -37.53 -10.21
CA TYR J 307 -21.98 -38.55 -9.69
C TYR J 307 -22.26 -39.91 -10.31
N MET J 308 -23.48 -40.10 -10.80
CA MET J 308 -23.85 -41.38 -11.39
C MET J 308 -23.21 -41.58 -12.76
N THR J 309 -22.74 -40.48 -13.37
CA THR J 309 -22.26 -40.54 -14.76
C THR J 309 -20.83 -41.08 -14.88
N ASP J 310 -20.54 -41.67 -16.04
CA ASP J 310 -19.19 -42.15 -16.37
C ASP J 310 -18.18 -41.00 -16.28
N GLU J 311 -18.62 -39.82 -16.68
CA GLU J 311 -17.78 -38.63 -16.67
C GLU J 311 -17.30 -38.30 -15.26
N ALA J 312 -18.21 -38.32 -14.30
CA ALA J 312 -17.86 -38.07 -12.90
C ALA J 312 -16.93 -39.15 -12.37
N VAL J 313 -17.16 -40.39 -12.80
CA VAL J 313 -16.34 -41.49 -12.36
C VAL J 313 -14.91 -41.36 -12.92
N GLU J 314 -14.80 -40.89 -14.16
CA GLU J 314 -13.48 -40.65 -14.75
C GLU J 314 -12.72 -39.56 -13.97
N GLY J 315 -13.44 -38.56 -13.49
CA GLY J 315 -12.83 -37.52 -12.66
C GLY J 315 -12.25 -38.09 -11.37
N ARG J 316 -13.03 -38.95 -10.71
CA ARG J 316 -12.56 -39.66 -9.53
C ARG J 316 -11.35 -40.57 -9.84
N ASP J 317 -11.48 -41.39 -10.88
CA ASP J 317 -10.45 -42.36 -11.23
C ASP J 317 -9.11 -41.68 -11.55
N ALA J 318 -9.17 -40.60 -12.29
CA ALA J 318 -7.94 -39.88 -12.64
C ALA J 318 -7.27 -39.37 -11.39
N PHE J 319 -8.03 -38.87 -10.43
CA PHE J 319 -7.40 -38.39 -9.20
C PHE J 319 -6.74 -39.52 -8.43
N LEU J 320 -7.45 -40.64 -8.29
CA LEU J 320 -6.95 -41.77 -7.51
C LEU J 320 -5.72 -42.38 -8.20
N GLN J 321 -5.72 -42.37 -9.53
CA GLN J 321 -4.64 -42.99 -10.27
C GLN J 321 -3.53 -41.98 -10.62
N LYS J 322 -3.67 -40.77 -10.10
CA LYS J 322 -2.68 -39.70 -10.24
C LYS J 322 -2.26 -39.53 -11.70
N ARG J 323 -3.27 -39.37 -12.57
CA ARG J 323 -3.08 -39.18 -14.01
C ARG J 323 -4.03 -38.09 -14.48
N PRO J 324 -3.78 -37.49 -15.65
CA PRO J 324 -4.75 -36.51 -16.14
C PRO J 324 -6.06 -37.18 -16.52
N PRO J 325 -7.20 -36.51 -16.27
CA PRO J 325 -8.48 -37.08 -16.71
C PRO J 325 -8.61 -36.96 -18.23
N ASP J 326 -9.30 -37.91 -18.85
CA ASP J 326 -9.59 -37.84 -20.28
C ASP J 326 -11.08 -37.59 -20.47
N TRP J 327 -11.43 -36.37 -20.87
CA TRP J 327 -12.83 -36.01 -21.01
C TRP J 327 -13.34 -36.20 -22.45
N SER J 328 -12.45 -36.63 -23.35
CA SER J 328 -12.82 -36.73 -24.77
C SER J 328 -14.02 -37.66 -25.06
N PRO J 329 -14.26 -38.71 -24.23
CA PRO J 329 -15.47 -39.50 -24.51
C PRO J 329 -16.79 -38.81 -24.21
N PHE J 330 -16.78 -37.62 -23.60
CA PHE J 330 -18.02 -37.02 -23.11
C PHE J 330 -18.41 -35.75 -23.84
N PRO J 331 -19.48 -35.83 -24.64
CA PRO J 331 -19.91 -34.70 -25.47
C PRO J 331 -20.41 -33.50 -24.66
N ARG J 332 -20.22 -32.32 -25.22
CA ARG J 332 -20.86 -31.11 -24.70
C ARG J 332 -22.31 -31.04 -25.15
N TYR J 333 -23.21 -30.87 -24.20
CA TYR J 333 -24.61 -30.70 -24.54
C TYR J 333 -24.99 -29.23 -24.52
N PHE J 334 -26.02 -28.87 -25.29
CA PHE J 334 -26.55 -27.51 -25.25
C PHE J 334 -28.07 -27.51 -25.40
N ALA K 34 -86.09 2.23 6.60
CA ALA K 34 -85.82 2.24 5.16
C ALA K 34 -84.39 1.77 4.86
N LEU K 35 -84.23 1.05 3.75
CA LEU K 35 -82.91 0.57 3.33
C LEU K 35 -82.06 1.75 2.89
N SER K 36 -80.96 1.99 3.58
CA SER K 36 -80.12 3.12 3.19
C SER K 36 -79.32 2.83 1.93
N ASP K 37 -79.29 3.80 1.02
CA ASP K 37 -78.41 3.68 -0.12
C ASP K 37 -76.99 4.03 0.27
N ASN K 38 -76.81 4.57 1.47
CA ASN K 38 -75.47 5.02 1.91
C ASN K 38 -74.87 4.15 3.01
N PRO K 39 -73.65 3.66 2.81
CA PRO K 39 -73.00 2.84 3.85
C PRO K 39 -72.65 3.67 5.10
N PHE K 40 -72.56 4.99 4.96
CA PHE K 40 -72.12 5.88 6.04
C PHE K 40 -73.20 6.13 7.09
N ASP K 41 -72.86 5.82 8.33
CA ASP K 41 -73.70 6.05 9.49
C ASP K 41 -73.17 7.26 10.26
N ALA K 42 -73.80 8.42 10.06
CA ALA K 42 -73.30 9.68 10.61
C ALA K 42 -73.15 9.68 12.14
N LYS K 43 -73.98 8.89 12.81
CA LYS K 43 -73.95 8.81 14.28
C LYS K 43 -72.69 8.12 14.83
N ALA K 44 -72.02 7.35 13.99
CA ALA K 44 -70.90 6.51 14.45
C ALA K 44 -69.55 7.20 14.37
N TRP K 45 -69.53 8.36 13.73
CA TRP K 45 -68.27 8.97 13.35
C TRP K 45 -68.17 10.41 13.81
N ARG K 46 -66.97 10.82 14.22
CA ARG K 46 -66.73 12.21 14.58
C ARG K 46 -65.55 12.71 13.77
N LEU K 47 -65.59 13.97 13.37
CA LEU K 47 -64.48 14.58 12.65
C LEU K 47 -63.26 14.62 13.54
N VAL K 48 -62.08 14.62 12.92
CA VAL K 48 -60.84 14.64 13.71
C VAL K 48 -60.35 16.08 13.82
N ASP K 49 -59.94 16.47 15.02
CA ASP K 49 -59.47 17.83 15.28
C ASP K 49 -58.28 18.19 14.41
N GLY K 50 -58.32 19.39 13.84
CA GLY K 50 -57.20 19.91 13.09
C GLY K 50 -57.30 19.72 11.58
N PHE K 51 -58.41 19.15 11.11
CA PHE K 51 -58.53 18.81 9.69
C PHE K 51 -59.73 19.40 8.98
N ASP K 52 -60.23 20.58 9.36
CA ASP K 52 -61.38 21.06 8.60
C ASP K 52 -61.04 21.98 7.42
N ASP K 53 -59.78 22.04 7.05
CA ASP K 53 -59.40 22.61 5.77
C ASP K 53 -59.47 21.56 4.65
N LEU K 54 -59.79 20.31 4.99
CA LEU K 54 -59.83 19.24 3.99
C LEU K 54 -60.94 19.49 2.94
N THR K 55 -60.60 19.32 1.67
CA THR K 55 -61.59 19.52 0.60
C THR K 55 -61.86 18.26 -0.26
N ASP K 56 -60.82 17.46 -0.53
CA ASP K 56 -60.92 16.31 -1.45
C ASP K 56 -61.08 14.95 -0.74
N ILE K 57 -60.96 15.00 0.60
CA ILE K 57 -60.88 13.83 1.47
C ILE K 57 -61.70 14.11 2.74
N THR K 58 -62.35 13.11 3.32
CA THR K 58 -62.89 13.23 4.69
C THR K 58 -62.18 12.29 5.66
N TYR K 59 -62.17 12.66 6.94
CA TYR K 59 -61.41 11.95 7.96
C TYR K 59 -62.23 11.92 9.25
N HIS K 60 -62.66 10.73 9.64
CA HIS K 60 -63.44 10.57 10.89
C HIS K 60 -62.81 9.56 11.82
N ARG K 61 -63.05 9.75 13.12
CA ARG K 61 -62.71 8.76 14.12
C ARG K 61 -64.02 8.17 14.67
N HIS K 62 -64.06 6.85 14.87
CA HIS K 62 -65.25 6.23 15.42
C HIS K 62 -65.51 6.75 16.83
N VAL K 63 -66.77 6.84 17.23
CA VAL K 63 -67.11 7.36 18.54
C VAL K 63 -66.66 6.44 19.69
N ASP K 64 -66.58 5.13 19.44
CA ASP K 64 -66.20 4.17 20.50
C ASP K 64 -64.92 3.40 20.20
N ASP K 65 -64.72 3.01 18.93
CA ASP K 65 -63.67 2.07 18.53
C ASP K 65 -62.35 2.73 18.15
N ALA K 66 -61.27 1.95 18.23
CA ALA K 66 -59.94 2.38 17.78
C ALA K 66 -59.83 2.27 16.25
N THR K 67 -60.73 2.96 15.56
CA THR K 67 -60.88 2.82 14.12
C THR K 67 -61.15 4.18 13.51
N VAL K 68 -60.48 4.49 12.40
CA VAL K 68 -60.77 5.72 11.66
C VAL K 68 -61.32 5.42 10.28
N ARG K 69 -61.98 6.42 9.68
CA ARG K 69 -62.57 6.31 8.35
C ARG K 69 -61.96 7.37 7.45
N VAL K 70 -61.29 6.92 6.40
CA VAL K 70 -60.62 7.81 5.47
C VAL K 70 -61.26 7.63 4.11
N ALA K 71 -61.75 8.72 3.50
CA ALA K 71 -62.56 8.56 2.29
C ALA K 71 -62.34 9.63 1.23
N PHE K 72 -62.31 9.18 -0.03
CA PHE K 72 -62.34 10.09 -1.17
C PHE K 72 -63.64 10.88 -1.17
N ASN K 73 -63.54 12.15 -1.48
CA ASN K 73 -64.67 13.06 -1.40
C ASN K 73 -64.83 13.89 -2.65
N ARG K 74 -64.69 13.26 -3.83
CA ARG K 74 -64.98 13.92 -5.10
C ARG K 74 -65.93 13.05 -5.93
N PRO K 75 -67.11 12.73 -5.40
CA PRO K 75 -67.97 11.73 -6.05
C PRO K 75 -68.50 12.18 -7.42
N GLU K 76 -68.42 13.47 -7.72
CA GLU K 76 -68.87 13.99 -9.01
C GLU K 76 -67.95 13.52 -10.16
N VAL K 77 -66.69 13.16 -9.86
CA VAL K 77 -65.84 12.54 -10.90
C VAL K 77 -65.41 11.13 -10.48
N ARG K 78 -66.36 10.41 -9.88
CA ARG K 78 -66.13 9.03 -9.46
C ARG K 78 -64.91 8.95 -8.53
N ASN K 79 -64.75 9.99 -7.72
CA ASN K 79 -63.68 10.03 -6.73
C ASN K 79 -62.27 9.88 -7.33
N ALA K 80 -62.08 10.46 -8.51
CA ALA K 80 -60.76 10.57 -9.10
C ALA K 80 -59.88 11.45 -8.22
N PHE K 81 -58.60 11.10 -8.07
CA PHE K 81 -57.73 11.95 -7.28
C PHE K 81 -56.87 12.86 -8.15
N ARG K 82 -56.68 14.09 -7.66
CA ARG K 82 -55.75 15.04 -8.25
C ARG K 82 -54.61 15.20 -7.25
N PRO K 83 -53.52 15.91 -7.63
CA PRO K 83 -52.37 15.95 -6.70
C PRO K 83 -52.71 16.44 -5.30
N HIS K 84 -53.61 17.40 -5.20
CA HIS K 84 -54.07 17.90 -3.90
C HIS K 84 -54.80 16.81 -3.09
N THR K 85 -55.56 15.98 -3.77
CA THR K 85 -56.22 14.84 -3.11
C THR K 85 -55.17 13.96 -2.48
N VAL K 86 -54.11 13.69 -3.26
CA VAL K 86 -53.02 12.82 -2.81
C VAL K 86 -52.34 13.43 -1.58
N ASP K 87 -52.11 14.75 -1.59
CA ASP K 87 -51.51 15.42 -0.43
C ASP K 87 -52.38 15.27 0.82
N GLU K 88 -53.69 15.46 0.69
CA GLU K 88 -54.59 15.34 1.83
C GLU K 88 -54.66 13.90 2.32
N LEU K 89 -54.72 12.97 1.37
CA LEU K 89 -54.79 11.57 1.69
C LEU K 89 -53.56 11.15 2.47
N TYR K 90 -52.40 11.59 2.01
CA TYR K 90 -51.15 11.27 2.69
C TYR K 90 -51.13 11.81 4.10
N ARG K 91 -51.52 13.08 4.26
CA ARG K 91 -51.50 13.76 5.55
C ARG K 91 -52.44 13.04 6.53
N VAL K 92 -53.61 12.69 6.04
CA VAL K 92 -54.60 12.02 6.87
C VAL K 92 -54.12 10.61 7.30
N LEU K 93 -53.60 9.83 6.36
CA LEU K 93 -53.12 8.50 6.70
C LEU K 93 -51.92 8.58 7.65
N ASP K 94 -51.08 9.60 7.45
CA ASP K 94 -49.89 9.78 8.29
C ASP K 94 -50.28 10.09 9.71
N HIS K 95 -51.29 10.93 9.85
CA HIS K 95 -51.84 11.25 11.17
C HIS K 95 -52.43 9.99 11.84
N ALA K 96 -53.16 9.17 11.09
CA ALA K 96 -53.69 7.92 11.64
C ALA K 96 -52.56 6.98 12.09
N ARG K 97 -51.51 6.92 11.28
CA ARG K 97 -50.33 6.13 11.59
C ARG K 97 -49.74 6.51 12.94
N MET K 98 -49.72 7.81 13.22
CA MET K 98 -49.06 8.34 14.42
C MET K 98 -50.03 8.46 15.59
N SER K 99 -51.26 7.99 15.42
CA SER K 99 -52.24 8.01 16.51
C SER K 99 -52.24 6.68 17.30
N PRO K 100 -51.71 6.70 18.53
CA PRO K 100 -51.58 5.48 19.34
C PRO K 100 -52.92 4.84 19.72
N ASP K 101 -54.00 5.62 19.71
CA ASP K 101 -55.30 5.06 20.07
C ASP K 101 -56.08 4.59 18.83
N VAL K 102 -55.39 4.52 17.69
CA VAL K 102 -56.02 4.00 16.47
C VAL K 102 -55.31 2.71 16.03
N GLY K 103 -56.10 1.64 15.85
CA GLY K 103 -55.54 0.38 15.44
C GLY K 103 -55.78 0.04 13.97
N VAL K 104 -56.90 0.51 13.43
CA VAL K 104 -57.32 0.10 12.09
C VAL K 104 -57.80 1.29 11.27
N VAL K 105 -57.43 1.31 9.99
CA VAL K 105 -57.88 2.32 9.06
C VAL K 105 -58.87 1.70 8.08
N LEU K 106 -60.05 2.30 7.98
CA LEU K 106 -61.00 1.94 6.92
C LEU K 106 -60.90 3.00 5.81
N LEU K 107 -60.49 2.55 4.62
CA LEU K 107 -60.32 3.42 3.45
C LEU K 107 -61.44 3.18 2.45
N THR K 108 -62.16 4.24 2.09
CA THR K 108 -63.33 4.07 1.24
C THR K 108 -63.56 5.35 0.42
N GLY K 109 -64.71 5.42 -0.27
CA GLY K 109 -65.04 6.59 -1.07
C GLY K 109 -66.42 7.08 -0.67
N ASN K 110 -66.60 8.39 -0.60
CA ASN K 110 -67.92 8.97 -0.28
C ASN K 110 -68.81 9.02 -1.53
N GLY K 111 -70.12 9.11 -1.32
CA GLY K 111 -71.04 9.22 -2.44
C GLY K 111 -72.49 9.36 -2.03
N PRO K 112 -73.42 9.23 -3.00
CA PRO K 112 -73.10 8.99 -4.41
C PRO K 112 -72.80 10.28 -5.14
N SER K 113 -72.56 10.19 -6.44
CA SER K 113 -72.45 11.38 -7.27
C SER K 113 -73.75 12.17 -7.21
N PRO K 114 -73.68 13.47 -6.88
CA PRO K 114 -74.86 14.32 -6.89
C PRO K 114 -75.40 14.53 -8.31
N LYS K 115 -74.58 14.23 -9.31
CA LYS K 115 -75.01 14.40 -10.69
C LYS K 115 -75.90 13.25 -11.16
N ASP K 116 -75.51 12.01 -10.87
CA ASP K 116 -76.29 10.86 -11.39
C ASP K 116 -76.53 9.71 -10.39
N GLY K 117 -76.20 9.90 -9.11
CA GLY K 117 -76.40 8.85 -8.11
C GLY K 117 -75.44 7.66 -8.23
N GLY K 118 -74.44 7.78 -9.09
CA GLY K 118 -73.46 6.73 -9.29
C GLY K 118 -72.49 6.61 -8.13
N TRP K 119 -72.15 5.36 -7.80
CA TRP K 119 -71.25 5.06 -6.68
C TRP K 119 -69.83 4.73 -7.08
N ALA K 120 -68.87 5.30 -6.35
CA ALA K 120 -67.47 5.02 -6.63
C ALA K 120 -66.62 4.95 -5.36
N PHE K 121 -65.72 3.97 -5.33
CA PHE K 121 -64.63 4.00 -4.36
C PHE K 121 -63.60 5.03 -4.84
N CYS K 122 -63.02 4.78 -6.02
CA CYS K 122 -62.00 5.67 -6.57
C CYS K 122 -61.72 5.30 -8.02
N SER K 123 -61.75 6.29 -8.91
CA SER K 123 -61.53 6.04 -10.32
C SER K 123 -60.12 6.38 -10.79
N GLY K 124 -59.19 6.50 -9.84
CA GLY K 124 -57.80 6.73 -10.18
C GLY K 124 -57.48 8.18 -10.45
N GLY K 125 -56.39 8.42 -11.17
CA GLY K 125 -55.94 9.78 -11.43
C GLY K 125 -56.94 10.58 -12.24
N ASP K 126 -57.14 11.84 -11.82
CA ASP K 126 -58.02 12.77 -12.51
C ASP K 126 -57.45 13.11 -13.89
N GLN K 127 -58.04 12.55 -14.94
CA GLN K 127 -57.52 12.70 -16.31
C GLN K 127 -57.57 14.16 -16.82
N ARG K 128 -58.45 14.98 -16.27
CA ARG K 128 -58.57 16.36 -16.69
C ARG K 128 -57.27 17.12 -16.49
N ILE K 129 -56.51 16.77 -15.46
CA ILE K 129 -55.29 17.53 -15.20
C ILE K 129 -54.04 16.66 -15.38
N ARG K 130 -54.19 15.56 -16.13
CA ARG K 130 -53.03 14.74 -16.49
C ARG K 130 -52.29 15.43 -17.64
N GLY K 131 -51.00 15.65 -17.48
CA GLY K 131 -50.19 16.26 -18.52
C GLY K 131 -49.08 15.30 -18.94
N ARG K 132 -48.16 15.77 -19.77
CA ARG K 132 -47.09 14.93 -20.25
C ARG K 132 -46.09 14.55 -19.16
N SER K 133 -45.98 15.36 -18.11
CA SER K 133 -45.06 15.04 -17.02
C SER K 133 -45.75 14.40 -15.81
N GLY K 134 -47.04 14.07 -15.97
CA GLY K 134 -47.84 13.48 -14.90
C GLY K 134 -49.03 14.32 -14.47
N TYR K 135 -49.60 14.02 -13.30
CA TYR K 135 -50.78 14.75 -12.80
C TYR K 135 -50.38 16.10 -12.23
N GLN K 136 -51.08 17.15 -12.64
CA GLN K 136 -50.63 18.52 -12.34
C GLN K 136 -51.54 19.33 -11.40
N TYR K 137 -50.91 20.11 -10.53
CA TYR K 137 -51.63 21.04 -9.70
C TYR K 137 -52.30 22.08 -10.59
N ALA K 138 -53.53 22.42 -10.22
CA ALA K 138 -54.33 23.40 -10.95
C ALA K 138 -55.16 24.22 -9.96
N SER K 139 -55.48 25.47 -10.31
CA SER K 139 -56.26 26.32 -9.39
C SER K 139 -57.73 25.91 -9.42
N GLY K 140 -58.17 25.34 -10.53
CA GLY K 140 -59.54 24.86 -10.66
C GLY K 140 -59.64 23.35 -10.92
N ASP K 141 -60.74 22.92 -11.50
CA ASP K 141 -61.00 21.50 -11.71
C ASP K 141 -60.56 21.03 -13.09
N THR K 142 -60.28 21.99 -13.98
CA THR K 142 -60.04 21.65 -15.38
C THR K 142 -58.64 21.99 -15.89
N ALA K 143 -58.33 21.48 -17.08
CA ALA K 143 -57.00 21.58 -17.68
C ALA K 143 -56.52 23.01 -17.92
N ASP K 144 -57.44 23.93 -18.13
CA ASP K 144 -57.09 25.33 -18.42
C ASP K 144 -56.51 26.04 -17.20
N THR K 145 -56.74 25.49 -16.01
CA THR K 145 -56.27 26.13 -14.78
C THR K 145 -55.00 25.49 -14.24
N VAL K 146 -54.39 24.62 -15.03
CA VAL K 146 -53.14 23.97 -14.62
C VAL K 146 -51.98 25.00 -14.52
N ASP K 147 -51.22 24.94 -13.44
CA ASP K 147 -50.00 25.75 -13.32
C ASP K 147 -48.92 25.17 -14.22
N VAL K 148 -48.74 25.76 -15.40
CA VAL K 148 -47.85 25.19 -16.40
C VAL K 148 -46.38 25.22 -16.00
N ALA K 149 -46.02 26.08 -15.06
CA ALA K 149 -44.63 26.18 -14.62
C ALA K 149 -44.24 25.05 -13.67
N ARG K 150 -45.23 24.27 -13.26
CA ARG K 150 -45.04 23.29 -12.21
C ARG K 150 -45.13 21.86 -12.77
N ALA K 151 -44.07 21.07 -12.58
CA ALA K 151 -44.01 19.72 -13.13
C ALA K 151 -45.08 18.79 -12.53
N GLY K 152 -45.53 17.81 -13.31
CA GLY K 152 -46.51 16.85 -12.84
C GLY K 152 -45.94 15.83 -11.88
N ARG K 153 -46.83 15.15 -11.16
CA ARG K 153 -46.40 14.14 -10.21
C ARG K 153 -47.23 12.87 -10.32
N LEU K 154 -46.64 11.78 -9.86
CA LEU K 154 -47.32 10.49 -9.80
C LEU K 154 -47.27 9.97 -8.38
N HIS K 155 -47.49 10.85 -7.41
CA HIS K 155 -47.17 10.48 -6.04
C HIS K 155 -48.28 9.80 -5.25
N ILE K 156 -49.29 9.24 -5.94
CA ILE K 156 -50.16 8.25 -5.28
C ILE K 156 -49.27 7.06 -4.83
N LEU K 157 -48.14 6.88 -5.50
CA LEU K 157 -47.17 5.84 -5.13
C LEU K 157 -46.66 6.01 -3.70
N GLU K 158 -46.54 7.26 -3.25
CA GLU K 158 -46.10 7.55 -1.87
C GLU K 158 -47.18 7.13 -0.87
N VAL K 159 -48.44 7.33 -1.23
CA VAL K 159 -49.55 6.89 -0.43
C VAL K 159 -49.60 5.36 -0.40
N GLN K 160 -49.33 4.73 -1.55
CA GLN K 160 -49.24 3.27 -1.59
C GLN K 160 -48.21 2.76 -0.58
N ARG K 161 -47.03 3.37 -0.52
CA ARG K 161 -45.98 2.96 0.41
C ARG K 161 -46.37 3.22 1.86
N LEU K 162 -47.04 4.34 2.11
CA LEU K 162 -47.48 4.67 3.47
C LEU K 162 -48.45 3.61 4.01
N ILE K 163 -49.39 3.20 3.17
CA ILE K 163 -50.33 2.12 3.49
C ILE K 163 -49.59 0.80 3.76
N ARG K 164 -48.66 0.48 2.87
CA ARG K 164 -47.85 -0.73 2.95
C ARG K 164 -46.99 -0.79 4.22
N PHE K 165 -46.38 0.35 4.59
CA PHE K 165 -45.41 0.37 5.68
C PHE K 165 -45.99 0.71 7.04
N MET K 166 -47.24 1.17 7.11
CA MET K 166 -47.72 1.59 8.42
C MET K 166 -48.08 0.34 9.22
N PRO K 167 -47.72 0.34 10.51
CA PRO K 167 -47.84 -0.82 11.39
C PRO K 167 -49.27 -1.04 11.90
N LYS K 168 -50.22 -0.82 11.02
CA LYS K 168 -51.64 -0.92 11.31
C LYS K 168 -52.35 -1.53 10.12
N VAL K 169 -53.44 -2.23 10.36
CA VAL K 169 -54.17 -2.84 9.27
C VAL K 169 -55.01 -1.80 8.55
N VAL K 170 -54.86 -1.74 7.23
CA VAL K 170 -55.71 -0.87 6.42
C VAL K 170 -56.68 -1.74 5.64
N ILE K 171 -57.96 -1.50 5.88
CA ILE K 171 -59.02 -2.23 5.19
C ILE K 171 -59.66 -1.33 4.14
N CYS K 172 -59.65 -1.78 2.90
CA CYS K 172 -60.32 -1.07 1.83
C CYS K 172 -61.78 -1.50 1.80
N LEU K 173 -62.71 -0.54 1.84
CA LEU K 173 -64.11 -0.83 1.67
C LEU K 173 -64.53 -0.38 0.26
N VAL K 174 -64.63 -1.31 -0.68
CA VAL K 174 -64.94 -0.93 -2.06
C VAL K 174 -66.47 -0.80 -2.21
N ASN K 175 -66.92 0.45 -2.22
CA ASN K 175 -68.33 0.82 -2.16
C ASN K 175 -68.89 1.19 -3.53
N GLY K 176 -68.09 1.03 -4.57
CA GLY K 176 -68.50 1.43 -5.91
C GLY K 176 -67.42 1.08 -6.91
N TRP K 177 -67.37 1.79 -8.02
CA TRP K 177 -66.28 1.62 -8.98
C TRP K 177 -64.93 1.68 -8.34
N ALA K 178 -64.06 0.73 -8.70
CA ALA K 178 -62.65 0.80 -8.37
C ALA K 178 -61.88 0.60 -9.67
N ALA K 179 -61.34 1.69 -10.21
CA ALA K 179 -60.75 1.67 -11.55
C ALA K 179 -59.40 2.37 -11.56
N GLY K 180 -58.54 1.95 -12.49
CA GLY K 180 -57.23 2.55 -12.63
C GLY K 180 -56.48 2.53 -11.31
N GLY K 181 -55.91 3.67 -10.94
CA GLY K 181 -55.18 3.83 -9.69
C GLY K 181 -56.04 3.54 -8.46
N GLY K 182 -57.36 3.69 -8.61
CA GLY K 182 -58.28 3.36 -7.52
C GLY K 182 -58.28 1.85 -7.27
N HIS K 183 -58.28 1.06 -8.34
CA HIS K 183 -58.14 -0.39 -8.24
C HIS K 183 -56.80 -0.77 -7.56
N SER K 184 -55.72 -0.09 -7.93
CA SER K 184 -54.39 -0.40 -7.38
C SER K 184 -54.28 -0.10 -5.88
N LEU K 185 -54.98 0.94 -5.43
CA LEU K 185 -55.08 1.29 -4.02
C LEU K 185 -55.75 0.17 -3.22
N HIS K 186 -56.82 -0.35 -3.79
CA HIS K 186 -57.56 -1.49 -3.28
C HIS K 186 -56.55 -2.62 -3.06
N VAL K 187 -55.76 -2.86 -4.09
CA VAL K 187 -54.84 -3.99 -4.09
C VAL K 187 -53.78 -3.95 -2.98
N VAL K 188 -53.25 -2.77 -2.70
CA VAL K 188 -52.15 -2.65 -1.73
C VAL K 188 -52.65 -2.66 -0.28
N CYS K 189 -53.94 -2.40 -0.05
CA CYS K 189 -54.48 -2.49 1.30
C CYS K 189 -54.34 -3.92 1.82
N ASP K 190 -54.26 -4.06 3.14
CA ASP K 190 -54.09 -5.37 3.76
C ASP K 190 -55.29 -6.27 3.52
N LEU K 191 -56.49 -5.70 3.59
CA LEU K 191 -57.73 -6.45 3.44
C LEU K 191 -58.72 -5.66 2.59
N THR K 192 -59.62 -6.34 1.89
CA THR K 192 -60.66 -5.65 1.12
C THR K 192 -62.04 -6.26 1.36
N LEU K 193 -63.00 -5.38 1.68
CA LEU K 193 -64.42 -5.75 1.74
C LEU K 193 -65.14 -5.03 0.62
N ALA K 194 -66.12 -5.67 0.00
CA ALA K 194 -66.75 -5.05 -1.17
C ALA K 194 -68.26 -5.13 -1.15
N SER K 195 -68.88 -4.03 -1.58
CA SER K 195 -70.32 -3.88 -1.67
C SER K 195 -70.91 -4.79 -2.75
N ARG K 196 -71.80 -5.69 -2.37
CA ARG K 196 -72.40 -6.63 -3.34
C ARG K 196 -73.02 -5.92 -4.53
N GLU K 197 -73.87 -4.93 -4.25
CA GLU K 197 -74.64 -4.25 -5.30
C GLU K 197 -73.80 -3.29 -6.14
N TYR K 198 -72.88 -2.55 -5.53
CA TYR K 198 -72.22 -1.46 -6.25
C TYR K 198 -70.72 -1.64 -6.58
N ALA K 199 -70.03 -2.56 -5.92
CA ALA K 199 -68.60 -2.69 -6.25
C ALA K 199 -68.45 -3.16 -7.68
N ARG K 200 -67.56 -2.49 -8.41
CA ARG K 200 -67.22 -2.86 -9.77
C ARG K 200 -65.72 -2.67 -9.89
N PHE K 201 -65.00 -3.75 -10.16
CA PHE K 201 -63.54 -3.70 -10.30
C PHE K 201 -63.18 -3.69 -11.77
N LYS K 202 -62.45 -2.67 -12.21
CA LYS K 202 -62.12 -2.55 -13.63
C LYS K 202 -60.77 -1.88 -13.78
N GLN K 203 -59.77 -2.63 -14.24
CA GLN K 203 -58.45 -2.06 -14.42
C GLN K 203 -58.33 -1.43 -15.80
N THR K 204 -58.56 -0.13 -15.85
CA THR K 204 -58.64 0.62 -17.09
C THR K 204 -57.31 1.25 -17.54
N ASP K 205 -56.24 0.99 -16.81
CA ASP K 205 -54.93 1.59 -17.08
C ASP K 205 -54.58 1.64 -18.58
N ALA K 206 -54.55 0.49 -19.21
CA ALA K 206 -54.06 0.42 -20.59
C ALA K 206 -55.01 1.07 -21.59
N ASP K 207 -56.27 1.26 -21.19
CA ASP K 207 -57.26 1.97 -22.02
C ASP K 207 -56.87 3.41 -22.26
N VAL K 208 -56.24 4.03 -21.27
CA VAL K 208 -55.86 5.45 -21.38
C VAL K 208 -54.35 5.62 -21.50
N GLY K 209 -53.68 4.54 -21.89
CA GLY K 209 -52.25 4.58 -22.16
C GLY K 209 -51.39 4.64 -20.92
N SER K 210 -51.96 4.28 -19.78
CA SER K 210 -51.21 4.30 -18.52
C SER K 210 -50.92 2.88 -18.06
N PHE K 211 -50.14 2.74 -17.00
CA PHE K 211 -49.95 1.45 -16.34
C PHE K 211 -49.38 1.62 -14.94
N ASP K 212 -49.88 0.81 -14.00
CA ASP K 212 -49.25 0.69 -12.69
C ASP K 212 -48.36 -0.55 -12.75
N GLY K 213 -47.05 -0.32 -12.87
CA GLY K 213 -46.11 -1.43 -13.02
C GLY K 213 -45.52 -1.86 -11.70
N GLY K 214 -46.13 -1.41 -10.60
CA GLY K 214 -45.65 -1.78 -9.27
C GLY K 214 -46.61 -2.66 -8.49
N TYR K 215 -47.13 -2.15 -7.38
CA TYR K 215 -48.06 -2.91 -6.54
C TYR K 215 -49.37 -3.22 -7.25
N GLY K 216 -49.80 -2.33 -8.14
CA GLY K 216 -51.07 -2.49 -8.81
C GLY K 216 -51.16 -3.79 -9.59
N SER K 217 -50.05 -4.21 -10.18
CA SER K 217 -50.02 -5.37 -11.05
C SER K 217 -49.30 -6.57 -10.44
N ALA K 218 -48.02 -6.41 -10.16
CA ALA K 218 -47.21 -7.51 -9.64
C ALA K 218 -47.71 -7.99 -8.27
N TYR K 219 -48.17 -7.08 -7.43
CA TYR K 219 -48.67 -7.49 -6.13
C TYR K 219 -50.09 -8.11 -6.26
N LEU K 220 -50.86 -7.67 -7.26
CA LEU K 220 -52.16 -8.32 -7.53
C LEU K 220 -51.97 -9.83 -7.80
N ALA K 221 -50.92 -10.13 -8.56
CA ALA K 221 -50.57 -11.51 -8.91
C ALA K 221 -50.28 -12.36 -7.67
N ARG K 222 -49.89 -11.71 -6.58
CA ARG K 222 -49.60 -12.44 -5.34
C ARG K 222 -50.84 -12.60 -4.48
N GLN K 223 -52.00 -12.20 -5.05
CA GLN K 223 -53.30 -12.42 -4.42
C GLN K 223 -54.14 -13.39 -5.25
N VAL K 224 -54.20 -13.18 -6.57
CA VAL K 224 -55.07 -13.97 -7.43
C VAL K 224 -54.30 -14.89 -8.36
N GLY K 225 -52.97 -14.85 -8.28
CA GLY K 225 -52.13 -15.66 -9.16
C GLY K 225 -51.88 -14.92 -10.45
N GLN K 226 -50.82 -15.36 -11.15
CA GLN K 226 -50.35 -14.69 -12.36
C GLN K 226 -51.35 -14.73 -13.52
N LYS K 227 -52.10 -15.81 -13.69
CA LYS K 227 -53.03 -15.88 -14.82
C LYS K 227 -54.17 -14.85 -14.69
N PHE K 228 -54.85 -14.86 -13.53
CA PHE K 228 -55.95 -13.93 -13.31
C PHE K 228 -55.48 -12.47 -13.31
N ALA K 229 -54.31 -12.22 -12.72
CA ALA K 229 -53.80 -10.85 -12.63
C ALA K 229 -53.55 -10.29 -14.03
N ARG K 230 -52.99 -11.13 -14.88
CA ARG K 230 -52.73 -10.78 -16.27
C ARG K 230 -54.04 -10.55 -17.03
N GLU K 231 -55.03 -11.39 -16.77
CA GLU K 231 -56.35 -11.19 -17.37
C GLU K 231 -56.94 -9.84 -17.00
N ILE K 232 -56.90 -9.52 -15.72
CA ILE K 232 -57.49 -8.30 -15.21
C ILE K 232 -56.92 -7.04 -15.89
N PHE K 233 -55.60 -7.01 -16.07
CA PHE K 233 -54.94 -5.87 -16.71
C PHE K 233 -55.03 -5.89 -18.25
N PHE K 234 -54.79 -7.06 -18.87
CA PHE K 234 -54.70 -7.13 -20.33
C PHE K 234 -56.05 -6.89 -20.99
N LEU K 235 -57.12 -7.34 -20.37
CA LEU K 235 -58.43 -7.19 -20.96
C LEU K 235 -59.23 -6.04 -20.35
N GLY K 236 -58.92 -5.65 -19.12
CA GLY K 236 -59.60 -4.51 -18.50
C GLY K 236 -61.11 -4.67 -18.38
N ARG K 237 -61.55 -5.90 -18.15
CA ARG K 237 -62.99 -6.18 -17.97
C ARG K 237 -63.49 -5.69 -16.61
N THR K 238 -64.81 -5.56 -16.47
CA THR K 238 -65.42 -5.21 -15.20
C THR K 238 -65.79 -6.48 -14.41
N TYR K 239 -65.38 -6.54 -13.13
CA TYR K 239 -65.69 -7.69 -12.30
C TYR K 239 -66.53 -7.27 -11.11
N THR K 240 -67.41 -8.15 -10.67
CA THR K 240 -68.25 -7.96 -9.49
C THR K 240 -67.48 -8.27 -8.20
N ALA K 241 -68.07 -7.92 -7.05
CA ALA K 241 -67.48 -8.29 -5.76
C ALA K 241 -67.28 -9.81 -5.63
N GLU K 242 -68.28 -10.58 -6.02
CA GLU K 242 -68.20 -12.03 -5.88
C GLU K 242 -67.10 -12.62 -6.77
N GLN K 243 -66.97 -12.15 -8.01
CA GLN K 243 -65.92 -12.66 -8.90
C GLN K 243 -64.53 -12.39 -8.32
N MET K 244 -64.30 -11.19 -7.81
CA MET K 244 -63.01 -10.85 -7.21
C MET K 244 -62.75 -11.63 -5.93
N HIS K 245 -63.81 -11.91 -5.19
CA HIS K 245 -63.70 -12.75 -4.00
C HIS K 245 -63.28 -14.17 -4.40
N GLN K 246 -63.90 -14.70 -5.45
CA GLN K 246 -63.55 -16.03 -5.96
C GLN K 246 -62.09 -16.08 -6.47
N MET K 247 -61.61 -14.99 -7.05
CA MET K 247 -60.24 -14.98 -7.57
C MET K 247 -59.21 -14.79 -6.46
N GLY K 248 -59.64 -14.17 -5.37
CA GLY K 248 -58.78 -14.02 -4.21
C GLY K 248 -58.33 -12.61 -3.84
N ALA K 249 -58.92 -11.59 -4.47
CA ALA K 249 -58.53 -10.21 -4.20
C ALA K 249 -59.49 -9.51 -3.23
N VAL K 250 -60.66 -10.09 -3.01
CA VAL K 250 -61.63 -9.53 -2.06
C VAL K 250 -61.88 -10.54 -0.95
N ASN K 251 -61.71 -10.10 0.30
CA ASN K 251 -61.83 -10.99 1.44
C ASN K 251 -63.27 -11.40 1.69
N ALA K 252 -64.21 -10.45 1.59
CA ALA K 252 -65.61 -10.77 1.79
C ALA K 252 -66.52 -9.77 1.07
N VAL K 253 -67.71 -10.24 0.73
CA VAL K 253 -68.73 -9.44 0.11
C VAL K 253 -69.72 -9.04 1.19
N ALA K 254 -70.14 -7.78 1.20
CA ALA K 254 -71.15 -7.33 2.18
C ALA K 254 -72.23 -6.56 1.44
N GLU K 255 -73.43 -6.53 2.03
CA GLU K 255 -74.51 -5.66 1.55
C GLU K 255 -74.05 -4.23 1.59
N HIS K 256 -74.35 -3.46 0.55
CA HIS K 256 -73.94 -2.06 0.47
C HIS K 256 -74.23 -1.27 1.76
N ALA K 257 -75.45 -1.35 2.24
CA ALA K 257 -75.86 -0.61 3.43
C ALA K 257 -75.07 -1.02 4.67
N GLU K 258 -74.54 -2.24 4.67
CA GLU K 258 -73.81 -2.75 5.83
C GLU K 258 -72.29 -2.72 5.66
N LEU K 259 -71.79 -2.19 4.55
CA LEU K 259 -70.36 -2.33 4.21
C LEU K 259 -69.45 -1.79 5.32
N GLU K 260 -69.80 -0.61 5.84
CA GLU K 260 -68.98 0.01 6.88
C GLU K 260 -69.25 -0.66 8.23
N THR K 261 -70.46 -1.14 8.44
CA THR K 261 -70.76 -1.93 9.62
C THR K 261 -69.94 -3.22 9.69
N VAL K 262 -69.84 -3.93 8.56
CA VAL K 262 -69.01 -5.13 8.55
C VAL K 262 -67.52 -4.71 8.66
N GLY K 263 -67.17 -3.60 8.00
CA GLY K 263 -65.82 -3.06 8.13
C GLY K 263 -65.44 -2.80 9.59
N LEU K 264 -66.39 -2.23 10.33
CA LEU K 264 -66.18 -1.94 11.74
C LEU K 264 -66.05 -3.21 12.59
N GLN K 265 -66.80 -4.25 12.22
CA GLN K 265 -66.76 -5.55 12.89
C GLN K 265 -65.39 -6.24 12.67
N TRP K 266 -64.93 -6.25 11.43
CA TRP K 266 -63.61 -6.78 11.11
C TRP K 266 -62.53 -6.03 11.90
N ALA K 267 -62.67 -4.70 11.96
CA ALA K 267 -61.74 -3.87 12.72
C ALA K 267 -61.73 -4.26 14.21
N ALA K 268 -62.90 -4.57 14.76
CA ALA K 268 -63.04 -4.94 16.16
C ALA K 268 -62.32 -6.25 16.47
N GLU K 269 -62.43 -7.21 15.57
CA GLU K 269 -61.75 -8.49 15.75
C GLU K 269 -60.23 -8.28 15.67
N ILE K 270 -59.78 -7.41 14.77
CA ILE K 270 -58.36 -7.06 14.67
C ILE K 270 -57.86 -6.36 15.94
N ASN K 271 -58.67 -5.41 16.43
CA ASN K 271 -58.29 -4.62 17.60
C ASN K 271 -58.37 -5.40 18.92
N ALA K 272 -58.96 -6.57 18.91
CA ALA K 272 -59.09 -7.37 20.13
C ALA K 272 -57.89 -8.29 20.33
N LYS K 273 -56.95 -8.27 19.39
CA LYS K 273 -55.77 -9.12 19.53
C LYS K 273 -54.57 -8.30 20.02
N SER K 274 -53.48 -9.00 20.34
CA SER K 274 -52.23 -8.35 20.74
C SER K 274 -51.74 -7.39 19.67
N PRO K 275 -51.69 -6.09 20.00
CA PRO K 275 -51.23 -5.09 19.03
C PRO K 275 -49.79 -5.31 18.60
N GLN K 276 -48.95 -5.73 19.54
CA GLN K 276 -47.58 -6.08 19.23
C GLN K 276 -47.50 -7.24 18.21
N ALA K 277 -48.29 -8.30 18.40
CA ALA K 277 -48.27 -9.43 17.46
C ALA K 277 -48.83 -9.04 16.06
N GLN K 278 -49.89 -8.24 16.05
CA GLN K 278 -50.49 -7.80 14.78
C GLN K 278 -49.47 -7.02 13.94
N ARG K 279 -48.74 -6.15 14.62
CA ARG K 279 -47.68 -5.34 14.01
C ARG K 279 -46.60 -6.20 13.36
N MET K 280 -46.06 -7.15 14.12
CA MET K 280 -45.03 -8.06 13.63
C MET K 280 -45.55 -8.88 12.45
N LEU K 281 -46.83 -9.29 12.55
CA LEU K 281 -47.44 -10.12 11.53
C LEU K 281 -47.55 -9.36 10.19
N LYS K 282 -47.97 -8.10 10.22
CA LYS K 282 -48.07 -7.33 8.99
C LYS K 282 -46.72 -7.23 8.29
N PHE K 283 -45.68 -6.92 9.05
CA PHE K 283 -44.36 -6.79 8.47
C PHE K 283 -43.80 -8.15 8.04
N ALA K 284 -44.22 -9.23 8.72
CA ALA K 284 -43.84 -10.58 8.28
C ALA K 284 -44.44 -10.91 6.91
N PHE K 285 -45.69 -10.52 6.68
CA PHE K 285 -46.32 -10.74 5.38
C PHE K 285 -45.66 -9.92 4.27
N ASN K 286 -45.21 -8.71 4.60
CA ASN K 286 -44.57 -7.82 3.63
C ASN K 286 -43.16 -8.26 3.24
N LEU K 287 -42.48 -8.90 4.19
CA LEU K 287 -41.01 -8.90 4.22
C LEU K 287 -40.36 -9.31 2.90
N LEU K 288 -40.47 -10.58 2.53
CA LEU K 288 -39.71 -11.10 1.40
C LEU K 288 -40.13 -10.45 0.09
N ASP K 289 -41.42 -10.20 -0.08
CA ASP K 289 -41.92 -9.50 -1.25
C ASP K 289 -41.28 -8.13 -1.40
N ASP K 290 -40.99 -7.49 -0.26
CA ASP K 290 -40.45 -6.12 -0.28
C ASP K 290 -38.93 -6.06 -0.14
N GLY K 291 -38.26 -7.20 -0.30
CA GLY K 291 -36.80 -7.23 -0.26
C GLY K 291 -36.17 -6.57 0.96
N LEU K 292 -35.13 -5.78 0.74
CA LEU K 292 -34.43 -5.08 1.82
C LEU K 292 -35.32 -4.09 2.56
N VAL K 293 -36.28 -3.51 1.87
CA VAL K 293 -37.20 -2.60 2.53
C VAL K 293 -38.05 -3.40 3.52
N GLY K 294 -38.55 -4.55 3.06
CA GLY K 294 -39.30 -5.45 3.92
C GLY K 294 -38.49 -5.89 5.14
N GLN K 295 -37.23 -6.28 4.92
CA GLN K 295 -36.38 -6.67 6.04
C GLN K 295 -36.14 -5.50 6.99
N GLN K 296 -35.88 -4.32 6.44
CA GLN K 296 -35.67 -3.13 7.27
C GLN K 296 -36.83 -2.89 8.24
N LEU K 297 -38.06 -3.02 7.75
CA LEU K 297 -39.25 -2.75 8.56
C LEU K 297 -39.45 -3.84 9.61
N PHE K 298 -39.35 -5.09 9.21
CA PHE K 298 -39.53 -6.16 10.18
C PHE K 298 -38.40 -6.14 11.22
N ALA K 299 -37.17 -5.99 10.75
CA ALA K 299 -35.99 -5.92 11.64
C ALA K 299 -36.06 -4.71 12.56
N GLY K 300 -36.62 -3.61 12.07
CA GLY K 300 -36.80 -2.42 12.89
C GLY K 300 -37.63 -2.73 14.12
N GLU K 301 -38.72 -3.46 13.93
CA GLU K 301 -39.56 -3.87 15.06
C GLU K 301 -38.87 -4.91 15.97
N ALA K 302 -38.04 -5.79 15.41
CA ALA K 302 -37.28 -6.72 16.23
C ALA K 302 -36.32 -5.95 17.14
N THR K 303 -35.73 -4.88 16.61
CA THR K 303 -34.85 -4.03 17.39
C THR K 303 -35.59 -3.39 18.57
N ARG K 304 -36.82 -2.94 18.34
CA ARG K 304 -37.62 -2.39 19.41
C ARG K 304 -37.87 -3.43 20.51
N LEU K 305 -38.17 -4.66 20.11
CA LEU K 305 -38.37 -5.74 21.07
C LEU K 305 -37.10 -5.97 21.88
N ALA K 306 -35.94 -5.87 21.23
CA ALA K 306 -34.68 -6.03 21.92
C ALA K 306 -34.42 -4.90 22.93
N TYR K 307 -34.80 -3.68 22.57
CA TYR K 307 -34.58 -2.52 23.45
C TYR K 307 -35.36 -2.67 24.74
N MET K 308 -36.43 -3.46 24.70
CA MET K 308 -37.23 -3.68 25.90
C MET K 308 -36.51 -4.58 26.91
N THR K 309 -35.50 -5.33 26.47
CA THR K 309 -34.86 -6.31 27.37
C THR K 309 -33.83 -5.69 28.33
N ASP K 310 -33.65 -6.36 29.47
CA ASP K 310 -32.61 -5.99 30.44
C ASP K 310 -31.22 -5.99 29.80
N GLU K 311 -31.00 -6.93 28.89
CA GLU K 311 -29.71 -7.05 28.23
C GLU K 311 -29.38 -5.79 27.43
N ALA K 312 -30.34 -5.31 26.66
CA ALA K 312 -30.15 -4.09 25.86
C ALA K 312 -29.94 -2.88 26.77
N VAL K 313 -30.67 -2.86 27.88
CA VAL K 313 -30.54 -1.78 28.84
C VAL K 313 -29.14 -1.79 29.47
N GLU K 314 -28.60 -2.99 29.70
CA GLU K 314 -27.23 -3.12 30.21
C GLU K 314 -26.22 -2.53 29.22
N GLY K 315 -26.46 -2.74 27.93
CA GLY K 315 -25.61 -2.16 26.89
C GLY K 315 -25.59 -0.64 26.92
N ARG K 316 -26.77 -0.03 27.05
CA ARG K 316 -26.89 1.42 27.17
C ARG K 316 -26.18 1.91 28.44
N ASP K 317 -26.48 1.25 29.55
CA ASP K 317 -25.98 1.67 30.85
C ASP K 317 -24.46 1.65 30.93
N ALA K 318 -23.86 0.59 30.40
CA ALA K 318 -22.41 0.45 30.43
C ALA K 318 -21.75 1.56 29.63
N PHE K 319 -22.31 1.89 28.46
CA PHE K 319 -21.73 2.98 27.66
C PHE K 319 -21.80 4.30 28.40
N LEU K 320 -22.97 4.60 28.95
CA LEU K 320 -23.17 5.87 29.65
C LEU K 320 -22.31 5.98 30.91
N GLN K 321 -22.10 4.85 31.59
CA GLN K 321 -21.35 4.83 32.84
C GLN K 321 -19.88 4.56 32.59
N LYS K 322 -19.51 4.49 31.31
CA LYS K 322 -18.12 4.30 30.89
C LYS K 322 -17.46 3.11 31.60
N ARG K 323 -18.13 1.97 31.54
CA ARG K 323 -17.65 0.76 32.17
C ARG K 323 -17.87 -0.38 31.20
N PRO K 324 -17.17 -1.51 31.41
CA PRO K 324 -17.45 -2.65 30.54
C PRO K 324 -18.85 -3.18 30.81
N PRO K 325 -19.56 -3.63 29.77
CA PRO K 325 -20.88 -4.25 29.97
C PRO K 325 -20.73 -5.64 30.59
N ASP K 326 -21.70 -6.06 31.39
CA ASP K 326 -21.70 -7.39 31.98
C ASP K 326 -22.81 -8.24 31.38
N TRP K 327 -22.45 -9.16 30.49
CA TRP K 327 -23.47 -9.95 29.81
C TRP K 327 -23.75 -11.28 30.51
N SER K 328 -23.03 -11.56 31.58
CA SER K 328 -23.17 -12.86 32.24
C SER K 328 -24.58 -13.23 32.74
N PRO K 329 -25.41 -12.23 33.13
CA PRO K 329 -26.77 -12.65 33.52
C PRO K 329 -27.67 -13.13 32.39
N PHE K 330 -27.24 -12.98 31.14
CA PHE K 330 -28.13 -13.23 30.01
C PHE K 330 -27.71 -14.45 29.19
N PRO K 331 -28.51 -15.51 29.27
CA PRO K 331 -28.18 -16.78 28.61
C PRO K 331 -28.21 -16.72 27.09
N ARG K 332 -27.36 -17.53 26.47
CA ARG K 332 -27.44 -17.74 25.04
C ARG K 332 -28.59 -18.70 24.78
N TYR K 333 -29.52 -18.28 23.92
CA TYR K 333 -30.62 -19.15 23.58
C TYR K 333 -30.33 -19.87 22.27
N PHE K 334 -30.94 -21.03 22.11
CA PHE K 334 -30.84 -21.76 20.85
C PHE K 334 -32.18 -22.44 20.56
N ALA L 34 -74.42 -29.39 -38.00
CA ALA L 34 -74.57 -28.09 -37.35
C ALA L 34 -73.43 -27.86 -36.36
N LEU L 35 -73.48 -28.51 -35.19
CA LEU L 35 -72.43 -28.33 -34.18
C LEU L 35 -71.09 -28.88 -34.64
N SER L 36 -70.11 -28.01 -34.78
CA SER L 36 -68.79 -28.42 -35.25
C SER L 36 -68.01 -29.08 -34.12
N ASP L 37 -67.39 -30.22 -34.41
CA ASP L 37 -66.49 -30.85 -33.44
C ASP L 37 -65.13 -30.17 -33.45
N ASN L 38 -64.93 -29.27 -34.41
CA ASN L 38 -63.65 -28.61 -34.57
C ASN L 38 -63.65 -27.11 -34.25
N PRO L 39 -62.75 -26.65 -33.38
CA PRO L 39 -62.68 -25.21 -33.06
C PRO L 39 -62.20 -24.34 -34.24
N PHE L 40 -61.53 -24.94 -35.22
CA PHE L 40 -60.93 -24.18 -36.31
C PHE L 40 -61.96 -23.74 -37.39
N ASP L 41 -61.99 -22.44 -37.65
CA ASP L 41 -62.84 -21.85 -38.69
C ASP L 41 -61.97 -21.42 -39.89
N ALA L 42 -61.91 -22.25 -40.91
CA ALA L 42 -60.97 -22.06 -42.02
C ALA L 42 -61.13 -20.72 -42.76
N LYS L 43 -62.36 -20.22 -42.82
CA LYS L 43 -62.64 -18.98 -43.50
C LYS L 43 -62.03 -17.79 -42.79
N ALA L 44 -61.66 -17.97 -41.52
CA ALA L 44 -61.15 -16.84 -40.72
C ALA L 44 -59.64 -16.67 -40.81
N TRP L 45 -58.94 -17.62 -41.40
CA TRP L 45 -57.49 -17.66 -41.30
C TRP L 45 -56.78 -17.79 -42.66
N ARG L 46 -55.63 -17.16 -42.79
CA ARG L 46 -54.82 -17.30 -43.99
C ARG L 46 -53.43 -17.75 -43.58
N LEU L 47 -52.81 -18.57 -44.42
CA LEU L 47 -51.44 -19.01 -44.19
C LEU L 47 -50.50 -17.82 -44.25
N VAL L 48 -49.39 -17.91 -43.54
CA VAL L 48 -48.42 -16.82 -43.53
C VAL L 48 -47.35 -17.12 -44.56
N ASP L 49 -47.01 -16.12 -45.36
CA ASP L 49 -46.02 -16.25 -46.44
C ASP L 49 -44.64 -16.66 -45.95
N GLY L 50 -44.03 -17.60 -46.66
CA GLY L 50 -42.67 -18.00 -46.35
C GLY L 50 -42.61 -19.24 -45.47
N PHE L 51 -43.76 -19.84 -45.19
CA PHE L 51 -43.85 -20.97 -44.27
C PHE L 51 -44.47 -22.22 -44.90
N ASP L 52 -44.29 -22.37 -46.21
CA ASP L 52 -44.80 -23.53 -46.94
C ASP L 52 -44.20 -24.85 -46.50
N ASP L 53 -42.99 -24.78 -45.95
CA ASP L 53 -42.22 -25.99 -45.62
C ASP L 53 -42.54 -26.60 -44.24
N LEU L 54 -43.46 -25.99 -43.50
CA LEU L 54 -43.81 -26.50 -42.16
C LEU L 54 -44.48 -27.88 -42.21
N THR L 55 -44.05 -28.77 -41.32
CA THR L 55 -44.64 -30.11 -41.24
C THR L 55 -45.30 -30.42 -39.87
N ASP L 56 -44.71 -29.95 -38.77
CA ASP L 56 -45.17 -30.31 -37.43
C ASP L 56 -46.04 -29.23 -36.76
N ILE L 57 -46.14 -28.08 -37.42
CA ILE L 57 -46.75 -26.86 -36.87
C ILE L 57 -47.55 -26.20 -37.98
N THR L 58 -48.71 -25.60 -37.67
CA THR L 58 -49.34 -24.70 -38.64
C THR L 58 -49.33 -23.27 -38.12
N TYR L 59 -49.39 -22.32 -39.06
CA TYR L 59 -49.23 -20.90 -38.76
C TYR L 59 -50.17 -20.10 -39.65
N HIS L 60 -51.15 -19.44 -39.04
CA HIS L 60 -52.08 -18.61 -39.79
C HIS L 60 -52.13 -17.23 -39.18
N ARG L 61 -52.45 -16.25 -40.01
CA ARG L 61 -52.77 -14.90 -39.59
C ARG L 61 -54.27 -14.69 -39.81
N HIS L 62 -54.95 -14.03 -38.88
CA HIS L 62 -56.39 -13.80 -39.02
C HIS L 62 -56.66 -12.88 -40.22
N VAL L 63 -57.79 -13.05 -40.90
CA VAL L 63 -58.08 -12.24 -42.09
C VAL L 63 -58.30 -10.75 -41.78
N ASP L 64 -58.75 -10.42 -40.57
CA ASP L 64 -59.00 -9.03 -40.20
C ASP L 64 -58.15 -8.54 -39.02
N ASP L 65 -58.00 -9.38 -38.00
CA ASP L 65 -57.43 -8.95 -36.72
C ASP L 65 -55.91 -9.08 -36.65
N ALA L 66 -55.31 -8.32 -35.74
CA ALA L 66 -53.87 -8.41 -35.45
C ALA L 66 -53.58 -9.62 -34.56
N THR L 67 -53.92 -10.80 -35.04
CA THR L 67 -53.88 -12.01 -34.22
C THR L 67 -53.38 -13.14 -35.10
N VAL L 68 -52.48 -13.98 -34.60
CA VAL L 68 -52.07 -15.16 -35.35
C VAL L 68 -52.44 -16.44 -34.60
N ARG L 69 -52.48 -17.54 -35.34
CA ARG L 69 -52.81 -18.84 -34.77
C ARG L 69 -51.63 -19.78 -35.00
N VAL L 70 -51.04 -20.26 -33.90
CA VAL L 70 -49.89 -21.15 -33.95
C VAL L 70 -50.30 -22.48 -33.34
N ALA L 71 -50.17 -23.57 -34.09
CA ALA L 71 -50.73 -24.84 -33.61
C ALA L 71 -49.84 -26.05 -33.87
N PHE L 72 -49.78 -26.92 -32.87
CA PHE L 72 -49.16 -28.23 -33.03
C PHE L 72 -49.95 -29.00 -34.06
N ASN L 73 -49.23 -29.72 -34.90
CA ASN L 73 -49.84 -30.42 -36.02
C ASN L 73 -49.42 -31.87 -36.09
N ARG L 74 -49.37 -32.56 -34.95
CA ARG L 74 -49.12 -33.98 -34.96
C ARG L 74 -50.18 -34.74 -34.16
N PRO L 75 -51.47 -34.59 -34.53
CA PRO L 75 -52.53 -35.11 -33.67
C PRO L 75 -52.56 -36.63 -33.55
N GLU L 76 -51.90 -37.33 -34.46
CA GLU L 76 -51.85 -38.79 -34.41
C GLU L 76 -51.05 -39.27 -33.20
N VAL L 77 -50.19 -38.41 -32.65
CA VAL L 77 -49.52 -38.77 -31.38
C VAL L 77 -49.87 -37.75 -30.26
N ARG L 78 -51.13 -37.31 -30.26
CA ARG L 78 -51.61 -36.36 -29.26
C ARG L 78 -50.74 -35.09 -29.23
N ASN L 79 -50.26 -34.71 -30.41
CA ASN L 79 -49.49 -33.50 -30.61
C ASN L 79 -48.23 -33.42 -29.74
N ALA L 80 -47.61 -34.57 -29.52
CA ALA L 80 -46.28 -34.62 -28.89
C ALA L 80 -45.25 -33.93 -29.78
N PHE L 81 -44.31 -33.19 -29.18
CA PHE L 81 -43.31 -32.50 -29.97
C PHE L 81 -41.99 -33.26 -29.99
N ARG L 82 -41.34 -33.24 -31.14
CA ARG L 82 -39.98 -33.76 -31.30
C ARG L 82 -39.09 -32.55 -31.56
N PRO L 83 -37.76 -32.74 -31.59
CA PRO L 83 -36.90 -31.55 -31.75
C PRO L 83 -37.23 -30.70 -32.99
N HIS L 84 -37.60 -31.33 -34.09
CA HIS L 84 -38.00 -30.60 -35.28
C HIS L 84 -39.24 -29.73 -35.04
N THR L 85 -40.19 -30.26 -34.28
CA THR L 85 -41.39 -29.51 -33.91
C THR L 85 -40.99 -28.27 -33.17
N VAL L 86 -40.06 -28.44 -32.24
CA VAL L 86 -39.62 -27.33 -31.40
C VAL L 86 -38.97 -26.23 -32.25
N ASP L 87 -38.12 -26.63 -33.20
CA ASP L 87 -37.46 -25.70 -34.13
C ASP L 87 -38.47 -24.91 -34.94
N GLU L 88 -39.50 -25.60 -35.45
CA GLU L 88 -40.58 -24.93 -36.22
C GLU L 88 -41.39 -23.99 -35.31
N LEU L 89 -41.69 -24.44 -34.10
CA LEU L 89 -42.47 -23.63 -33.16
C LEU L 89 -41.70 -22.35 -32.81
N TYR L 90 -40.41 -22.50 -32.54
CA TYR L 90 -39.56 -21.36 -32.25
C TYR L 90 -39.56 -20.38 -33.44
N ARG L 91 -39.38 -20.92 -34.65
CA ARG L 91 -39.28 -20.11 -35.86
C ARG L 91 -40.56 -19.30 -36.07
N VAL L 92 -41.69 -19.97 -35.91
CA VAL L 92 -42.99 -19.35 -36.07
C VAL L 92 -43.27 -18.30 -34.99
N LEU L 93 -43.02 -18.63 -33.73
CA LEU L 93 -43.24 -17.64 -32.66
C LEU L 93 -42.31 -16.44 -32.81
N ASP L 94 -41.08 -16.70 -33.25
CA ASP L 94 -40.12 -15.63 -33.43
C ASP L 94 -40.58 -14.70 -34.56
N HIS L 95 -41.08 -15.28 -35.64
CA HIS L 95 -41.62 -14.46 -36.73
C HIS L 95 -42.81 -13.61 -36.24
N ALA L 96 -43.70 -14.21 -35.45
CA ALA L 96 -44.83 -13.47 -34.88
C ALA L 96 -44.35 -12.33 -33.96
N ARG L 97 -43.33 -12.59 -33.15
CA ARG L 97 -42.76 -11.57 -32.27
C ARG L 97 -42.31 -10.37 -33.08
N MET L 98 -41.72 -10.63 -34.24
CA MET L 98 -41.14 -9.56 -35.05
C MET L 98 -42.12 -8.95 -36.06
N SER L 99 -43.39 -9.36 -36.03
CA SER L 99 -44.41 -8.80 -36.93
C SER L 99 -45.13 -7.64 -36.27
N PRO L 100 -44.84 -6.41 -36.71
CA PRO L 100 -45.40 -5.20 -36.09
C PRO L 100 -46.91 -5.11 -36.18
N ASP L 101 -47.52 -5.79 -37.15
CA ASP L 101 -48.96 -5.74 -37.29
C ASP L 101 -49.65 -6.89 -36.54
N VAL L 102 -48.90 -7.61 -35.71
CA VAL L 102 -49.50 -8.69 -34.88
C VAL L 102 -49.41 -8.36 -33.40
N GLY L 103 -50.55 -8.39 -32.70
CA GLY L 103 -50.57 -8.06 -31.29
C GLY L 103 -50.70 -9.24 -30.35
N VAL L 104 -51.38 -10.31 -30.79
CA VAL L 104 -51.67 -11.44 -29.92
C VAL L 104 -51.38 -12.77 -30.63
N VAL L 105 -50.82 -13.72 -29.90
CA VAL L 105 -50.63 -15.08 -30.41
C VAL L 105 -51.63 -16.04 -29.75
N LEU L 106 -52.37 -16.79 -30.55
CA LEU L 106 -53.17 -17.89 -30.03
C LEU L 106 -52.39 -19.20 -30.25
N LEU L 107 -52.05 -19.87 -29.18
CA LEU L 107 -51.28 -21.10 -29.25
C LEU L 107 -52.20 -22.28 -28.96
N THR L 108 -52.27 -23.24 -29.87
CA THR L 108 -53.24 -24.32 -29.68
C THR L 108 -52.76 -25.61 -30.34
N GLY L 109 -53.63 -26.61 -30.43
CA GLY L 109 -53.28 -27.86 -31.09
C GLY L 109 -54.32 -28.18 -32.16
N ASN L 110 -53.87 -28.73 -33.29
CA ASN L 110 -54.79 -29.20 -34.32
C ASN L 110 -55.30 -30.61 -34.01
N GLY L 111 -56.46 -30.95 -34.57
CA GLY L 111 -57.03 -32.27 -34.40
C GLY L 111 -58.33 -32.46 -35.17
N PRO L 112 -59.03 -33.58 -34.93
CA PRO L 112 -58.61 -34.59 -33.97
C PRO L 112 -57.61 -35.56 -34.56
N SER L 113 -57.22 -36.53 -33.75
CA SER L 113 -56.42 -37.65 -34.25
C SER L 113 -57.19 -38.36 -35.36
N PRO L 114 -56.55 -38.56 -36.52
CA PRO L 114 -57.18 -39.33 -37.60
C PRO L 114 -57.32 -40.80 -37.24
N LYS L 115 -56.58 -41.25 -36.22
CA LYS L 115 -56.64 -42.65 -35.82
C LYS L 115 -57.86 -42.93 -34.94
N ASP L 116 -58.15 -42.07 -33.98
CA ASP L 116 -59.25 -42.36 -33.04
C ASP L 116 -60.17 -41.20 -32.67
N GLY L 117 -60.03 -40.06 -33.34
CA GLY L 117 -60.85 -38.89 -33.05
C GLY L 117 -60.52 -38.21 -31.72
N GLY L 118 -59.43 -38.63 -31.09
CA GLY L 118 -59.02 -38.04 -29.82
C GLY L 118 -58.46 -36.63 -30.01
N TRP L 119 -58.76 -35.75 -29.06
CA TRP L 119 -58.31 -34.34 -29.09
C TRP L 119 -57.13 -34.04 -28.16
N ALA L 120 -56.15 -33.31 -28.66
CA ALA L 120 -55.03 -32.94 -27.83
C ALA L 120 -54.58 -31.52 -28.12
N PHE L 121 -54.24 -30.79 -27.06
CA PHE L 121 -53.45 -29.59 -27.21
C PHE L 121 -52.00 -30.01 -27.48
N CYS L 122 -51.40 -30.68 -26.51
CA CYS L 122 -50.01 -31.11 -26.60
C CYS L 122 -49.68 -32.10 -25.48
N SER L 123 -49.09 -33.22 -25.85
CA SER L 123 -48.77 -34.27 -24.88
C SER L 123 -47.31 -34.27 -24.48
N GLY L 124 -46.60 -33.18 -24.74
CA GLY L 124 -45.23 -33.07 -24.30
C GLY L 124 -44.24 -33.74 -25.25
N GLY L 125 -43.07 -34.07 -24.72
CA GLY L 125 -42.01 -34.63 -25.55
C GLY L 125 -42.38 -35.98 -26.14
N ASP L 126 -42.04 -36.16 -27.41
CA ASP L 126 -42.26 -37.42 -28.11
C ASP L 126 -41.35 -38.49 -27.48
N GLN L 127 -41.94 -39.39 -26.68
CA GLN L 127 -41.14 -40.39 -25.95
C GLN L 127 -40.42 -41.37 -26.87
N ARG L 128 -40.92 -41.55 -28.09
CA ARG L 128 -40.32 -42.47 -29.04
C ARG L 128 -38.87 -42.11 -29.37
N ILE L 129 -38.54 -40.82 -29.32
CA ILE L 129 -37.19 -40.41 -29.68
C ILE L 129 -36.46 -39.77 -28.48
N ARG L 130 -36.96 -40.01 -27.28
CA ARG L 130 -36.25 -39.55 -26.09
C ARG L 130 -35.12 -40.54 -25.79
N GLY L 131 -33.90 -40.02 -25.62
CA GLY L 131 -32.74 -40.85 -25.32
C GLY L 131 -32.13 -40.46 -23.98
N ARG L 132 -30.97 -41.03 -23.66
CA ARG L 132 -30.34 -40.74 -22.38
C ARG L 132 -29.84 -39.28 -22.30
N SER L 133 -29.60 -38.64 -23.45
CA SER L 133 -29.15 -37.24 -23.41
C SER L 133 -30.26 -36.21 -23.73
N GLY L 134 -31.50 -36.67 -23.82
CA GLY L 134 -32.64 -35.82 -24.16
C GLY L 134 -33.38 -36.25 -25.42
N TYR L 135 -34.20 -35.36 -25.99
CA TYR L 135 -34.96 -35.67 -27.18
C TYR L 135 -34.06 -35.54 -28.40
N GLN L 136 -34.09 -36.55 -29.26
CA GLN L 136 -33.13 -36.63 -30.37
C GLN L 136 -33.78 -36.50 -31.73
N TYR L 137 -33.08 -35.81 -32.62
CA TYR L 137 -33.47 -35.71 -34.04
C TYR L 137 -33.44 -37.10 -34.66
N ALA L 138 -34.45 -37.39 -35.49
CA ALA L 138 -34.54 -38.67 -36.17
C ALA L 138 -35.06 -38.44 -37.57
N SER L 139 -34.67 -39.30 -38.50
CA SER L 139 -35.11 -39.17 -39.88
C SER L 139 -36.57 -39.61 -39.99
N GLY L 140 -36.97 -40.50 -39.09
CA GLY L 140 -38.35 -41.00 -39.04
C GLY L 140 -39.08 -40.70 -37.73
N ASP L 141 -40.07 -41.52 -37.41
CA ASP L 141 -40.92 -41.32 -36.23
C ASP L 141 -40.47 -42.08 -34.98
N THR L 142 -39.58 -43.04 -35.16
CA THR L 142 -39.23 -43.98 -34.09
C THR L 142 -37.75 -43.93 -33.73
N ALA L 143 -37.40 -44.60 -32.62
CA ALA L 143 -36.04 -44.60 -32.05
C ALA L 143 -34.94 -45.17 -32.97
N ASP L 144 -35.30 -46.08 -33.86
CA ASP L 144 -34.34 -46.68 -34.78
C ASP L 144 -33.79 -45.69 -35.82
N THR L 145 -34.49 -44.60 -36.07
CA THR L 145 -34.04 -43.65 -37.08
C THR L 145 -33.36 -42.42 -36.47
N VAL L 146 -33.08 -42.51 -35.16
CA VAL L 146 -32.40 -41.43 -34.44
C VAL L 146 -30.98 -41.26 -34.96
N ASP L 147 -30.58 -40.01 -35.20
CA ASP L 147 -29.19 -39.73 -35.54
C ASP L 147 -28.32 -39.87 -34.29
N VAL L 148 -27.67 -41.02 -34.14
CA VAL L 148 -26.92 -41.31 -32.92
C VAL L 148 -25.69 -40.42 -32.73
N ALA L 149 -25.23 -39.81 -33.82
CA ALA L 149 -24.04 -38.95 -33.76
C ALA L 149 -24.39 -37.61 -33.16
N ARG L 150 -25.69 -37.38 -32.99
CA ARG L 150 -26.18 -36.06 -32.60
C ARG L 150 -26.84 -36.09 -31.22
N ALA L 151 -26.29 -35.33 -30.28
CA ALA L 151 -26.74 -35.34 -28.90
C ALA L 151 -28.18 -34.83 -28.72
N GLY L 152 -28.85 -35.30 -27.68
CA GLY L 152 -30.21 -34.88 -27.39
C GLY L 152 -30.32 -33.46 -26.87
N ARG L 153 -31.53 -32.92 -26.94
CA ARG L 153 -31.81 -31.57 -26.48
C ARG L 153 -33.10 -31.55 -25.68
N LEU L 154 -33.24 -30.51 -24.87
CA LEU L 154 -34.45 -30.25 -24.11
C LEU L 154 -34.94 -28.86 -24.45
N HIS L 155 -34.88 -28.48 -25.72
CA HIS L 155 -34.99 -27.05 -26.00
C HIS L 155 -36.41 -26.52 -26.20
N ILE L 156 -37.44 -27.26 -25.76
CA ILE L 156 -38.75 -26.63 -25.56
C ILE L 156 -38.56 -25.49 -24.52
N LEU L 157 -37.53 -25.62 -23.69
CA LEU L 157 -37.19 -24.56 -22.74
C LEU L 157 -36.89 -23.23 -23.43
N GLU L 158 -36.32 -23.27 -24.63
CA GLU L 158 -36.07 -22.05 -25.40
C GLU L 158 -37.38 -21.43 -25.91
N VAL L 159 -38.32 -22.27 -26.30
CA VAL L 159 -39.65 -21.80 -26.69
C VAL L 159 -40.37 -21.21 -25.46
N GLN L 160 -40.21 -21.85 -24.30
CA GLN L 160 -40.78 -21.30 -23.06
C GLN L 160 -40.30 -19.86 -22.83
N ARG L 161 -38.99 -19.63 -22.98
CA ARG L 161 -38.42 -18.32 -22.76
C ARG L 161 -38.88 -17.31 -23.82
N LEU L 162 -39.02 -17.79 -25.07
CA LEU L 162 -39.47 -16.94 -26.16
C LEU L 162 -40.90 -16.43 -25.90
N ILE L 163 -41.79 -17.32 -25.46
CA ILE L 163 -43.14 -16.93 -25.06
C ILE L 163 -43.12 -15.96 -23.87
N ARG L 164 -42.31 -16.27 -22.88
CA ARG L 164 -42.17 -15.46 -21.68
C ARG L 164 -41.67 -14.04 -22.01
N PHE L 165 -40.68 -13.96 -22.89
CA PHE L 165 -39.98 -12.70 -23.15
C PHE L 165 -40.55 -11.88 -24.30
N MET L 166 -41.49 -12.42 -25.07
CA MET L 166 -41.93 -11.63 -26.22
C MET L 166 -42.94 -10.57 -25.74
N PRO L 167 -42.84 -9.36 -26.30
CA PRO L 167 -43.63 -8.20 -25.85
C PRO L 167 -45.06 -8.23 -26.36
N LYS L 168 -45.66 -9.42 -26.40
CA LYS L 168 -47.01 -9.61 -26.90
C LYS L 168 -47.68 -10.64 -26.04
N VAL L 169 -49.00 -10.55 -25.91
CA VAL L 169 -49.75 -11.51 -25.13
C VAL L 169 -49.91 -12.84 -25.89
N VAL L 170 -49.55 -13.93 -25.24
CA VAL L 170 -49.73 -15.25 -25.82
C VAL L 170 -50.82 -15.98 -25.04
N ILE L 171 -51.89 -16.33 -25.74
CA ILE L 171 -53.02 -17.06 -25.14
C ILE L 171 -53.00 -18.51 -25.57
N CYS L 172 -52.96 -19.40 -24.59
CA CYS L 172 -53.04 -20.82 -24.87
C CYS L 172 -54.50 -21.26 -24.96
N LEU L 173 -54.85 -21.90 -26.08
CA LEU L 173 -56.18 -22.45 -26.20
C LEU L 173 -56.09 -23.96 -26.04
N VAL L 174 -56.46 -24.45 -24.86
CA VAL L 174 -56.36 -25.89 -24.58
C VAL L 174 -57.60 -26.63 -25.11
N ASN L 175 -57.41 -27.28 -26.24
CA ASN L 175 -58.49 -27.86 -27.00
C ASN L 175 -58.62 -29.36 -26.78
N GLY L 176 -57.82 -29.90 -25.86
CA GLY L 176 -57.79 -31.34 -25.62
C GLY L 176 -56.81 -31.62 -24.51
N TRP L 177 -56.23 -32.83 -24.49
CA TRP L 177 -55.20 -33.19 -23.53
C TRP L 177 -54.06 -32.17 -23.50
N ALA L 178 -53.66 -31.78 -22.29
CA ALA L 178 -52.44 -31.00 -22.09
C ALA L 178 -51.66 -31.76 -21.05
N ALA L 179 -50.63 -32.48 -21.47
CA ALA L 179 -49.91 -33.39 -20.60
C ALA L 179 -48.41 -33.18 -20.71
N GLY L 180 -47.70 -33.46 -19.61
CA GLY L 180 -46.25 -33.31 -19.58
C GLY L 180 -45.81 -31.93 -19.98
N GLY L 181 -44.83 -31.87 -20.90
CA GLY L 181 -44.32 -30.61 -21.43
C GLY L 181 -45.42 -29.75 -22.06
N GLY L 182 -46.49 -30.39 -22.53
CA GLY L 182 -47.63 -29.67 -23.08
C GLY L 182 -48.39 -28.92 -21.99
N HIS L 183 -48.53 -29.55 -20.84
CA HIS L 183 -49.08 -28.87 -19.67
C HIS L 183 -48.21 -27.66 -19.27
N SER L 184 -46.90 -27.85 -19.30
CA SER L 184 -45.98 -26.79 -18.91
C SER L 184 -46.01 -25.63 -19.89
N LEU L 185 -46.23 -25.92 -21.17
CA LEU L 185 -46.40 -24.87 -22.16
C LEU L 185 -47.60 -24.01 -21.85
N HIS L 186 -48.71 -24.68 -21.51
CA HIS L 186 -49.88 -23.97 -21.04
C HIS L 186 -49.58 -23.08 -19.82
N VAL L 187 -48.80 -23.58 -18.87
CA VAL L 187 -48.50 -22.83 -17.65
C VAL L 187 -47.77 -21.51 -17.96
N VAL L 188 -46.85 -21.53 -18.91
CA VAL L 188 -46.01 -20.36 -19.16
C VAL L 188 -46.71 -19.29 -20.03
N CYS L 189 -47.76 -19.65 -20.78
CA CYS L 189 -48.49 -18.63 -21.54
C CYS L 189 -49.13 -17.59 -20.63
N ASP L 190 -49.35 -16.38 -21.14
CA ASP L 190 -49.92 -15.31 -20.33
C ASP L 190 -51.35 -15.60 -19.86
N LEU L 191 -52.15 -16.17 -20.76
CA LEU L 191 -53.53 -16.48 -20.49
C LEU L 191 -53.83 -17.88 -21.04
N THR L 192 -54.79 -18.57 -20.43
CA THR L 192 -55.24 -19.87 -20.91
C THR L 192 -56.77 -19.94 -20.97
N LEU L 193 -57.29 -20.33 -22.14
CA LEU L 193 -58.71 -20.64 -22.29
C LEU L 193 -58.80 -22.13 -22.56
N ALA L 194 -59.85 -22.78 -22.07
CA ALA L 194 -59.91 -24.23 -22.18
C ALA L 194 -61.27 -24.73 -22.63
N SER L 195 -61.23 -25.76 -23.48
CA SER L 195 -62.42 -26.43 -23.97
C SER L 195 -63.19 -27.21 -22.88
N ARG L 196 -64.46 -26.85 -22.65
CA ARG L 196 -65.25 -27.55 -21.62
C ARG L 196 -65.25 -29.05 -21.80
N GLU L 197 -65.57 -29.51 -23.00
CA GLU L 197 -65.78 -30.92 -23.25
C GLU L 197 -64.48 -31.73 -23.33
N TYR L 198 -63.45 -31.16 -23.93
CA TYR L 198 -62.26 -31.94 -24.28
C TYR L 198 -60.95 -31.59 -23.56
N ALA L 199 -60.86 -30.43 -22.93
CA ALA L 199 -59.63 -30.10 -22.21
C ALA L 199 -59.42 -31.11 -21.08
N ARG L 200 -58.20 -31.63 -20.97
CA ARG L 200 -57.83 -32.52 -19.87
C ARG L 200 -56.43 -32.14 -19.46
N PHE L 201 -56.25 -31.72 -18.23
CA PHE L 201 -54.94 -31.31 -17.74
C PHE L 201 -54.34 -32.45 -16.94
N LYS L 202 -53.15 -32.91 -17.31
CA LYS L 202 -52.53 -34.02 -16.58
C LYS L 202 -51.02 -33.93 -16.59
N GLN L 203 -50.44 -33.66 -15.43
CA GLN L 203 -48.99 -33.57 -15.36
C GLN L 203 -48.39 -34.94 -15.08
N THR L 204 -48.01 -35.61 -16.17
CA THR L 204 -47.55 -36.99 -16.17
C THR L 204 -46.02 -37.12 -16.04
N ASP L 205 -45.31 -36.01 -15.87
CA ASP L 205 -43.84 -36.03 -15.81
C ASP L 205 -43.26 -37.20 -14.99
N ALA L 206 -43.64 -37.27 -13.71
CA ALA L 206 -43.01 -38.22 -12.82
C ALA L 206 -43.41 -39.65 -13.18
N ASP L 207 -44.49 -39.79 -13.95
CA ASP L 207 -44.89 -41.11 -14.43
C ASP L 207 -43.84 -41.71 -15.33
N VAL L 208 -43.15 -40.87 -16.09
CA VAL L 208 -42.17 -41.38 -17.04
C VAL L 208 -40.74 -41.00 -16.64
N GLY L 209 -40.56 -40.64 -15.37
CA GLY L 209 -39.23 -40.34 -14.83
C GLY L 209 -38.68 -39.00 -15.26
N SER L 210 -39.56 -38.12 -15.71
CA SER L 210 -39.13 -36.79 -16.14
C SER L 210 -39.62 -35.75 -15.13
N PHE L 211 -39.17 -34.51 -15.29
CA PHE L 211 -39.70 -33.41 -14.50
C PHE L 211 -39.37 -32.09 -15.15
N ASP L 212 -40.33 -31.18 -15.16
CA ASP L 212 -40.08 -29.80 -15.52
C ASP L 212 -39.88 -29.07 -14.20
N GLY L 213 -38.62 -28.79 -13.89
CA GLY L 213 -38.25 -28.16 -12.65
C GLY L 213 -38.14 -26.66 -12.73
N GLY L 214 -38.63 -26.09 -13.83
CA GLY L 214 -38.58 -24.65 -14.05
C GLY L 214 -39.96 -24.00 -14.04
N TYR L 215 -40.37 -23.44 -15.18
CA TYR L 215 -41.66 -22.79 -15.27
C TYR L 215 -42.82 -23.78 -15.10
N GLY L 216 -42.64 -25.03 -15.54
CA GLY L 216 -43.73 -26.00 -15.47
C GLY L 216 -44.25 -26.20 -14.06
N SER L 217 -43.35 -26.15 -13.07
CA SER L 217 -43.73 -26.43 -11.69
C SER L 217 -43.74 -25.17 -10.80
N ALA L 218 -42.59 -24.52 -10.65
CA ALA L 218 -42.50 -23.35 -9.76
C ALA L 218 -43.41 -22.22 -10.21
N TYR L 219 -43.55 -22.03 -11.51
CA TYR L 219 -44.41 -20.95 -11.99
C TYR L 219 -45.89 -21.35 -11.88
N LEU L 220 -46.20 -22.63 -12.01
CA LEU L 220 -47.56 -23.11 -11.75
C LEU L 220 -47.99 -22.71 -10.32
N ALA L 221 -47.08 -22.86 -9.38
CA ALA L 221 -47.33 -22.51 -7.98
C ALA L 221 -47.67 -21.02 -7.81
N ARG L 222 -47.25 -20.18 -8.75
CA ARG L 222 -47.53 -18.75 -8.67
C ARG L 222 -48.85 -18.43 -9.38
N GLN L 223 -49.54 -19.48 -9.78
CA GLN L 223 -50.89 -19.34 -10.33
C GLN L 223 -51.92 -20.00 -9.41
N VAL L 224 -51.66 -21.24 -8.95
CA VAL L 224 -52.64 -21.98 -8.16
C VAL L 224 -52.23 -22.13 -6.69
N GLY L 225 -51.05 -21.59 -6.33
CA GLY L 225 -50.54 -21.74 -4.98
C GLY L 225 -49.75 -23.02 -4.81
N GLN L 226 -48.93 -23.06 -3.76
CA GLN L 226 -48.02 -24.18 -3.56
C GLN L 226 -48.70 -25.53 -3.32
N LYS L 227 -49.85 -25.54 -2.61
CA LYS L 227 -50.48 -26.84 -2.31
C LYS L 227 -51.01 -27.52 -3.56
N PHE L 228 -51.81 -26.80 -4.34
CA PHE L 228 -52.39 -27.33 -5.56
C PHE L 228 -51.32 -27.66 -6.59
N ALA L 229 -50.29 -26.83 -6.69
CA ALA L 229 -49.25 -27.10 -7.69
C ALA L 229 -48.56 -28.41 -7.33
N ARG L 230 -48.26 -28.59 -6.05
CA ARG L 230 -47.62 -29.82 -5.60
C ARG L 230 -48.52 -31.03 -5.86
N GLU L 231 -49.82 -30.87 -5.64
CA GLU L 231 -50.78 -31.93 -5.89
C GLU L 231 -50.77 -32.36 -7.35
N ILE L 232 -50.80 -31.37 -8.21
CA ILE L 232 -50.85 -31.57 -9.66
C ILE L 232 -49.65 -32.41 -10.12
N PHE L 233 -48.45 -32.10 -9.63
CA PHE L 233 -47.26 -32.85 -10.03
C PHE L 233 -47.10 -34.18 -9.27
N PHE L 234 -47.28 -34.18 -7.94
CA PHE L 234 -46.99 -35.38 -7.15
C PHE L 234 -47.95 -36.53 -7.42
N LEU L 235 -49.22 -36.23 -7.71
CA LEU L 235 -50.20 -37.30 -7.95
C LEU L 235 -50.49 -37.50 -9.43
N GLY L 236 -50.25 -36.47 -10.24
CA GLY L 236 -50.42 -36.58 -11.67
C GLY L 236 -51.83 -36.96 -12.11
N ARG L 237 -52.83 -36.47 -11.37
CA ARG L 237 -54.23 -36.73 -11.73
C ARG L 237 -54.67 -35.90 -12.94
N THR L 238 -55.76 -36.32 -13.60
CA THR L 238 -56.34 -35.59 -14.71
C THR L 238 -57.38 -34.59 -14.21
N TYR L 239 -57.27 -33.34 -14.64
CA TYR L 239 -58.22 -32.31 -14.21
C TYR L 239 -58.98 -31.77 -15.40
N THR L 240 -60.25 -31.39 -15.16
CA THR L 240 -61.07 -30.76 -16.20
C THR L 240 -60.76 -29.27 -16.32
N ALA L 241 -61.32 -28.64 -17.34
CA ALA L 241 -61.21 -27.19 -17.52
C ALA L 241 -61.75 -26.44 -16.32
N GLU L 242 -62.92 -26.86 -15.84
CA GLU L 242 -63.56 -26.17 -14.73
C GLU L 242 -62.73 -26.33 -13.45
N GLN L 243 -62.19 -27.53 -13.20
CA GLN L 243 -61.35 -27.72 -12.02
C GLN L 243 -60.10 -26.83 -12.07
N MET L 244 -59.44 -26.76 -13.23
CA MET L 244 -58.25 -25.90 -13.35
C MET L 244 -58.60 -24.42 -13.25
N HIS L 245 -59.77 -24.06 -13.75
CA HIS L 245 -60.25 -22.70 -13.63
C HIS L 245 -60.47 -22.34 -12.14
N GLN L 246 -61.05 -23.25 -11.38
CA GLN L 246 -61.21 -23.04 -9.93
C GLN L 246 -59.87 -22.92 -9.20
N MET L 247 -58.87 -23.66 -9.64
CA MET L 247 -57.58 -23.59 -8.96
C MET L 247 -56.81 -22.33 -9.33
N GLY L 248 -57.07 -21.78 -10.52
CA GLY L 248 -56.48 -20.51 -10.92
C GLY L 248 -55.50 -20.56 -12.08
N ALA L 249 -55.40 -21.69 -12.77
CA ALA L 249 -54.45 -21.82 -13.88
C ALA L 249 -55.14 -21.63 -15.23
N VAL L 250 -56.47 -21.68 -15.23
CA VAL L 250 -57.23 -21.46 -16.47
C VAL L 250 -58.13 -20.25 -16.29
N ASN L 251 -58.00 -19.28 -17.21
CA ASN L 251 -58.73 -18.03 -17.11
C ASN L 251 -60.22 -18.17 -17.38
N ALA L 252 -60.57 -18.95 -18.39
CA ALA L 252 -61.97 -19.17 -18.71
C ALA L 252 -62.19 -20.49 -19.46
N VAL L 253 -63.39 -21.01 -19.31
CA VAL L 253 -63.83 -22.22 -19.99
C VAL L 253 -64.73 -21.81 -21.14
N ALA L 254 -64.57 -22.44 -22.29
CA ALA L 254 -65.41 -22.15 -23.44
C ALA L 254 -65.94 -23.45 -24.07
N GLU L 255 -67.07 -23.37 -24.76
CA GLU L 255 -67.52 -24.50 -25.57
C GLU L 255 -66.45 -24.81 -26.59
N HIS L 256 -66.19 -26.10 -26.80
CA HIS L 256 -65.17 -26.57 -27.73
C HIS L 256 -65.26 -25.88 -29.08
N ALA L 257 -66.45 -25.89 -29.67
CA ALA L 257 -66.65 -25.31 -30.99
C ALA L 257 -66.39 -23.81 -31.02
N GLU L 258 -66.50 -23.15 -29.87
CA GLU L 258 -66.31 -21.69 -29.79
C GLU L 258 -64.95 -21.30 -29.21
N LEU L 259 -64.08 -22.27 -28.94
CA LEU L 259 -62.84 -21.97 -28.23
C LEU L 259 -62.00 -20.92 -28.94
N GLU L 260 -61.87 -21.04 -30.26
CA GLU L 260 -61.04 -20.10 -31.01
C GLU L 260 -61.78 -18.77 -31.25
N THR L 261 -63.10 -18.85 -31.34
CA THR L 261 -63.92 -17.63 -31.39
C THR L 261 -63.75 -16.79 -30.12
N VAL L 262 -63.79 -17.45 -28.98
CA VAL L 262 -63.58 -16.76 -27.71
C VAL L 262 -62.14 -16.26 -27.65
N GLY L 263 -61.20 -17.07 -28.13
CA GLY L 263 -59.82 -16.64 -28.20
C GLY L 263 -59.64 -15.34 -28.97
N LEU L 264 -60.30 -15.24 -30.13
CA LEU L 264 -60.24 -14.05 -30.97
C LEU L 264 -60.89 -12.85 -30.28
N GLN L 265 -61.96 -13.09 -29.52
CA GLN L 265 -62.63 -12.03 -28.79
C GLN L 265 -61.73 -11.46 -27.69
N TRP L 266 -61.08 -12.36 -26.96
CA TRP L 266 -60.09 -11.95 -25.96
C TRP L 266 -58.94 -11.18 -26.61
N ALA L 267 -58.45 -11.69 -27.73
CA ALA L 267 -57.38 -11.01 -28.46
C ALA L 267 -57.79 -9.60 -28.92
N ALA L 268 -59.03 -9.44 -29.35
CA ALA L 268 -59.52 -8.15 -29.82
C ALA L 268 -59.55 -7.15 -28.67
N GLU L 269 -59.97 -7.61 -27.50
CA GLU L 269 -60.00 -6.73 -26.35
C GLU L 269 -58.58 -6.31 -25.95
N ILE L 270 -57.65 -7.24 -26.04
CA ILE L 270 -56.24 -6.94 -25.78
C ILE L 270 -55.72 -5.93 -26.81
N ASN L 271 -56.07 -6.16 -28.07
CA ASN L 271 -55.59 -5.30 -29.16
C ASN L 271 -56.24 -3.91 -29.23
N ALA L 272 -57.31 -3.68 -28.46
CA ALA L 272 -57.99 -2.38 -28.47
C ALA L 272 -57.39 -1.41 -27.45
N LYS L 273 -56.39 -1.86 -26.71
CA LYS L 273 -55.75 -1.00 -25.72
C LYS L 273 -54.40 -0.49 -26.22
N SER L 274 -53.80 0.43 -25.47
CA SER L 274 -52.48 0.96 -25.80
C SER L 274 -51.44 -0.16 -25.90
N PRO L 275 -50.88 -0.36 -27.11
CA PRO L 275 -49.85 -1.40 -27.29
C PRO L 275 -48.64 -1.16 -26.41
N GLN L 276 -48.26 0.10 -26.25
CA GLN L 276 -47.15 0.46 -25.36
C GLN L 276 -47.40 0.09 -23.90
N ALA L 277 -48.60 0.40 -23.42
CA ALA L 277 -48.94 0.05 -22.05
C ALA L 277 -49.01 -1.47 -21.86
N GLN L 278 -49.57 -2.19 -22.83
CA GLN L 278 -49.67 -3.65 -22.73
C GLN L 278 -48.29 -4.30 -22.62
N ARG L 279 -47.37 -3.81 -23.45
CA ARG L 279 -45.98 -4.24 -23.46
C ARG L 279 -45.33 -4.04 -22.09
N MET L 280 -45.46 -2.84 -21.53
CA MET L 280 -44.91 -2.53 -20.22
C MET L 280 -45.54 -3.39 -19.13
N LEU L 281 -46.84 -3.64 -19.24
CA LEU L 281 -47.53 -4.44 -18.24
C LEU L 281 -47.04 -5.87 -18.22
N LYS L 282 -46.86 -6.49 -19.39
CA LYS L 282 -46.40 -7.87 -19.42
C LYS L 282 -45.05 -8.03 -18.73
N PHE L 283 -44.11 -7.13 -19.02
CA PHE L 283 -42.79 -7.21 -18.41
C PHE L 283 -42.83 -6.84 -16.91
N ALA L 284 -43.79 -6.01 -16.51
CA ALA L 284 -43.98 -5.73 -15.10
C ALA L 284 -44.42 -6.99 -14.34
N PHE L 285 -45.31 -7.77 -14.95
CA PHE L 285 -45.77 -9.03 -14.35
C PHE L 285 -44.62 -10.04 -14.27
N ASN L 286 -43.76 -10.06 -15.29
CA ASN L 286 -42.62 -10.98 -15.30
C ASN L 286 -41.51 -10.63 -14.29
N LEU L 287 -41.36 -9.33 -14.03
CA LEU L 287 -40.09 -8.76 -13.56
C LEU L 287 -39.47 -9.46 -12.38
N LEU L 288 -40.09 -9.34 -11.20
CA LEU L 288 -39.44 -9.86 -10.00
C LEU L 288 -39.27 -11.37 -10.02
N ASP L 289 -40.30 -12.08 -10.53
CA ASP L 289 -40.21 -13.53 -10.67
C ASP L 289 -39.02 -13.96 -11.51
N ASP L 290 -38.65 -13.15 -12.50
CA ASP L 290 -37.53 -13.48 -13.39
C ASP L 290 -36.21 -12.78 -13.01
N GLY L 291 -36.11 -12.24 -11.80
CA GLY L 291 -34.85 -11.67 -11.33
C GLY L 291 -34.21 -10.66 -12.27
N LEU L 292 -32.89 -10.78 -12.47
CA LEU L 292 -32.17 -9.85 -13.36
C LEU L 292 -32.65 -9.90 -14.81
N VAL L 293 -33.10 -11.08 -15.26
CA VAL L 293 -33.63 -11.18 -16.62
C VAL L 293 -34.92 -10.36 -16.74
N GLY L 294 -35.82 -10.51 -15.78
CA GLY L 294 -37.03 -9.72 -15.72
C GLY L 294 -36.72 -8.24 -15.67
N GLN L 295 -35.76 -7.84 -14.84
CA GLN L 295 -35.38 -6.42 -14.78
C GLN L 295 -34.78 -5.98 -16.12
N GLN L 296 -33.95 -6.82 -16.72
CA GLN L 296 -33.38 -6.47 -18.03
C GLN L 296 -34.45 -6.12 -19.07
N LEU L 297 -35.53 -6.92 -19.12
CA LEU L 297 -36.55 -6.73 -20.13
C LEU L 297 -37.39 -5.48 -19.87
N PHE L 298 -37.80 -5.28 -18.63
CA PHE L 298 -38.60 -4.10 -18.29
C PHE L 298 -37.76 -2.81 -18.45
N ALA L 299 -36.53 -2.84 -17.96
CA ALA L 299 -35.67 -1.66 -18.04
C ALA L 299 -35.33 -1.34 -19.49
N GLY L 300 -35.25 -2.38 -20.30
CA GLY L 300 -35.02 -2.21 -21.72
C GLY L 300 -36.14 -1.38 -22.33
N GLU L 301 -37.38 -1.67 -21.95
CA GLU L 301 -38.51 -0.90 -22.45
C GLU L 301 -38.50 0.52 -21.87
N ALA L 302 -38.04 0.67 -20.63
CA ALA L 302 -37.89 2.01 -20.07
C ALA L 302 -36.83 2.79 -20.84
N THR L 303 -35.74 2.13 -21.24
CA THR L 303 -34.71 2.79 -22.05
C THR L 303 -35.29 3.27 -23.39
N ARG L 304 -36.11 2.46 -24.03
CA ARG L 304 -36.73 2.88 -25.27
C ARG L 304 -37.59 4.12 -25.07
N LEU L 305 -38.34 4.15 -23.97
CA LEU L 305 -39.17 5.32 -23.67
C LEU L 305 -38.32 6.57 -23.48
N ALA L 306 -37.18 6.41 -22.84
CA ALA L 306 -36.26 7.54 -22.63
C ALA L 306 -35.69 8.05 -23.96
N TYR L 307 -35.40 7.14 -24.88
CA TYR L 307 -34.83 7.52 -26.18
C TYR L 307 -35.77 8.43 -26.97
N MET L 308 -37.06 8.33 -26.68
CA MET L 308 -38.07 9.12 -27.39
C MET L 308 -38.05 10.59 -26.98
N THR L 309 -37.42 10.88 -25.84
CA THR L 309 -37.48 12.22 -25.28
C THR L 309 -36.48 13.17 -25.95
N ASP L 310 -36.80 14.46 -25.95
CA ASP L 310 -35.89 15.49 -26.40
C ASP L 310 -34.57 15.46 -25.62
N GLU L 311 -34.66 15.16 -24.33
CA GLU L 311 -33.48 15.11 -23.47
C GLU L 311 -32.47 14.06 -23.99
N ALA L 312 -32.97 12.88 -24.32
CA ALA L 312 -32.12 11.82 -24.86
C ALA L 312 -31.55 12.22 -26.24
N VAL L 313 -32.36 12.91 -27.04
CA VAL L 313 -31.90 13.38 -28.35
C VAL L 313 -30.80 14.43 -28.22
N GLU L 314 -30.89 15.30 -27.23
CA GLU L 314 -29.82 16.25 -26.95
C GLU L 314 -28.50 15.55 -26.58
N GLY L 315 -28.59 14.46 -25.82
CA GLY L 315 -27.41 13.67 -25.48
C GLY L 315 -26.72 13.12 -26.72
N ARG L 316 -27.51 12.56 -27.63
CA ARG L 316 -26.99 12.06 -28.90
C ARG L 316 -26.36 13.18 -29.72
N ASP L 317 -27.10 14.28 -29.89
CA ASP L 317 -26.66 15.41 -30.72
C ASP L 317 -25.34 16.01 -30.21
N ALA L 318 -25.24 16.16 -28.89
CA ALA L 318 -24.03 16.71 -28.29
C ALA L 318 -22.83 15.83 -28.58
N PHE L 319 -23.01 14.50 -28.50
CA PHE L 319 -21.89 13.64 -28.82
C PHE L 319 -21.46 13.76 -30.27
N LEU L 320 -22.43 13.72 -31.19
CA LEU L 320 -22.13 13.75 -32.62
C LEU L 320 -21.50 15.07 -33.04
N GLN L 321 -21.93 16.15 -32.38
CA GLN L 321 -21.44 17.49 -32.71
C GLN L 321 -20.22 17.88 -31.88
N LYS L 322 -19.71 16.94 -31.09
CA LYS L 322 -18.51 17.15 -30.29
C LYS L 322 -18.56 18.43 -29.45
N ARG L 323 -19.65 18.59 -28.71
CA ARG L 323 -19.86 19.73 -27.84
C ARG L 323 -20.45 19.23 -26.53
N PRO L 324 -20.36 20.05 -25.46
CA PRO L 324 -20.99 19.63 -24.22
C PRO L 324 -22.51 19.62 -24.34
N PRO L 325 -23.19 18.67 -23.70
CA PRO L 325 -24.66 18.70 -23.70
C PRO L 325 -25.21 19.83 -22.83
N ASP L 326 -26.35 20.37 -23.24
CA ASP L 326 -27.03 21.40 -22.48
C ASP L 326 -28.30 20.81 -21.89
N TRP L 327 -28.30 20.55 -20.59
CA TRP L 327 -29.43 19.89 -19.95
C TRP L 327 -30.43 20.87 -19.34
N SER L 328 -30.14 22.16 -19.43
CA SER L 328 -30.99 23.16 -18.78
C SER L 328 -32.48 23.16 -19.22
N PRO L 329 -32.80 22.77 -20.47
CA PRO L 329 -34.26 22.72 -20.79
C PRO L 329 -35.06 21.62 -20.11
N PHE L 330 -34.41 20.68 -19.44
CA PHE L 330 -35.11 19.50 -18.95
C PHE L 330 -35.15 19.42 -17.43
N PRO L 331 -36.35 19.63 -16.86
CA PRO L 331 -36.56 19.69 -15.40
C PRO L 331 -36.33 18.36 -14.69
N ARG L 332 -35.87 18.44 -13.45
CA ARG L 332 -35.82 17.28 -12.57
C ARG L 332 -37.21 16.99 -12.05
N TYR L 333 -37.67 15.77 -12.21
CA TYR L 333 -38.96 15.37 -11.66
C TYR L 333 -38.79 14.60 -10.35
N PHE L 334 -39.81 14.65 -9.50
CA PHE L 334 -39.81 13.85 -8.28
C PHE L 334 -41.21 13.34 -7.94
#